data_6OAO
#
_entry.id   6OAO
#
_cell.length_a   130.658
_cell.length_b   89.563
_cell.length_c   193.705
_cell.angle_alpha   90.00
_cell.angle_beta   108.05
_cell.angle_gamma   90.00
#
_symmetry.space_group_name_H-M   'P 1 21 1'
#
loop_
_entity.id
_entity.type
_entity.pdbx_description
1 polymer 'Duffy binding surface protein region II'
2 polymer 'Antibody 092096 single chain variable fragment'
3 non-polymer 'SULFATE ION'
4 water water
#
loop_
_entity_poly.entity_id
_entity_poly.type
_entity_poly.pdbx_seq_one_letter_code
_entity_poly.pdbx_strand_id
1 'polypeptide(L)'
;NTVMKNCNYKRKRRERDWDCNTKKDVCIPDRRYQLCMKELTNLVNNTDTNFHRDITFRKLYLKRKLIYDAAVEGDLLLKL
NNYRYNKDFCKDIRWSLGDFGDIIMGTDMEGIGYSKVVENNLRSIFGTDEKAQQRRKQWWNESKAQIWTAMMYSVKKRLK
GNFIWICKLNVAVNIEPQIYRWIREWGRDYVSELPTEVQKLKEKCDGKINYTDKKVCKVPPCQNACKSYDQWITRKKNQW
DVLSNKFISVKNAEKVQTAGIVTPYDILKQELDEFNEVAFENEINKRDGAYIELCVCSVEEAKKNTQEVVTNVDN
;
A,C,E,G,I,K
2 'polypeptide(L)'
;MVHSQVQLVQSGAEVKKPGASVKVSCKVSGYTLTELSMHWVRQAPGKGLEWMGGFDREDGESIYAQKFQGRVTLTEDTST
DSVYMELSNLRSDDTAVYFCATDFGGSYFYAFDIWGQGTMVTVSSGGGGSGGGGSGGGGSQSVLTQSPSASGTPGQRVTI
SCSGSSSNIGRNPVNWFQHLPGTAPQLLIYSNDQRPSGVPDRFSGSKSGTSASLAISGLQSEDEADYYCEAWDDSLNGVV
FGGGTKLTVLG
;
B,D,F,H,J,L
#
# COMPACT_ATOMS: atom_id res chain seq x y z
N ASN A 6 -36.16 -8.45 35.59
CA ASN A 6 -35.19 -9.24 34.84
C ASN A 6 -33.79 -9.15 35.46
N CYS A 7 -33.71 -8.59 36.67
CA CYS A 7 -32.45 -8.49 37.37
C CYS A 7 -32.17 -9.84 38.04
N ASN A 8 -32.29 -10.92 37.27
CA ASN A 8 -32.04 -12.26 37.80
C ASN A 8 -30.90 -12.96 37.08
N TYR A 9 -30.99 -13.08 35.76
CA TYR A 9 -29.94 -13.69 34.95
C TYR A 9 -30.09 -13.15 33.55
N LYS A 10 -29.11 -13.46 32.71
CA LYS A 10 -29.05 -12.92 31.36
C LYS A 10 -29.23 -14.02 30.33
N ARG A 11 -30.14 -13.80 29.39
CA ARG A 11 -30.32 -14.72 28.27
C ARG A 11 -29.01 -14.90 27.52
N LYS A 12 -28.78 -16.12 27.02
CA LYS A 12 -27.52 -16.42 26.34
C LYS A 12 -27.32 -15.52 25.13
N ARG A 13 -26.07 -15.40 24.71
CA ARG A 13 -25.74 -14.51 23.61
C ARG A 13 -26.54 -14.88 22.37
N ARG A 14 -27.20 -13.89 21.77
CA ARG A 14 -27.96 -14.08 20.54
C ARG A 14 -29.10 -15.07 20.70
N GLU A 15 -29.55 -15.31 21.94
CA GLU A 15 -30.79 -16.06 22.09
C GLU A 15 -31.93 -15.30 21.42
N ARG A 16 -31.91 -13.97 21.54
CA ARG A 16 -32.85 -13.04 20.93
C ARG A 16 -32.06 -12.01 20.14
N ASP A 17 -32.55 -11.69 18.95
CA ASP A 17 -31.83 -10.80 18.06
C ASP A 17 -32.21 -9.35 18.36
N TRP A 18 -31.81 -8.44 17.48
CA TRP A 18 -32.15 -7.04 17.62
C TRP A 18 -33.62 -6.81 17.27
N ASP A 19 -34.33 -6.06 18.11
CA ASP A 19 -35.76 -5.81 17.94
C ASP A 19 -35.96 -4.53 17.14
N CYS A 20 -36.31 -4.66 15.87
CA CYS A 20 -36.56 -3.52 15.01
C CYS A 20 -38.04 -3.19 14.87
N ASN A 21 -38.91 -3.86 15.63
CA ASN A 21 -40.35 -3.72 15.48
C ASN A 21 -41.02 -2.87 16.56
N THR A 22 -40.53 -2.93 17.80
CA THR A 22 -41.15 -2.16 18.88
C THR A 22 -41.19 -0.67 18.50
N LYS A 23 -40.04 -0.06 18.30
CA LYS A 23 -39.93 1.28 17.74
C LYS A 23 -39.44 1.14 16.30
N LYS A 24 -40.24 1.61 15.34
CA LYS A 24 -39.96 1.32 13.94
C LYS A 24 -38.71 2.01 13.44
N ASP A 25 -38.32 3.12 14.07
CA ASP A 25 -37.20 3.90 13.58
C ASP A 25 -35.85 3.36 14.03
N VAL A 26 -35.81 2.26 14.80
CA VAL A 26 -34.55 1.80 15.36
C VAL A 26 -34.66 0.35 15.77
N CYS A 27 -33.54 -0.36 15.72
CA CYS A 27 -33.40 -1.70 16.26
C CYS A 27 -32.78 -1.65 17.66
N ILE A 28 -33.35 -2.41 18.57
CA ILE A 28 -32.94 -2.42 19.97
C ILE A 28 -32.31 -3.77 20.29
N PRO A 29 -31.13 -3.83 20.91
CA PRO A 29 -30.52 -5.11 21.24
C PRO A 29 -31.11 -5.70 22.51
N ASP A 30 -31.01 -7.04 22.61
CA ASP A 30 -31.59 -7.74 23.75
C ASP A 30 -30.97 -7.28 25.06
N ARG A 31 -29.69 -6.91 25.04
CA ARG A 31 -29.02 -6.49 26.28
C ARG A 31 -29.69 -5.24 26.86
N ARG A 32 -30.13 -4.33 26.00
CA ARG A 32 -30.77 -3.12 26.48
C ARG A 32 -32.06 -3.44 27.24
N TYR A 33 -32.85 -4.39 26.75
CA TYR A 33 -34.08 -4.71 27.48
C TYR A 33 -33.73 -5.26 28.87
N GLN A 34 -32.75 -6.16 28.93
CA GLN A 34 -32.38 -6.84 30.17
C GLN A 34 -31.62 -5.95 31.16
N LEU A 35 -31.27 -4.73 30.76
CA LEU A 35 -30.55 -3.83 31.66
C LEU A 35 -31.28 -3.74 33.00
N CYS A 36 -30.55 -3.95 34.08
CA CYS A 36 -31.15 -4.01 35.40
C CYS A 36 -31.48 -2.61 35.90
N MET A 37 -32.77 -2.34 36.13
CA MET A 37 -33.23 -1.05 36.63
C MET A 37 -34.15 -1.24 37.83
N LYS A 38 -33.90 -2.29 38.62
CA LYS A 38 -34.77 -2.63 39.74
C LYS A 38 -34.92 -1.45 40.70
N GLU A 39 -33.81 -1.02 41.31
CA GLU A 39 -33.87 0.03 42.32
C GLU A 39 -34.23 1.38 41.72
N LEU A 40 -33.86 1.61 40.45
CA LEU A 40 -34.14 2.89 39.81
C LEU A 40 -35.63 3.14 39.60
N THR A 41 -36.44 2.09 39.60
CA THR A 41 -37.87 2.28 39.45
C THR A 41 -38.58 2.50 40.79
N ASN A 42 -38.19 1.76 41.82
CA ASN A 42 -38.84 1.81 43.12
C ASN A 42 -38.26 2.94 43.98
N LEU A 43 -38.30 4.17 43.45
CA LEU A 43 -37.85 5.30 44.26
C LEU A 43 -38.97 5.94 45.06
N VAL A 44 -40.22 5.82 44.63
CA VAL A 44 -41.33 6.27 45.47
C VAL A 44 -41.90 5.10 46.27
N ASP A 54 -33.74 20.12 48.40
CA ASP A 54 -33.46 18.74 48.78
C ASP A 54 -32.26 18.23 47.96
N ILE A 55 -31.07 18.71 48.32
CA ILE A 55 -29.85 18.28 47.65
C ILE A 55 -29.64 16.78 47.81
N THR A 56 -30.06 16.20 48.96
CA THR A 56 -29.82 14.79 49.22
C THR A 56 -30.72 13.89 48.40
N PHE A 57 -31.82 14.42 47.87
CA PHE A 57 -32.72 13.62 47.05
C PHE A 57 -31.97 12.97 45.89
N ARG A 58 -31.20 13.77 45.15
CA ARG A 58 -30.46 13.22 44.03
C ARG A 58 -29.06 12.76 44.39
N LYS A 59 -28.27 13.61 45.03
CA LYS A 59 -26.84 13.36 45.09
C LYS A 59 -26.58 12.07 45.84
N LEU A 60 -27.13 11.96 47.04
CA LEU A 60 -26.85 10.76 47.80
C LEU A 60 -27.79 9.62 47.44
N TYR A 61 -29.09 9.90 47.34
CA TYR A 61 -30.03 8.78 47.26
C TYR A 61 -30.08 8.20 45.86
N LEU A 62 -30.34 9.04 44.85
CA LEU A 62 -30.40 8.53 43.49
C LEU A 62 -29.09 7.86 43.07
N LYS A 63 -27.96 8.35 43.59
CA LYS A 63 -26.69 7.73 43.23
C LYS A 63 -26.58 6.33 43.81
N ARG A 64 -26.97 6.17 45.08
CA ARG A 64 -26.96 4.83 45.67
C ARG A 64 -27.85 3.88 44.89
N LYS A 65 -29.07 4.32 44.55
CA LYS A 65 -29.98 3.46 43.81
C LYS A 65 -29.37 3.03 42.48
N LEU A 66 -28.69 3.97 41.78
CA LEU A 66 -28.05 3.65 40.52
C LEU A 66 -26.83 2.75 40.71
N ILE A 67 -26.14 2.88 41.84
CA ILE A 67 -25.01 2.00 42.10
C ILE A 67 -25.51 0.57 42.34
N TYR A 68 -26.60 0.41 43.09
CA TYR A 68 -27.12 -0.92 43.36
C TYR A 68 -27.51 -1.61 42.07
N ASP A 69 -28.02 -0.85 41.11
CA ASP A 69 -28.37 -1.45 39.83
C ASP A 69 -27.14 -1.73 38.99
N ALA A 70 -26.18 -0.80 38.98
CA ALA A 70 -24.97 -0.98 38.18
C ALA A 70 -24.16 -2.17 38.67
N ALA A 71 -24.06 -2.34 39.99
CA ALA A 71 -23.34 -3.47 40.54
C ALA A 71 -23.96 -4.79 40.08
N VAL A 72 -25.29 -4.85 40.02
CA VAL A 72 -25.95 -6.08 39.56
C VAL A 72 -25.65 -6.31 38.09
N GLU A 73 -25.86 -5.28 37.25
CA GLU A 73 -25.59 -5.41 35.82
C GLU A 73 -24.17 -5.87 35.58
N GLY A 74 -23.21 -5.24 36.26
CA GLY A 74 -21.83 -5.68 36.14
C GLY A 74 -21.61 -7.08 36.63
N ASP A 75 -22.51 -7.59 37.48
CA ASP A 75 -22.38 -8.95 38.00
C ASP A 75 -22.97 -9.97 37.04
N LEU A 76 -24.20 -9.74 36.58
CA LEU A 76 -24.83 -10.68 35.66
C LEU A 76 -24.13 -10.69 34.31
N LEU A 77 -23.52 -9.57 33.90
CA LEU A 77 -22.77 -9.53 32.65
C LEU A 77 -21.51 -10.38 32.74
N LEU A 78 -20.87 -10.40 33.91
CA LEU A 78 -19.74 -11.30 34.12
C LEU A 78 -20.18 -12.75 34.03
N LYS A 79 -21.36 -13.06 34.59
CA LYS A 79 -21.91 -14.41 34.49
C LYS A 79 -22.31 -14.72 33.05
N LEU A 80 -22.87 -13.73 32.35
CA LEU A 80 -23.24 -13.94 30.96
C LEU A 80 -22.03 -14.37 30.14
N ASN A 81 -20.87 -13.80 30.44
CA ASN A 81 -19.65 -14.11 29.71
C ASN A 81 -18.91 -15.30 30.28
N ASN A 82 -19.61 -16.18 31.00
CA ASN A 82 -19.03 -17.40 31.57
C ASN A 82 -17.82 -17.08 32.43
N TYR A 83 -17.92 -16.00 33.20
CA TYR A 83 -16.86 -15.57 34.12
C TYR A 83 -15.52 -15.40 33.43
N ARG A 84 -15.53 -15.15 32.13
CA ARG A 84 -14.30 -14.84 31.41
C ARG A 84 -14.04 -13.35 31.54
N TYR A 85 -12.83 -12.98 31.98
CA TYR A 85 -12.44 -11.58 32.12
C TYR A 85 -11.66 -11.16 30.87
N ASN A 86 -12.42 -10.89 29.81
CA ASN A 86 -11.81 -10.61 28.52
C ASN A 86 -12.42 -9.36 27.89
N LYS A 87 -12.07 -9.08 26.64
CA LYS A 87 -12.55 -7.88 25.98
C LYS A 87 -14.06 -7.96 25.74
N ASP A 88 -14.55 -9.15 25.37
CA ASP A 88 -15.98 -9.31 25.16
C ASP A 88 -16.75 -8.87 26.39
N PHE A 89 -16.20 -9.10 27.58
CA PHE A 89 -16.89 -8.66 28.79
C PHE A 89 -16.80 -7.15 28.97
N CYS A 90 -15.62 -6.57 28.75
CA CYS A 90 -15.47 -5.14 28.94
C CYS A 90 -16.43 -4.36 28.05
N LYS A 91 -16.64 -4.84 26.83
CA LYS A 91 -17.52 -4.11 25.91
C LYS A 91 -18.98 -4.20 26.36
N ASP A 92 -19.39 -5.34 26.92
CA ASP A 92 -20.73 -5.40 27.52
C ASP A 92 -20.86 -4.39 28.65
N ILE A 93 -19.80 -4.19 29.43
CA ILE A 93 -19.82 -3.15 30.44
C ILE A 93 -19.96 -1.78 29.78
N ARG A 94 -19.13 -1.52 28.77
CA ARG A 94 -19.15 -0.22 28.10
C ARG A 94 -20.50 0.07 27.49
N TRP A 95 -21.09 -0.92 26.79
CA TRP A 95 -22.37 -0.68 26.14
C TRP A 95 -23.46 -0.39 27.17
N SER A 96 -23.45 -1.11 28.30
CA SER A 96 -24.50 -0.97 29.31
C SER A 96 -24.32 0.28 30.15
N LEU A 97 -23.09 0.61 30.54
CA LEU A 97 -22.86 1.85 31.27
C LEU A 97 -23.39 3.05 30.48
N GLY A 98 -23.20 3.05 29.16
CA GLY A 98 -23.71 4.13 28.36
C GLY A 98 -25.23 4.24 28.41
N ASP A 99 -25.91 3.10 28.32
CA ASP A 99 -27.36 3.12 28.40
C ASP A 99 -27.83 3.70 29.73
N PHE A 100 -27.13 3.36 30.82
CA PHE A 100 -27.46 3.98 32.10
C PHE A 100 -27.40 5.49 31.97
N GLY A 101 -26.44 5.99 31.19
CA GLY A 101 -26.28 7.43 31.03
C GLY A 101 -27.37 8.05 30.18
N ASP A 102 -27.65 7.43 29.03
CA ASP A 102 -28.73 7.94 28.19
C ASP A 102 -30.05 7.93 28.95
N ILE A 103 -30.25 7.00 29.89
CA ILE A 103 -31.46 7.03 30.71
C ILE A 103 -31.46 8.26 31.61
N ILE A 104 -30.32 8.54 32.25
CA ILE A 104 -30.21 9.70 33.13
C ILE A 104 -30.25 10.99 32.32
N MET A 105 -29.65 10.99 31.13
CA MET A 105 -29.55 12.20 30.34
C MET A 105 -30.76 12.42 29.44
N GLY A 106 -31.79 11.58 29.53
CA GLY A 106 -32.97 11.80 28.74
C GLY A 106 -32.81 11.50 27.27
N THR A 107 -31.76 10.77 26.88
CA THR A 107 -31.57 10.36 25.50
C THR A 107 -31.78 8.87 25.29
N ASP A 108 -32.50 8.22 26.18
CA ASP A 108 -32.75 6.79 26.02
C ASP A 108 -33.66 6.57 24.84
N MET A 109 -33.16 5.87 23.83
CA MET A 109 -33.89 5.86 22.57
C MET A 109 -35.10 4.96 22.66
N GLU A 110 -35.12 4.05 23.63
CA GLU A 110 -36.24 3.13 23.73
C GLU A 110 -37.41 3.82 24.44
N GLY A 111 -37.21 4.24 25.68
CA GLY A 111 -38.21 4.92 26.49
C GLY A 111 -39.58 4.31 26.47
N ILE A 112 -39.64 3.00 26.74
CA ILE A 112 -40.87 2.23 26.64
C ILE A 112 -41.03 1.44 27.93
N GLY A 113 -42.28 1.36 28.40
CA GLY A 113 -42.59 0.48 29.53
C GLY A 113 -41.91 0.90 30.83
N TYR A 114 -41.19 -0.04 31.45
CA TYR A 114 -40.58 0.21 32.75
C TYR A 114 -39.67 1.43 32.71
N SER A 115 -39.11 1.75 31.54
CA SER A 115 -38.26 2.93 31.41
C SER A 115 -39.05 4.23 31.57
N LYS A 116 -40.34 4.22 31.23
CA LYS A 116 -41.16 5.41 31.41
C LYS A 116 -41.28 5.79 32.87
N VAL A 117 -41.29 4.80 33.77
CA VAL A 117 -41.37 5.10 35.20
C VAL A 117 -40.09 5.78 35.66
N VAL A 118 -38.95 5.27 35.21
CA VAL A 118 -37.67 5.86 35.61
C VAL A 118 -37.59 7.31 35.16
N GLU A 119 -38.00 7.59 33.92
CA GLU A 119 -37.96 8.96 33.43
C GLU A 119 -38.81 9.88 34.31
N ASN A 120 -40.04 9.47 34.61
CA ASN A 120 -40.88 10.29 35.48
C ASN A 120 -40.26 10.45 36.86
N ASN A 121 -39.57 9.41 37.35
CA ASN A 121 -38.88 9.54 38.63
C ASN A 121 -37.78 10.60 38.56
N LEU A 122 -37.00 10.59 37.49
CA LEU A 122 -35.92 11.57 37.35
C LEU A 122 -36.47 12.98 37.17
N ARG A 123 -37.58 13.12 36.43
CA ARG A 123 -38.15 14.45 36.20
C ARG A 123 -38.67 15.06 37.50
N SER A 124 -39.21 14.22 38.39
CA SER A 124 -39.65 14.71 39.70
C SER A 124 -38.48 15.03 40.61
N ILE A 125 -37.26 14.81 40.17
CA ILE A 125 -36.07 15.10 40.95
C ILE A 125 -35.35 16.34 40.41
N PHE A 126 -35.07 16.37 39.11
CA PHE A 126 -34.27 17.43 38.51
C PHE A 126 -35.13 18.55 37.96
N GLY A 127 -36.15 18.22 37.19
CA GLY A 127 -37.02 19.21 36.60
C GLY A 127 -37.56 18.67 35.29
N THR A 128 -38.12 19.60 34.51
CA THR A 128 -38.73 19.24 33.23
C THR A 128 -38.31 20.12 32.07
N ASP A 129 -37.65 21.24 32.31
CA ASP A 129 -37.30 22.16 31.24
C ASP A 129 -35.92 21.86 30.67
N GLU A 130 -35.51 22.65 29.69
CA GLU A 130 -34.18 22.49 29.09
C GLU A 130 -33.09 22.54 30.16
N LYS A 131 -33.21 23.45 31.12
CA LYS A 131 -32.20 23.57 32.17
C LYS A 131 -32.13 22.35 33.06
N ALA A 132 -33.08 21.43 32.94
CA ALA A 132 -33.03 20.19 33.70
C ALA A 132 -32.11 19.17 33.04
N GLN A 133 -32.17 19.06 31.70
CA GLN A 133 -31.26 18.16 31.00
C GLN A 133 -29.81 18.50 31.31
N GLN A 134 -29.48 19.78 31.38
CA GLN A 134 -28.12 20.18 31.70
C GLN A 134 -27.73 19.69 33.09
N ARG A 135 -28.57 19.95 34.09
CA ARG A 135 -28.29 19.46 35.43
C ARG A 135 -28.16 17.95 35.44
N ARG A 136 -28.95 17.26 34.62
CA ARG A 136 -28.85 15.81 34.53
C ARG A 136 -27.62 15.38 33.75
N LYS A 137 -27.31 16.07 32.65
CA LYS A 137 -26.09 15.76 31.92
C LYS A 137 -24.86 16.06 32.78
N GLN A 138 -24.91 17.15 33.56
CA GLN A 138 -23.81 17.45 34.46
C GLN A 138 -23.70 16.38 35.54
N TRP A 139 -24.81 16.01 36.16
CA TRP A 139 -24.78 15.00 37.21
C TRP A 139 -24.22 13.68 36.70
N TRP A 140 -24.46 13.35 35.43
CA TRP A 140 -23.93 12.12 34.89
C TRP A 140 -22.42 12.19 34.73
N ASN A 141 -21.91 13.35 34.32
CA ASN A 141 -20.47 13.51 34.15
C ASN A 141 -19.77 13.37 35.49
N GLU A 142 -20.29 14.03 36.52
CA GLU A 142 -19.67 13.99 37.84
C GLU A 142 -20.01 12.73 38.62
N SER A 143 -20.71 11.78 38.00
CA SER A 143 -21.04 10.52 38.65
C SER A 143 -20.74 9.31 37.78
N LYS A 144 -20.53 9.48 36.47
CA LYS A 144 -20.35 8.34 35.60
C LYS A 144 -19.16 7.49 36.01
N ALA A 145 -18.11 8.11 36.54
CA ALA A 145 -16.96 7.33 36.96
C ALA A 145 -17.33 6.37 38.09
N GLN A 146 -18.03 6.87 39.11
CA GLN A 146 -18.40 6.03 40.23
C GLN A 146 -19.31 4.88 39.80
N ILE A 147 -20.14 5.10 38.79
CA ILE A 147 -21.02 4.03 38.30
C ILE A 147 -20.22 2.95 37.60
N TRP A 148 -19.10 3.32 36.99
CA TRP A 148 -18.25 2.32 36.36
C TRP A 148 -17.55 1.46 37.42
N THR A 149 -17.08 2.09 38.51
CA THR A 149 -16.49 1.32 39.59
C THR A 149 -17.49 0.37 40.24
N ALA A 150 -18.78 0.72 40.18
CA ALA A 150 -19.81 -0.16 40.72
C ALA A 150 -20.03 -1.39 39.84
N MET A 151 -20.07 -1.20 38.52
CA MET A 151 -20.21 -2.35 37.63
C MET A 151 -19.02 -3.28 37.71
N MET A 152 -17.84 -2.75 38.05
CA MET A 152 -16.65 -3.56 38.25
C MET A 152 -16.60 -4.17 39.65
N TYR A 153 -17.67 -4.06 40.45
CA TYR A 153 -17.64 -4.55 41.83
C TYR A 153 -17.39 -6.05 41.86
N SER A 154 -18.31 -6.83 41.30
CA SER A 154 -18.18 -8.29 41.37
C SER A 154 -16.89 -8.76 40.73
N VAL A 155 -16.53 -8.18 39.59
CA VAL A 155 -15.32 -8.60 38.91
C VAL A 155 -14.08 -8.31 39.75
N LYS A 156 -14.16 -7.35 40.67
CA LYS A 156 -13.02 -7.00 41.51
C LYS A 156 -13.06 -7.69 42.87
N LYS A 157 -14.24 -7.85 43.46
CA LYS A 157 -14.36 -8.64 44.67
C LYS A 157 -13.94 -10.08 44.41
N ARG A 158 -14.35 -10.65 43.28
CA ARG A 158 -14.19 -12.09 43.05
C ARG A 158 -12.78 -12.54 43.36
N LEU A 159 -11.80 -11.86 42.79
CA LEU A 159 -10.39 -12.19 42.97
C LEU A 159 -9.75 -11.00 43.68
N LYS A 160 -9.46 -11.15 44.97
CA LYS A 160 -8.74 -10.09 45.68
C LYS A 160 -7.42 -9.81 44.99
N GLY A 161 -6.52 -10.78 45.03
CA GLY A 161 -5.27 -10.69 44.32
C GLY A 161 -5.45 -10.87 42.83
N ASN A 162 -4.32 -10.79 42.14
CA ASN A 162 -4.24 -11.07 40.71
C ASN A 162 -5.20 -10.23 39.89
N PHE A 163 -5.70 -9.13 40.46
CA PHE A 163 -6.64 -8.30 39.74
C PHE A 163 -5.91 -7.34 38.80
N ILE A 164 -6.53 -7.09 37.65
CA ILE A 164 -5.97 -6.26 36.61
C ILE A 164 -7.10 -5.43 36.02
N TRP A 165 -6.79 -4.17 35.68
CA TRP A 165 -7.76 -3.30 35.02
C TRP A 165 -7.78 -3.60 33.52
N ILE A 166 -8.37 -4.76 33.20
CA ILE A 166 -8.57 -5.15 31.80
C ILE A 166 -9.47 -4.14 31.10
N CYS A 167 -10.59 -3.78 31.72
CA CYS A 167 -11.45 -2.74 31.21
C CYS A 167 -10.97 -1.38 31.69
N LYS A 168 -10.95 -0.41 30.79
CA LYS A 168 -10.44 0.91 31.11
C LYS A 168 -11.58 1.90 31.30
N LEU A 169 -11.35 2.89 32.16
CA LEU A 169 -12.42 3.77 32.59
C LEU A 169 -12.81 4.78 31.51
N ASN A 170 -11.85 5.61 31.08
CA ASN A 170 -12.16 6.69 30.17
C ASN A 170 -12.76 6.18 28.86
N VAL A 171 -12.46 4.93 28.49
CA VAL A 171 -13.02 4.39 27.27
C VAL A 171 -14.50 4.10 27.46
N ALA A 172 -14.92 3.84 28.70
CA ALA A 172 -16.32 3.53 28.96
C ALA A 172 -17.16 4.76 29.27
N VAL A 173 -16.56 5.78 29.89
CA VAL A 173 -17.29 6.98 30.29
C VAL A 173 -17.17 8.10 29.26
N ASN A 174 -16.62 7.81 28.08
CA ASN A 174 -16.60 8.77 26.99
C ASN A 174 -18.00 8.91 26.39
N ILE A 175 -18.60 10.08 26.52
CA ILE A 175 -19.95 10.27 26.02
C ILE A 175 -19.93 10.19 24.50
N GLU A 176 -20.91 9.46 23.94
CA GLU A 176 -21.09 9.21 22.52
C GLU A 176 -22.57 8.95 22.30
N PRO A 177 -23.17 9.46 21.21
CA PRO A 177 -24.61 9.24 21.00
C PRO A 177 -24.97 7.77 21.04
N GLN A 178 -26.12 7.45 21.63
CA GLN A 178 -26.49 6.05 21.85
C GLN A 178 -26.44 5.25 20.55
N ILE A 179 -26.91 5.83 19.45
CA ILE A 179 -26.93 5.08 18.20
C ILE A 179 -25.54 4.64 17.80
N TYR A 180 -24.50 5.41 18.17
CA TYR A 180 -23.13 5.01 17.84
C TYR A 180 -22.76 3.72 18.55
N ARG A 181 -22.92 3.70 19.88
CA ARG A 181 -22.52 2.56 20.69
C ARG A 181 -23.30 1.30 20.35
N TRP A 182 -24.51 1.44 19.80
CA TRP A 182 -25.29 0.28 19.41
C TRP A 182 -24.82 -0.29 18.08
N ILE A 183 -24.35 0.57 17.17
CA ILE A 183 -23.74 0.08 15.94
C ILE A 183 -22.46 -0.68 16.27
N ARG A 184 -21.69 -0.20 17.25
CA ARG A 184 -20.51 -0.92 17.72
C ARG A 184 -20.89 -2.32 18.20
N GLU A 185 -21.90 -2.41 19.06
CA GLU A 185 -22.33 -3.71 19.55
C GLU A 185 -22.84 -4.58 18.41
N TRP A 186 -23.57 -3.99 17.47
CA TRP A 186 -24.10 -4.77 16.35
C TRP A 186 -22.98 -5.34 15.51
N GLY A 187 -22.03 -4.49 15.09
CA GLY A 187 -20.92 -4.96 14.28
C GLY A 187 -20.11 -6.05 14.95
N ARG A 188 -19.95 -5.96 16.27
CA ARG A 188 -19.29 -7.04 17.01
C ARG A 188 -20.11 -8.34 16.96
N ASP A 189 -21.44 -8.22 16.99
CA ASP A 189 -22.28 -9.42 16.89
C ASP A 189 -22.23 -9.99 15.48
N TYR A 190 -22.14 -9.14 14.47
CA TYR A 190 -22.16 -9.62 13.10
C TYR A 190 -20.92 -10.45 12.79
N VAL A 191 -19.73 -9.92 13.11
CA VAL A 191 -18.49 -10.64 12.80
C VAL A 191 -18.38 -11.93 13.61
N SER A 192 -19.09 -12.03 14.74
CA SER A 192 -19.08 -13.27 15.50
C SER A 192 -20.02 -14.28 14.87
N GLU A 193 -21.13 -13.80 14.31
CA GLU A 193 -22.15 -14.69 13.79
C GLU A 193 -21.83 -15.17 12.39
N LEU A 194 -21.10 -14.37 11.62
CA LEU A 194 -20.94 -14.73 10.22
C LEU A 194 -20.18 -16.06 10.06
N PRO A 195 -19.02 -16.24 10.73
CA PRO A 195 -18.32 -17.54 10.57
C PRO A 195 -19.20 -18.72 10.92
N THR A 196 -20.07 -18.59 11.92
CA THR A 196 -20.93 -19.71 12.31
C THR A 196 -21.90 -20.08 11.19
N GLU A 197 -22.66 -19.10 10.69
CA GLU A 197 -23.61 -19.39 9.63
C GLU A 197 -22.92 -19.85 8.36
N VAL A 198 -21.62 -19.54 8.20
CA VAL A 198 -20.85 -20.05 7.07
C VAL A 198 -20.30 -21.44 7.37
N GLN A 199 -19.84 -21.68 8.60
CA GLN A 199 -19.33 -22.98 8.96
C GLN A 199 -20.39 -24.05 8.81
N LYS A 200 -21.65 -23.73 9.19
CA LYS A 200 -22.75 -24.64 8.93
C LYS A 200 -22.94 -24.87 7.43
N LEU A 201 -22.86 -23.80 6.64
CA LEU A 201 -23.02 -23.93 5.20
C LEU A 201 -21.91 -24.77 4.59
N LYS A 202 -20.68 -24.60 5.07
CA LYS A 202 -19.55 -25.36 4.52
C LYS A 202 -19.78 -26.86 4.66
N GLU A 203 -20.15 -27.31 5.85
CA GLU A 203 -20.29 -28.73 6.11
C GLU A 203 -21.28 -29.38 5.15
N LYS A 204 -22.42 -28.74 4.91
CA LYS A 204 -23.48 -29.36 4.12
C LYS A 204 -23.37 -29.08 2.63
N CYS A 205 -22.52 -28.15 2.21
CA CYS A 205 -22.44 -27.77 0.81
C CYS A 205 -21.05 -27.90 0.18
N ASP A 206 -19.99 -28.08 0.98
CA ASP A 206 -18.68 -28.27 0.38
C ASP A 206 -18.69 -29.45 -0.58
N GLY A 207 -17.66 -29.50 -1.43
CA GLY A 207 -17.50 -30.55 -2.41
C GLY A 207 -18.45 -30.42 -3.57
N LYS A 208 -18.15 -31.14 -4.65
CA LYS A 208 -18.94 -31.12 -5.86
C LYS A 208 -19.74 -32.42 -5.96
N ILE A 209 -20.95 -32.31 -6.49
CA ILE A 209 -21.87 -33.43 -6.40
C ILE A 209 -21.46 -34.55 -7.34
N ASN A 210 -21.48 -34.32 -8.65
CA ASN A 210 -21.13 -35.40 -9.56
C ASN A 210 -19.68 -35.32 -10.04
N TYR A 211 -19.36 -34.34 -10.86
CA TYR A 211 -17.97 -34.01 -11.15
C TYR A 211 -17.70 -32.52 -11.21
N THR A 212 -18.66 -31.70 -11.59
CA THR A 212 -18.44 -30.26 -11.73
C THR A 212 -19.59 -29.42 -11.21
N ASP A 213 -20.71 -30.01 -10.82
CA ASP A 213 -21.86 -29.24 -10.35
C ASP A 213 -21.76 -28.99 -8.86
N LYS A 214 -22.53 -28.01 -8.39
CA LYS A 214 -22.58 -27.65 -6.98
C LYS A 214 -23.67 -28.43 -6.26
N LYS A 215 -23.42 -28.72 -4.98
CA LYS A 215 -24.37 -29.52 -4.22
C LYS A 215 -25.71 -28.80 -4.06
N VAL A 216 -25.70 -27.47 -3.96
CA VAL A 216 -26.93 -26.75 -3.70
C VAL A 216 -27.93 -26.91 -4.83
N CYS A 217 -27.47 -27.29 -6.03
CA CYS A 217 -28.37 -27.42 -7.17
C CYS A 217 -29.42 -28.50 -6.93
N LYS A 218 -29.04 -29.59 -6.26
CA LYS A 218 -29.92 -30.74 -6.12
C LYS A 218 -30.09 -31.21 -4.68
N VAL A 219 -29.03 -31.11 -3.87
CA VAL A 219 -29.03 -31.62 -2.50
C VAL A 219 -29.95 -30.79 -1.62
N PRO A 220 -31.00 -31.36 -1.04
CA PRO A 220 -31.89 -30.60 -0.16
C PRO A 220 -31.18 -30.16 1.12
N PRO A 221 -30.42 -31.05 1.76
CA PRO A 221 -29.69 -30.64 2.98
C PRO A 221 -28.89 -29.35 2.83
N CYS A 222 -28.21 -29.16 1.70
CA CYS A 222 -27.50 -27.91 1.44
C CYS A 222 -28.48 -26.78 1.15
N GLN A 223 -29.50 -27.04 0.34
CA GLN A 223 -30.50 -26.03 0.03
C GLN A 223 -31.23 -25.54 1.27
N ASN A 224 -31.25 -26.33 2.33
CA ASN A 224 -31.90 -25.90 3.56
C ASN A 224 -31.01 -24.98 4.37
N ALA A 225 -29.72 -25.33 4.52
CA ALA A 225 -28.79 -24.45 5.21
C ALA A 225 -28.71 -23.09 4.54
N CYS A 226 -28.95 -23.04 3.22
CA CYS A 226 -28.95 -21.77 2.49
C CYS A 226 -30.13 -20.90 2.89
N LYS A 227 -31.31 -21.50 3.02
CA LYS A 227 -32.48 -20.74 3.45
C LYS A 227 -32.34 -20.28 4.90
N SER A 228 -31.54 -20.98 5.71
CA SER A 228 -31.25 -20.48 7.05
C SER A 228 -30.34 -19.27 6.98
N TYR A 229 -29.26 -19.36 6.20
CA TYR A 229 -28.39 -18.20 6.00
C TYR A 229 -29.16 -17.09 5.29
N ASP A 230 -29.96 -17.41 4.30
CA ASP A 230 -30.74 -16.38 3.60
C ASP A 230 -31.64 -15.64 4.58
N GLN A 231 -32.25 -16.35 5.53
CA GLN A 231 -33.10 -15.71 6.52
C GLN A 231 -32.28 -14.85 7.48
N TRP A 232 -31.10 -15.34 7.86
CA TRP A 232 -30.25 -14.63 8.82
C TRP A 232 -29.65 -13.37 8.19
N ILE A 233 -29.06 -13.50 7.01
CA ILE A 233 -28.41 -12.36 6.38
C ILE A 233 -29.42 -11.28 6.05
N THR A 234 -30.69 -11.66 5.87
CA THR A 234 -31.69 -10.65 5.56
C THR A 234 -32.02 -9.83 6.79
N ARG A 235 -32.04 -10.45 7.97
CA ARG A 235 -32.21 -9.68 9.20
C ARG A 235 -31.01 -8.77 9.45
N LYS A 236 -29.81 -9.22 9.07
CA LYS A 236 -28.64 -8.37 9.26
C LYS A 236 -28.69 -7.18 8.32
N LYS A 237 -28.96 -7.41 7.03
CA LYS A 237 -29.10 -6.32 6.07
C LYS A 237 -30.16 -5.33 6.54
N ASN A 238 -31.32 -5.85 6.96
CA ASN A 238 -32.39 -4.95 7.41
C ASN A 238 -32.00 -4.22 8.68
N GLN A 239 -31.39 -4.93 9.63
CA GLN A 239 -30.92 -4.28 10.85
C GLN A 239 -29.91 -3.19 10.52
N TRP A 240 -28.96 -3.48 9.61
CA TRP A 240 -28.00 -2.46 9.22
C TRP A 240 -28.70 -1.27 8.59
N ASP A 241 -29.73 -1.52 7.78
CA ASP A 241 -30.46 -0.44 7.13
C ASP A 241 -31.12 0.48 8.15
N VAL A 242 -31.79 -0.10 9.13
CA VAL A 242 -32.46 0.73 10.14
C VAL A 242 -31.43 1.47 10.97
N LEU A 243 -30.42 0.76 11.49
CA LEU A 243 -29.47 1.40 12.39
C LEU A 243 -28.70 2.52 11.69
N SER A 244 -28.38 2.34 10.41
CA SER A 244 -27.63 3.37 9.70
C SER A 244 -28.50 4.55 9.35
N ASN A 245 -29.79 4.32 9.11
CA ASN A 245 -30.69 5.44 8.91
C ASN A 245 -30.91 6.22 10.19
N LYS A 246 -31.11 5.52 11.31
CA LYS A 246 -31.24 6.20 12.59
C LYS A 246 -29.97 6.99 12.94
N PHE A 247 -28.80 6.49 12.50
CA PHE A 247 -27.56 7.26 12.69
C PHE A 247 -27.60 8.56 11.90
N ILE A 248 -28.06 8.52 10.66
CA ILE A 248 -28.08 9.72 9.83
C ILE A 248 -29.06 10.74 10.40
N SER A 249 -30.16 10.28 10.98
CA SER A 249 -31.10 11.24 11.54
C SER A 249 -30.49 11.97 12.73
N VAL A 250 -29.72 11.25 13.56
CA VAL A 250 -29.12 11.85 14.76
C VAL A 250 -27.92 12.73 14.42
N LYS A 251 -26.99 12.20 13.63
CA LYS A 251 -25.83 12.97 13.23
C LYS A 251 -26.24 14.30 12.60
N ASN A 252 -27.36 14.31 11.86
CA ASN A 252 -27.84 15.53 11.23
C ASN A 252 -28.46 16.51 12.22
N ALA A 253 -28.89 16.02 13.37
CA ALA A 253 -29.63 16.85 14.32
C ALA A 253 -28.83 17.24 15.53
N GLU A 254 -27.56 16.83 15.64
CA GLU A 254 -26.79 17.04 16.85
C GLU A 254 -25.86 18.26 16.81
N LYS A 255 -25.15 18.50 15.71
CA LYS A 255 -24.25 19.66 15.57
C LYS A 255 -22.95 19.51 16.33
N VAL A 256 -22.52 18.29 16.59
CA VAL A 256 -21.27 18.00 17.28
C VAL A 256 -20.45 17.13 16.34
N GLN A 257 -19.13 17.33 16.31
CA GLN A 257 -18.33 16.71 15.26
C GLN A 257 -17.84 15.31 15.61
N THR A 258 -17.88 14.93 16.88
CA THR A 258 -17.66 13.55 17.34
C THR A 258 -16.42 12.90 16.71
N ALA A 259 -15.44 13.72 16.32
CA ALA A 259 -14.08 13.28 16.04
C ALA A 259 -13.99 12.19 14.97
N GLY A 260 -14.26 12.60 13.74
CA GLY A 260 -13.89 11.74 12.63
C GLY A 260 -14.87 10.70 12.19
N ILE A 261 -16.15 10.83 12.54
CA ILE A 261 -17.15 9.87 12.12
C ILE A 261 -18.16 10.60 11.25
N VAL A 262 -18.28 10.16 10.01
CA VAL A 262 -19.21 10.75 9.06
C VAL A 262 -20.27 9.72 8.70
N THR A 263 -19.84 8.60 8.14
CA THR A 263 -20.77 7.54 7.79
C THR A 263 -20.76 6.47 8.87
N PRO A 264 -21.83 5.68 8.95
CA PRO A 264 -21.83 4.56 9.92
C PRO A 264 -20.80 3.50 9.61
N TYR A 265 -20.27 3.46 8.39
CA TYR A 265 -19.22 2.49 8.09
C TYR A 265 -17.92 2.83 8.83
N ASP A 266 -17.72 4.10 9.14
CA ASP A 266 -16.54 4.50 9.92
C ASP A 266 -16.57 3.88 11.30
N ILE A 267 -17.76 3.75 11.89
CA ILE A 267 -17.85 3.20 13.24
C ILE A 267 -17.39 1.75 13.24
N LEU A 268 -17.71 1.00 12.19
CA LEU A 268 -17.25 -0.39 12.12
C LEU A 268 -15.75 -0.45 11.88
N LYS A 269 -15.21 0.41 11.01
CA LYS A 269 -13.77 0.45 10.80
C LYS A 269 -13.04 0.67 12.12
N GLN A 270 -13.57 1.55 12.96
CA GLN A 270 -12.91 1.84 14.24
C GLN A 270 -12.97 0.65 15.18
N GLU A 271 -14.12 -0.02 15.25
CA GLU A 271 -14.36 -1.03 16.26
C GLU A 271 -13.90 -2.42 15.82
N LEU A 272 -13.91 -2.70 14.53
CA LEU A 272 -13.62 -4.03 14.02
C LEU A 272 -12.22 -4.07 13.40
N ASP A 273 -11.54 -5.19 13.61
CA ASP A 273 -10.18 -5.39 13.11
C ASP A 273 -10.23 -5.92 11.69
N GLU A 274 -9.43 -5.32 10.82
CA GLU A 274 -9.37 -5.71 9.41
C GLU A 274 -10.75 -5.64 8.75
N PHE A 275 -11.52 -4.61 9.10
CA PHE A 275 -12.86 -4.45 8.55
C PHE A 275 -12.76 -4.05 7.09
N ASN A 276 -13.19 -4.94 6.21
CA ASN A 276 -13.21 -4.69 4.76
C ASN A 276 -14.65 -4.40 4.36
N GLU A 277 -15.04 -3.12 4.44
CA GLU A 277 -16.44 -2.78 4.17
C GLU A 277 -16.86 -3.18 2.77
N VAL A 278 -15.92 -3.40 1.85
CA VAL A 278 -16.25 -3.90 0.53
C VAL A 278 -16.89 -5.28 0.66
N ALA A 279 -16.28 -6.17 1.45
CA ALA A 279 -16.86 -7.49 1.65
C ALA A 279 -18.13 -7.40 2.47
N PHE A 280 -18.15 -6.52 3.48
CA PHE A 280 -19.34 -6.36 4.30
C PHE A 280 -20.55 -6.05 3.43
N GLU A 281 -20.40 -5.10 2.50
CA GLU A 281 -21.48 -4.79 1.56
C GLU A 281 -21.83 -6.00 0.71
N ASN A 282 -20.82 -6.80 0.34
CA ASN A 282 -21.07 -8.01 -0.43
C ASN A 282 -21.77 -9.06 0.42
N GLU A 283 -21.34 -9.20 1.67
CA GLU A 283 -21.92 -10.23 2.53
C GLU A 283 -23.40 -9.98 2.75
N ILE A 284 -23.76 -8.75 3.14
CA ILE A 284 -25.16 -8.47 3.45
C ILE A 284 -26.04 -8.39 2.21
N ASN A 285 -25.45 -8.34 1.02
CA ASN A 285 -26.20 -8.31 -0.23
C ASN A 285 -26.12 -9.62 -0.97
N LYS A 286 -25.68 -10.69 -0.31
CA LYS A 286 -25.68 -12.04 -0.86
C LYS A 286 -24.94 -12.13 -2.19
N ARG A 287 -23.89 -11.32 -2.36
CA ARG A 287 -23.06 -11.39 -3.56
C ARG A 287 -21.59 -11.65 -3.22
N ASP A 288 -21.31 -12.15 -2.03
CA ASP A 288 -19.94 -12.47 -1.64
C ASP A 288 -19.47 -13.72 -2.38
N GLY A 289 -18.22 -14.10 -2.12
CA GLY A 289 -17.62 -15.21 -2.82
C GLY A 289 -18.07 -16.57 -2.33
N ALA A 290 -17.97 -16.78 -1.01
CA ALA A 290 -18.32 -18.06 -0.44
C ALA A 290 -19.79 -18.39 -0.67
N TYR A 291 -20.66 -17.39 -0.59
CA TYR A 291 -22.09 -17.65 -0.76
C TYR A 291 -22.41 -18.12 -2.16
N ILE A 292 -21.74 -17.57 -3.17
CA ILE A 292 -21.99 -18.00 -4.54
C ILE A 292 -21.49 -19.42 -4.76
N GLU A 293 -20.33 -19.77 -4.18
CA GLU A 293 -19.80 -21.11 -4.38
C GLU A 293 -20.65 -22.18 -3.72
N LEU A 294 -21.49 -21.81 -2.75
CA LEU A 294 -22.22 -22.76 -1.93
C LEU A 294 -23.73 -22.72 -2.10
N CYS A 295 -24.33 -21.57 -2.40
CA CYS A 295 -25.78 -21.45 -2.42
C CYS A 295 -26.33 -20.92 -3.73
N VAL A 296 -25.50 -20.68 -4.73
CA VAL A 296 -25.95 -20.18 -6.02
C VAL A 296 -25.59 -21.22 -7.06
N CYS A 297 -26.61 -21.79 -7.71
CA CYS A 297 -26.36 -22.80 -8.73
C CYS A 297 -26.04 -22.17 -10.08
N SER A 298 -26.93 -21.30 -10.56
CA SER A 298 -26.75 -20.64 -11.85
C SER A 298 -27.62 -19.38 -11.91
N GLN B 5 -3.27 -12.88 46.93
CA GLN B 5 -2.70 -12.71 48.25
C GLN B 5 -2.72 -11.25 48.65
N VAL B 6 -3.57 -10.91 49.62
CA VAL B 6 -3.71 -9.54 50.11
C VAL B 6 -3.93 -9.61 51.61
N GLN B 7 -2.93 -9.18 52.38
CA GLN B 7 -2.94 -9.29 53.82
C GLN B 7 -3.13 -7.93 54.47
N LEU B 8 -3.67 -7.96 55.69
CA LEU B 8 -3.75 -6.78 56.55
C LEU B 8 -3.09 -7.13 57.87
N VAL B 9 -2.08 -6.36 58.26
CA VAL B 9 -1.31 -6.61 59.47
C VAL B 9 -1.39 -5.39 60.37
N GLN B 10 -1.81 -5.58 61.61
CA GLN B 10 -1.97 -4.48 62.54
C GLN B 10 -0.83 -4.46 63.56
N SER B 11 -0.80 -3.40 64.37
CA SER B 11 0.26 -3.25 65.35
C SER B 11 -0.01 -4.11 66.59
N GLY B 12 0.95 -4.13 67.49
CA GLY B 12 0.85 -4.95 68.68
C GLY B 12 -0.17 -4.41 69.66
N ALA B 13 -0.40 -5.21 70.71
CA ALA B 13 -1.34 -4.82 71.74
C ALA B 13 -0.78 -3.64 72.52
N GLU B 14 -1.67 -2.73 72.91
CA GLU B 14 -1.29 -1.52 73.64
C GLU B 14 -2.17 -1.38 74.87
N VAL B 15 -1.60 -0.75 75.91
CA VAL B 15 -2.29 -0.50 77.16
C VAL B 15 -2.20 0.99 77.46
N LYS B 16 -3.34 1.60 77.77
CA LYS B 16 -3.42 3.03 77.97
C LYS B 16 -4.17 3.33 79.26
N LYS B 17 -3.99 4.56 79.76
CA LYS B 17 -4.66 5.03 80.97
C LYS B 17 -5.92 5.79 80.62
N PRO B 18 -7.01 5.64 81.39
CA PRO B 18 -8.27 6.31 81.03
C PRO B 18 -8.09 7.79 80.73
N GLY B 19 -8.50 8.20 79.53
CA GLY B 19 -8.40 9.57 79.09
C GLY B 19 -7.31 9.83 78.08
N ALA B 20 -6.36 8.90 77.91
CA ALA B 20 -5.25 9.09 76.99
C ALA B 20 -5.70 8.76 75.56
N SER B 21 -4.74 8.62 74.65
CA SER B 21 -5.02 8.32 73.26
C SER B 21 -4.29 7.05 72.85
N VAL B 22 -4.73 6.48 71.73
CA VAL B 22 -4.14 5.26 71.19
C VAL B 22 -4.23 5.32 69.67
N LYS B 23 -3.15 4.91 68.99
CA LYS B 23 -3.10 4.89 67.52
C LYS B 23 -2.77 3.47 67.06
N VAL B 24 -3.63 2.91 66.22
CA VAL B 24 -3.47 1.56 65.71
C VAL B 24 -3.14 1.63 64.23
N SER B 25 -2.17 0.82 63.79
CA SER B 25 -1.78 0.77 62.39
C SER B 25 -2.48 -0.38 61.68
N CYS B 26 -2.46 -0.32 60.35
CA CYS B 26 -3.06 -1.36 59.51
C CYS B 26 -2.39 -1.29 58.15
N LYS B 27 -1.53 -2.25 57.86
CA LYS B 27 -0.72 -2.23 56.64
C LYS B 27 -1.25 -3.24 55.63
N VAL B 28 -1.30 -2.82 54.36
CA VAL B 28 -1.75 -3.65 53.21
C VAL B 28 -0.50 -4.35 52.65
N SER B 29 -0.64 -5.59 52.18
CA SER B 29 0.47 -6.37 51.64
C SER B 29 -0.06 -7.17 50.46
N GLY B 30 0.10 -6.64 49.24
CA GLY B 30 -0.27 -7.38 48.06
C GLY B 30 -1.21 -6.66 47.13
N TYR B 31 -1.49 -5.39 47.41
CA TYR B 31 -2.34 -4.60 46.52
C TYR B 31 -2.23 -3.14 46.94
N THR B 32 -2.29 -2.24 45.97
CA THR B 32 -2.06 -0.82 46.24
C THR B 32 -3.15 -0.28 47.15
N LEU B 33 -2.74 0.27 48.30
CA LEU B 33 -3.70 0.85 49.22
C LEU B 33 -4.56 1.92 48.55
N THR B 34 -4.03 2.56 47.52
CA THR B 34 -4.67 3.73 46.94
C THR B 34 -6.05 3.46 46.34
N GLU B 35 -6.50 2.23 46.34
CA GLU B 35 -7.79 1.92 45.78
C GLU B 35 -8.87 1.49 46.77
N LEU B 36 -8.51 1.22 48.05
CA LEU B 36 -9.36 0.60 49.06
C LEU B 36 -9.91 1.57 50.07
N SER B 37 -10.91 1.09 50.77
CA SER B 37 -11.70 2.00 51.59
C SER B 37 -11.27 2.00 53.03
N MET B 38 -10.90 0.86 53.52
CA MET B 38 -10.27 0.73 54.82
C MET B 38 -11.10 1.19 56.00
N HIS B 39 -12.23 0.53 56.16
CA HIS B 39 -13.04 0.77 57.34
C HIS B 39 -12.48 0.09 58.60
N TRP B 40 -13.14 0.39 59.74
CA TRP B 40 -12.75 -0.13 61.05
C TRP B 40 -13.94 -0.52 61.91
N VAL B 41 -13.83 -1.66 62.61
CA VAL B 41 -14.85 -2.10 63.56
C VAL B 41 -14.16 -2.67 64.79
N ARG B 42 -14.85 -2.61 65.92
CA ARG B 42 -14.31 -3.12 67.17
C ARG B 42 -15.30 -4.10 67.79
N GLN B 43 -14.82 -4.87 68.78
CA GLN B 43 -15.69 -5.76 69.55
C GLN B 43 -15.13 -5.91 70.95
N ALA B 44 -15.90 -5.45 71.95
CA ALA B 44 -15.53 -5.67 73.35
C ALA B 44 -15.73 -7.15 73.71
N PRO B 45 -15.07 -7.62 74.78
CA PRO B 45 -15.18 -9.05 75.13
C PRO B 45 -16.62 -9.51 75.31
N GLY B 46 -17.43 -8.75 76.05
CA GLY B 46 -18.80 -9.14 76.30
C GLY B 46 -19.79 -8.70 75.24
N LYS B 47 -19.58 -7.51 74.69
CA LYS B 47 -20.49 -6.95 73.71
C LYS B 47 -20.21 -7.55 72.33
N GLY B 48 -20.93 -7.07 71.33
CA GLY B 48 -20.82 -7.58 69.98
C GLY B 48 -20.04 -6.66 69.07
N LEU B 49 -20.19 -6.88 67.76
CA LEU B 49 -19.50 -6.07 66.77
C LEU B 49 -20.15 -4.71 66.65
N GLU B 50 -19.32 -3.66 66.53
CA GLU B 50 -19.82 -2.32 66.30
C GLU B 50 -18.94 -1.63 65.28
N TRP B 51 -19.57 -0.89 64.37
CA TRP B 51 -18.85 -0.19 63.32
C TRP B 51 -18.59 1.24 63.76
N MET B 52 -17.34 1.68 63.62
CA MET B 52 -16.92 3.01 64.05
C MET B 52 -16.87 4.01 62.89
N GLY B 53 -16.12 3.70 61.84
CA GLY B 53 -16.01 4.60 60.70
C GLY B 53 -15.23 3.98 59.55
N GLY B 54 -14.91 4.82 58.58
CA GLY B 54 -14.14 4.36 57.42
C GLY B 54 -13.88 5.52 56.49
N PHE B 55 -13.03 5.25 55.49
CA PHE B 55 -12.62 6.23 54.48
C PHE B 55 -13.29 5.85 53.16
N ASP B 56 -14.31 6.60 52.77
CA ASP B 56 -15.05 6.32 51.54
C ASP B 56 -14.22 6.88 50.39
N ARG B 57 -13.36 6.03 49.83
CA ARG B 57 -12.36 6.51 48.89
C ARG B 57 -12.99 7.08 47.63
N GLU B 58 -14.10 6.49 47.18
CA GLU B 58 -14.76 6.98 45.97
C GLU B 58 -15.10 8.47 46.07
N ASP B 59 -15.32 8.97 47.28
CA ASP B 59 -15.69 10.36 47.52
C ASP B 59 -14.77 11.09 48.49
N GLY B 60 -13.74 10.43 49.01
CA GLY B 60 -13.02 10.99 50.14
C GLY B 60 -13.94 11.16 51.33
N GLU B 61 -13.59 12.11 52.19
CA GLU B 61 -14.49 12.59 53.25
C GLU B 61 -14.94 11.43 54.15
N SER B 62 -13.98 10.90 54.91
CA SER B 62 -14.25 9.78 55.80
C SER B 62 -15.52 10.00 56.62
N ILE B 63 -16.18 8.89 56.97
CA ILE B 63 -17.41 8.90 57.75
C ILE B 63 -17.20 8.12 59.03
N TYR B 64 -17.92 8.55 60.06
CA TYR B 64 -17.83 7.93 61.37
C TYR B 64 -19.21 7.56 61.90
N ALA B 65 -19.23 6.74 62.94
CA ALA B 65 -20.51 6.43 63.57
C ALA B 65 -21.07 7.68 64.31
N GLN B 66 -22.15 7.56 65.08
CA GLN B 66 -22.74 8.78 65.66
C GLN B 66 -22.04 9.28 66.96
N LYS B 67 -22.06 8.47 67.99
CA LYS B 67 -21.42 8.87 69.24
C LYS B 67 -19.96 8.45 69.25
N PHE B 68 -19.29 8.75 68.14
CA PHE B 68 -17.85 8.57 67.99
C PHE B 68 -17.21 9.76 67.30
N GLN B 69 -17.98 10.80 66.93
CA GLN B 69 -17.48 11.80 65.97
C GLN B 69 -16.49 12.74 66.57
N GLY B 70 -16.27 12.54 67.82
CA GLY B 70 -15.37 13.46 68.44
C GLY B 70 -14.19 12.81 69.14
N ARG B 71 -13.98 11.55 68.78
CA ARG B 71 -12.95 10.73 69.36
C ARG B 71 -12.10 10.00 68.34
N VAL B 72 -12.51 9.86 67.08
CA VAL B 72 -11.77 9.07 66.11
C VAL B 72 -11.26 9.97 64.98
N THR B 73 -10.02 9.71 64.54
CA THR B 73 -9.41 10.43 63.44
C THR B 73 -8.55 9.46 62.64
N LEU B 74 -8.87 9.30 61.37
CA LEU B 74 -8.21 8.33 60.50
C LEU B 74 -7.16 9.05 59.67
N THR B 75 -5.94 8.53 59.67
CA THR B 75 -4.84 9.07 58.89
C THR B 75 -4.28 7.97 57.98
N GLU B 76 -3.28 8.35 57.17
CA GLU B 76 -2.79 7.45 56.13
C GLU B 76 -1.34 7.83 55.80
N ASP B 77 -0.61 6.86 55.26
CA ASP B 77 0.79 7.07 54.86
C ASP B 77 1.07 6.16 53.67
N THR B 78 1.10 6.74 52.46
CA THR B 78 1.24 5.93 51.25
C THR B 78 2.61 5.28 51.15
N SER B 79 3.62 5.86 51.79
CA SER B 79 4.95 5.27 51.75
C SER B 79 4.97 3.94 52.49
N THR B 80 4.42 3.89 53.70
CA THR B 80 4.39 2.68 54.49
C THR B 80 3.23 1.76 54.11
N ASP B 81 2.38 2.16 53.18
CA ASP B 81 1.26 1.34 52.73
C ASP B 81 0.38 0.92 53.90
N SER B 82 -0.02 1.89 54.72
CA SER B 82 -0.78 1.55 55.91
C SER B 82 -1.72 2.69 56.29
N VAL B 83 -2.65 2.37 57.18
CA VAL B 83 -3.66 3.29 57.69
C VAL B 83 -3.53 3.37 59.20
N TYR B 84 -3.93 4.49 59.77
CA TYR B 84 -3.87 4.70 61.21
C TYR B 84 -5.21 5.23 61.71
N MET B 85 -5.66 4.73 62.87
CA MET B 85 -6.89 5.16 63.52
C MET B 85 -6.58 5.48 64.97
N GLU B 86 -6.91 6.71 65.38
CA GLU B 86 -6.59 7.22 66.71
C GLU B 86 -7.88 7.44 67.49
N LEU B 87 -7.88 7.03 68.76
CA LEU B 87 -9.01 7.19 69.65
C LEU B 87 -8.58 8.06 70.82
N SER B 88 -9.29 9.15 71.06
CA SER B 88 -8.98 10.06 72.15
C SER B 88 -10.02 9.98 73.26
N ASN B 89 -9.65 10.49 74.42
CA ASN B 89 -10.50 10.46 75.61
C ASN B 89 -10.97 9.03 75.89
N LEU B 90 -9.99 8.14 76.05
CA LEU B 90 -10.25 6.72 76.24
C LEU B 90 -10.98 6.46 77.54
N ARG B 91 -12.21 5.95 77.43
CA ARG B 91 -12.99 5.55 78.60
C ARG B 91 -12.67 4.11 78.98
N SER B 92 -13.15 3.72 80.17
CA SER B 92 -12.88 2.36 80.65
C SER B 92 -13.60 1.32 79.80
N ASP B 93 -14.78 1.64 79.29
CA ASP B 93 -15.55 0.69 78.48
C ASP B 93 -15.09 0.62 77.04
N ASP B 94 -14.08 1.41 76.65
CA ASP B 94 -13.51 1.33 75.32
C ASP B 94 -12.51 0.18 75.18
N THR B 95 -12.37 -0.65 76.23
CA THR B 95 -11.52 -1.82 76.15
C THR B 95 -12.15 -2.85 75.20
N ALA B 96 -11.45 -3.15 74.11
CA ALA B 96 -11.98 -4.08 73.11
C ALA B 96 -10.87 -4.41 72.13
N VAL B 97 -11.23 -5.18 71.12
CA VAL B 97 -10.34 -5.55 70.02
C VAL B 97 -10.79 -4.80 68.79
N TYR B 98 -9.84 -4.12 68.13
CA TYR B 98 -10.13 -3.23 67.01
C TYR B 98 -9.62 -3.85 65.72
N PHE B 99 -10.47 -3.88 64.70
CA PHE B 99 -10.16 -4.47 63.41
C PHE B 99 -10.19 -3.39 62.32
N CYS B 100 -9.38 -3.62 61.29
CA CYS B 100 -9.46 -2.86 60.05
C CYS B 100 -9.87 -3.81 58.94
N ALA B 101 -10.87 -3.43 58.16
CA ALA B 101 -11.38 -4.28 57.09
C ALA B 101 -11.84 -3.40 55.94
N THR B 102 -11.81 -3.96 54.73
CA THR B 102 -12.26 -3.26 53.53
C THR B 102 -13.15 -4.19 52.72
N ASP B 103 -13.91 -3.61 51.79
CA ASP B 103 -14.75 -4.41 50.90
C ASP B 103 -13.97 -4.95 49.71
N PHE B 104 -12.92 -4.24 49.29
CA PHE B 104 -12.10 -4.65 48.16
C PHE B 104 -12.95 -4.77 46.90
N GLY B 105 -13.41 -3.63 46.44
CA GLY B 105 -14.12 -3.58 45.18
C GLY B 105 -15.43 -2.86 45.32
N GLY B 106 -15.68 -2.34 46.52
CA GLY B 106 -16.93 -1.66 46.81
C GLY B 106 -16.77 -0.18 46.74
N SER B 107 -17.73 0.49 46.09
CA SER B 107 -17.80 1.94 46.10
C SER B 107 -18.69 2.39 47.24
N TYR B 108 -19.97 2.01 47.19
CA TYR B 108 -20.91 2.31 48.26
C TYR B 108 -21.33 1.03 48.97
N PHE B 109 -20.47 0.02 48.93
CA PHE B 109 -20.75 -1.27 49.51
C PHE B 109 -19.83 -1.53 50.69
N TYR B 110 -20.31 -2.35 51.63
CA TYR B 110 -19.58 -2.62 52.86
C TYR B 110 -19.58 -4.11 53.19
N ALA B 111 -19.55 -4.97 52.18
CA ALA B 111 -19.41 -6.41 52.37
C ALA B 111 -17.92 -6.68 52.57
N PHE B 112 -17.43 -6.33 53.76
CA PHE B 112 -16.00 -6.42 54.07
C PHE B 112 -15.41 -7.77 53.68
N ASP B 113 -14.19 -7.71 53.11
CA ASP B 113 -13.53 -8.90 52.61
C ASP B 113 -12.23 -9.25 53.29
N ILE B 114 -11.35 -8.28 53.47
CA ILE B 114 -10.00 -8.49 53.97
C ILE B 114 -9.97 -7.86 55.34
N TRP B 115 -9.75 -8.68 56.35
CA TRP B 115 -9.72 -8.25 57.74
C TRP B 115 -8.33 -8.46 58.27
N GLY B 116 -8.00 -7.68 59.30
CA GLY B 116 -6.76 -7.86 60.01
C GLY B 116 -6.94 -8.86 61.12
N GLN B 117 -5.86 -9.11 61.82
CA GLN B 117 -5.93 -10.09 62.90
C GLN B 117 -6.47 -9.48 64.18
N GLY B 118 -6.62 -8.16 64.23
CA GLY B 118 -7.13 -7.48 65.41
C GLY B 118 -6.02 -6.91 66.27
N THR B 119 -6.41 -6.03 67.18
CA THR B 119 -5.49 -5.41 68.12
C THR B 119 -6.16 -5.32 69.48
N MET B 120 -5.60 -5.97 70.49
CA MET B 120 -6.15 -5.92 71.83
C MET B 120 -5.73 -4.60 72.48
N VAL B 121 -6.71 -3.81 72.92
CA VAL B 121 -6.47 -2.55 73.61
C VAL B 121 -7.13 -2.63 74.98
N THR B 122 -6.35 -2.41 76.03
CA THR B 122 -6.82 -2.45 77.41
C THR B 122 -6.61 -1.08 78.04
N VAL B 123 -7.61 -0.61 78.78
CA VAL B 123 -7.55 0.71 79.39
C VAL B 123 -7.27 0.57 80.88
N GLN B 141 -28.69 -0.19 72.38
CA GLN B 141 -28.19 -1.38 71.70
C GLN B 141 -28.04 -1.05 70.21
N SER B 142 -28.56 -1.90 69.34
CA SER B 142 -28.34 -1.74 67.90
C SER B 142 -29.65 -1.64 67.13
N VAL B 143 -29.55 -1.09 65.92
CA VAL B 143 -30.72 -0.90 65.06
C VAL B 143 -31.22 -2.24 64.53
N LEU B 144 -30.29 -3.11 64.12
CA LEU B 144 -30.65 -4.45 63.65
C LEU B 144 -30.77 -5.36 64.85
N THR B 145 -31.82 -6.19 64.83
CA THR B 145 -32.14 -7.06 65.95
C THR B 145 -32.11 -8.51 65.49
N GLN B 146 -31.26 -9.31 66.14
CA GLN B 146 -31.14 -10.74 65.86
C GLN B 146 -31.67 -11.55 67.05
N SER B 147 -31.94 -12.82 66.80
CA SER B 147 -32.32 -13.72 67.87
C SER B 147 -31.19 -13.79 68.91
N PRO B 148 -31.52 -13.87 70.21
CA PRO B 148 -30.44 -13.84 71.22
C PRO B 148 -29.47 -15.00 71.12
N SER B 149 -29.93 -16.17 70.66
CA SER B 149 -29.08 -17.34 70.57
C SER B 149 -29.81 -18.42 69.79
N ALA B 150 -29.05 -19.36 69.26
CA ALA B 150 -29.59 -20.52 68.55
C ALA B 150 -28.78 -21.75 68.94
N SER B 151 -29.33 -22.92 68.60
CA SER B 151 -28.69 -24.19 68.91
C SER B 151 -29.23 -25.23 67.93
N GLY B 152 -28.34 -26.08 67.43
CA GLY B 152 -28.75 -27.13 66.51
C GLY B 152 -27.85 -28.35 66.65
N THR B 153 -28.26 -29.41 65.97
CA THR B 153 -27.55 -30.69 66.01
C THR B 153 -27.08 -31.08 64.62
N PRO B 154 -25.97 -31.83 64.52
CA PRO B 154 -25.43 -32.19 63.21
C PRO B 154 -26.46 -32.75 62.24
N GLY B 155 -26.64 -32.06 61.11
CA GLY B 155 -27.42 -32.56 60.00
C GLY B 155 -28.79 -31.95 59.81
N GLN B 156 -29.13 -30.88 60.51
CA GLN B 156 -30.45 -30.27 60.41
C GLN B 156 -30.32 -28.89 59.84
N ARG B 157 -31.47 -28.33 59.45
CA ARG B 157 -31.55 -26.96 58.96
C ARG B 157 -31.74 -26.01 60.13
N VAL B 158 -30.96 -24.93 60.15
CA VAL B 158 -31.10 -23.86 61.12
C VAL B 158 -31.30 -22.55 60.37
N THR B 159 -32.00 -21.61 61.00
CA THR B 159 -32.33 -20.34 60.35
C THR B 159 -32.15 -19.19 61.33
N ILE B 160 -31.06 -18.46 61.17
CA ILE B 160 -30.82 -17.24 61.92
C ILE B 160 -31.47 -16.09 61.16
N SER B 161 -32.21 -15.24 61.87
CA SER B 161 -32.96 -14.17 61.23
C SER B 161 -32.44 -12.81 61.66
N CYS B 162 -32.58 -11.84 60.78
CA CYS B 162 -32.19 -10.45 61.01
C CYS B 162 -33.42 -9.59 60.72
N SER B 163 -33.72 -8.65 61.62
CA SER B 163 -34.91 -7.82 61.47
C SER B 163 -34.59 -6.38 61.83
N GLY B 164 -34.94 -5.47 60.93
CA GLY B 164 -34.71 -4.05 61.16
C GLY B 164 -35.72 -3.22 60.41
N SER B 165 -35.59 -1.90 60.53
CA SER B 165 -36.49 -0.96 59.87
C SER B 165 -36.24 -0.96 58.37
N SER B 166 -37.14 -0.30 57.63
CA SER B 166 -37.05 -0.26 56.18
C SER B 166 -35.98 0.71 55.70
N SER B 167 -35.38 1.49 56.59
CA SER B 167 -34.35 2.45 56.20
C SER B 167 -32.94 1.85 56.23
N ASN B 168 -32.78 0.65 56.78
CA ASN B 168 -31.48 -0.02 56.79
C ASN B 168 -31.49 -1.33 56.01
N ILE B 169 -32.44 -2.21 56.31
CA ILE B 169 -32.54 -3.48 55.57
C ILE B 169 -33.53 -3.39 54.41
N GLY B 170 -34.51 -2.50 54.48
CA GLY B 170 -35.54 -2.48 53.47
C GLY B 170 -35.03 -2.11 52.10
N ARG B 171 -34.20 -1.07 52.03
CA ARG B 171 -33.79 -0.50 50.75
C ARG B 171 -32.29 -0.63 50.49
N ASN B 172 -31.60 -1.50 51.22
CA ASN B 172 -30.17 -1.66 51.06
C ASN B 172 -29.83 -3.16 51.17
N PRO B 173 -28.67 -3.54 50.65
CA PRO B 173 -28.29 -4.97 50.73
C PRO B 173 -27.82 -5.35 52.13
N VAL B 174 -27.88 -6.66 52.38
CA VAL B 174 -27.55 -7.23 53.69
C VAL B 174 -26.36 -8.17 53.54
N ASN B 175 -25.54 -8.24 54.58
CA ASN B 175 -24.37 -9.11 54.60
C ASN B 175 -24.43 -9.98 55.85
N TRP B 176 -23.58 -11.01 55.86
CA TRP B 176 -23.50 -11.94 56.97
C TRP B 176 -22.04 -12.23 57.27
N PHE B 177 -21.77 -12.51 58.54
CA PHE B 177 -20.41 -12.70 59.03
C PHE B 177 -20.32 -13.89 59.96
N GLN B 178 -19.21 -14.63 59.85
CA GLN B 178 -18.91 -15.76 60.73
C GLN B 178 -17.68 -15.36 61.54
N HIS B 179 -17.91 -14.89 62.77
CA HIS B 179 -16.83 -14.43 63.64
C HIS B 179 -16.54 -15.49 64.71
N LEU B 180 -15.33 -16.06 64.67
CA LEU B 180 -14.92 -17.01 65.68
C LEU B 180 -14.05 -16.27 66.69
N PRO B 181 -14.50 -16.06 67.91
CA PRO B 181 -13.67 -15.33 68.88
C PRO B 181 -12.27 -15.92 68.95
N GLY B 182 -11.27 -15.04 68.89
CA GLY B 182 -9.89 -15.46 68.77
C GLY B 182 -9.33 -15.12 67.41
N THR B 183 -10.14 -15.30 66.38
CA THR B 183 -9.80 -14.93 65.02
C THR B 183 -10.72 -13.79 64.57
N ALA B 184 -10.42 -13.24 63.35
CA ALA B 184 -11.19 -12.14 62.80
C ALA B 184 -12.41 -12.65 62.04
N PRO B 185 -13.48 -11.86 61.97
CA PRO B 185 -14.65 -12.28 61.19
C PRO B 185 -14.29 -12.49 59.73
N GLN B 186 -15.18 -13.19 59.03
CA GLN B 186 -15.01 -13.43 57.61
C GLN B 186 -16.35 -13.25 56.90
N LEU B 187 -16.28 -12.72 55.68
CA LEU B 187 -17.48 -12.49 54.88
C LEU B 187 -18.11 -13.81 54.50
N LEU B 188 -19.41 -13.93 54.76
CA LEU B 188 -20.17 -15.16 54.53
C LEU B 188 -21.17 -14.99 53.41
N ILE B 189 -21.92 -13.89 53.40
CA ILE B 189 -22.90 -13.60 52.35
C ILE B 189 -22.93 -12.09 52.12
N TYR B 190 -23.09 -11.70 50.86
CA TYR B 190 -23.23 -10.30 50.46
C TYR B 190 -24.32 -10.18 49.40
N SER B 191 -24.92 -8.98 49.32
CA SER B 191 -26.02 -8.66 48.40
C SER B 191 -27.25 -9.53 48.64
N ASN B 192 -27.38 -10.03 49.86
CA ASN B 192 -28.56 -10.74 50.36
C ASN B 192 -28.70 -12.13 49.77
N ASP B 193 -27.94 -12.45 48.72
CA ASP B 193 -28.10 -13.74 48.04
C ASP B 193 -26.79 -14.41 47.67
N GLN B 194 -25.69 -13.66 47.53
CA GLN B 194 -24.47 -14.17 46.90
C GLN B 194 -23.47 -14.62 47.95
N ARG B 195 -22.79 -15.76 47.66
CA ARG B 195 -21.76 -16.28 48.57
C ARG B 195 -20.38 -16.21 47.92
N PRO B 196 -19.33 -15.99 48.69
CA PRO B 196 -17.98 -15.97 48.12
C PRO B 196 -17.52 -17.33 47.64
N SER B 197 -16.26 -17.42 47.21
CA SER B 197 -15.72 -18.67 46.69
C SER B 197 -15.55 -19.71 47.78
N GLY B 198 -14.81 -19.37 48.83
CA GLY B 198 -14.47 -20.35 49.86
C GLY B 198 -15.62 -20.73 50.77
N VAL B 199 -16.71 -19.97 50.75
CA VAL B 199 -17.85 -20.29 51.62
C VAL B 199 -18.48 -21.59 51.15
N PRO B 200 -18.81 -22.52 52.05
CA PRO B 200 -19.47 -23.77 51.64
C PRO B 200 -20.81 -23.54 50.97
N ASP B 201 -21.23 -24.53 50.18
CA ASP B 201 -22.50 -24.46 49.47
C ASP B 201 -23.70 -24.54 50.40
N ARG B 202 -23.53 -25.06 51.62
CA ARG B 202 -24.64 -25.21 52.55
C ARG B 202 -25.13 -23.88 53.11
N PHE B 203 -24.34 -22.82 52.98
CA PHE B 203 -24.78 -21.50 53.40
C PHE B 203 -25.58 -20.83 52.29
N SER B 204 -26.53 -20.00 52.70
CA SER B 204 -27.38 -19.31 51.74
C SER B 204 -28.16 -18.24 52.47
N GLY B 205 -28.43 -17.14 51.76
CA GLY B 205 -29.12 -16.01 52.34
C GLY B 205 -30.33 -15.64 51.53
N SER B 206 -31.21 -14.85 52.16
CA SER B 206 -32.44 -14.37 51.55
C SER B 206 -32.85 -13.09 52.25
N LYS B 207 -33.63 -12.27 51.55
CA LYS B 207 -34.14 -11.03 52.10
C LYS B 207 -35.52 -10.77 51.51
N SER B 208 -36.43 -10.25 52.33
CA SER B 208 -37.78 -9.93 51.88
C SER B 208 -38.38 -8.90 52.83
N GLY B 209 -38.88 -7.81 52.26
CA GLY B 209 -39.48 -6.78 53.08
C GLY B 209 -38.49 -6.15 54.04
N THR B 210 -38.66 -6.41 55.33
CA THR B 210 -37.83 -5.78 56.37
C THR B 210 -37.09 -6.82 57.21
N SER B 211 -36.79 -7.98 56.63
CA SER B 211 -36.10 -9.01 57.40
C SER B 211 -35.30 -9.91 56.47
N ALA B 212 -34.06 -10.19 56.84
CA ALA B 212 -33.20 -11.13 56.16
C ALA B 212 -33.04 -12.38 57.02
N SER B 213 -32.51 -13.44 56.42
CA SER B 213 -32.38 -14.70 57.14
C SER B 213 -31.27 -15.53 56.52
N LEU B 214 -30.35 -16.01 57.35
CA LEU B 214 -29.31 -16.94 56.93
C LEU B 214 -29.75 -18.37 57.19
N ALA B 215 -29.28 -19.28 56.34
CA ALA B 215 -29.68 -20.69 56.40
C ALA B 215 -28.46 -21.57 56.24
N ILE B 216 -28.30 -22.53 57.15
CA ILE B 216 -27.19 -23.49 57.11
C ILE B 216 -27.81 -24.87 56.93
N SER B 217 -27.75 -25.40 55.71
CA SER B 217 -28.34 -26.70 55.40
C SER B 217 -27.33 -27.78 55.77
N GLY B 218 -27.59 -28.49 56.86
CA GLY B 218 -26.70 -29.58 57.27
C GLY B 218 -25.63 -29.16 58.26
N LEU B 219 -26.07 -28.64 59.41
CA LEU B 219 -25.14 -28.15 60.43
C LEU B 219 -24.01 -29.11 60.77
N GLN B 220 -22.80 -28.73 60.44
CA GLN B 220 -21.64 -29.56 60.71
C GLN B 220 -20.91 -28.96 61.93
N SER B 221 -19.68 -29.42 62.18
CA SER B 221 -18.99 -29.05 63.42
C SER B 221 -18.32 -27.68 63.34
N GLU B 222 -18.10 -27.14 62.15
CA GLU B 222 -17.41 -25.87 62.02
C GLU B 222 -18.38 -24.69 62.11
N ASP B 223 -19.38 -24.80 62.97
CA ASP B 223 -20.35 -23.69 63.14
C ASP B 223 -20.10 -23.05 64.50
N GLU B 224 -18.91 -23.23 65.07
CA GLU B 224 -18.56 -22.69 66.40
C GLU B 224 -18.18 -21.22 66.19
N ALA B 225 -19.17 -20.34 66.02
CA ALA B 225 -18.97 -18.89 65.78
C ALA B 225 -20.22 -18.11 66.14
N ASP B 226 -20.08 -16.79 66.25
CA ASP B 226 -21.19 -15.83 66.51
C ASP B 226 -21.46 -15.19 65.15
N TYR B 227 -22.73 -15.08 64.76
CA TYR B 227 -23.16 -14.62 63.44
C TYR B 227 -23.84 -13.27 63.57
N TYR B 228 -23.47 -12.35 62.69
CA TYR B 228 -24.02 -11.00 62.68
C TYR B 228 -24.53 -10.65 61.28
N CYS B 229 -25.51 -9.76 61.24
CA CYS B 229 -25.98 -9.17 59.99
C CYS B 229 -25.58 -7.71 59.95
N GLU B 230 -25.29 -7.25 58.73
CA GLU B 230 -24.85 -5.88 58.48
C GLU B 230 -25.59 -5.31 57.28
N ALA B 231 -25.92 -4.02 57.36
CA ALA B 231 -26.56 -3.30 56.27
C ALA B 231 -26.24 -1.82 56.42
N TRP B 232 -26.59 -1.06 55.39
CA TRP B 232 -26.40 0.37 55.37
C TRP B 232 -27.73 1.06 55.69
N ASP B 233 -27.70 1.97 56.67
CA ASP B 233 -28.88 2.70 57.10
C ASP B 233 -28.92 4.05 56.39
N ASP B 234 -29.99 4.30 55.63
CA ASP B 234 -30.09 5.56 54.89
C ASP B 234 -30.26 6.74 55.83
N SER B 235 -31.01 6.55 56.93
CA SER B 235 -31.27 7.64 57.86
C SER B 235 -30.03 7.97 58.70
N LEU B 236 -29.21 6.97 59.00
CA LEU B 236 -28.03 7.19 59.82
C LEU B 236 -26.77 7.50 59.02
N ASN B 237 -26.75 7.16 57.73
CA ASN B 237 -25.56 7.32 56.89
C ASN B 237 -24.36 6.64 57.53
N GLY B 238 -24.52 5.35 57.79
CA GLY B 238 -23.44 4.58 58.38
C GLY B 238 -23.77 3.11 58.34
N VAL B 239 -22.75 2.30 58.63
CA VAL B 239 -22.89 0.85 58.67
C VAL B 239 -23.36 0.44 60.07
N VAL B 240 -24.38 -0.43 60.11
CA VAL B 240 -24.95 -0.89 61.36
C VAL B 240 -24.83 -2.42 61.44
N PHE B 241 -24.57 -2.92 62.63
CA PHE B 241 -24.50 -4.36 62.88
C PHE B 241 -25.67 -4.80 63.75
N GLY B 242 -25.91 -6.09 63.73
CA GLY B 242 -26.91 -6.67 64.60
C GLY B 242 -26.35 -7.06 65.96
N GLY B 243 -27.25 -7.40 66.87
CA GLY B 243 -26.84 -7.79 68.20
C GLY B 243 -25.87 -8.95 68.18
N GLY B 244 -26.30 -10.07 67.64
CA GLY B 244 -25.47 -11.26 67.57
C GLY B 244 -26.29 -12.53 67.71
N THR B 245 -25.66 -13.64 67.35
CA THR B 245 -26.31 -14.95 67.40
C THR B 245 -25.22 -16.01 67.44
N LYS B 246 -25.31 -16.92 68.41
CA LYS B 246 -24.30 -17.96 68.58
C LYS B 246 -24.97 -19.33 68.48
N LEU B 247 -24.45 -20.17 67.60
CA LEU B 247 -24.96 -21.52 67.40
C LEU B 247 -24.08 -22.55 68.12
N THR B 248 -24.65 -23.72 68.35
CA THR B 248 -23.95 -24.80 69.03
C THR B 248 -24.47 -26.16 68.59
N ASN C 6 26.49 16.54 40.62
CA ASN C 6 26.57 16.23 39.19
C ASN C 6 25.94 17.33 38.31
N CYS C 7 25.59 18.48 38.93
CA CYS C 7 25.07 19.61 38.16
C CYS C 7 26.26 20.36 37.60
N ASN C 8 27.19 19.65 36.98
CA ASN C 8 28.37 20.26 36.38
C ASN C 8 28.49 20.00 34.88
N TYR C 9 28.47 18.75 34.46
CA TYR C 9 28.54 18.40 33.06
C TYR C 9 27.90 17.03 32.92
N LYS C 10 27.67 16.63 31.68
CA LYS C 10 26.94 15.40 31.39
C LYS C 10 27.87 14.39 30.73
N ARG C 11 27.86 13.16 31.23
CA ARG C 11 28.60 12.09 30.57
C ARG C 11 28.14 11.99 29.12
N LYS C 12 29.09 11.68 28.23
CA LYS C 12 28.79 11.66 26.81
C LYS C 12 27.71 10.62 26.53
N ARG C 13 27.00 10.83 25.42
CA ARG C 13 25.92 9.93 25.07
C ARG C 13 26.46 8.52 24.84
N ARG C 14 25.75 7.53 25.37
CA ARG C 14 26.05 6.12 25.22
C ARG C 14 27.36 5.74 25.90
N GLU C 15 27.94 6.62 26.71
CA GLU C 15 29.11 6.26 27.52
C GLU C 15 28.74 5.23 28.57
N ARG C 16 27.54 5.36 29.14
CA ARG C 16 26.97 4.38 30.06
C ARG C 16 25.61 3.95 29.53
N ASP C 17 25.31 2.66 29.61
CA ASP C 17 24.09 2.12 29.02
C ASP C 17 22.95 2.21 30.04
N TRP C 18 21.81 1.57 29.73
CA TRP C 18 20.70 1.55 30.67
C TRP C 18 21.01 0.60 31.82
N ASP C 19 20.78 1.05 33.05
CA ASP C 19 21.13 0.27 34.24
C ASP C 19 19.92 -0.56 34.65
N CYS C 20 19.99 -1.85 34.37
CA CYS C 20 18.91 -2.77 34.70
C CYS C 20 19.20 -3.57 35.97
N ASN C 21 20.29 -3.28 36.68
CA ASN C 21 20.69 -4.08 37.83
C ASN C 21 20.38 -3.43 39.16
N THR C 22 20.52 -2.12 39.26
CA THR C 22 20.24 -1.46 40.53
C THR C 22 18.83 -1.78 41.01
N LYS C 23 17.83 -1.38 40.23
CA LYS C 23 16.44 -1.80 40.44
C LYS C 23 16.13 -2.85 39.38
N LYS C 24 15.79 -4.07 39.82
CA LYS C 24 15.68 -5.17 38.89
C LYS C 24 14.47 -5.06 37.97
N ASP C 25 13.42 -4.37 38.41
CA ASP C 25 12.17 -4.33 37.65
C ASP C 25 12.16 -3.29 36.54
N VAL C 26 13.25 -2.54 36.35
CA VAL C 26 13.27 -1.49 35.34
C VAL C 26 14.72 -1.17 35.00
N CYS C 27 14.95 -0.74 33.77
CA CYS C 27 16.24 -0.20 33.35
C CYS C 27 16.18 1.31 33.45
N ILE C 28 17.25 1.89 34.01
CA ILE C 28 17.31 3.32 34.30
C ILE C 28 18.36 3.95 33.38
N PRO C 29 18.03 5.07 32.71
CA PRO C 29 19.00 5.68 31.80
C PRO C 29 20.00 6.57 32.52
N ASP C 30 21.16 6.75 31.88
CA ASP C 30 22.23 7.55 32.49
C ASP C 30 21.80 8.98 32.73
N ARG C 31 20.95 9.52 31.84
CA ARG C 31 20.47 10.89 32.02
C ARG C 31 19.64 11.03 33.28
N ARG C 32 18.85 10.00 33.63
CA ARG C 32 17.97 10.08 34.79
C ARG C 32 18.77 10.29 36.06
N TYR C 33 19.87 9.57 36.21
CA TYR C 33 20.70 9.71 37.39
C TYR C 33 21.28 11.11 37.46
N GLN C 34 21.74 11.61 36.32
CA GLN C 34 22.42 12.90 36.30
C GLN C 34 21.47 14.07 36.44
N LEU C 35 20.16 13.83 36.44
CA LEU C 35 19.20 14.92 36.55
C LEU C 35 19.55 15.85 37.69
N CYS C 36 19.61 17.14 37.39
CA CYS C 36 20.11 18.12 38.35
C CYS C 36 19.05 18.37 39.41
N MET C 37 19.39 18.08 40.66
CA MET C 37 18.51 18.26 41.80
C MET C 37 19.24 19.01 42.92
N LYS C 38 20.14 19.92 42.54
CA LYS C 38 20.96 20.64 43.51
C LYS C 38 20.07 21.35 44.52
N GLU C 39 19.29 22.32 44.05
CA GLU C 39 18.45 23.11 44.94
C GLU C 39 17.25 22.32 45.45
N LEU C 40 16.77 21.35 44.66
CA LEU C 40 15.63 20.54 45.09
C LEU C 40 15.96 19.68 46.29
N THR C 41 17.23 19.42 46.53
CA THR C 41 17.63 18.64 47.70
C THR C 41 17.87 19.53 48.91
N ASN C 42 18.46 20.71 48.72
CA ASN C 42 18.81 21.59 49.84
C ASN C 42 17.58 22.40 50.23
N LEU C 43 16.47 21.71 50.48
CA LEU C 43 15.22 22.37 50.85
C LEU C 43 14.92 22.30 52.32
N VAL C 44 15.33 21.20 52.95
CA VAL C 44 15.07 21.05 54.37
C VAL C 44 16.19 21.68 55.19
N ASN C 45 17.44 21.60 54.71
CA ASN C 45 18.64 22.06 55.43
C ASN C 45 19.78 22.23 54.43
N ASP C 48 16.13 25.91 55.19
CA ASP C 48 14.71 25.62 55.26
C ASP C 48 13.87 26.90 55.21
N THR C 49 12.59 26.78 54.87
CA THR C 49 11.69 27.91 54.82
C THR C 49 10.49 27.69 55.74
N ASN C 50 9.84 28.81 56.10
CA ASN C 50 8.66 28.81 56.96
C ASN C 50 8.93 27.95 58.21
N ASP C 54 2.51 28.57 55.03
CA ASP C 54 2.14 27.33 54.36
C ASP C 54 1.92 27.57 52.87
N ILE C 55 1.16 28.61 52.56
CA ILE C 55 0.87 28.93 51.16
C ILE C 55 2.14 29.29 50.43
N THR C 56 3.09 29.95 51.12
CA THR C 56 4.33 30.37 50.46
C THR C 56 5.29 29.22 50.25
N PHE C 57 5.40 28.30 51.24
CA PHE C 57 6.32 27.17 51.11
C PHE C 57 5.98 26.35 49.88
N ARG C 58 4.71 25.93 49.76
CA ARG C 58 4.27 25.14 48.62
C ARG C 58 4.47 25.91 47.33
N LYS C 59 4.08 27.16 47.31
CA LYS C 59 4.02 27.94 46.10
C LYS C 59 4.95 29.14 46.26
N LEU C 60 5.80 29.35 45.27
CA LEU C 60 6.80 30.40 45.19
C LEU C 60 8.05 30.09 45.99
N TYR C 61 8.05 29.11 46.89
CA TYR C 61 9.33 28.66 47.42
C TYR C 61 9.79 27.41 46.67
N LEU C 62 8.97 26.36 46.65
CA LEU C 62 9.32 25.15 45.92
C LEU C 62 9.48 25.40 44.43
N LYS C 63 8.69 26.34 43.87
CA LYS C 63 8.77 26.60 42.44
C LYS C 63 10.13 27.22 42.08
N ARG C 64 10.58 28.20 42.86
CA ARG C 64 11.87 28.82 42.57
C ARG C 64 13.00 27.79 42.58
N LYS C 65 13.04 26.96 43.63
CA LYS C 65 14.09 25.95 43.74
C LYS C 65 14.09 25.01 42.55
N LEU C 66 12.90 24.59 42.09
CA LEU C 66 12.82 23.70 40.94
C LEU C 66 13.21 24.43 39.66
N ILE C 67 12.92 25.72 39.58
CA ILE C 67 13.30 26.47 38.40
C ILE C 67 14.82 26.56 38.29
N TYR C 68 15.49 26.83 39.41
CA TYR C 68 16.95 26.94 39.38
C TYR C 68 17.59 25.63 38.94
N ASP C 69 17.00 24.49 39.30
CA ASP C 69 17.52 23.19 38.90
C ASP C 69 17.20 22.89 37.44
N ALA C 70 15.99 23.23 36.98
CA ALA C 70 15.62 22.96 35.60
C ALA C 70 16.45 23.80 34.63
N ALA C 71 16.72 25.06 34.97
CA ALA C 71 17.53 25.90 34.10
C ALA C 71 18.90 25.30 33.89
N VAL C 72 19.48 24.72 34.94
CA VAL C 72 20.78 24.07 34.82
C VAL C 72 20.68 22.84 33.93
N GLU C 73 19.71 21.96 34.21
CA GLU C 73 19.52 20.76 33.41
C GLU C 73 19.36 21.16 31.94
N GLY C 74 18.53 22.15 31.67
CA GLY C 74 18.35 22.62 30.30
C GLY C 74 19.60 23.21 29.71
N ASP C 75 20.54 23.65 30.54
CA ASP C 75 21.77 24.23 30.02
C ASP C 75 22.78 23.15 29.66
N LEU C 76 22.99 22.19 30.56
CA LEU C 76 23.95 21.13 30.30
C LEU C 76 23.50 20.21 29.16
N LEU C 77 22.17 20.08 28.95
CA LEU C 77 21.70 19.27 27.83
C LEU C 77 22.04 19.93 26.49
N LEU C 78 21.96 21.27 26.44
CA LEU C 78 22.41 21.97 25.24
C LEU C 78 23.90 21.78 25.02
N LYS C 79 24.68 21.79 26.11
CA LYS C 79 26.12 21.54 26.01
C LYS C 79 26.40 20.08 25.65
N LEU C 80 25.62 19.15 26.20
CA LEU C 80 25.77 17.74 25.85
C LEU C 80 25.57 17.52 24.37
N ASN C 81 24.63 18.26 23.78
CA ASN C 81 24.32 18.17 22.36
C ASN C 81 25.18 19.12 21.53
N ASN C 82 26.36 19.49 22.04
CA ASN C 82 27.29 20.35 21.30
C ASN C 82 26.64 21.67 20.90
N TYR C 83 25.86 22.24 21.82
CA TYR C 83 25.20 23.54 21.61
C TYR C 83 24.36 23.55 20.35
N ARG C 84 23.91 22.40 19.86
CA ARG C 84 23.04 22.34 18.69
C ARG C 84 21.59 22.49 19.14
N TYR C 85 20.88 23.42 18.50
CA TYR C 85 19.47 23.68 18.79
C TYR C 85 18.62 22.92 17.78
N ASN C 86 18.47 21.62 18.02
CA ASN C 86 17.75 20.76 17.08
C ASN C 86 16.72 19.91 17.80
N LYS C 87 16.12 18.95 17.09
CA LYS C 87 15.07 18.15 17.70
C LYS C 87 15.66 17.20 18.74
N ASP C 88 16.86 16.66 18.49
CA ASP C 88 17.50 15.78 19.46
C ASP C 88 17.60 16.44 20.82
N PHE C 89 17.86 17.75 20.84
CA PHE C 89 17.91 18.47 22.11
C PHE C 89 16.51 18.67 22.67
N CYS C 90 15.55 19.01 21.81
CA CYS C 90 14.18 19.25 22.30
C CYS C 90 13.62 18.03 23.01
N LYS C 91 13.92 16.83 22.49
CA LYS C 91 13.40 15.62 23.13
C LYS C 91 14.09 15.34 24.45
N ASP C 92 15.39 15.68 24.58
CA ASP C 92 16.06 15.58 25.87
C ASP C 92 15.37 16.46 26.91
N ILE C 93 14.88 17.61 26.48
CA ILE C 93 14.10 18.46 27.38
C ILE C 93 12.85 17.75 27.83
N ARG C 94 12.09 17.18 26.89
CA ARG C 94 10.84 16.51 27.21
C ARG C 94 11.06 15.35 28.18
N TRP C 95 12.12 14.56 27.97
CA TRP C 95 12.37 13.42 28.84
C TRP C 95 12.66 13.89 30.26
N SER C 96 13.46 14.95 30.41
CA SER C 96 13.83 15.42 31.74
C SER C 96 12.70 16.22 32.40
N LEU C 97 12.01 17.05 31.64
CA LEU C 97 10.83 17.74 32.17
C LEU C 97 9.83 16.74 32.73
N GLY C 98 9.65 15.61 32.04
CA GLY C 98 8.77 14.57 32.55
C GLY C 98 9.27 13.96 33.85
N ASP C 99 10.57 13.67 33.92
CA ASP C 99 11.14 13.15 35.16
C ASP C 99 10.97 14.13 36.30
N PHE C 100 11.17 15.43 36.02
CA PHE C 100 10.87 16.43 37.05
C PHE C 100 9.42 16.29 37.54
N GLY C 101 8.50 15.97 36.63
CA GLY C 101 7.09 15.88 37.02
C GLY C 101 6.79 14.66 37.88
N ASP C 102 7.24 13.49 37.45
CA ASP C 102 7.03 12.28 38.23
C ASP C 102 7.70 12.39 39.60
N ILE C 103 8.77 13.18 39.70
CA ILE C 103 9.39 13.43 40.99
C ILE C 103 8.44 14.22 41.88
N ILE C 104 7.82 15.26 41.33
CA ILE C 104 6.90 16.10 42.10
C ILE C 104 5.66 15.33 42.50
N MET C 105 5.15 14.48 41.59
CA MET C 105 3.91 13.75 41.81
C MET C 105 4.10 12.42 42.53
N GLY C 106 5.32 12.09 42.94
CA GLY C 106 5.55 10.88 43.67
C GLY C 106 5.41 9.61 42.86
N THR C 107 5.46 9.72 41.53
CA THR C 107 5.37 8.55 40.68
C THR C 107 6.71 8.20 40.06
N ASP C 108 7.81 8.66 40.64
CA ASP C 108 9.11 8.34 40.09
C ASP C 108 9.43 6.87 40.34
N MET C 109 10.19 6.26 39.42
CA MET C 109 10.50 4.83 39.52
C MET C 109 11.90 4.54 40.05
N GLU C 110 12.80 5.51 40.08
CA GLU C 110 14.14 5.26 40.62
C GLU C 110 14.16 5.45 42.13
N GLY C 111 13.87 6.66 42.60
CA GLY C 111 13.87 6.96 44.02
C GLY C 111 15.10 6.46 44.76
N ILE C 112 16.27 6.84 44.27
CA ILE C 112 17.54 6.36 44.78
C ILE C 112 18.38 7.56 45.18
N GLY C 113 19.07 7.46 46.31
CA GLY C 113 20.04 8.48 46.68
C GLY C 113 19.37 9.82 46.91
N TYR C 114 19.88 10.85 46.23
CA TYR C 114 19.36 12.20 46.41
C TYR C 114 17.86 12.30 46.12
N SER C 115 17.32 11.39 45.30
CA SER C 115 15.89 11.43 45.01
C SER C 115 15.07 11.11 46.25
N LYS C 116 15.61 10.26 47.14
CA LYS C 116 14.92 9.95 48.39
C LYS C 116 14.79 11.18 49.27
N VAL C 117 15.77 12.08 49.22
CA VAL C 117 15.73 13.29 50.05
C VAL C 117 14.61 14.21 49.58
N VAL C 118 14.51 14.42 48.27
CA VAL C 118 13.47 15.30 47.76
C VAL C 118 12.09 14.76 48.11
N GLU C 119 11.89 13.45 47.97
CA GLU C 119 10.58 12.89 48.29
C GLU C 119 10.20 13.18 49.73
N ASN C 120 11.10 12.89 50.67
CA ASN C 120 10.83 13.23 52.07
C ASN C 120 10.63 14.73 52.23
N ASN C 121 11.35 15.54 51.44
CA ASN C 121 11.15 16.97 51.49
C ASN C 121 9.75 17.35 51.06
N LEU C 122 9.29 16.76 49.94
CA LEU C 122 7.97 17.07 49.40
C LEU C 122 6.85 16.57 50.31
N ARG C 123 7.04 15.41 50.93
CA ARG C 123 6.03 14.89 51.83
C ARG C 123 5.84 15.82 53.03
N SER C 124 6.92 16.46 53.49
CA SER C 124 6.82 17.42 54.58
C SER C 124 6.19 18.73 54.12
N ILE C 125 5.87 18.85 52.84
CA ILE C 125 5.27 20.04 52.26
C ILE C 125 3.80 19.84 51.97
N PHE C 126 3.48 18.78 51.24
CA PHE C 126 2.12 18.52 50.79
C PHE C 126 1.38 17.59 51.74
N GLY C 127 2.01 16.48 52.13
CA GLY C 127 1.40 15.53 53.03
C GLY C 127 1.90 14.12 52.77
N THR C 128 1.16 13.14 53.30
CA THR C 128 1.52 11.74 53.17
C THR C 128 0.38 10.84 52.72
N ASP C 129 -0.85 11.34 52.68
CA ASP C 129 -1.99 10.51 52.34
C ASP C 129 -2.25 10.56 50.83
N GLU C 130 -3.26 9.84 50.38
CA GLU C 130 -3.63 9.84 48.97
C GLU C 130 -3.88 11.26 48.46
N LYS C 131 -4.61 12.07 49.23
CA LYS C 131 -4.94 13.42 48.80
C LYS C 131 -3.72 14.32 48.69
N ALA C 132 -2.55 13.88 49.15
CA ALA C 132 -1.34 14.68 48.96
C ALA C 132 -0.79 14.53 47.56
N GLN C 133 -0.80 13.32 47.02
CA GLN C 133 -0.42 13.15 45.62
C GLN C 133 -1.32 13.97 44.72
N GLN C 134 -2.61 14.03 45.03
CA GLN C 134 -3.52 14.84 44.23
C GLN C 134 -3.08 16.30 44.24
N ARG C 135 -2.82 16.84 45.43
CA ARG C 135 -2.29 18.20 45.50
C ARG C 135 -0.98 18.33 44.75
N ARG C 136 -0.17 17.27 44.73
CA ARG C 136 1.08 17.34 43.99
C ARG C 136 0.84 17.25 42.49
N LYS C 137 -0.09 16.39 42.06
CA LYS C 137 -0.44 16.35 40.65
C LYS C 137 -1.06 17.66 40.20
N GLN C 138 -1.93 18.24 41.04
CA GLN C 138 -2.55 19.51 40.69
C GLN C 138 -1.50 20.61 40.62
N TRP C 139 -0.61 20.66 41.63
CA TRP C 139 0.46 21.66 41.65
C TRP C 139 1.40 21.50 40.46
N TRP C 140 1.63 20.27 40.00
CA TRP C 140 2.50 20.08 38.85
C TRP C 140 1.85 20.59 37.58
N ASN C 141 0.54 20.37 37.42
CA ASN C 141 -0.15 20.86 36.23
C ASN C 141 -0.10 22.38 36.18
N GLU C 142 -0.36 23.05 37.29
CA GLU C 142 -0.39 24.51 37.29
C GLU C 142 1.00 25.12 37.35
N SER C 143 2.05 24.30 37.27
CA SER C 143 3.42 24.79 37.25
C SER C 143 4.30 24.17 36.18
N LYS C 144 3.89 23.06 35.56
CA LYS C 144 4.77 22.38 34.64
C LYS C 144 5.18 23.28 33.48
N ALA C 145 4.29 24.18 33.05
CA ALA C 145 4.61 25.06 31.94
C ALA C 145 5.81 25.94 32.27
N GLN C 146 5.79 26.58 33.44
CA GLN C 146 6.89 27.46 33.85
C GLN C 146 8.19 26.68 33.99
N ILE C 147 8.11 25.39 34.31
CA ILE C 147 9.32 24.59 34.41
C ILE C 147 9.94 24.36 33.04
N TRP C 148 9.11 24.30 31.99
CA TRP C 148 9.64 24.16 30.65
C TRP C 148 10.33 25.43 30.17
N THR C 149 9.73 26.59 30.47
CA THR C 149 10.37 27.86 30.14
C THR C 149 11.70 28.02 30.87
N ALA C 150 11.86 27.38 32.02
CA ALA C 150 13.12 27.47 32.75
C ALA C 150 14.21 26.64 32.07
N MET C 151 13.88 25.44 31.60
CA MET C 151 14.87 24.63 30.90
C MET C 151 15.29 25.29 29.59
N MET C 152 14.39 26.06 28.98
CA MET C 152 14.66 26.80 27.75
C MET C 152 15.36 28.13 28.02
N TYR C 153 15.77 28.38 29.26
CA TYR C 153 16.41 29.64 29.61
C TYR C 153 17.72 29.84 28.87
N SER C 154 18.69 28.95 29.10
CA SER C 154 19.99 29.14 28.50
C SER C 154 19.89 29.20 26.99
N VAL C 155 19.07 28.37 26.39
CA VAL C 155 18.98 28.36 24.94
C VAL C 155 18.43 29.67 24.42
N LYS C 156 17.67 30.39 25.25
CA LYS C 156 17.07 31.65 24.84
C LYS C 156 17.92 32.86 25.23
N LYS C 157 18.60 32.82 26.38
CA LYS C 157 19.58 33.88 26.65
C LYS C 157 20.65 33.86 25.57
N ARG C 158 21.23 32.69 25.34
CA ARG C 158 21.91 32.45 24.08
C ARG C 158 20.92 32.71 22.95
N LEU C 159 21.41 33.25 21.85
CA LEU C 159 20.54 33.60 20.72
C LEU C 159 19.51 34.64 21.16
N LYS C 160 20.00 35.80 21.58
CA LYS C 160 19.07 36.88 21.94
C LYS C 160 18.24 37.28 20.73
N GLY C 161 18.88 37.55 19.61
CA GLY C 161 18.17 37.73 18.37
C GLY C 161 18.00 36.37 17.72
N ASN C 162 17.40 36.36 16.56
CA ASN C 162 17.35 35.14 15.77
C ASN C 162 16.75 33.97 16.55
N PHE C 163 16.02 34.23 17.63
CA PHE C 163 15.50 33.13 18.44
C PHE C 163 14.22 32.55 17.86
N ILE C 164 14.09 31.24 17.97
CA ILE C 164 12.98 30.50 17.41
C ILE C 164 12.56 29.45 18.41
N TRP C 165 11.25 29.22 18.51
CA TRP C 165 10.73 28.15 19.36
C TRP C 165 10.75 26.82 18.60
N ILE C 166 11.97 26.29 18.43
CA ILE C 166 12.14 24.97 17.83
C ILE C 166 11.44 23.90 18.66
N CYS C 167 11.64 23.93 19.98
CA CYS C 167 10.93 23.03 20.89
C CYS C 167 9.57 23.61 21.25
N LYS C 168 8.55 22.75 21.25
CA LYS C 168 7.18 23.17 21.51
C LYS C 168 6.73 22.80 22.92
N LEU C 169 5.86 23.63 23.48
CA LEU C 169 5.53 23.53 24.90
C LEU C 169 4.56 22.38 25.18
N ASN C 170 3.36 22.43 24.60
CA ASN C 170 2.36 21.43 24.93
C ASN C 170 2.87 20.02 24.62
N VAL C 171 3.81 19.88 23.67
CA VAL C 171 4.34 18.57 23.34
C VAL C 171 5.22 18.06 24.48
N ALA C 172 5.80 18.98 25.26
CA ALA C 172 6.69 18.62 26.36
C ALA C 172 5.92 18.39 27.66
N VAL C 173 4.80 19.08 27.85
CA VAL C 173 3.99 18.95 29.06
C VAL C 173 2.85 17.96 28.87
N ASN C 174 2.86 17.18 27.79
CA ASN C 174 1.88 16.12 27.58
C ASN C 174 2.14 15.03 28.61
N ILE C 175 1.21 14.86 29.55
CA ILE C 175 1.41 13.90 30.64
C ILE C 175 1.38 12.46 30.11
N GLU C 176 2.34 11.66 30.56
CA GLU C 176 2.43 10.26 30.17
C GLU C 176 3.22 9.54 31.27
N PRO C 177 2.82 8.34 31.67
CA PRO C 177 3.57 7.66 32.74
C PRO C 177 5.04 7.54 32.40
N GLN C 178 5.89 7.67 33.43
CA GLN C 178 7.34 7.69 33.19
C GLN C 178 7.79 6.52 32.35
N ILE C 179 7.27 5.32 32.63
CA ILE C 179 7.71 4.13 31.91
C ILE C 179 7.48 4.29 30.42
N TYR C 180 6.45 5.04 30.03
CA TYR C 180 6.22 5.30 28.62
C TYR C 180 7.37 6.10 28.04
N ARG C 181 7.69 7.24 28.66
CA ARG C 181 8.70 8.15 28.13
C ARG C 181 10.09 7.52 28.08
N TRP C 182 10.34 6.49 28.90
CA TRP C 182 11.62 5.82 28.82
C TRP C 182 11.68 4.83 27.66
N ILE C 183 10.55 4.21 27.31
CA ILE C 183 10.53 3.38 26.11
C ILE C 183 10.74 4.24 24.88
N ARG C 184 10.12 5.43 24.85
CA ARG C 184 10.37 6.34 23.74
C ARG C 184 11.85 6.66 23.63
N GLU C 185 12.47 7.11 24.74
CA GLU C 185 13.88 7.46 24.71
C GLU C 185 14.75 6.23 24.43
N TRP C 186 14.34 5.06 24.94
CA TRP C 186 15.11 3.84 24.69
C TRP C 186 15.19 3.55 23.19
N GLY C 187 14.04 3.53 22.51
CA GLY C 187 14.04 3.34 21.06
C GLY C 187 14.83 4.39 20.32
N ARG C 188 14.81 5.62 20.81
CA ARG C 188 15.59 6.68 20.17
C ARG C 188 17.08 6.36 20.27
N ASP C 189 17.50 5.83 21.41
CA ASP C 189 18.90 5.43 21.55
C ASP C 189 19.19 4.19 20.71
N TYR C 190 18.23 3.27 20.60
CA TYR C 190 18.47 2.03 19.89
C TYR C 190 18.75 2.31 18.41
N VAL C 191 17.92 3.15 17.78
CA VAL C 191 18.08 3.39 16.36
C VAL C 191 19.39 4.11 16.05
N SER C 192 19.97 4.82 17.03
CA SER C 192 21.28 5.44 16.86
C SER C 192 22.41 4.43 17.06
N GLU C 193 22.21 3.47 17.98
CA GLU C 193 23.24 2.49 18.28
C GLU C 193 23.28 1.36 17.28
N LEU C 194 22.16 1.04 16.62
CA LEU C 194 22.11 -0.11 15.74
C LEU C 194 22.95 0.08 14.47
N PRO C 195 22.78 1.18 13.73
CA PRO C 195 23.61 1.34 12.52
C PRO C 195 25.09 1.27 12.81
N THR C 196 25.52 1.82 13.95
CA THR C 196 26.93 1.80 14.31
C THR C 196 27.43 0.37 14.47
N GLU C 197 26.74 -0.43 15.30
CA GLU C 197 27.15 -1.82 15.50
C GLU C 197 27.09 -2.63 14.21
N VAL C 198 26.33 -2.16 13.21
CA VAL C 198 26.34 -2.82 11.92
C VAL C 198 27.52 -2.34 11.09
N GLN C 199 27.83 -1.03 11.15
CA GLN C 199 28.98 -0.51 10.43
C GLN C 199 30.26 -1.14 10.93
N LYS C 200 30.39 -1.34 12.25
CA LYS C 200 31.53 -2.05 12.79
C LYS C 200 31.59 -3.47 12.25
N LEU C 201 30.44 -4.17 12.22
CA LEU C 201 30.42 -5.54 11.76
C LEU C 201 30.81 -5.63 10.29
N LYS C 202 30.35 -4.69 9.47
CA LYS C 202 30.64 -4.73 8.04
C LYS C 202 32.14 -4.67 7.76
N GLU C 203 32.85 -3.76 8.42
CA GLU C 203 34.25 -3.52 8.08
C GLU C 203 35.08 -4.81 8.20
N LYS C 204 34.88 -5.55 9.28
CA LYS C 204 35.67 -6.75 9.52
C LYS C 204 35.08 -8.00 8.88
N CYS C 205 33.83 -7.95 8.43
CA CYS C 205 33.14 -9.12 7.91
C CYS C 205 32.63 -8.96 6.47
N ASP C 206 32.60 -7.73 5.93
CA ASP C 206 32.21 -7.56 4.54
C ASP C 206 33.15 -8.35 3.64
N GLY C 207 32.71 -8.56 2.40
CA GLY C 207 33.52 -9.27 1.43
C GLY C 207 33.56 -10.75 1.68
N LYS C 208 34.05 -11.49 0.69
CA LYS C 208 34.14 -12.94 0.77
C LYS C 208 35.60 -13.32 0.98
N ILE C 209 35.82 -14.37 1.76
CA ILE C 209 37.16 -14.69 2.25
C ILE C 209 38.00 -15.21 1.09
N ASN C 210 37.65 -16.38 0.53
CA ASN C 210 38.43 -16.89 -0.59
C ASN C 210 37.76 -16.55 -1.91
N TYR C 211 36.61 -17.18 -2.19
CA TYR C 211 35.74 -16.74 -3.28
C TYR C 211 34.24 -16.81 -2.98
N THR C 212 33.79 -17.71 -2.11
CA THR C 212 32.37 -17.87 -1.83
C THR C 212 32.03 -18.07 -0.36
N ASP C 213 33.00 -18.23 0.54
CA ASP C 213 32.73 -18.45 1.94
C ASP C 213 32.62 -17.12 2.69
N LYS C 214 32.06 -17.18 3.89
CA LYS C 214 31.92 -16.00 4.73
C LYS C 214 33.16 -15.84 5.60
N LYS C 215 33.51 -14.60 5.90
CA LYS C 215 34.71 -14.33 6.69
C LYS C 215 34.57 -14.87 8.12
N VAL C 216 33.36 -14.85 8.69
CA VAL C 216 33.15 -15.22 10.07
C VAL C 216 33.45 -16.71 10.32
N CYS C 217 33.48 -17.52 9.27
CA CYS C 217 33.72 -18.94 9.48
C CYS C 217 35.11 -19.20 10.06
N LYS C 218 36.11 -18.43 9.63
CA LYS C 218 37.48 -18.70 10.06
C LYS C 218 38.18 -17.46 10.60
N VAL C 219 37.89 -16.29 10.04
CA VAL C 219 38.60 -15.07 10.41
C VAL C 219 38.24 -14.68 11.84
N PRO C 220 39.19 -14.66 12.77
CA PRO C 220 38.88 -14.26 14.16
C PRO C 220 38.50 -12.79 14.25
N PRO C 221 39.20 -11.88 13.56
CA PRO C 221 38.79 -10.46 13.62
C PRO C 221 37.30 -10.27 13.37
N CYS C 222 36.73 -10.97 12.40
CA CYS C 222 35.29 -10.89 12.21
C CYS C 222 34.55 -11.60 13.33
N GLN C 223 35.03 -12.77 13.73
CA GLN C 223 34.37 -13.51 14.81
C GLN C 223 34.31 -12.69 16.09
N ASN C 224 35.21 -11.71 16.26
CA ASN C 224 35.18 -10.89 17.46
C ASN C 224 34.11 -9.81 17.34
N ALA C 225 34.05 -9.12 16.21
CA ALA C 225 33.01 -8.14 16.03
C ALA C 225 31.64 -8.77 16.17
N CYS C 226 31.50 -10.05 15.81
CA CYS C 226 30.23 -10.74 16.00
C CYS C 226 29.96 -10.95 17.48
N LYS C 227 30.96 -11.40 18.24
CA LYS C 227 30.77 -11.51 19.67
C LYS C 227 30.63 -10.14 20.32
N SER C 228 31.17 -9.09 19.70
CA SER C 228 30.93 -7.74 20.19
C SER C 228 29.49 -7.32 19.91
N TYR C 229 29.01 -7.56 18.69
CA TYR C 229 27.62 -7.29 18.35
C TYR C 229 26.69 -8.17 19.18
N ASP C 230 27.03 -9.46 19.34
CA ASP C 230 26.22 -10.33 20.18
C ASP C 230 26.12 -9.78 21.59
N GLN C 231 27.20 -9.18 22.10
CA GLN C 231 27.17 -8.59 23.43
C GLN C 231 26.26 -7.38 23.48
N TRP C 232 26.28 -6.54 22.43
CA TRP C 232 25.47 -5.33 22.43
C TRP C 232 23.99 -5.65 22.32
N ILE C 233 23.62 -6.49 21.34
CA ILE C 233 22.22 -6.80 21.10
C ILE C 233 21.61 -7.54 22.27
N THR C 234 22.43 -8.26 23.05
CA THR C 234 21.89 -8.95 24.21
C THR C 234 21.55 -7.95 25.31
N ARG C 235 22.35 -6.91 25.45
CA ARG C 235 22.00 -5.85 26.39
C ARG C 235 20.72 -5.15 25.94
N LYS C 236 20.53 -4.98 24.63
CA LYS C 236 19.32 -4.36 24.11
C LYS C 236 18.13 -5.30 24.26
N LYS C 237 18.30 -6.58 23.88
CA LYS C 237 17.24 -7.55 24.07
C LYS C 237 16.77 -7.60 25.52
N ASN C 238 17.72 -7.65 26.46
CA ASN C 238 17.36 -7.71 27.87
C ASN C 238 16.72 -6.41 28.34
N GLN C 239 17.26 -5.27 27.92
CA GLN C 239 16.67 -4.00 28.29
C GLN C 239 15.24 -3.89 27.78
N TRP C 240 15.00 -4.32 26.53
CA TRP C 240 13.64 -4.24 26.00
C TRP C 240 12.70 -5.12 26.79
N ASP C 241 13.16 -6.31 27.20
CA ASP C 241 12.33 -7.24 27.96
C ASP C 241 11.92 -6.65 29.29
N VAL C 242 12.89 -6.07 30.01
CA VAL C 242 12.60 -5.51 31.34
C VAL C 242 11.65 -4.33 31.21
N LEU C 243 11.99 -3.37 30.34
CA LEU C 243 11.17 -2.18 30.22
C LEU C 243 9.76 -2.54 29.75
N SER C 244 9.64 -3.53 28.88
CA SER C 244 8.33 -3.88 28.37
C SER C 244 7.51 -4.61 29.43
N ASN C 245 8.16 -5.40 30.30
CA ASN C 245 7.42 -6.02 31.41
C ASN C 245 6.94 -4.97 32.41
N LYS C 246 7.82 -4.03 32.77
CA LYS C 246 7.38 -2.93 33.62
C LYS C 246 6.28 -2.12 32.94
N PHE C 247 6.32 -2.01 31.61
CA PHE C 247 5.22 -1.34 30.92
C PHE C 247 3.93 -2.13 31.11
N ILE C 248 4.01 -3.47 31.01
CA ILE C 248 2.83 -4.30 31.18
C ILE C 248 2.30 -4.21 32.61
N SER C 249 3.19 -4.12 33.59
CA SER C 249 2.75 -4.05 34.98
C SER C 249 2.01 -2.74 35.26
N VAL C 250 2.47 -1.63 34.69
CA VAL C 250 1.84 -0.35 34.95
C VAL C 250 0.51 -0.24 34.21
N LYS C 251 0.52 -0.51 32.90
CA LYS C 251 -0.70 -0.44 32.11
C LYS C 251 -1.80 -1.30 32.70
N ASN C 252 -1.45 -2.45 33.28
CA ASN C 252 -2.45 -3.31 33.89
C ASN C 252 -3.01 -2.74 35.18
N ALA C 253 -2.29 -1.82 35.82
CA ALA C 253 -2.67 -1.28 37.11
C ALA C 253 -3.25 0.13 37.05
N GLU C 254 -3.29 0.75 35.88
CA GLU C 254 -3.81 2.11 35.73
C GLU C 254 -5.21 2.09 35.12
N LYS C 255 -6.17 2.67 35.83
CA LYS C 255 -7.56 2.65 35.39
C LYS C 255 -7.83 3.45 34.12
N VAL C 256 -6.86 4.16 33.54
CA VAL C 256 -7.09 5.00 32.37
C VAL C 256 -6.04 4.70 31.32
N GLN C 257 -6.47 4.67 30.06
CA GLN C 257 -5.60 4.29 28.95
C GLN C 257 -5.13 5.51 28.17
N THR C 258 -3.81 5.59 27.94
CA THR C 258 -3.21 6.56 27.04
C THR C 258 -3.64 6.21 25.61
N ALA C 259 -4.69 6.86 25.12
CA ALA C 259 -5.22 6.63 23.78
C ALA C 259 -4.18 6.22 22.75
N GLY C 260 -4.38 5.06 22.14
CA GLY C 260 -3.56 4.61 21.05
C GLY C 260 -2.34 3.82 21.48
N ILE C 261 -2.28 3.41 22.73
CA ILE C 261 -1.18 2.61 23.26
C ILE C 261 -1.80 1.34 23.82
N VAL C 262 -1.42 0.20 23.25
CA VAL C 262 -1.91 -1.08 23.74
C VAL C 262 -0.70 -1.90 24.15
N THR C 263 0.17 -2.18 23.19
CA THR C 263 1.41 -2.92 23.41
C THR C 263 2.57 -1.96 23.54
N PRO C 264 3.70 -2.42 24.12
CA PRO C 264 4.88 -1.54 24.20
C PRO C 264 5.45 -1.18 22.84
N TYR C 265 5.14 -1.96 21.79
CA TYR C 265 5.59 -1.63 20.45
C TYR C 265 4.85 -0.44 19.86
N ASP C 266 3.63 -0.16 20.35
CA ASP C 266 2.91 1.02 19.89
C ASP C 266 3.67 2.29 20.23
N ILE C 267 4.38 2.29 21.37
CA ILE C 267 5.18 3.44 21.76
C ILE C 267 6.30 3.68 20.75
N LEU C 268 6.93 2.61 20.26
CA LEU C 268 7.98 2.79 19.27
C LEU C 268 7.40 3.21 17.92
N LYS C 269 6.27 2.62 17.52
CA LYS C 269 5.61 3.06 16.28
C LYS C 269 5.30 4.55 16.32
N GLN C 270 4.86 5.04 17.48
CA GLN C 270 4.50 6.45 17.62
C GLN C 270 5.73 7.35 17.57
N GLU C 271 6.82 6.94 18.23
CA GLU C 271 7.95 7.84 18.39
C GLU C 271 8.97 7.76 17.25
N LEU C 272 9.12 6.60 16.62
CA LEU C 272 10.15 6.40 15.61
C LEU C 272 9.53 6.40 14.24
N ASP C 273 10.24 6.97 13.27
CA ASP C 273 9.70 7.08 11.91
C ASP C 273 9.93 5.79 11.13
N GLU C 274 8.87 5.30 10.48
CA GLU C 274 8.93 4.10 9.65
C GLU C 274 9.46 2.90 10.44
N PHE C 275 9.01 2.79 11.68
CA PHE C 275 9.43 1.69 12.55
C PHE C 275 8.77 0.40 12.06
N ASN C 276 9.59 -0.55 11.60
CA ASN C 276 9.10 -1.84 11.14
C ASN C 276 9.37 -2.85 12.24
N GLU C 277 8.40 -3.00 13.15
CA GLU C 277 8.58 -3.86 14.31
C GLU C 277 8.89 -5.29 13.92
N VAL C 278 8.59 -5.68 12.68
CA VAL C 278 8.96 -7.01 12.20
C VAL C 278 10.47 -7.19 12.27
N ALA C 279 11.22 -6.20 11.76
CA ALA C 279 12.67 -6.27 11.85
C ALA C 279 13.16 -6.08 13.28
N PHE C 280 12.52 -5.17 14.03
CA PHE C 280 12.93 -4.94 15.41
C PHE C 280 12.92 -6.25 16.21
N GLU C 281 11.82 -7.02 16.13
CA GLU C 281 11.77 -8.29 16.85
C GLU C 281 12.87 -9.23 16.38
N ASN C 282 13.15 -9.25 15.07
CA ASN C 282 14.19 -10.13 14.56
C ASN C 282 15.57 -9.63 14.96
N GLU C 283 15.79 -8.32 14.93
CA GLU C 283 17.12 -7.79 15.24
C GLU C 283 17.53 -8.13 16.65
N ILE C 284 16.65 -7.86 17.62
CA ILE C 284 17.00 -8.10 19.01
C ILE C 284 16.99 -9.58 19.37
N ASN C 285 16.49 -10.44 18.49
CA ASN C 285 16.51 -11.87 18.71
C ASN C 285 17.56 -12.55 17.85
N LYS C 286 18.48 -11.77 17.25
CA LYS C 286 19.60 -12.30 16.48
C LYS C 286 19.14 -13.23 15.36
N ARG C 287 17.97 -12.96 14.78
CA ARG C 287 17.49 -13.70 13.63
C ARG C 287 17.23 -12.77 12.44
N ASP C 288 17.76 -11.56 12.48
CA ASP C 288 17.59 -10.61 11.39
C ASP C 288 18.45 -11.03 10.20
N GLY C 289 18.41 -10.22 9.16
CA GLY C 289 19.12 -10.54 7.93
C GLY C 289 20.60 -10.28 8.00
N ALA C 290 20.99 -9.07 8.43
CA ALA C 290 22.40 -8.72 8.45
C ALA C 290 23.18 -9.62 9.39
N TYR C 291 22.63 -9.94 10.55
CA TYR C 291 23.37 -10.76 11.50
C TYR C 291 23.58 -12.16 10.96
N ILE C 292 22.58 -12.73 10.30
CA ILE C 292 22.72 -14.09 9.76
C ILE C 292 23.68 -14.09 8.58
N GLU C 293 23.62 -13.07 7.73
CA GLU C 293 24.48 -13.03 6.56
C GLU C 293 25.93 -12.79 6.94
N LEU C 294 26.19 -12.30 8.15
CA LEU C 294 27.54 -11.91 8.53
C LEU C 294 28.13 -12.75 9.65
N CYS C 295 27.32 -13.29 10.55
CA CYS C 295 27.84 -13.92 11.75
C CYS C 295 27.41 -15.37 11.93
N VAL C 296 26.71 -15.95 10.96
CA VAL C 296 26.31 -17.35 11.03
C VAL C 296 26.96 -18.07 9.85
N CYS C 297 27.83 -19.03 10.14
CA CYS C 297 28.54 -19.76 9.09
C CYS C 297 27.68 -20.91 8.55
N SER C 298 27.25 -21.81 9.43
CA SER C 298 26.44 -22.95 9.03
C SER C 298 25.70 -23.54 10.24
N GLN D 5 20.04 41.27 17.36
CA GLN D 5 19.78 42.70 17.50
C GLN D 5 18.46 42.96 18.20
N VAL D 6 18.53 43.45 19.44
CA VAL D 6 17.36 43.77 20.25
C VAL D 6 17.66 45.03 21.02
N GLN D 7 16.97 46.11 20.70
CA GLN D 7 17.27 47.43 21.25
C GLN D 7 16.20 47.82 22.26
N LEU D 8 16.58 48.67 23.21
CA LEU D 8 15.65 49.29 24.16
C LEU D 8 15.84 50.80 24.12
N VAL D 9 14.76 51.54 23.88
CA VAL D 9 14.81 52.99 23.74
C VAL D 9 13.89 53.61 24.78
N GLN D 10 14.44 54.51 25.59
CA GLN D 10 13.68 55.15 26.66
C GLN D 10 13.34 56.59 26.30
N SER D 11 12.51 57.19 27.15
CA SER D 11 12.07 58.55 26.94
C SER D 11 13.14 59.53 27.38
N GLY D 12 12.90 60.80 27.07
CA GLY D 12 13.87 61.85 27.34
C GLY D 12 13.99 62.19 28.81
N ALA D 13 14.96 63.05 29.08
CA ALA D 13 15.18 63.53 30.44
C ALA D 13 14.02 64.43 30.87
N GLU D 14 13.63 64.30 32.14
CA GLU D 14 12.52 65.06 32.70
C GLU D 14 12.97 65.77 33.97
N VAL D 15 12.38 66.94 34.20
CA VAL D 15 12.66 67.76 35.36
C VAL D 15 11.33 68.05 36.04
N LYS D 16 11.23 67.76 37.34
CA LYS D 16 9.98 67.89 38.06
C LYS D 16 10.21 68.64 39.37
N LYS D 17 9.11 69.17 39.91
CA LYS D 17 9.05 69.89 41.18
C LYS D 17 8.65 68.93 42.29
N PRO D 18 9.23 69.03 43.49
CA PRO D 18 8.92 68.05 44.54
C PRO D 18 7.43 67.79 44.74
N GLY D 19 7.03 66.52 44.64
CA GLY D 19 5.66 66.11 44.81
C GLY D 19 4.95 65.74 43.53
N ALA D 20 5.49 66.08 42.37
CA ALA D 20 4.84 65.82 41.11
C ALA D 20 5.05 64.36 40.70
N SER D 21 4.71 64.04 39.45
CA SER D 21 4.82 62.69 38.92
C SER D 21 5.71 62.68 37.68
N VAL D 22 6.18 61.48 37.33
CA VAL D 22 7.04 61.28 36.16
C VAL D 22 6.76 59.90 35.58
N LYS D 23 6.66 59.83 34.25
CA LYS D 23 6.44 58.57 33.54
C LYS D 23 7.53 58.41 32.50
N VAL D 24 8.25 57.30 32.56
CA VAL D 24 9.36 57.02 31.65
C VAL D 24 8.96 55.89 30.71
N SER D 25 9.27 56.05 29.43
CA SER D 25 8.95 55.03 28.44
C SER D 25 10.16 54.15 28.19
N CYS D 26 9.90 53.00 27.54
CA CYS D 26 10.94 52.07 27.17
C CYS D 26 10.38 51.22 26.04
N LYS D 27 10.88 51.42 24.83
CA LYS D 27 10.35 50.74 23.64
C LYS D 27 11.29 49.64 23.20
N VAL D 28 10.72 48.49 22.81
CA VAL D 28 11.48 47.35 22.33
C VAL D 28 11.60 47.41 20.83
N SER D 29 12.71 46.91 20.31
CA SER D 29 12.96 46.96 18.87
C SER D 29 13.72 45.69 18.51
N GLY D 30 12.99 44.68 18.05
CA GLY D 30 13.65 43.48 17.54
C GLY D 30 13.16 42.19 18.15
N TYR D 31 12.12 42.25 18.97
CA TYR D 31 11.57 41.02 19.54
C TYR D 31 10.24 41.32 20.20
N THR D 32 9.34 40.34 20.18
CA THR D 32 7.99 40.57 20.69
C THR D 32 8.05 40.84 22.18
N LEU D 33 7.55 42.01 22.58
CA LEU D 33 7.50 42.35 24.00
C LEU D 33 6.73 41.31 24.78
N THR D 34 5.78 40.63 24.15
CA THR D 34 4.85 39.76 24.88
C THR D 34 5.56 38.63 25.61
N GLU D 35 6.87 38.50 25.44
CA GLU D 35 7.62 37.44 26.09
C GLU D 35 8.64 37.90 27.11
N LEU D 36 8.96 39.19 27.18
CA LEU D 36 9.98 39.75 28.05
C LEU D 36 9.40 40.19 29.40
N SER D 37 10.29 40.40 30.37
CA SER D 37 9.92 40.78 31.72
C SER D 37 10.09 42.27 32.01
N MET D 38 11.14 42.93 31.53
CA MET D 38 11.19 44.39 31.61
C MET D 38 11.09 44.91 33.05
N HIS D 39 12.15 44.64 33.82
CA HIS D 39 12.39 45.21 35.13
C HIS D 39 12.91 46.66 35.03
N TRP D 40 13.10 47.29 36.20
CA TRP D 40 13.60 48.66 36.28
C TRP D 40 14.61 48.79 37.43
N VAL D 41 15.72 49.46 37.15
CA VAL D 41 16.69 49.80 38.19
C VAL D 41 17.14 51.24 37.94
N ARG D 42 17.53 51.93 39.01
CA ARG D 42 17.99 53.31 38.93
C ARG D 42 19.36 53.45 39.56
N GLN D 43 20.01 54.59 39.33
CA GLN D 43 21.29 54.86 39.97
C GLN D 43 21.42 56.34 40.23
N ALA D 44 21.46 56.73 41.50
CA ALA D 44 21.70 58.12 41.86
C ALA D 44 23.14 58.49 41.52
N PRO D 45 23.41 59.80 41.37
CA PRO D 45 24.77 60.20 40.98
C PRO D 45 25.87 59.66 41.89
N GLY D 46 25.71 59.80 43.20
CA GLY D 46 26.73 59.35 44.12
C GLY D 46 26.61 57.88 44.49
N LYS D 47 25.37 57.41 44.62
CA LYS D 47 25.11 56.05 45.07
C LYS D 47 25.25 55.07 43.92
N GLY D 48 24.93 53.81 44.20
CA GLY D 48 25.07 52.73 43.25
C GLY D 48 23.76 52.32 42.63
N LEU D 49 23.73 51.11 42.08
CA LEU D 49 22.51 50.61 41.43
C LEU D 49 21.46 50.25 42.47
N GLU D 50 20.20 50.55 42.16
CA GLU D 50 19.08 50.18 43.03
C GLU D 50 17.93 49.65 42.18
N TRP D 51 17.30 48.58 42.65
CA TRP D 51 16.21 47.93 41.94
C TRP D 51 14.88 48.46 42.44
N MET D 52 14.02 48.86 41.50
CA MET D 52 12.72 49.42 41.85
C MET D 52 11.61 48.38 41.70
N GLY D 53 11.48 47.76 40.53
CA GLY D 53 10.45 46.77 40.31
C GLY D 53 10.61 46.11 38.96
N GLY D 54 9.60 45.35 38.58
CA GLY D 54 9.64 44.66 37.30
C GLY D 54 8.35 43.92 37.08
N PHE D 55 8.19 43.41 35.87
CA PHE D 55 7.00 42.67 35.47
C PHE D 55 7.37 41.20 35.27
N ASP D 56 6.95 40.34 36.20
CA ASP D 56 7.23 38.90 36.08
C ASP D 56 6.20 38.35 35.11
N ARG D 57 6.55 38.31 33.82
CA ARG D 57 5.56 37.95 32.80
C ARG D 57 5.06 36.52 32.96
N GLU D 58 5.86 35.67 33.58
CA GLU D 58 5.40 34.27 33.72
C GLU D 58 4.09 34.29 34.52
N ASP D 59 4.05 35.06 35.61
CA ASP D 59 2.82 35.16 36.42
C ASP D 59 2.25 36.58 36.32
N GLY D 60 2.89 37.45 35.55
CA GLY D 60 2.43 38.85 35.51
C GLY D 60 2.49 39.42 36.92
N GLU D 61 1.43 40.06 37.38
CA GLU D 61 1.50 40.48 38.77
C GLU D 61 2.88 41.05 39.10
N SER D 62 3.14 42.23 38.53
CA SER D 62 4.41 42.92 38.73
C SER D 62 4.82 42.93 40.20
N ILE D 63 6.13 42.99 40.44
CA ILE D 63 6.69 42.99 41.78
C ILE D 63 7.48 44.27 41.98
N TYR D 64 7.49 44.73 43.22
CA TYR D 64 8.18 45.97 43.52
C TYR D 64 9.13 45.81 44.69
N ALA D 65 10.04 46.77 44.81
CA ALA D 65 10.97 46.76 45.93
C ALA D 65 10.24 47.11 47.24
N GLN D 66 10.93 47.34 48.37
CA GLN D 66 10.23 47.50 49.66
C GLN D 66 9.72 48.92 49.94
N LYS D 67 10.63 49.86 50.08
CA LYS D 67 10.23 51.22 50.35
C LYS D 67 10.03 51.99 49.07
N PHE D 68 9.31 51.33 48.16
CA PHE D 68 8.89 51.90 46.90
C PHE D 68 7.46 51.49 46.56
N GLN D 69 6.77 50.73 47.40
CA GLN D 69 5.50 50.10 47.00
C GLN D 69 4.31 51.03 46.89
N GLY D 70 4.50 52.24 47.29
CA GLY D 70 3.41 53.16 47.16
C GLY D 70 3.82 54.30 46.26
N ARG D 71 4.86 54.03 45.49
CA ARG D 71 5.46 55.03 44.64
C ARG D 71 5.63 54.62 43.17
N VAL D 72 5.62 53.33 42.82
CA VAL D 72 5.87 52.91 41.45
C VAL D 72 4.65 52.18 40.91
N THR D 73 4.35 52.39 39.63
CA THR D 73 3.26 51.70 38.95
C THR D 73 3.67 51.43 37.50
N LEU D 74 3.70 50.15 37.12
CA LEU D 74 4.15 49.74 35.80
C LEU D 74 2.94 49.49 34.91
N THR D 75 2.93 50.11 33.73
CA THR D 75 1.88 49.92 32.73
C THR D 75 2.49 49.48 31.41
N GLU D 76 1.64 49.23 30.42
CA GLU D 76 2.12 48.70 29.14
C GLU D 76 1.16 49.06 28.03
N ASP D 77 1.69 49.10 26.81
CA ASP D 77 0.88 49.42 25.64
C ASP D 77 1.44 48.63 24.46
N THR D 78 0.78 47.51 24.11
CA THR D 78 1.30 46.64 23.07
C THR D 78 1.32 47.33 21.71
N SER D 79 0.46 48.33 21.50
CA SER D 79 0.43 49.03 20.22
C SER D 79 1.74 49.78 19.99
N THR D 80 2.20 50.53 21.01
CA THR D 80 3.44 51.29 20.92
C THR D 80 4.69 50.45 21.17
N ASP D 81 4.53 49.16 21.49
CA ASP D 81 5.63 48.23 21.74
C ASP D 81 6.58 48.76 22.80
N SER D 82 6.01 49.22 23.92
CA SER D 82 6.81 49.86 24.95
C SER D 82 6.19 49.64 26.31
N VAL D 83 6.97 49.94 27.34
CA VAL D 83 6.57 49.80 28.72
C VAL D 83 6.68 51.17 29.39
N TYR D 84 5.87 51.39 30.42
CA TYR D 84 5.87 52.67 31.13
C TYR D 84 5.93 52.45 32.64
N MET D 85 6.70 53.32 33.32
CA MET D 85 6.83 53.30 34.76
C MET D 85 6.60 54.70 35.30
N GLU D 86 5.65 54.84 36.21
CA GLU D 86 5.24 56.13 36.76
C GLU D 86 5.63 56.19 38.23
N LEU D 87 6.22 57.31 38.62
CA LEU D 87 6.68 57.53 39.99
C LEU D 87 5.93 58.74 40.56
N SER D 88 5.28 58.54 41.69
CA SER D 88 4.53 59.60 42.34
C SER D 88 5.23 60.03 43.63
N ASN D 89 4.84 61.21 44.12
CA ASN D 89 5.40 61.77 45.35
C ASN D 89 6.93 61.84 45.28
N LEU D 90 7.41 62.54 44.26
CA LEU D 90 8.84 62.62 44.01
C LEU D 90 9.57 63.31 45.16
N ARG D 91 10.42 62.56 45.86
CA ARG D 91 11.26 63.13 46.91
C ARG D 91 12.57 63.65 46.30
N SER D 92 13.32 64.41 47.10
CA SER D 92 14.55 65.01 46.60
C SER D 92 15.59 63.96 46.26
N ASP D 93 15.61 62.85 47.00
CA ASP D 93 16.60 61.81 46.77
C ASP D 93 16.24 60.91 45.60
N ASP D 94 15.10 61.14 44.95
CA ASP D 94 14.74 60.40 43.74
C ASP D 94 15.44 60.92 42.49
N THR D 95 16.35 61.89 42.64
CA THR D 95 17.16 62.37 41.52
C THR D 95 18.18 61.29 41.16
N ALA D 96 18.04 60.72 39.96
CA ALA D 96 18.92 59.64 39.55
C ALA D 96 18.71 59.37 38.07
N VAL D 97 19.37 58.33 37.58
CA VAL D 97 19.23 57.86 36.21
C VAL D 97 18.47 56.54 36.26
N TYR D 98 17.41 56.44 35.46
CA TYR D 98 16.50 55.29 35.48
C TYR D 98 16.68 54.45 34.23
N PHE D 99 16.85 53.15 34.42
CA PHE D 99 17.06 52.22 33.33
C PHE D 99 15.92 51.21 33.25
N CYS D 100 15.66 50.73 32.05
CA CYS D 100 14.81 49.57 31.85
C CYS D 100 15.69 48.46 31.28
N ALA D 101 15.58 47.27 31.87
CA ALA D 101 16.39 46.16 31.40
C ALA D 101 15.56 44.89 31.57
N THR D 102 15.85 43.90 30.73
CA THR D 102 15.20 42.60 30.77
C THR D 102 16.26 41.50 30.72
N ASP D 103 15.92 40.33 31.26
CA ASP D 103 16.84 39.20 31.19
C ASP D 103 16.83 38.49 29.85
N PHE D 104 15.71 38.52 29.13
CA PHE D 104 15.56 37.81 27.84
C PHE D 104 15.74 36.30 28.04
N GLY D 105 14.71 35.71 28.62
CA GLY D 105 14.73 34.31 29.05
C GLY D 105 13.79 34.28 30.22
N GLY D 106 13.81 35.33 31.05
CA GLY D 106 12.85 35.47 32.14
C GLY D 106 12.80 34.23 32.97
N SER D 107 11.60 33.71 33.19
CA SER D 107 11.41 32.48 33.97
C SER D 107 12.14 32.64 35.30
N TYR D 108 11.85 33.71 36.03
CA TYR D 108 12.48 33.90 37.36
C TYR D 108 14.00 34.07 37.30
N PHE D 109 14.54 34.83 36.37
CA PHE D 109 16.02 35.04 36.40
C PHE D 109 16.34 36.53 36.22
N TYR D 110 17.24 37.08 37.02
CA TYR D 110 17.50 38.55 37.04
C TYR D 110 18.87 38.92 36.49
N ALA D 111 19.35 38.16 35.51
CA ALA D 111 20.63 38.46 34.87
C ALA D 111 20.38 39.38 33.69
N PHE D 112 20.08 40.64 34.01
CA PHE D 112 19.65 41.59 32.99
C PHE D 112 20.62 41.63 31.81
N ASP D 113 20.09 41.40 30.62
CA ASP D 113 20.84 41.23 29.39
C ASP D 113 20.79 42.45 28.48
N ILE D 114 19.61 43.05 28.33
CA ILE D 114 19.40 44.18 27.43
C ILE D 114 19.04 45.41 28.27
N TRP D 115 19.79 46.50 28.08
CA TRP D 115 19.57 47.72 28.81
C TRP D 115 19.22 48.88 27.88
N GLY D 116 18.54 49.88 28.43
CA GLY D 116 18.27 51.11 27.73
C GLY D 116 19.36 52.15 27.93
N GLN D 117 19.16 53.32 27.31
CA GLN D 117 20.15 54.38 27.41
C GLN D 117 20.03 55.21 28.67
N GLY D 118 18.97 55.03 29.45
CA GLY D 118 18.80 55.73 30.70
C GLY D 118 17.94 56.98 30.56
N THR D 119 17.45 57.46 31.69
CA THR D 119 16.65 58.68 31.74
C THR D 119 17.02 59.46 32.99
N MET D 120 17.55 60.66 32.82
CA MET D 120 17.88 61.50 33.96
C MET D 120 16.62 62.22 34.43
N VAL D 121 16.29 62.06 35.71
CA VAL D 121 15.18 62.77 36.34
C VAL D 121 15.74 63.55 37.52
N THR D 122 15.51 64.87 37.53
CA THR D 122 15.99 65.76 38.57
C THR D 122 14.81 66.43 39.25
N VAL D 123 14.88 66.53 40.57
CA VAL D 123 13.79 67.10 41.37
C VAL D 123 14.16 68.53 41.80
N GLN D 141 22.54 51.03 54.00
CA GLN D 141 23.18 50.69 52.73
C GLN D 141 22.39 49.54 52.07
N SER D 142 23.09 48.50 51.63
CA SER D 142 22.48 47.41 50.88
C SER D 142 22.78 46.08 51.58
N VAL D 143 22.00 45.05 51.23
CA VAL D 143 22.16 43.75 51.86
C VAL D 143 23.46 43.10 51.42
N LEU D 144 23.80 43.20 50.13
CA LEU D 144 25.07 42.71 49.64
C LEU D 144 26.14 43.77 49.86
N THR D 145 27.30 43.35 50.32
CA THR D 145 28.37 44.27 50.67
C THR D 145 29.62 43.93 49.87
N GLN D 146 30.10 44.92 49.11
CA GLN D 146 31.31 44.79 48.33
C GLN D 146 32.42 45.65 48.92
N SER D 147 33.65 45.31 48.57
CA SER D 147 34.78 46.14 48.96
C SER D 147 34.62 47.54 48.37
N PRO D 148 34.97 48.59 49.10
CA PRO D 148 34.78 49.95 48.56
C PRO D 148 35.56 50.20 47.27
N SER D 149 36.69 49.53 47.08
CA SER D 149 37.48 49.77 45.87
C SER D 149 38.59 48.75 45.78
N ALA D 150 39.11 48.59 44.56
CA ALA D 150 40.24 47.72 44.27
C ALA D 150 41.18 48.41 43.30
N SER D 151 42.37 47.83 43.13
CA SER D 151 43.37 48.42 42.26
C SER D 151 44.31 47.34 41.78
N GLY D 152 44.70 47.41 40.51
CA GLY D 152 45.63 46.46 39.93
C GLY D 152 46.47 47.11 38.84
N THR D 153 47.45 46.34 38.36
CA THR D 153 48.36 46.81 37.34
C THR D 153 48.23 45.93 36.10
N PRO D 154 48.46 46.49 34.90
CA PRO D 154 48.28 45.70 33.67
C PRO D 154 48.93 44.33 33.72
N GLY D 155 48.11 43.28 33.62
CA GLY D 155 48.59 41.93 33.47
C GLY D 155 48.53 41.04 34.70
N GLN D 156 47.87 41.50 35.76
CA GLN D 156 47.79 40.73 37.00
C GLN D 156 46.35 40.35 37.28
N ARG D 157 46.17 39.42 38.21
CA ARG D 157 44.86 38.97 38.63
C ARG D 157 44.35 39.85 39.76
N VAL D 158 43.10 40.29 39.65
CA VAL D 158 42.40 41.00 40.69
C VAL D 158 41.12 40.24 41.00
N THR D 159 40.63 40.38 42.23
CA THR D 159 39.46 39.61 42.66
C THR D 159 38.55 40.50 43.48
N ILE D 160 37.43 40.91 42.88
CA ILE D 160 36.38 41.65 43.57
C ILE D 160 35.43 40.64 44.21
N SER D 161 35.08 40.87 45.47
CA SER D 161 34.29 39.94 46.24
C SER D 161 32.94 40.54 46.62
N CYS D 162 31.95 39.66 46.74
CA CYS D 162 30.59 40.02 47.10
C CYS D 162 30.17 39.18 48.28
N SER D 163 29.56 39.81 49.29
CA SER D 163 29.19 39.13 50.51
C SER D 163 27.79 39.53 50.95
N GLY D 164 26.94 38.53 51.19
CA GLY D 164 25.58 38.76 51.61
C GLY D 164 25.09 37.59 52.43
N SER D 165 23.83 37.69 52.85
CA SER D 165 23.21 36.66 53.70
C SER D 165 22.94 35.39 52.89
N SER D 166 22.54 34.34 53.62
CA SER D 166 22.26 33.06 52.99
C SER D 166 20.92 33.03 52.28
N SER D 167 20.09 34.05 52.43
CA SER D 167 18.80 34.09 51.77
C SER D 167 18.87 34.74 50.40
N ASN D 168 20.01 35.34 50.02
CA ASN D 168 20.15 35.93 48.70
C ASN D 168 21.25 35.26 47.88
N ILE D 169 22.46 35.13 48.41
CA ILE D 169 23.51 34.49 47.63
C ILE D 169 23.57 32.99 47.90
N GLY D 170 23.12 32.53 49.06
CA GLY D 170 23.27 31.14 49.41
C GLY D 170 22.44 30.22 48.54
N ARG D 171 21.19 30.60 48.28
CA ARG D 171 20.21 29.72 47.66
C ARG D 171 19.75 30.25 46.31
N ASN D 172 20.44 31.24 45.76
CA ASN D 172 20.05 31.85 44.50
C ASN D 172 21.30 32.17 43.70
N PRO D 173 21.16 32.32 42.39
CA PRO D 173 22.32 32.64 41.56
C PRO D 173 22.70 34.11 41.68
N VAL D 174 23.97 34.37 41.34
CA VAL D 174 24.59 35.69 41.45
C VAL D 174 25.01 36.15 40.07
N ASN D 175 25.01 37.47 39.88
CA ASN D 175 25.38 38.07 38.62
C ASN D 175 26.47 39.12 38.84
N TRP D 176 27.09 39.54 37.75
CA TRP D 176 28.12 40.57 37.78
C TRP D 176 27.90 41.53 36.64
N PHE D 177 28.31 42.78 36.83
CA PHE D 177 28.05 43.85 35.88
C PHE D 177 29.28 44.74 35.72
N GLN D 178 29.48 45.22 34.51
CA GLN D 178 30.56 46.17 34.22
C GLN D 178 29.90 47.49 33.83
N HIS D 179 29.80 48.41 34.78
CA HIS D 179 29.15 49.69 34.54
C HIS D 179 30.18 50.82 34.41
N LEU D 180 30.22 51.42 33.23
CA LEU D 180 31.06 52.59 32.99
C LEU D 180 30.18 53.83 33.09
N PRO D 181 30.34 54.69 34.10
CA PRO D 181 29.45 55.86 34.21
C PRO D 181 29.35 56.63 32.89
N GLY D 182 28.12 56.95 32.51
CA GLY D 182 27.84 57.55 31.22
C GLY D 182 27.07 56.62 30.31
N THR D 183 27.42 55.34 30.35
CA THR D 183 26.75 54.31 29.59
C THR D 183 26.02 53.38 30.55
N ALA D 184 25.24 52.47 29.98
CA ALA D 184 24.45 51.55 30.78
C ALA D 184 25.28 50.34 31.21
N PRO D 185 24.92 49.72 32.33
CA PRO D 185 25.62 48.51 32.75
C PRO D 185 25.53 47.42 31.69
N GLN D 186 26.40 46.44 31.82
CA GLN D 186 26.43 45.31 30.90
C GLN D 186 26.59 44.02 31.68
N LEU D 187 25.90 42.98 31.23
CA LEU D 187 25.99 41.68 31.87
C LEU D 187 27.39 41.11 31.65
N LEU D 188 28.03 40.71 32.73
CA LEU D 188 29.39 40.18 32.72
C LEU D 188 29.45 38.71 33.08
N ILE D 189 28.72 38.29 34.11
CA ILE D 189 28.66 36.90 34.53
C ILE D 189 27.26 36.60 35.06
N TYR D 190 26.76 35.40 34.76
CA TYR D 190 25.44 34.99 35.22
C TYR D 190 25.51 33.55 35.70
N SER D 191 24.59 33.18 36.59
CA SER D 191 24.50 31.84 37.17
C SER D 191 25.78 31.45 37.92
N ASN D 192 26.52 32.46 38.39
CA ASN D 192 27.68 32.36 39.26
C ASN D 192 28.91 31.80 38.56
N ASP D 193 28.75 31.25 37.36
CA ASP D 193 29.86 30.60 36.67
C ASP D 193 29.91 30.87 35.19
N GLN D 194 28.81 31.30 34.58
CA GLN D 194 28.65 31.31 33.14
C GLN D 194 29.02 32.69 32.60
N ARG D 195 29.68 32.69 31.44
CA ARG D 195 30.14 33.90 30.80
C ARG D 195 29.34 34.19 29.54
N PRO D 196 29.02 35.43 29.26
CA PRO D 196 28.27 35.75 28.03
C PRO D 196 29.11 35.52 26.78
N SER D 197 28.54 35.87 25.63
CA SER D 197 29.25 35.65 24.37
C SER D 197 30.42 36.63 24.21
N GLY D 198 30.12 37.92 24.27
CA GLY D 198 31.10 38.93 23.99
C GLY D 198 32.12 39.17 25.08
N VAL D 199 31.90 38.64 26.27
CA VAL D 199 32.84 38.90 27.37
C VAL D 199 34.17 38.23 27.06
N PRO D 200 35.31 38.90 27.26
CA PRO D 200 36.61 38.26 27.03
C PRO D 200 36.81 37.07 27.94
N ASP D 201 37.72 36.19 27.53
CA ASP D 201 37.99 34.96 28.27
C ASP D 201 38.64 35.23 29.62
N ARG D 202 39.25 36.40 29.81
CA ARG D 202 39.95 36.67 31.06
C ARG D 202 39.01 36.84 32.23
N PHE D 203 37.74 37.08 31.99
CA PHE D 203 36.76 37.19 33.05
C PHE D 203 36.23 35.81 33.45
N SER D 204 35.87 35.68 34.73
CA SER D 204 35.39 34.42 35.27
C SER D 204 34.81 34.69 36.65
N GLY D 205 33.80 33.91 37.02
CA GLY D 205 33.14 34.11 38.29
C GLY D 205 33.14 32.85 39.14
N SER D 206 32.88 33.02 40.44
CA SER D 206 32.86 31.89 41.36
C SER D 206 31.96 32.22 42.53
N LYS D 207 31.45 31.18 43.18
CA LYS D 207 30.58 31.32 44.33
C LYS D 207 30.81 30.17 45.28
N SER D 208 30.72 30.45 46.58
CA SER D 208 30.92 29.45 47.62
C SER D 208 30.23 29.93 48.88
N GLY D 209 29.37 29.10 49.44
CA GLY D 209 28.65 29.46 50.65
C GLY D 209 27.76 30.67 50.45
N THR D 210 28.11 31.79 51.08
CA THR D 210 27.31 33.01 51.02
C THR D 210 28.11 34.17 50.45
N SER D 211 29.06 33.88 49.57
CA SER D 211 29.91 34.92 48.99
C SER D 211 30.39 34.49 47.62
N ALA D 212 30.30 35.41 46.66
CA ALA D 212 30.78 35.23 45.30
C ALA D 212 32.01 36.10 45.07
N SER D 213 32.69 35.84 43.96
CA SER D 213 33.92 36.56 43.64
C SER D 213 34.14 36.58 42.14
N LEU D 214 34.39 37.76 41.59
CA LEU D 214 34.75 37.94 40.19
C LEU D 214 36.27 37.95 40.04
N ALA D 215 36.74 37.44 38.92
CA ALA D 215 38.17 37.30 38.68
C ALA D 215 38.53 37.75 37.27
N ILE D 216 39.52 38.63 37.16
CA ILE D 216 40.01 39.13 35.89
C ILE D 216 41.46 38.68 35.78
N SER D 217 41.71 37.62 35.01
CA SER D 217 43.05 37.03 34.92
C SER D 217 43.94 37.72 33.89
N GLY D 218 43.42 38.70 33.15
CA GLY D 218 44.20 39.41 32.17
C GLY D 218 44.01 40.90 32.26
N LEU D 219 44.11 41.45 33.47
CA LEU D 219 43.75 42.84 33.68
C LEU D 219 44.38 43.75 32.62
N GLN D 220 43.54 44.31 31.76
CA GLN D 220 43.93 45.23 30.71
C GLN D 220 43.50 46.64 31.13
N SER D 221 43.76 47.63 30.28
CA SER D 221 43.49 49.01 30.68
C SER D 221 41.99 49.31 30.72
N GLU D 222 41.17 48.49 30.08
CA GLU D 222 39.76 48.76 29.93
C GLU D 222 38.93 48.33 31.10
N ASP D 223 39.48 48.06 32.28
CA ASP D 223 38.68 47.56 33.38
C ASP D 223 38.43 48.61 34.46
N GLU D 224 38.57 49.90 34.13
CA GLU D 224 38.39 50.97 35.09
C GLU D 224 36.91 51.32 35.02
N ALA D 225 36.11 50.49 35.67
CA ALA D 225 34.66 50.65 35.71
C ALA D 225 34.13 50.13 37.05
N ASP D 226 32.96 50.58 37.41
CA ASP D 226 32.32 50.13 38.64
C ASP D 226 31.69 48.75 38.41
N TYR D 227 32.06 47.82 39.29
CA TYR D 227 31.62 46.44 39.21
C TYR D 227 30.63 46.18 40.34
N TYR D 228 29.51 45.54 40.01
CA TYR D 228 28.46 45.25 40.97
C TYR D 228 28.13 43.77 40.94
N CYS D 229 27.66 43.25 42.07
CA CYS D 229 27.08 41.92 42.14
C CYS D 229 25.59 42.03 42.42
N GLU D 230 24.83 41.09 41.88
CA GLU D 230 23.37 41.08 42.00
C GLU D 230 22.89 39.68 42.30
N ALA D 231 21.85 39.59 43.12
CA ALA D 231 21.23 38.32 43.42
C ALA D 231 19.78 38.56 43.81
N TRP D 232 19.02 37.49 43.90
CA TRP D 232 17.63 37.55 44.34
C TRP D 232 17.56 37.16 45.80
N ASP D 233 16.92 38.01 46.61
CA ASP D 233 16.81 37.77 48.04
C ASP D 233 15.46 37.13 48.37
N ASP D 234 15.49 35.95 49.00
CA ASP D 234 14.26 35.26 49.35
C ASP D 234 13.49 36.00 50.45
N SER D 235 14.21 36.62 51.38
CA SER D 235 13.54 37.31 52.49
C SER D 235 12.90 38.61 52.04
N LEU D 236 13.49 39.30 51.07
CA LEU D 236 12.95 40.56 50.61
C LEU D 236 12.00 40.42 49.43
N ASN D 237 12.04 39.31 48.71
CA ASN D 237 11.25 39.12 47.50
C ASN D 237 11.49 40.28 46.54
N GLY D 238 12.76 40.47 46.20
CA GLY D 238 13.16 41.51 45.28
C GLY D 238 14.61 41.33 44.92
N VAL D 239 15.02 42.07 43.90
CA VAL D 239 16.40 42.04 43.44
C VAL D 239 17.20 43.06 44.24
N VAL D 240 18.37 42.64 44.71
CA VAL D 240 19.25 43.48 45.53
C VAL D 240 20.56 43.65 44.79
N PHE D 241 21.15 44.83 44.92
CA PHE D 241 22.43 45.12 44.31
C PHE D 241 23.49 45.30 45.39
N GLY D 242 24.74 45.17 44.98
CA GLY D 242 25.84 45.36 45.90
C GLY D 242 26.26 46.81 45.97
N GLY D 243 27.13 47.07 46.94
CA GLY D 243 27.64 48.43 47.11
C GLY D 243 28.30 48.95 45.85
N GLY D 244 29.36 48.29 45.42
CA GLY D 244 30.10 48.70 44.24
C GLY D 244 31.59 48.47 44.41
N THR D 245 32.31 48.52 43.28
CA THR D 245 33.75 48.33 43.31
C THR D 245 34.32 48.97 42.05
N LYS D 246 35.34 49.80 42.23
CA LYS D 246 35.96 50.54 41.14
C LYS D 246 37.43 50.17 41.06
N LEU D 247 37.88 49.77 39.87
CA LEU D 247 39.25 49.34 39.66
C LEU D 247 40.10 50.45 39.06
N THR D 248 41.42 50.29 39.18
CA THR D 248 42.36 51.28 38.66
C THR D 248 43.69 50.62 38.29
N LYS E 5 -18.77 49.34 3.99
CA LYS E 5 -19.77 49.59 2.95
C LYS E 5 -20.09 48.31 2.19
N ASN E 6 -19.16 47.35 2.18
CA ASN E 6 -19.28 46.13 1.39
C ASN E 6 -20.26 45.10 1.97
N CYS E 7 -21.04 45.49 2.98
CA CYS E 7 -22.03 44.58 3.54
C CYS E 7 -23.29 44.61 2.68
N ASN E 8 -23.11 44.44 1.37
CA ASN E 8 -24.24 44.41 0.44
C ASN E 8 -24.33 43.07 -0.29
N TYR E 9 -23.25 42.65 -0.95
CA TYR E 9 -23.19 41.37 -1.63
C TYR E 9 -21.72 41.01 -1.78
N LYS E 10 -21.48 39.78 -2.22
CA LYS E 10 -20.14 39.23 -2.33
C LYS E 10 -19.81 39.02 -3.79
N ARG E 11 -18.64 39.49 -4.21
CA ARG E 11 -18.17 39.22 -5.55
C ARG E 11 -18.12 37.72 -5.80
N LYS E 12 -18.42 37.32 -7.03
CA LYS E 12 -18.43 35.91 -7.37
C LYS E 12 -17.03 35.31 -7.21
N ARG E 13 -16.99 33.99 -7.02
CA ARG E 13 -15.73 33.30 -6.78
C ARG E 13 -14.79 33.44 -7.96
N ARG E 14 -13.52 33.68 -7.64
CA ARG E 14 -12.44 33.80 -8.61
C ARG E 14 -12.52 35.10 -9.42
N GLU E 15 -13.36 36.06 -9.02
CA GLU E 15 -13.32 37.36 -9.69
C GLU E 15 -12.03 38.11 -9.34
N ARG E 16 -11.60 38.03 -8.08
CA ARG E 16 -10.32 38.58 -7.63
C ARG E 16 -9.53 37.50 -6.91
N ASP E 17 -8.23 37.42 -7.20
CA ASP E 17 -7.40 36.37 -6.66
C ASP E 17 -6.82 36.79 -5.31
N TRP E 18 -5.87 36.02 -4.80
CA TRP E 18 -5.26 36.36 -3.53
C TRP E 18 -4.33 37.55 -3.71
N ASP E 19 -4.44 38.52 -2.81
CA ASP E 19 -3.68 39.76 -2.93
C ASP E 19 -2.39 39.63 -2.14
N CYS E 20 -1.27 39.46 -2.85
CA CYS E 20 0.04 39.36 -2.21
C CYS E 20 0.84 40.66 -2.27
N ASN E 21 0.22 41.76 -2.71
CA ASN E 21 0.93 43.01 -2.93
C ASN E 21 0.68 44.04 -1.84
N THR E 22 -0.55 44.13 -1.32
CA THR E 22 -0.82 45.13 -0.30
C THR E 22 0.14 44.94 0.88
N LYS E 23 0.07 43.78 1.53
CA LYS E 23 1.05 43.37 2.52
C LYS E 23 1.98 42.36 1.89
N LYS E 24 3.28 42.68 1.82
CA LYS E 24 4.20 41.86 1.06
C LYS E 24 4.46 40.52 1.72
N ASP E 25 4.27 40.43 3.03
CA ASP E 25 4.58 39.23 3.80
C ASP E 25 3.45 38.20 3.78
N VAL E 26 2.34 38.48 3.08
CA VAL E 26 1.20 37.57 3.10
C VAL E 26 0.33 37.86 1.90
N CYS E 27 -0.34 36.82 1.41
CA CYS E 27 -1.39 36.95 0.42
C CYS E 27 -2.72 36.96 1.14
N ILE E 28 -3.59 37.89 0.76
CA ILE E 28 -4.86 38.12 1.43
C ILE E 28 -5.98 37.65 0.52
N PRO E 29 -6.94 36.87 0.99
CA PRO E 29 -8.01 36.37 0.13
C PRO E 29 -9.10 37.40 -0.09
N ASP E 30 -9.78 37.26 -1.23
CA ASP E 30 -10.84 38.20 -1.58
C ASP E 30 -11.94 38.19 -0.54
N ARG E 31 -12.24 37.02 0.05
CA ARG E 31 -13.29 36.94 1.06
C ARG E 31 -12.94 37.77 2.29
N ARG E 32 -11.66 37.80 2.66
CA ARG E 32 -11.28 38.56 3.84
C ARG E 32 -11.59 40.04 3.69
N TYR E 33 -11.34 40.61 2.50
CA TYR E 33 -11.65 42.03 2.31
C TYR E 33 -13.13 42.28 2.48
N GLN E 34 -13.97 41.43 1.88
CA GLN E 34 -15.41 41.59 1.90
C GLN E 34 -16.07 41.23 3.22
N LEU E 35 -15.32 40.68 4.18
CA LEU E 35 -15.89 40.33 5.48
C LEU E 35 -16.64 41.52 6.05
N CYS E 36 -17.90 41.29 6.45
CA CYS E 36 -18.78 42.38 6.86
C CYS E 36 -18.44 42.86 8.26
N MET E 37 -18.03 44.13 8.37
CA MET E 37 -17.68 44.74 9.64
C MET E 37 -18.39 46.07 9.83
N LYS E 38 -19.58 46.21 9.27
CA LYS E 38 -20.28 47.50 9.35
C LYS E 38 -20.46 47.94 10.79
N GLU E 39 -21.22 47.16 11.57
CA GLU E 39 -21.50 47.56 12.94
C GLU E 39 -20.24 47.48 13.80
N LEU E 40 -19.32 46.57 13.47
CA LEU E 40 -18.08 46.45 14.23
C LEU E 40 -17.20 47.68 14.06
N THR E 41 -17.38 48.44 12.99
CA THR E 41 -16.63 49.67 12.78
C THR E 41 -17.32 50.88 13.41
N ASN E 42 -18.65 50.92 13.33
CA ASN E 42 -19.42 52.06 13.82
C ASN E 42 -19.69 51.92 15.33
N LEU E 43 -18.61 51.79 16.10
CA LEU E 43 -18.75 51.79 17.55
C LEU E 43 -18.60 53.18 18.16
N VAL E 44 -17.89 54.09 17.50
CA VAL E 44 -17.85 55.48 17.93
C VAL E 44 -18.88 56.31 17.15
N ASP E 54 -16.86 48.93 31.93
CA ASP E 54 -18.27 48.60 32.05
C ASP E 54 -18.51 47.18 31.57
N ILE E 55 -19.23 46.38 32.37
CA ILE E 55 -19.52 45.00 31.98
C ILE E 55 -20.39 44.98 30.73
N THR E 56 -21.33 45.93 30.61
CA THR E 56 -22.24 45.95 29.48
C THR E 56 -21.58 46.52 28.22
N PHE E 57 -20.50 47.28 28.39
CA PHE E 57 -19.82 47.84 27.22
C PHE E 57 -19.42 46.75 26.25
N ARG E 58 -18.73 45.73 26.76
CA ARG E 58 -18.25 44.61 25.94
C ARG E 58 -19.22 43.43 25.90
N LYS E 59 -19.69 42.97 27.06
CA LYS E 59 -20.30 41.65 27.13
C LYS E 59 -21.52 41.59 26.24
N LEU E 60 -22.50 42.46 26.48
CA LEU E 60 -23.72 42.37 25.69
C LEU E 60 -23.67 43.24 24.45
N TYR E 61 -23.12 44.45 24.55
CA TYR E 61 -23.28 45.38 23.44
C TYR E 61 -22.38 45.00 22.28
N LEU E 62 -21.09 44.84 22.54
CA LEU E 62 -20.19 44.44 21.47
C LEU E 62 -20.66 43.13 20.85
N LYS E 63 -21.28 42.26 21.63
CA LYS E 63 -21.77 41.00 21.09
C LYS E 63 -22.90 41.23 20.10
N ARG E 64 -23.87 42.07 20.47
CA ARG E 64 -24.97 42.36 19.55
C ARG E 64 -24.42 42.92 18.25
N LYS E 65 -23.52 43.90 18.35
CA LYS E 65 -22.95 44.50 17.15
C LYS E 65 -22.22 43.45 16.33
N LEU E 66 -21.48 42.55 16.99
CA LEU E 66 -20.78 41.53 16.25
C LEU E 66 -21.75 40.48 15.71
N ILE E 67 -22.86 40.24 16.41
CA ILE E 67 -23.82 39.28 15.89
C ILE E 67 -24.49 39.83 14.64
N TYR E 68 -24.84 41.12 14.66
CA TYR E 68 -25.48 41.72 13.50
C TYR E 68 -24.60 41.63 12.27
N ASP E 69 -23.27 41.72 12.46
CA ASP E 69 -22.36 41.57 11.33
C ASP E 69 -22.19 40.10 10.95
N ALA E 70 -22.09 39.21 11.95
CA ALA E 70 -21.89 37.80 11.66
C ALA E 70 -23.09 37.23 10.93
N ALA E 71 -24.30 37.64 11.34
CA ALA E 71 -25.50 37.15 10.67
C ALA E 71 -25.47 37.50 9.19
N VAL E 72 -24.98 38.69 8.86
CA VAL E 72 -24.91 39.12 7.47
C VAL E 72 -23.91 38.27 6.70
N GLU E 73 -22.69 38.11 7.25
CA GLU E 73 -21.67 37.33 6.56
C GLU E 73 -22.19 35.95 6.21
N GLY E 74 -22.79 35.28 7.19
CA GLY E 74 -23.34 33.97 6.92
C GLY E 74 -24.47 33.99 5.91
N ASP E 75 -25.12 35.14 5.73
CA ASP E 75 -26.23 35.22 4.78
C ASP E 75 -25.72 35.46 3.37
N LEU E 76 -24.82 36.42 3.21
CA LEU E 76 -24.27 36.71 1.89
C LEU E 76 -23.40 35.56 1.39
N LEU E 77 -22.80 34.79 2.31
CA LEU E 77 -22.04 33.61 1.92
C LEU E 77 -22.96 32.52 1.39
N LEU E 78 -24.16 32.39 1.97
CA LEU E 78 -25.13 31.45 1.40
C LEU E 78 -25.56 31.90 0.02
N LYS E 79 -25.73 33.20 -0.18
CA LYS E 79 -26.10 33.71 -1.50
C LYS E 79 -24.96 33.52 -2.49
N LEU E 80 -23.73 33.73 -2.05
CA LEU E 80 -22.57 33.51 -2.92
C LEU E 80 -22.51 32.07 -3.42
N ASN E 81 -22.88 31.12 -2.56
CA ASN E 81 -22.86 29.71 -2.89
C ASN E 81 -24.16 29.25 -3.53
N ASN E 82 -24.90 30.16 -4.16
CA ASN E 82 -26.16 29.83 -4.84
C ASN E 82 -27.15 29.18 -3.88
N TYR E 83 -27.22 29.68 -2.65
CA TYR E 83 -28.16 29.20 -1.65
C TYR E 83 -28.04 27.69 -1.44
N ARG E 84 -26.91 27.09 -1.79
CA ARG E 84 -26.69 25.68 -1.57
C ARG E 84 -26.14 25.45 -0.15
N TYR E 85 -26.80 24.57 0.59
CA TYR E 85 -26.41 24.22 1.97
C TYR E 85 -25.52 22.97 1.87
N ASN E 86 -24.26 23.21 1.52
CA ASN E 86 -23.30 22.13 1.30
C ASN E 86 -21.99 22.38 2.04
N LYS E 87 -20.98 21.53 1.79
CA LYS E 87 -19.71 21.63 2.51
C LYS E 87 -18.95 22.87 2.11
N ASP E 88 -18.97 23.22 0.83
CA ASP E 88 -18.31 24.44 0.37
C ASP E 88 -18.83 25.65 1.15
N PHE E 89 -20.13 25.64 1.49
CA PHE E 89 -20.69 26.74 2.26
C PHE E 89 -20.24 26.69 3.71
N CYS E 90 -20.23 25.50 4.31
CA CYS E 90 -19.80 25.39 5.69
C CYS E 90 -18.38 25.93 5.85
N LYS E 91 -17.51 25.66 4.87
CA LYS E 91 -16.12 26.09 5.00
C LYS E 91 -15.99 27.59 4.84
N ASP E 92 -16.78 28.23 3.98
CA ASP E 92 -16.75 29.68 3.92
C ASP E 92 -17.18 30.27 5.26
N ILE E 93 -18.14 29.63 5.94
CA ILE E 93 -18.53 30.09 7.27
C ILE E 93 -17.36 29.96 8.23
N ARG E 94 -16.73 28.79 8.23
CA ARG E 94 -15.62 28.53 9.15
C ARG E 94 -14.51 29.54 8.96
N TRP E 95 -14.18 29.86 7.71
CA TRP E 95 -13.09 30.79 7.46
C TRP E 95 -13.42 32.18 8.00
N SER E 96 -14.68 32.62 7.83
CA SER E 96 -15.05 33.97 8.25
C SER E 96 -15.22 34.07 9.76
N LEU E 97 -15.80 33.05 10.40
CA LEU E 97 -15.85 33.04 11.85
C LEU E 97 -14.45 33.16 12.43
N GLY E 98 -13.48 32.50 11.81
CA GLY E 98 -12.10 32.62 12.29
C GLY E 98 -11.56 34.03 12.13
N ASP E 99 -11.82 34.64 10.97
CA ASP E 99 -11.41 36.02 10.74
C ASP E 99 -12.07 36.94 11.76
N PHE E 100 -13.35 36.71 12.05
CA PHE E 100 -13.98 37.46 13.14
C PHE E 100 -13.22 37.27 14.44
N GLY E 101 -12.72 36.06 14.69
CA GLY E 101 -12.00 35.81 15.93
C GLY E 101 -10.66 36.52 15.96
N ASP E 102 -9.87 36.35 14.92
CA ASP E 102 -8.59 37.05 14.88
C ASP E 102 -8.79 38.55 14.98
N ILE E 103 -9.93 39.06 14.51
CA ILE E 103 -10.21 40.48 14.67
C ILE E 103 -10.40 40.82 16.14
N ILE E 104 -11.15 39.98 16.86
CA ILE E 104 -11.38 40.25 18.28
C ILE E 104 -10.07 40.12 19.06
N MET E 105 -9.24 39.15 18.67
CA MET E 105 -8.01 38.85 19.40
C MET E 105 -6.83 39.70 18.91
N GLY E 106 -7.04 40.60 17.96
CA GLY E 106 -5.96 41.47 17.54
C GLY E 106 -4.86 40.79 16.74
N THR E 107 -5.10 39.61 16.20
CA THR E 107 -4.11 38.94 15.38
C THR E 107 -4.49 38.91 13.92
N ASP E 108 -5.33 39.83 13.49
CA ASP E 108 -5.75 39.82 12.10
C ASP E 108 -4.56 40.18 11.25
N MET E 109 -4.12 39.24 10.43
CA MET E 109 -2.88 39.37 9.69
C MET E 109 -3.02 40.47 8.64
N GLU E 110 -4.26 40.93 8.42
CA GLU E 110 -4.47 42.01 7.46
C GLU E 110 -4.27 43.37 8.11
N GLY E 111 -5.11 43.70 9.08
CA GLY E 111 -5.06 44.98 9.78
C GLY E 111 -4.93 46.19 8.86
N ILE E 112 -5.84 46.33 7.90
CA ILE E 112 -5.74 47.37 6.88
C ILE E 112 -7.03 48.17 6.84
N GLY E 113 -6.90 49.49 6.71
CA GLY E 113 -8.05 50.34 6.48
C GLY E 113 -9.04 50.30 7.63
N TYR E 114 -10.31 50.04 7.30
CA TYR E 114 -11.36 50.05 8.31
C TYR E 114 -11.11 49.07 9.44
N SER E 115 -10.32 48.03 9.21
CA SER E 115 -10.01 47.09 10.27
C SER E 115 -9.22 47.75 11.39
N LYS E 116 -8.44 48.80 11.08
CA LYS E 116 -7.72 49.55 12.10
C LYS E 116 -8.67 50.28 13.03
N VAL E 117 -9.81 50.72 12.52
CA VAL E 117 -10.80 51.38 13.38
C VAL E 117 -11.37 50.38 14.37
N VAL E 118 -11.72 49.18 13.90
CA VAL E 118 -12.28 48.17 14.80
C VAL E 118 -11.26 47.83 15.88
N GLU E 119 -10.00 47.69 15.49
CA GLU E 119 -8.97 47.39 16.48
C GLU E 119 -8.92 48.49 17.53
N ASN E 120 -8.88 49.75 17.09
CA ASN E 120 -8.88 50.87 18.03
C ASN E 120 -10.15 50.87 18.89
N ASN E 121 -11.27 50.49 18.31
CA ASN E 121 -12.50 50.38 19.09
C ASN E 121 -12.38 49.31 20.17
N LEU E 122 -11.80 48.16 19.82
CA LEU E 122 -11.65 47.09 20.79
C LEU E 122 -10.66 47.45 21.88
N ARG E 123 -9.59 48.15 21.53
CA ARG E 123 -8.59 48.52 22.52
C ARG E 123 -9.16 49.49 23.54
N SER E 124 -10.03 50.42 23.11
CA SER E 124 -10.68 51.31 24.06
C SER E 124 -11.76 50.61 24.87
N ILE E 125 -11.99 49.33 24.62
CA ILE E 125 -12.96 48.53 25.37
C ILE E 125 -12.26 47.57 26.32
N PHE E 126 -11.28 46.81 25.82
CA PHE E 126 -10.62 45.77 26.62
C PHE E 126 -9.34 46.27 27.29
N GLY E 127 -8.48 46.95 26.56
CA GLY E 127 -7.25 47.46 27.13
C GLY E 127 -6.16 47.50 26.08
N THR E 128 -4.92 47.69 26.56
CA THR E 128 -3.77 47.80 25.68
C THR E 128 -2.57 46.96 26.10
N ASP E 129 -2.56 46.35 27.28
CA ASP E 129 -1.42 45.59 27.77
C ASP E 129 -1.56 44.10 27.40
N GLU E 130 -0.57 43.31 27.82
CA GLU E 130 -0.62 41.87 27.58
C GLU E 130 -1.92 41.28 28.11
N LYS E 131 -2.32 41.69 29.33
CA LYS E 131 -3.54 41.18 29.95
C LYS E 131 -4.80 41.60 29.21
N ALA E 132 -4.68 42.47 28.20
CA ALA E 132 -5.83 42.81 27.37
C ALA E 132 -6.07 41.72 26.33
N GLN E 133 -5.00 41.18 25.72
CA GLN E 133 -5.15 40.05 24.83
C GLN E 133 -5.83 38.88 25.53
N GLN E 134 -5.45 38.63 26.79
CA GLN E 134 -6.07 37.55 27.54
C GLN E 134 -7.56 37.78 27.70
N ARG E 135 -7.96 38.97 28.12
CA ARG E 135 -9.39 39.27 28.23
C ARG E 135 -10.08 39.15 26.88
N ARG E 136 -9.40 39.52 25.80
CA ARG E 136 -10.00 39.44 24.46
C ARG E 136 -10.06 38.00 23.98
N LYS E 137 -9.01 37.23 24.22
CA LYS E 137 -9.08 35.81 23.92
C LYS E 137 -10.16 35.14 24.77
N GLN E 138 -10.28 35.57 26.05
CA GLN E 138 -11.32 35.03 26.91
C GLN E 138 -12.70 35.35 26.37
N TRP E 139 -12.94 36.62 26.06
CA TRP E 139 -14.24 36.99 25.55
C TRP E 139 -14.57 36.27 24.26
N TRP E 140 -13.55 35.96 23.45
CA TRP E 140 -13.83 35.26 22.21
C TRP E 140 -14.22 33.81 22.46
N ASN E 141 -13.56 33.15 23.41
CA ASN E 141 -13.88 31.74 23.67
C ASN E 141 -15.31 31.60 24.18
N GLU E 142 -15.71 32.44 25.14
CA GLU E 142 -17.04 32.35 25.71
C GLU E 142 -18.10 33.00 24.84
N SER E 143 -17.75 33.43 23.63
CA SER E 143 -18.72 34.00 22.72
C SER E 143 -18.63 33.43 21.31
N LYS E 144 -17.55 32.75 20.95
CA LYS E 144 -17.37 32.27 19.59
C LYS E 144 -18.47 31.31 19.17
N ALA E 145 -18.98 30.50 20.09
CA ALA E 145 -20.08 29.60 19.76
C ALA E 145 -21.32 30.39 19.33
N GLN E 146 -21.68 31.42 20.11
CA GLN E 146 -22.86 32.21 19.80
C GLN E 146 -22.73 32.95 18.46
N ILE E 147 -21.52 33.32 18.07
CA ILE E 147 -21.32 33.99 16.79
C ILE E 147 -21.51 33.02 15.63
N TRP E 148 -21.21 31.74 15.83
CA TRP E 148 -21.44 30.77 14.77
C TRP E 148 -22.93 30.53 14.54
N THR E 149 -23.73 30.48 15.62
CA THR E 149 -25.16 30.38 15.45
C THR E 149 -25.72 31.57 14.68
N ALA E 150 -25.06 32.73 14.77
CA ALA E 150 -25.53 33.89 14.03
C ALA E 150 -25.25 33.73 12.55
N MET E 151 -24.07 33.24 12.19
CA MET E 151 -23.77 33.01 10.79
C MET E 151 -24.69 31.95 10.21
N MET E 152 -25.25 31.14 11.07
CA MET E 152 -26.14 30.05 10.64
C MET E 152 -27.60 30.50 10.73
N TYR E 153 -27.86 31.78 10.94
CA TYR E 153 -29.26 32.26 11.08
C TYR E 153 -30.06 32.11 9.80
N SER E 154 -29.56 32.63 8.69
CA SER E 154 -30.30 32.64 7.42
C SER E 154 -30.53 31.21 6.98
N VAL E 155 -29.51 30.37 7.10
CA VAL E 155 -29.69 28.99 6.71
C VAL E 155 -30.71 28.32 7.63
N LYS E 156 -30.92 28.84 8.82
CA LYS E 156 -31.92 28.21 9.69
C LYS E 156 -33.28 28.87 9.56
N LYS E 157 -33.27 30.22 9.37
CA LYS E 157 -34.50 30.93 9.04
C LYS E 157 -35.08 30.35 7.77
N ARG E 158 -34.27 30.31 6.72
CA ARG E 158 -34.55 29.47 5.57
C ARG E 158 -34.72 28.03 6.06
N LEU E 159 -35.51 27.23 5.35
CA LEU E 159 -35.78 25.86 5.80
C LEU E 159 -36.36 25.82 7.22
N LYS E 160 -37.54 26.42 7.35
CA LYS E 160 -38.38 26.25 8.54
C LYS E 160 -38.71 24.76 8.57
N GLY E 161 -38.15 24.05 9.53
CA GLY E 161 -38.23 22.60 9.49
C GLY E 161 -37.24 22.13 8.45
N ASN E 162 -37.17 20.82 8.27
CA ASN E 162 -36.30 20.24 7.26
C ASN E 162 -34.86 20.70 7.42
N PHE E 163 -34.52 21.25 8.58
CA PHE E 163 -33.20 21.77 8.83
C PHE E 163 -32.26 20.66 9.31
N ILE E 164 -31.01 20.76 8.89
CA ILE E 164 -29.99 19.76 9.18
C ILE E 164 -28.72 20.52 9.55
N TRP E 165 -28.01 20.01 10.55
CA TRP E 165 -26.72 20.56 10.95
C TRP E 165 -25.64 19.99 10.05
N ILE E 166 -25.68 20.41 8.78
CA ILE E 166 -24.62 20.02 7.86
C ILE E 166 -23.29 20.56 8.36
N CYS E 167 -23.28 21.83 8.75
CA CYS E 167 -22.12 22.41 9.39
C CYS E 167 -22.19 22.10 10.89
N LYS E 168 -21.05 21.69 11.46
CA LYS E 168 -20.96 21.36 12.87
C LYS E 168 -20.28 22.49 13.63
N LEU E 169 -20.62 22.61 14.91
CA LEU E 169 -20.18 23.76 15.70
C LEU E 169 -18.72 23.63 16.11
N ASN E 170 -18.38 22.54 16.81
CA ASN E 170 -17.03 22.42 17.38
C ASN E 170 -15.96 22.48 16.31
N VAL E 171 -16.28 22.10 15.08
CA VAL E 171 -15.30 22.19 14.01
C VAL E 171 -15.06 23.64 13.62
N ALA E 172 -16.04 24.51 13.86
CA ALA E 172 -15.93 25.90 13.46
C ALA E 172 -15.28 26.76 14.54
N VAL E 173 -15.45 26.41 15.82
CA VAL E 173 -14.93 27.24 16.91
C VAL E 173 -13.60 26.71 17.40
N ASN E 174 -13.03 25.78 16.65
CA ASN E 174 -11.71 25.28 16.97
C ASN E 174 -10.66 26.34 16.64
N ILE E 175 -9.96 26.83 17.67
CA ILE E 175 -8.94 27.86 17.46
C ILE E 175 -7.79 27.29 16.64
N GLU E 176 -7.34 28.07 15.65
CA GLU E 176 -6.23 27.71 14.76
C GLU E 176 -5.63 29.00 14.23
N PRO E 177 -4.30 29.11 14.15
CA PRO E 177 -3.70 30.37 13.66
C PRO E 177 -4.24 30.73 12.28
N GLN E 178 -4.46 32.04 12.06
CA GLN E 178 -5.09 32.46 10.82
C GLN E 178 -4.34 31.92 9.60
N ILE E 179 -3.01 31.96 9.63
CA ILE E 179 -2.26 31.51 8.47
C ILE E 179 -2.59 30.06 8.13
N TYR E 180 -2.94 29.26 9.14
CA TYR E 180 -3.36 27.88 8.89
C TYR E 180 -4.67 27.86 8.11
N ARG E 181 -5.67 28.58 8.60
CA ARG E 181 -6.99 28.57 7.97
C ARG E 181 -6.95 29.15 6.56
N TRP E 182 -5.96 30.00 6.25
CA TRP E 182 -5.86 30.54 4.89
C TRP E 182 -5.19 29.56 3.94
N ILE E 183 -4.23 28.77 4.42
CA ILE E 183 -3.67 27.72 3.58
C ILE E 183 -4.74 26.69 3.26
N ARG E 184 -5.59 26.37 4.23
CA ARG E 184 -6.71 25.47 3.96
C ARG E 184 -7.59 26.02 2.83
N GLU E 185 -8.01 27.28 2.97
CA GLU E 185 -8.82 27.91 1.92
C GLU E 185 -8.05 28.04 0.61
N TRP E 186 -6.75 28.37 0.66
CA TRP E 186 -5.97 28.52 -0.56
C TRP E 186 -5.90 27.20 -1.32
N GLY E 187 -5.45 26.14 -0.65
CA GLY E 187 -5.43 24.85 -1.30
C GLY E 187 -6.79 24.41 -1.76
N ARG E 188 -7.84 24.78 -1.02
CA ARG E 188 -9.19 24.47 -1.43
C ARG E 188 -9.53 25.18 -2.74
N ASP E 189 -9.08 26.43 -2.90
CA ASP E 189 -9.26 27.14 -4.16
C ASP E 189 -8.34 26.58 -5.24
N TYR E 190 -7.13 26.16 -4.88
CA TYR E 190 -6.19 25.70 -5.90
C TYR E 190 -6.71 24.46 -6.61
N VAL E 191 -7.17 23.46 -5.86
CA VAL E 191 -7.65 22.22 -6.47
C VAL E 191 -8.94 22.43 -7.24
N SER E 192 -9.71 23.46 -6.91
CA SER E 192 -10.90 23.80 -7.69
C SER E 192 -10.55 24.58 -8.94
N GLU E 193 -9.52 25.42 -8.87
CA GLU E 193 -9.14 26.23 -10.02
C GLU E 193 -8.34 25.44 -11.03
N LEU E 194 -7.62 24.41 -10.60
CA LEU E 194 -6.72 23.73 -11.52
C LEU E 194 -7.46 23.00 -12.63
N PRO E 195 -8.48 22.19 -12.34
CA PRO E 195 -9.14 21.48 -13.44
C PRO E 195 -9.65 22.39 -14.55
N THR E 196 -10.13 23.58 -14.18
CA THR E 196 -10.64 24.51 -15.19
C THR E 196 -9.53 24.98 -16.13
N GLU E 197 -8.43 25.49 -15.57
CA GLU E 197 -7.31 25.98 -16.38
C GLU E 197 -6.66 24.87 -17.18
N VAL E 198 -6.87 23.61 -16.81
CA VAL E 198 -6.38 22.50 -17.60
C VAL E 198 -7.35 22.20 -18.74
N GLN E 199 -8.65 22.22 -18.47
CA GLN E 199 -9.63 21.98 -19.52
C GLN E 199 -9.53 23.04 -20.61
N LYS E 200 -9.33 24.30 -20.22
CA LYS E 200 -9.13 25.34 -21.21
C LYS E 200 -7.92 25.02 -22.09
N LEU E 201 -6.82 24.57 -21.47
CA LEU E 201 -5.62 24.23 -22.23
C LEU E 201 -5.86 23.04 -23.15
N LYS E 202 -6.56 22.02 -22.64
CA LYS E 202 -6.81 20.83 -23.45
C LYS E 202 -7.57 21.19 -24.71
N GLU E 203 -8.63 21.98 -24.56
CA GLU E 203 -9.50 22.28 -25.68
C GLU E 203 -8.72 22.86 -26.86
N LYS E 204 -7.81 23.78 -26.58
CA LYS E 204 -7.13 24.48 -27.67
C LYS E 204 -5.84 23.80 -28.09
N CYS E 205 -5.34 22.83 -27.30
CA CYS E 205 -4.04 22.21 -27.55
C CYS E 205 -4.04 20.69 -27.69
N ASP E 206 -5.12 20.01 -27.33
CA ASP E 206 -5.18 18.56 -27.50
C ASP E 206 -4.96 18.20 -28.96
N GLY E 207 -4.67 16.93 -29.19
CA GLY E 207 -4.44 16.42 -30.53
C GLY E 207 -3.09 16.83 -31.07
N LYS E 208 -2.71 16.16 -32.15
CA LYS E 208 -1.43 16.38 -32.80
C LYS E 208 -1.65 17.19 -34.06
N ILE E 209 -0.70 18.06 -34.37
CA ILE E 209 -0.92 19.05 -35.43
C ILE E 209 -0.87 18.36 -36.79
N ASN E 210 0.27 17.81 -37.18
CA ASN E 210 0.36 17.17 -38.49
C ASN E 210 0.09 15.67 -38.32
N TYR E 211 1.01 14.96 -37.67
CA TYR E 211 0.74 13.59 -37.22
C TYR E 211 1.31 13.24 -35.86
N THR E 212 2.41 13.89 -35.41
CA THR E 212 3.03 13.56 -34.14
C THR E 212 3.48 14.78 -33.35
N ASP E 213 3.43 15.98 -33.90
CA ASP E 213 3.88 17.18 -33.22
C ASP E 213 2.77 17.78 -32.38
N LYS E 214 3.16 18.67 -31.48
CA LYS E 214 2.21 19.33 -30.59
C LYS E 214 1.68 20.60 -31.22
N LYS E 215 0.43 20.94 -30.89
CA LYS E 215 -0.17 22.15 -31.45
C LYS E 215 0.54 23.41 -30.99
N VAL E 216 1.08 23.42 -29.78
CA VAL E 216 1.70 24.63 -29.24
C VAL E 216 2.94 25.03 -30.03
N CYS E 217 3.53 24.10 -30.78
CA CYS E 217 4.73 24.41 -31.53
C CYS E 217 4.46 25.47 -32.59
N LYS E 218 3.29 25.40 -33.23
CA LYS E 218 2.99 26.27 -34.38
C LYS E 218 1.66 27.00 -34.23
N VAL E 219 0.67 26.36 -33.60
CA VAL E 219 -0.67 26.91 -33.51
C VAL E 219 -0.67 28.12 -32.57
N PRO E 220 -1.00 29.32 -33.04
CA PRO E 220 -1.04 30.50 -32.14
C PRO E 220 -2.16 30.40 -31.13
N PRO E 221 -3.37 29.99 -31.53
CA PRO E 221 -4.47 29.85 -30.55
C PRO E 221 -4.08 29.05 -29.31
N CYS E 222 -3.35 27.95 -29.48
CA CYS E 222 -2.88 27.18 -28.33
C CYS E 222 -1.79 27.94 -27.58
N GLN E 223 -0.87 28.59 -28.32
CA GLN E 223 0.21 29.34 -27.69
C GLN E 223 -0.31 30.45 -26.77
N ASN E 224 -1.53 30.94 -27.00
CA ASN E 224 -2.09 31.94 -26.10
C ASN E 224 -2.70 31.31 -24.87
N ALA E 225 -3.46 30.22 -25.02
CA ALA E 225 -4.00 29.52 -23.86
C ALA E 225 -2.90 29.07 -22.92
N CYS E 226 -1.71 28.78 -23.46
CA CYS E 226 -0.58 28.41 -22.61
C CYS E 226 -0.09 29.60 -21.78
N LYS E 227 0.01 30.78 -22.40
CA LYS E 227 0.38 31.97 -21.65
C LYS E 227 -0.68 32.35 -20.64
N SER E 228 -1.94 31.94 -20.85
CA SER E 228 -2.95 32.15 -19.82
C SER E 228 -2.71 31.22 -18.63
N TYR E 229 -2.50 29.93 -18.91
CA TYR E 229 -2.15 29.00 -17.84
C TYR E 229 -0.79 29.35 -17.24
N ASP E 230 0.16 29.76 -18.08
CA ASP E 230 1.46 30.16 -17.56
C ASP E 230 1.30 31.27 -16.53
N GLN E 231 0.38 32.21 -16.78
CA GLN E 231 0.16 33.30 -15.82
C GLN E 231 -0.49 32.81 -14.53
N TRP E 232 -1.48 31.92 -14.65
CA TRP E 232 -2.21 31.45 -13.48
C TRP E 232 -1.34 30.59 -12.58
N ILE E 233 -0.65 29.60 -13.14
CA ILE E 233 0.16 28.71 -12.31
C ILE E 233 1.30 29.47 -11.66
N THR E 234 1.74 30.57 -12.28
CA THR E 234 2.78 31.38 -11.66
C THR E 234 2.21 32.18 -10.49
N ARG E 235 0.97 32.66 -10.60
CA ARG E 235 0.36 33.30 -9.44
C ARG E 235 0.13 32.29 -8.32
N LYS E 236 -0.18 31.04 -8.64
CA LYS E 236 -0.32 30.03 -7.60
C LYS E 236 1.03 29.71 -6.98
N LYS E 237 2.05 29.48 -7.82
CA LYS E 237 3.40 29.25 -7.33
C LYS E 237 3.84 30.39 -6.42
N ASN E 238 3.61 31.63 -6.85
CA ASN E 238 3.99 32.76 -6.02
C ASN E 238 3.15 32.81 -4.74
N GLN E 239 1.84 32.55 -4.84
CA GLN E 239 1.02 32.55 -3.65
C GLN E 239 1.48 31.49 -2.66
N TRP E 240 1.77 30.27 -3.15
CA TRP E 240 2.19 29.21 -2.25
C TRP E 240 3.49 29.55 -1.54
N ASP E 241 4.45 30.16 -2.25
CA ASP E 241 5.72 30.52 -1.63
C ASP E 241 5.50 31.53 -0.52
N VAL E 242 4.68 32.55 -0.77
CA VAL E 242 4.43 33.58 0.24
C VAL E 242 3.70 32.98 1.43
N LEU E 243 2.59 32.28 1.18
CA LEU E 243 1.82 31.76 2.29
C LEU E 243 2.63 30.77 3.11
N SER E 244 3.46 29.97 2.44
CA SER E 244 4.23 28.98 3.17
C SER E 244 5.38 29.62 3.93
N ASN E 245 5.97 30.71 3.41
CA ASN E 245 6.98 31.42 4.18
C ASN E 245 6.37 32.10 5.39
N LYS E 246 5.20 32.74 5.22
CA LYS E 246 4.50 33.31 6.36
C LYS E 246 4.14 32.23 7.37
N PHE E 247 3.82 31.02 6.90
CA PHE E 247 3.53 29.93 7.82
C PHE E 247 4.74 29.60 8.67
N ILE E 248 5.92 29.57 8.06
CA ILE E 248 7.14 29.26 8.80
C ILE E 248 7.40 30.32 9.86
N SER E 249 7.06 31.57 9.55
CA SER E 249 7.30 32.65 10.51
C SER E 249 6.44 32.46 11.74
N VAL E 250 5.20 32.03 11.57
CA VAL E 250 4.31 31.87 12.71
C VAL E 250 4.74 30.67 13.53
N LYS E 251 4.90 29.51 12.88
CA LYS E 251 5.31 28.30 13.57
C LYS E 251 6.57 28.52 14.41
N ASN E 252 7.48 29.36 13.92
CA ASN E 252 8.69 29.64 14.67
C ASN E 252 8.43 30.51 15.89
N ALA E 253 7.34 31.27 15.90
CA ALA E 253 7.10 32.23 16.96
C ALA E 253 6.02 31.79 17.93
N GLU E 254 5.35 30.68 17.68
CA GLU E 254 4.28 30.22 18.56
C GLU E 254 4.80 29.07 19.42
N LYS E 255 4.68 29.24 20.74
CA LYS E 255 5.19 28.27 21.69
C LYS E 255 4.49 26.92 21.60
N VAL E 256 3.41 26.78 20.85
CA VAL E 256 2.67 25.53 20.82
C VAL E 256 2.41 25.12 19.38
N GLN E 257 2.52 23.81 19.10
CA GLN E 257 2.31 23.27 17.75
C GLN E 257 0.95 22.56 17.68
N THR E 258 0.04 23.08 16.85
CA THR E 258 -1.18 22.36 16.52
C THR E 258 -0.86 20.94 16.08
N ALA E 259 -1.23 19.98 16.92
CA ALA E 259 -1.09 18.54 16.68
C ALA E 259 -1.21 18.15 15.21
N GLY E 260 -0.12 17.58 14.68
CA GLY E 260 -0.11 16.96 13.37
C GLY E 260 0.22 17.89 12.24
N ILE E 261 0.72 19.08 12.54
CA ILE E 261 1.14 20.06 11.54
C ILE E 261 2.60 20.38 11.81
N VAL E 262 3.46 20.04 10.85
CA VAL E 262 4.88 20.33 10.96
C VAL E 262 5.28 21.25 9.81
N THR E 263 5.06 20.78 8.58
CA THR E 263 5.32 21.57 7.39
C THR E 263 4.02 22.16 6.88
N PRO E 264 4.09 23.21 6.05
CA PRO E 264 2.85 23.77 5.48
C PRO E 264 2.12 22.81 4.57
N TYR E 265 2.81 21.79 4.05
CA TYR E 265 2.12 20.79 3.23
C TYR E 265 1.22 19.88 4.07
N ASP E 266 1.46 19.76 5.38
CA ASP E 266 0.57 18.98 6.24
C ASP E 266 -0.82 19.61 6.28
N ILE E 267 -0.88 20.94 6.23
CA ILE E 267 -2.16 21.61 6.27
C ILE E 267 -2.99 21.24 5.04
N LEU E 268 -2.33 21.14 3.88
CA LEU E 268 -3.05 20.76 2.67
C LEU E 268 -3.46 19.28 2.71
N LYS E 269 -2.57 18.41 3.21
CA LYS E 269 -2.92 17.00 3.35
C LYS E 269 -4.16 16.83 4.20
N GLN E 270 -4.28 17.61 5.26
CA GLN E 270 -5.44 17.50 6.12
C GLN E 270 -6.71 17.96 5.41
N GLU E 271 -6.62 19.04 4.64
CA GLU E 271 -7.81 19.70 4.09
C GLU E 271 -8.26 19.11 2.75
N LEU E 272 -7.36 18.60 1.95
CA LEU E 272 -7.69 18.15 0.61
C LEU E 272 -7.74 16.63 0.55
N ASP E 273 -8.70 16.12 -0.22
CA ASP E 273 -8.85 14.68 -0.37
C ASP E 273 -7.92 14.19 -1.45
N GLU E 274 -7.24 13.07 -1.18
CA GLU E 274 -6.34 12.47 -2.16
C GLU E 274 -5.29 13.47 -2.63
N PHE E 275 -4.78 14.29 -1.70
CA PHE E 275 -3.76 15.27 -2.05
C PHE E 275 -2.44 14.56 -2.29
N ASN E 276 -1.97 14.60 -3.54
CA ASN E 276 -0.68 14.02 -3.91
C ASN E 276 0.32 15.16 -4.06
N GLU E 277 0.98 15.51 -2.96
CA GLU E 277 1.89 16.64 -2.99
C GLU E 277 3.02 16.44 -4.00
N VAL E 278 3.27 15.21 -4.41
CA VAL E 278 4.28 14.96 -5.43
C VAL E 278 3.90 15.69 -6.71
N ALA E 279 2.65 15.56 -7.14
CA ALA E 279 2.21 16.28 -8.33
C ALA E 279 2.06 17.77 -8.04
N PHE E 280 1.56 18.12 -6.86
CA PHE E 280 1.41 19.53 -6.50
C PHE E 280 2.72 20.27 -6.68
N GLU E 281 3.82 19.70 -6.18
CA GLU E 281 5.13 20.31 -6.40
C GLU E 281 5.45 20.41 -7.88
N ASN E 282 5.10 19.37 -8.65
CA ASN E 282 5.35 19.39 -10.09
C ASN E 282 4.43 20.37 -10.80
N GLU E 283 3.17 20.41 -10.38
CA GLU E 283 2.20 21.28 -11.04
C GLU E 283 2.63 22.73 -10.93
N ILE E 284 2.94 23.19 -9.71
CA ILE E 284 3.27 24.59 -9.53
C ILE E 284 4.64 24.95 -10.07
N ASN E 285 5.46 23.97 -10.42
CA ASN E 285 6.78 24.21 -10.96
C ASN E 285 6.84 23.99 -12.47
N LYS E 286 5.69 23.86 -13.13
CA LYS E 286 5.63 23.73 -14.58
C LYS E 286 6.45 22.55 -15.09
N ARG E 287 6.51 21.48 -14.29
CA ARG E 287 7.15 20.25 -14.71
C ARG E 287 6.22 19.05 -14.61
N ASP E 288 4.91 19.28 -14.51
CA ASP E 288 3.96 18.19 -14.46
C ASP E 288 3.81 17.56 -15.85
N GLY E 289 2.96 16.56 -15.93
CA GLY E 289 2.78 15.86 -17.19
C GLY E 289 1.91 16.60 -18.17
N ALA E 290 0.73 17.04 -17.71
CA ALA E 290 -0.21 17.68 -18.62
C ALA E 290 0.38 18.95 -19.22
N TYR E 291 1.10 19.73 -18.41
CA TYR E 291 1.66 20.98 -18.90
C TYR E 291 2.73 20.73 -19.95
N ILE E 292 3.56 19.72 -19.75
CA ILE E 292 4.62 19.43 -20.71
C ILE E 292 4.02 18.88 -22.00
N GLU E 293 3.01 18.01 -21.88
CA GLU E 293 2.42 17.41 -23.06
C GLU E 293 1.66 18.41 -23.92
N LEU E 294 1.30 19.57 -23.36
CA LEU E 294 0.44 20.52 -24.05
C LEU E 294 1.09 21.85 -24.39
N CYS E 295 2.06 22.32 -23.60
CA CYS E 295 2.60 23.66 -23.80
C CYS E 295 4.11 23.69 -23.97
N VAL E 296 4.77 22.54 -24.00
CA VAL E 296 6.22 22.47 -24.18
C VAL E 296 6.48 21.73 -25.47
N CYS E 297 7.11 22.42 -26.42
CA CYS E 297 7.36 21.82 -27.73
C CYS E 297 8.62 20.94 -27.70
N SER E 298 9.74 21.48 -27.25
CA SER E 298 10.99 20.72 -27.19
C SER E 298 11.98 21.40 -26.24
N GLN F 5 -42.33 21.58 7.76
CA GLN F 5 -43.52 21.45 8.60
C GLN F 5 -43.16 21.65 10.05
N VAL F 6 -43.58 22.79 10.61
CA VAL F 6 -43.33 23.13 12.01
C VAL F 6 -44.55 23.89 12.50
N GLN F 7 -45.32 23.27 13.39
CA GLN F 7 -46.59 23.81 13.84
C GLN F 7 -46.49 24.32 15.28
N LEU F 8 -47.33 25.28 15.61
CA LEU F 8 -47.49 25.75 16.98
C LEU F 8 -48.96 25.68 17.36
N VAL F 9 -49.26 24.95 18.42
CA VAL F 9 -50.63 24.72 18.87
C VAL F 9 -50.76 25.25 20.29
N GLN F 10 -51.73 26.13 20.51
CA GLN F 10 -51.97 26.70 21.82
C GLN F 10 -53.22 26.12 22.46
N SER F 11 -53.43 26.47 23.73
CA SER F 11 -54.57 25.95 24.47
C SER F 11 -55.87 26.70 24.12
N GLY F 12 -56.97 26.21 24.68
CA GLY F 12 -58.28 26.77 24.41
C GLY F 12 -58.49 28.12 25.07
N ALA F 13 -59.62 28.74 24.74
CA ALA F 13 -59.97 30.03 25.31
C ALA F 13 -60.24 29.88 26.79
N GLU F 14 -59.86 30.89 27.58
CA GLU F 14 -60.03 30.86 29.02
C GLU F 14 -60.70 32.14 29.50
N VAL F 15 -61.46 32.02 30.58
CA VAL F 15 -62.16 33.12 31.21
C VAL F 15 -61.80 33.11 32.70
N LYS F 16 -61.38 34.26 33.22
CA LYS F 16 -60.91 34.36 34.60
C LYS F 16 -61.58 35.53 35.31
N LYS F 17 -61.52 35.49 36.65
CA LYS F 17 -62.04 36.48 37.60
C LYS F 17 -60.93 37.46 37.98
N PRO F 18 -61.24 38.76 38.08
CA PRO F 18 -60.19 39.74 38.37
C PRO F 18 -59.33 39.37 39.56
N GLY F 19 -58.02 39.28 39.34
CA GLY F 19 -57.09 38.92 40.37
C GLY F 19 -56.54 37.52 40.28
N ALA F 20 -57.15 36.65 39.47
CA ALA F 20 -56.72 35.27 39.37
C ALA F 20 -55.51 35.18 38.43
N SER F 21 -55.14 33.95 38.07
CA SER F 21 -54.02 33.70 37.18
C SER F 21 -54.47 32.86 35.99
N VAL F 22 -53.64 32.86 34.96
CA VAL F 22 -53.92 32.11 33.73
C VAL F 22 -52.60 31.62 33.16
N LYS F 23 -52.59 30.37 32.71
CA LYS F 23 -51.42 29.76 32.07
C LYS F 23 -51.86 29.23 30.73
N VAL F 24 -51.17 29.64 29.67
CA VAL F 24 -51.49 29.24 28.30
C VAL F 24 -50.38 28.32 27.81
N SER F 25 -50.78 27.25 27.12
CA SER F 25 -49.83 26.28 26.60
C SER F 25 -49.50 26.60 25.15
N CYS F 26 -48.39 26.01 24.67
CA CYS F 26 -47.92 26.21 23.30
C CYS F 26 -47.04 25.02 22.97
N LYS F 27 -47.53 24.13 22.11
CA LYS F 27 -46.81 22.90 21.77
C LYS F 27 -46.17 23.03 20.40
N VAL F 28 -44.94 22.54 20.28
CA VAL F 28 -44.23 22.51 19.01
C VAL F 28 -44.46 21.18 18.34
N SER F 29 -44.50 21.21 17.01
CA SER F 29 -44.79 20.02 16.22
C SER F 29 -43.95 20.11 14.95
N GLY F 30 -42.79 19.48 14.95
CA GLY F 30 -41.99 19.41 13.74
C GLY F 30 -40.56 19.87 13.92
N TYR F 31 -40.16 20.10 15.17
CA TYR F 31 -38.78 20.46 15.46
C TYR F 31 -38.57 20.44 16.96
N THR F 32 -37.36 20.07 17.38
CA THR F 32 -37.07 19.94 18.80
C THR F 32 -37.19 21.29 19.49
N LEU F 33 -38.07 21.38 20.50
CA LEU F 33 -38.21 22.63 21.25
C LEU F 33 -36.88 23.10 21.80
N THR F 34 -35.94 22.19 22.03
CA THR F 34 -34.71 22.51 22.75
C THR F 34 -33.85 23.56 22.06
N GLU F 35 -34.26 24.01 20.88
CA GLU F 35 -33.49 24.99 20.12
C GLU F 35 -34.19 26.33 19.95
N LEU F 36 -35.48 26.42 20.29
CA LEU F 36 -36.27 27.63 20.03
C LEU F 36 -36.27 28.54 21.26
N SER F 37 -36.71 29.78 21.06
CA SER F 37 -36.80 30.78 22.12
C SER F 37 -38.23 31.01 22.63
N MET F 38 -39.24 31.03 21.75
CA MET F 38 -40.65 31.00 22.18
C MET F 38 -41.00 32.21 23.07
N HIS F 39 -41.00 33.38 22.44
CA HIS F 39 -41.49 34.61 23.07
C HIS F 39 -43.02 34.59 23.11
N TRP F 40 -43.60 35.66 23.69
CA TRP F 40 -45.04 35.82 23.81
C TRP F 40 -45.44 37.27 23.53
N VAL F 41 -46.51 37.44 22.73
CA VAL F 41 -47.06 38.76 22.47
C VAL F 41 -48.58 38.68 22.55
N ARG F 42 -49.20 39.81 22.92
CA ARG F 42 -50.65 39.92 23.07
C ARG F 42 -51.14 41.09 22.23
N GLN F 43 -52.46 41.15 22.05
CA GLN F 43 -53.09 42.25 21.32
C GLN F 43 -54.48 42.51 21.87
N ALA F 44 -54.69 43.70 22.42
CA ALA F 44 -56.02 44.10 22.85
C ALA F 44 -56.94 44.27 21.64
N PRO F 45 -58.27 44.19 21.85
CA PRO F 45 -59.20 44.25 20.70
C PRO F 45 -59.01 45.47 19.83
N GLY F 46 -58.93 46.65 20.43
CA GLY F 46 -58.78 47.87 19.66
C GLY F 46 -57.32 48.20 19.35
N LYS F 47 -56.45 47.92 20.31
CA LYS F 47 -55.05 48.28 20.19
C LYS F 47 -54.29 47.23 19.38
N GLY F 48 -52.98 47.45 19.25
CA GLY F 48 -52.12 46.65 18.41
C GLY F 48 -51.31 45.63 19.17
N LEU F 49 -50.26 45.16 18.53
CA LEU F 49 -49.41 44.11 19.10
C LEU F 49 -48.53 44.66 20.21
N GLU F 50 -48.36 43.87 21.26
CA GLU F 50 -47.49 44.22 22.38
C GLU F 50 -46.69 43.00 22.78
N TRP F 51 -45.41 43.20 23.08
CA TRP F 51 -44.50 42.13 23.42
C TRP F 51 -44.43 42.00 24.94
N MET F 52 -44.57 40.78 25.45
CA MET F 52 -44.60 40.54 26.88
C MET F 52 -43.24 40.03 27.39
N GLY F 53 -42.73 38.95 26.83
CA GLY F 53 -41.47 38.42 27.27
C GLY F 53 -41.02 37.28 26.38
N GLY F 54 -39.96 36.62 26.80
CA GLY F 54 -39.43 35.51 26.02
C GLY F 54 -38.25 34.86 26.71
N PHE F 55 -37.84 33.71 26.16
CA PHE F 55 -36.73 32.91 26.67
C PHE F 55 -35.57 32.99 25.69
N ASP F 56 -34.53 33.72 26.07
CA ASP F 56 -33.36 33.90 25.22
C ASP F 56 -32.53 32.63 25.38
N ARG F 57 -32.79 31.65 24.51
CA ARG F 57 -32.20 30.32 24.71
C ARG F 57 -30.69 30.34 24.60
N GLU F 58 -30.14 31.19 23.73
CA GLU F 58 -28.68 31.23 23.59
C GLU F 58 -28.00 31.52 24.93
N ASP F 59 -28.69 32.25 25.82
CA ASP F 59 -28.16 32.61 27.13
C ASP F 59 -29.05 32.17 28.28
N GLY F 60 -30.19 31.52 28.00
CA GLY F 60 -31.16 31.33 29.06
C GLY F 60 -31.64 32.69 29.58
N GLU F 61 -32.06 32.71 30.84
CA GLU F 61 -32.35 33.95 31.56
C GLU F 61 -33.41 34.78 30.81
N SER F 62 -34.64 34.24 30.82
CA SER F 62 -35.75 34.90 30.14
C SER F 62 -35.79 36.39 30.46
N ILE F 63 -36.32 37.17 29.52
CA ILE F 63 -36.42 38.61 29.64
C ILE F 63 -37.88 39.02 29.55
N TYR F 64 -38.23 40.11 30.21
CA TYR F 64 -39.60 40.58 30.20
C TYR F 64 -39.68 42.05 29.81
N ALA F 65 -40.89 42.48 29.45
CA ALA F 65 -41.14 43.88 29.17
C ALA F 65 -41.05 44.65 30.51
N GLN F 66 -41.35 45.91 30.55
CA GLN F 66 -41.10 46.64 31.78
C GLN F 66 -42.21 46.52 32.86
N LYS F 67 -43.41 46.96 32.53
CA LYS F 67 -44.49 46.88 33.50
C LYS F 67 -45.25 45.57 33.39
N PHE F 68 -44.49 44.50 33.32
CA PHE F 68 -44.98 43.14 33.34
C PHE F 68 -44.10 42.26 34.22
N GLN F 69 -43.04 42.75 34.85
CA GLN F 69 -42.01 41.87 35.44
C GLN F 69 -42.32 41.15 36.76
N GLY F 70 -43.41 41.45 37.27
CA GLY F 70 -43.77 40.83 38.50
C GLY F 70 -45.12 40.19 38.32
N ARG F 71 -45.45 40.01 37.04
CA ARG F 71 -46.73 39.47 36.60
C ARG F 71 -46.63 38.25 35.65
N VAL F 72 -45.49 38.00 35.02
CA VAL F 72 -45.35 36.91 34.06
C VAL F 72 -44.26 35.97 34.56
N THR F 73 -44.47 34.67 34.36
CA THR F 73 -43.48 33.66 34.72
C THR F 73 -43.48 32.56 33.67
N LEU F 74 -42.34 32.36 33.02
CA LEU F 74 -42.21 31.44 31.91
C LEU F 74 -41.62 30.11 32.37
N THR F 75 -42.29 29.03 32.04
CA THR F 75 -41.85 27.67 32.34
C THR F 75 -41.78 26.86 31.06
N GLU F 76 -41.44 25.58 31.19
CA GLU F 76 -41.26 24.71 30.03
C GLU F 76 -41.30 23.26 30.49
N ASP F 77 -41.79 22.39 29.60
CA ASP F 77 -41.94 20.96 29.93
C ASP F 77 -41.60 20.17 28.67
N THR F 78 -40.38 19.60 28.64
CA THR F 78 -39.91 18.89 27.47
C THR F 78 -40.69 17.61 27.19
N SER F 79 -41.33 17.03 28.21
CA SER F 79 -42.11 15.82 28.01
C SER F 79 -43.31 16.09 27.11
N THR F 80 -44.05 17.17 27.38
CA THR F 80 -45.20 17.52 26.57
C THR F 80 -44.82 18.26 25.29
N ASP F 81 -43.54 18.52 25.08
CA ASP F 81 -43.07 19.21 23.88
C ASP F 81 -43.78 20.56 23.70
N SER F 82 -43.83 21.33 24.79
CA SER F 82 -44.56 22.60 24.79
C SER F 82 -43.95 23.56 25.79
N VAL F 83 -44.37 24.82 25.68
CA VAL F 83 -43.90 25.91 26.53
C VAL F 83 -45.12 26.47 27.26
N TYR F 84 -44.89 27.04 28.44
CA TYR F 84 -45.97 27.57 29.27
C TYR F 84 -45.64 28.98 29.74
N MET F 85 -46.65 29.83 29.77
CA MET F 85 -46.54 31.21 30.23
C MET F 85 -47.68 31.49 31.20
N GLU F 86 -47.33 31.95 32.40
CA GLU F 86 -48.29 32.18 33.47
C GLU F 86 -48.41 33.67 33.73
N LEU F 87 -49.65 34.14 33.87
CA LEU F 87 -49.93 35.55 34.16
C LEU F 87 -50.68 35.64 35.46
N SER F 88 -50.12 36.37 36.42
CA SER F 88 -50.70 36.57 37.74
C SER F 88 -51.19 38.00 37.89
N ASN F 89 -52.01 38.21 38.92
CA ASN F 89 -52.59 39.52 39.21
C ASN F 89 -53.31 40.08 37.99
N LEU F 90 -54.31 39.34 37.52
CA LEU F 90 -55.03 39.69 36.30
C LEU F 90 -55.77 41.01 36.49
N ARG F 91 -55.38 42.02 35.71
CA ARG F 91 -56.08 43.29 35.66
C ARG F 91 -57.22 43.22 34.63
N SER F 92 -58.11 44.21 34.68
CA SER F 92 -59.26 44.21 33.79
C SER F 92 -58.85 44.42 32.33
N ASP F 93 -57.82 45.23 32.10
CA ASP F 93 -57.40 45.56 30.74
C ASP F 93 -56.52 44.49 30.11
N ASP F 94 -56.24 43.39 30.82
CA ASP F 94 -55.46 42.29 30.26
C ASP F 94 -56.27 41.39 29.34
N THR F 95 -57.52 41.75 29.07
CA THR F 95 -58.35 41.01 28.12
C THR F 95 -57.79 41.21 26.71
N ALA F 96 -57.32 40.14 26.09
CA ALA F 96 -56.72 40.24 24.77
C ALA F 96 -56.50 38.82 24.24
N VAL F 97 -55.85 38.73 23.07
CA VAL F 97 -55.48 37.48 22.45
C VAL F 97 -53.97 37.30 22.58
N TYR F 98 -53.55 36.14 23.06
CA TYR F 98 -52.15 35.88 23.38
C TYR F 98 -51.56 34.88 22.40
N PHE F 99 -50.41 35.24 21.83
CA PHE F 99 -49.73 34.42 20.84
C PHE F 99 -48.37 33.97 21.36
N CYS F 100 -47.95 32.79 20.90
CA CYS F 100 -46.59 32.30 21.08
C CYS F 100 -45.93 32.21 19.71
N ALA F 101 -44.73 32.76 19.60
CA ALA F 101 -44.04 32.78 18.32
C ALA F 101 -42.54 32.68 18.55
N THR F 102 -41.85 32.14 17.54
CA THR F 102 -40.40 32.02 17.54
C THR F 102 -39.84 32.58 16.26
N ASP F 103 -38.57 33.02 16.31
CA ASP F 103 -37.87 33.41 15.08
C ASP F 103 -37.31 32.17 14.35
N PHE F 104 -37.01 31.08 15.14
CA PHE F 104 -36.50 29.90 14.44
C PHE F 104 -35.17 30.16 13.73
N GLY F 105 -34.12 30.39 14.50
CA GLY F 105 -32.79 30.47 13.91
C GLY F 105 -32.08 31.69 14.44
N GLY F 106 -32.76 32.40 15.35
CA GLY F 106 -32.26 33.66 15.86
C GLY F 106 -31.63 33.48 17.19
N SER F 107 -30.45 34.09 17.39
CA SER F 107 -29.80 34.11 18.68
C SER F 107 -30.20 35.39 19.41
N TYR F 108 -29.88 36.53 18.81
CA TYR F 108 -30.29 37.82 19.32
C TYR F 108 -31.27 38.57 18.38
N PHE F 109 -32.12 37.84 17.68
CA PHE F 109 -32.98 38.32 16.63
C PHE F 109 -34.46 38.03 16.95
N TYR F 110 -35.38 38.95 16.31
CA TYR F 110 -36.68 38.75 16.76
C TYR F 110 -37.57 38.85 15.59
N ALA F 111 -37.17 38.40 14.39
CA ALA F 111 -38.09 38.34 13.24
C ALA F 111 -38.98 37.10 13.28
N PHE F 112 -39.99 37.15 14.14
CA PHE F 112 -40.80 35.98 14.45
C PHE F 112 -41.32 35.30 13.19
N ASP F 113 -41.04 34.01 13.06
CA ASP F 113 -41.34 33.24 11.86
C ASP F 113 -42.54 32.33 12.03
N ILE F 114 -42.62 31.64 13.17
CA ILE F 114 -43.65 30.64 13.44
C ILE F 114 -44.52 31.17 14.56
N TRP F 115 -45.83 31.23 14.33
CA TRP F 115 -46.81 31.72 15.29
C TRP F 115 -47.84 30.66 15.66
N GLY F 116 -48.44 30.81 16.84
CA GLY F 116 -49.55 29.96 17.24
C GLY F 116 -50.86 30.54 16.79
N GLN F 117 -51.94 29.81 17.09
CA GLN F 117 -53.27 30.24 16.66
C GLN F 117 -53.90 31.24 17.61
N GLY F 118 -53.33 31.43 18.79
CA GLY F 118 -53.82 32.41 19.73
C GLY F 118 -54.73 31.81 20.80
N THR F 119 -54.89 32.57 21.88
CA THR F 119 -55.74 32.18 23.00
C THR F 119 -56.41 33.44 23.53
N MET F 120 -57.74 33.47 23.48
CA MET F 120 -58.49 34.60 24.02
C MET F 120 -58.63 34.46 25.54
N VAL F 121 -58.22 35.50 26.26
CA VAL F 121 -58.37 35.55 27.70
C VAL F 121 -59.26 36.74 28.02
N THR F 122 -60.35 36.48 28.73
CA THR F 122 -61.32 37.51 29.10
C THR F 122 -61.40 37.63 30.61
N VAL F 123 -61.46 38.86 31.09
CA VAL F 123 -61.54 39.17 32.52
C VAL F 123 -62.98 39.59 32.82
N SER F 124 -63.80 38.64 33.24
CA SER F 124 -65.21 38.89 33.46
C SER F 124 -65.42 39.49 34.86
N SER F 125 -65.97 40.70 34.91
CA SER F 125 -66.19 41.39 36.18
C SER F 125 -67.58 42.04 36.22
N GLN F 141 -48.31 54.17 25.56
CA GLN F 141 -48.40 53.51 24.26
C GLN F 141 -47.06 52.84 23.98
N SER F 142 -46.50 53.04 22.79
CA SER F 142 -45.29 52.34 22.38
C SER F 142 -44.21 53.34 21.95
N VAL F 143 -42.96 52.85 21.96
CA VAL F 143 -41.83 53.70 21.60
C VAL F 143 -41.85 54.01 20.10
N LEU F 144 -42.16 53.02 19.28
CA LEU F 144 -42.28 53.23 17.84
C LEU F 144 -43.67 53.74 17.53
N THR F 145 -43.75 54.74 16.66
CA THR F 145 -45.00 55.39 16.30
C THR F 145 -45.21 55.26 14.79
N GLN F 146 -46.34 54.67 14.40
CA GLN F 146 -46.68 54.53 13.00
C GLN F 146 -47.80 55.49 12.66
N SER F 147 -47.95 55.76 11.36
CA SER F 147 -49.07 56.57 10.90
C SER F 147 -50.39 55.91 11.29
N PRO F 148 -51.41 56.67 11.67
CA PRO F 148 -52.66 56.03 12.11
C PRO F 148 -53.29 55.15 11.04
N SER F 149 -53.08 55.48 9.76
CA SER F 149 -53.68 54.73 8.66
C SER F 149 -53.07 55.17 7.34
N ALA F 150 -53.23 54.32 6.34
CA ALA F 150 -52.81 54.59 4.97
C ALA F 150 -53.92 54.12 4.03
N SER F 151 -53.81 54.50 2.77
CA SER F 151 -54.85 54.16 1.81
C SER F 151 -54.27 54.15 0.40
N GLY F 152 -54.66 53.16 -0.39
CA GLY F 152 -54.22 53.05 -1.76
C GLY F 152 -55.26 52.36 -2.60
N THR F 153 -55.00 52.34 -3.91
CA THR F 153 -55.88 51.72 -4.90
C THR F 153 -55.13 50.60 -5.62
N PRO F 154 -55.83 49.57 -6.06
CA PRO F 154 -55.14 48.42 -6.67
C PRO F 154 -54.09 48.81 -7.68
N GLY F 155 -52.86 48.46 -7.44
CA GLY F 155 -51.89 48.65 -8.48
C GLY F 155 -50.93 49.80 -8.28
N GLN F 156 -50.98 50.45 -7.13
CA GLN F 156 -50.10 51.59 -6.87
C GLN F 156 -49.12 51.29 -5.74
N ARG F 157 -48.14 52.18 -5.58
CA ARG F 157 -47.17 52.06 -4.49
C ARG F 157 -47.72 52.78 -3.26
N VAL F 158 -47.66 52.12 -2.10
CA VAL F 158 -47.95 52.75 -0.82
C VAL F 158 -46.75 52.52 0.08
N THR F 159 -46.54 53.45 1.01
CA THR F 159 -45.35 53.42 1.86
C THR F 159 -45.75 53.76 3.29
N ILE F 160 -45.81 52.74 4.14
CA ILE F 160 -46.03 52.91 5.56
C ILE F 160 -44.68 53.14 6.22
N SER F 161 -44.61 54.13 7.10
CA SER F 161 -43.34 54.53 7.69
C SER F 161 -43.34 54.25 9.18
N CYS F 162 -42.16 53.96 9.71
CA CYS F 162 -41.93 53.66 11.12
C CYS F 162 -40.86 54.59 11.62
N SER F 163 -41.09 55.21 12.78
CA SER F 163 -40.16 56.20 13.32
C SER F 163 -39.98 55.99 14.80
N GLY F 164 -38.72 55.92 15.23
CA GLY F 164 -38.39 55.73 16.63
C GLY F 164 -37.04 56.34 16.96
N SER F 165 -36.65 56.20 18.22
CA SER F 165 -35.37 56.75 18.69
C SER F 165 -34.20 55.95 18.13
N SER F 166 -33.00 56.48 18.36
CA SER F 166 -31.79 55.82 17.87
C SER F 166 -31.40 54.60 18.69
N SER F 167 -32.08 54.34 19.80
CA SER F 167 -31.79 53.20 20.63
C SER F 167 -32.57 51.94 20.24
N ASN F 168 -33.56 52.06 19.35
CA ASN F 168 -34.30 50.90 18.86
C ASN F 168 -34.13 50.68 17.37
N ILE F 169 -34.36 51.71 16.55
CA ILE F 169 -34.17 51.57 15.11
C ILE F 169 -32.78 51.99 14.65
N GLY F 170 -32.11 52.87 15.38
CA GLY F 170 -30.83 53.39 14.92
C GLY F 170 -29.75 52.32 14.85
N ARG F 171 -29.63 51.50 15.90
CA ARG F 171 -28.53 50.55 16.00
C ARG F 171 -29.02 49.11 16.00
N ASN F 172 -30.25 48.85 15.59
CA ASN F 172 -30.79 47.52 15.59
C ASN F 172 -31.63 47.27 14.36
N PRO F 173 -31.84 46.02 13.97
CA PRO F 173 -32.62 45.70 12.78
C PRO F 173 -34.12 45.86 13.02
N VAL F 174 -34.85 46.02 11.92
CA VAL F 174 -36.28 46.24 11.95
C VAL F 174 -37.00 45.14 11.19
N ASN F 175 -38.21 44.83 11.64
CA ASN F 175 -39.06 43.82 11.02
C ASN F 175 -40.42 44.41 10.72
N TRP F 176 -41.19 43.68 9.93
CA TRP F 176 -42.52 44.10 9.53
C TRP F 176 -43.46 42.90 9.61
N PHE F 177 -44.72 43.16 9.91
CA PHE F 177 -45.70 42.10 10.08
C PHE F 177 -47.01 42.47 9.40
N GLN F 178 -47.67 41.48 8.83
CA GLN F 178 -48.98 41.64 8.21
C GLN F 178 -49.97 40.84 9.05
N HIS F 179 -50.70 41.52 9.93
CA HIS F 179 -51.66 40.85 10.81
C HIS F 179 -53.07 41.06 10.29
N LEU F 180 -53.74 39.97 9.92
CA LEU F 180 -55.14 40.02 9.52
C LEU F 180 -55.99 39.57 10.70
N PRO F 181 -56.75 40.46 11.34
CA PRO F 181 -57.55 40.03 12.51
C PRO F 181 -58.35 38.77 12.23
N GLY F 182 -58.27 37.81 13.15
CA GLY F 182 -58.86 36.50 12.96
C GLY F 182 -57.82 35.41 12.81
N THR F 183 -56.74 35.70 12.11
CA THR F 183 -55.62 34.78 11.94
C THR F 183 -54.38 35.35 12.63
N ALA F 184 -53.32 34.53 12.66
CA ALA F 184 -52.08 34.94 13.31
C ALA F 184 -51.23 35.78 12.35
N PRO F 185 -50.41 36.68 12.89
CA PRO F 185 -49.52 37.48 12.03
C PRO F 185 -48.57 36.59 11.24
N GLN F 186 -47.96 37.20 10.23
CA GLN F 186 -46.96 36.52 9.40
C GLN F 186 -45.76 37.44 9.23
N LEU F 187 -44.57 36.86 9.24
CA LEU F 187 -43.36 37.62 9.04
C LEU F 187 -43.34 38.13 7.60
N LEU F 188 -43.09 39.42 7.44
CA LEU F 188 -43.12 40.06 6.13
C LEU F 188 -41.75 40.50 5.65
N ILE F 189 -40.96 41.13 6.52
CA ILE F 189 -39.61 41.57 6.16
C ILE F 189 -38.71 41.41 7.37
N TYR F 190 -37.46 41.02 7.12
CA TYR F 190 -36.51 40.88 8.22
C TYR F 190 -35.17 41.50 7.82
N SER F 191 -34.40 41.93 8.82
CA SER F 191 -33.09 42.58 8.61
C SER F 191 -33.22 43.86 7.77
N ASN F 192 -34.41 44.49 7.82
CA ASN F 192 -34.66 45.80 7.23
C ASN F 192 -34.67 45.79 5.71
N ASP F 193 -34.25 44.69 5.13
CA ASP F 193 -34.10 44.62 3.69
C ASP F 193 -34.58 43.29 3.11
N GLN F 194 -34.62 42.23 3.92
CA GLN F 194 -34.80 40.88 3.40
C GLN F 194 -36.26 40.47 3.56
N ARG F 195 -36.77 39.71 2.57
CA ARG F 195 -38.12 39.16 2.54
C ARG F 195 -38.08 37.65 2.66
N PRO F 196 -39.08 37.04 3.34
CA PRO F 196 -39.09 35.58 3.51
C PRO F 196 -39.29 34.86 2.19
N SER F 197 -39.39 33.54 2.25
CA SER F 197 -39.52 32.75 1.03
C SER F 197 -40.88 32.98 0.38
N GLY F 198 -41.96 32.73 1.12
CA GLY F 198 -43.29 32.78 0.55
C GLY F 198 -43.85 34.16 0.31
N VAL F 199 -43.25 35.18 0.89
CA VAL F 199 -43.78 36.54 0.74
C VAL F 199 -43.63 36.98 -0.71
N PRO F 200 -44.64 37.65 -1.28
CA PRO F 200 -44.51 38.11 -2.67
C PRO F 200 -43.36 39.09 -2.86
N ASP F 201 -42.90 39.20 -4.11
CA ASP F 201 -41.79 40.07 -4.44
C ASP F 201 -42.14 41.54 -4.30
N ARG F 202 -43.42 41.90 -4.32
CA ARG F 202 -43.79 43.31 -4.27
C ARG F 202 -43.52 43.96 -2.92
N PHE F 203 -43.33 43.17 -1.86
CA PHE F 203 -43.00 43.73 -0.57
C PHE F 203 -41.50 44.00 -0.47
N SER F 204 -41.15 45.05 0.26
CA SER F 204 -39.74 45.42 0.41
C SER F 204 -39.62 46.45 1.51
N GLY F 205 -38.48 46.42 2.21
CA GLY F 205 -38.23 47.31 3.32
C GLY F 205 -36.96 48.12 3.18
N SER F 206 -36.85 49.19 3.96
CA SER F 206 -35.69 50.06 3.92
C SER F 206 -35.55 50.73 5.26
N LYS F 207 -34.34 51.18 5.57
CA LYS F 207 -34.08 51.85 6.84
C LYS F 207 -33.02 52.92 6.61
N SER F 208 -33.15 54.03 7.32
CA SER F 208 -32.19 55.14 7.21
C SER F 208 -32.29 55.96 8.49
N GLY F 209 -31.15 56.16 9.15
CA GLY F 209 -31.11 56.91 10.39
C GLY F 209 -31.92 56.25 11.48
N THR F 210 -33.03 56.90 11.85
CA THR F 210 -33.88 56.44 12.94
C THR F 210 -35.31 56.18 12.46
N SER F 211 -35.48 55.78 11.20
CA SER F 211 -36.80 55.56 10.65
C SER F 211 -36.76 54.49 9.57
N ALA F 212 -37.71 53.55 9.61
CA ALA F 212 -37.85 52.50 8.63
C ALA F 212 -39.09 52.75 7.77
N SER F 213 -39.20 52.01 6.67
CA SER F 213 -40.28 52.21 5.73
C SER F 213 -40.58 50.94 4.94
N LEU F 214 -41.85 50.57 4.90
CA LEU F 214 -42.34 49.45 4.11
C LEU F 214 -42.85 49.94 2.76
N ALA F 215 -42.73 49.08 1.75
CA ALA F 215 -43.11 49.45 0.40
C ALA F 215 -43.90 48.31 -0.23
N ILE F 216 -45.08 48.64 -0.76
CA ILE F 216 -45.95 47.68 -1.45
C ILE F 216 -46.10 48.17 -2.88
N SER F 217 -45.44 47.49 -3.82
CA SER F 217 -45.43 47.95 -5.21
C SER F 217 -46.69 47.56 -5.97
N GLY F 218 -47.19 46.34 -5.76
CA GLY F 218 -48.40 45.90 -6.43
C GLY F 218 -49.65 46.43 -5.78
N LEU F 219 -49.82 46.16 -4.48
CA LEU F 219 -51.04 46.54 -3.77
C LEU F 219 -52.25 45.86 -4.41
N GLN F 220 -52.30 44.54 -4.20
CA GLN F 220 -53.34 43.69 -4.75
C GLN F 220 -54.37 43.45 -3.65
N SER F 221 -55.62 43.25 -4.08
CA SER F 221 -56.77 43.26 -3.19
C SER F 221 -56.65 42.57 -1.84
N GLU F 222 -55.82 41.55 -1.72
CA GLU F 222 -55.74 40.87 -0.42
C GLU F 222 -54.73 41.53 0.49
N ASP F 223 -54.67 42.86 0.52
CA ASP F 223 -53.71 43.57 1.38
C ASP F 223 -54.39 44.40 2.46
N GLU F 224 -55.66 44.10 2.74
CA GLU F 224 -56.41 44.89 3.72
C GLU F 224 -56.19 44.32 5.12
N ALA F 225 -55.02 44.60 5.67
CA ALA F 225 -54.68 44.05 6.95
C ALA F 225 -53.90 45.09 7.72
N ASP F 226 -53.77 44.86 9.03
CA ASP F 226 -53.02 45.77 9.88
C ASP F 226 -51.53 45.44 9.82
N TYR F 227 -50.72 46.46 9.59
CA TYR F 227 -49.27 46.33 9.45
C TYR F 227 -48.57 46.95 10.65
N TYR F 228 -47.59 46.26 11.19
CA TYR F 228 -46.83 46.72 12.34
C TYR F 228 -45.35 46.68 12.01
N CYS F 229 -44.59 47.56 12.65
CA CYS F 229 -43.13 47.49 12.61
C CYS F 229 -42.62 47.09 13.99
N GLU F 230 -41.55 46.32 14.01
CA GLU F 230 -40.98 45.80 15.26
C GLU F 230 -39.47 45.91 15.23
N ALA F 231 -38.89 46.24 16.38
CA ALA F 231 -37.45 46.32 16.52
C ALA F 231 -37.08 46.05 17.97
N TRP F 232 -35.78 45.90 18.20
CA TRP F 232 -35.25 45.70 19.55
C TRP F 232 -34.70 47.02 20.05
N ASP F 233 -35.14 47.42 21.24
CA ASP F 233 -34.70 48.69 21.83
C ASP F 233 -33.53 48.41 22.78
N ASP F 234 -32.38 49.03 22.50
CA ASP F 234 -31.20 48.80 23.31
C ASP F 234 -31.34 49.40 24.71
N SER F 235 -32.02 50.53 24.82
CA SER F 235 -32.16 51.17 26.13
C SER F 235 -33.15 50.41 27.01
N LEU F 236 -34.17 49.79 26.41
CA LEU F 236 -35.20 49.11 27.19
C LEU F 236 -34.91 47.65 27.43
N ASN F 237 -34.03 47.04 26.65
CA ASN F 237 -33.77 45.60 26.73
C ASN F 237 -35.06 44.83 26.56
N GLY F 238 -35.73 45.07 25.43
CA GLY F 238 -36.95 44.37 25.11
C GLY F 238 -37.37 44.65 23.69
N VAL F 239 -38.31 43.85 23.23
CA VAL F 239 -38.85 43.99 21.88
C VAL F 239 -39.98 45.00 21.94
N VAL F 240 -39.99 45.93 20.99
CA VAL F 240 -41.01 46.97 20.92
C VAL F 240 -41.75 46.86 19.59
N PHE F 241 -43.04 47.10 19.62
CA PHE F 241 -43.90 47.06 18.45
C PHE F 241 -44.35 48.47 18.10
N GLY F 242 -44.80 48.63 16.87
CA GLY F 242 -45.35 49.89 16.44
C GLY F 242 -46.83 50.02 16.75
N GLY F 243 -47.34 51.23 16.60
CA GLY F 243 -48.75 51.48 16.86
C GLY F 243 -49.65 50.61 16.04
N GLY F 244 -49.57 50.74 14.73
CA GLY F 244 -50.37 49.95 13.81
C GLY F 244 -50.74 50.77 12.59
N THR F 245 -51.15 50.08 11.54
CA THR F 245 -51.53 50.72 10.29
C THR F 245 -52.40 49.75 9.50
N LYS F 246 -53.57 50.21 9.07
CA LYS F 246 -54.50 49.37 8.32
C LYS F 246 -54.74 49.99 6.96
N LEU F 247 -54.53 49.22 5.90
CA LEU F 247 -54.69 49.68 4.53
C LEU F 247 -56.01 49.20 3.93
N THR F 248 -56.45 49.89 2.87
CA THR F 248 -57.68 49.58 2.18
C THR F 248 -57.62 50.02 0.72
N ASN G 6 1.24 -51.07 -6.65
CA ASN G 6 0.30 -50.17 -6.01
C ASN G 6 -0.59 -49.47 -7.02
N CYS G 7 -0.57 -49.94 -8.28
CA CYS G 7 -1.40 -49.33 -9.32
C CYS G 7 -2.83 -49.84 -9.16
N ASN G 8 -3.35 -49.79 -7.93
CA ASN G 8 -4.72 -50.20 -7.62
C ASN G 8 -5.54 -49.06 -7.06
N TYR G 9 -5.05 -48.40 -6.00
CA TYR G 9 -5.74 -47.27 -5.41
C TYR G 9 -4.69 -46.43 -4.70
N LYS G 10 -5.11 -45.24 -4.28
CA LYS G 10 -4.22 -44.25 -3.68
C LYS G 10 -4.60 -44.03 -2.23
N ARG G 11 -3.59 -44.04 -1.35
CA ARG G 11 -3.82 -43.74 0.06
C ARG G 11 -4.49 -42.37 0.23
N LYS G 12 -5.40 -42.30 1.20
CA LYS G 12 -6.16 -41.09 1.46
C LYS G 12 -5.27 -39.95 1.91
N ARG G 13 -5.80 -38.73 1.77
CA ARG G 13 -5.07 -37.52 2.09
C ARG G 13 -4.62 -37.51 3.55
N ARG G 14 -3.38 -37.09 3.76
CA ARG G 14 -2.76 -36.95 5.07
C ARG G 14 -2.55 -38.28 5.77
N GLU G 15 -2.72 -39.41 5.07
CA GLU G 15 -2.44 -40.70 5.70
C GLU G 15 -0.95 -40.91 5.90
N ARG G 16 -0.12 -40.51 4.93
CA ARG G 16 1.33 -40.55 5.06
C ARG G 16 1.92 -39.21 4.70
N ASP G 17 2.89 -38.77 5.50
CA ASP G 17 3.50 -37.46 5.33
C ASP G 17 4.69 -37.57 4.39
N TRP G 18 5.49 -36.51 4.32
CA TRP G 18 6.70 -36.50 3.51
C TRP G 18 7.80 -37.31 4.18
N ASP G 19 8.47 -38.16 3.41
CA ASP G 19 9.52 -39.04 3.91
C ASP G 19 10.87 -38.36 3.73
N CYS G 20 11.44 -37.85 4.82
CA CYS G 20 12.75 -37.21 4.81
C CYS G 20 13.86 -38.13 5.27
N ASN G 21 13.58 -39.41 5.47
CA ASN G 21 14.53 -40.35 6.06
C ASN G 21 15.17 -41.28 5.04
N THR G 22 14.42 -41.71 4.03
CA THR G 22 14.99 -42.62 3.04
C THR G 22 16.26 -42.02 2.43
N LYS G 23 16.11 -40.89 1.72
CA LYS G 23 17.23 -40.09 1.26
C LYS G 23 17.33 -38.85 2.15
N LYS G 24 18.45 -38.70 2.84
CA LYS G 24 18.54 -37.67 3.87
C LYS G 24 18.59 -36.25 3.30
N ASP G 25 19.03 -36.10 2.05
CA ASP G 25 19.19 -34.77 1.46
C ASP G 25 17.88 -34.21 0.93
N VAL G 26 16.77 -34.92 1.06
CA VAL G 26 15.51 -34.46 0.49
C VAL G 26 14.35 -35.18 1.17
N CYS G 27 13.20 -34.51 1.23
CA CYS G 27 11.95 -35.13 1.65
C CYS G 27 11.15 -35.53 0.42
N ILE G 28 10.60 -36.73 0.44
CA ILE G 28 9.89 -37.32 -0.69
C ILE G 28 8.42 -37.42 -0.33
N PRO G 29 7.50 -36.96 -1.17
CA PRO G 29 6.07 -37.05 -0.83
C PRO G 29 5.54 -38.45 -1.10
N ASP G 30 4.47 -38.78 -0.38
CA ASP G 30 3.87 -40.10 -0.51
C ASP G 30 3.38 -40.35 -1.92
N ARG G 31 2.92 -39.29 -2.61
CA ARG G 31 2.44 -39.44 -3.97
C ARG G 31 3.54 -39.93 -4.89
N ARG G 32 4.78 -39.48 -4.67
CA ARG G 32 5.87 -39.91 -5.53
C ARG G 32 6.08 -41.42 -5.43
N TYR G 33 6.00 -41.98 -4.21
CA TYR G 33 6.18 -43.43 -4.09
C TYR G 33 5.08 -44.18 -4.83
N GLN G 34 3.83 -43.73 -4.68
CA GLN G 34 2.67 -44.40 -5.28
C GLN G 34 2.54 -44.20 -6.78
N LEU G 35 3.36 -43.35 -7.40
CA LEU G 35 3.29 -43.13 -8.84
C LEU G 35 3.30 -44.47 -9.57
N CYS G 36 2.34 -44.65 -10.47
CA CYS G 36 2.16 -45.95 -11.11
C CYS G 36 3.20 -46.15 -12.20
N MET G 37 4.02 -47.18 -12.05
CA MET G 37 5.06 -47.49 -13.02
C MET G 37 4.99 -48.96 -13.44
N LYS G 38 3.78 -49.52 -13.46
CA LYS G 38 3.62 -50.94 -13.75
C LYS G 38 4.23 -51.30 -15.09
N GLU G 39 3.69 -50.74 -16.18
CA GLU G 39 4.17 -51.10 -17.51
C GLU G 39 5.57 -50.59 -17.77
N LEU G 40 5.93 -49.46 -17.18
CA LEU G 40 7.26 -48.89 -17.38
C LEU G 40 8.36 -49.78 -16.81
N THR G 41 8.01 -50.65 -15.87
CA THR G 41 9.01 -51.55 -15.30
C THR G 41 9.13 -52.85 -16.08
N ASN G 42 8.01 -53.41 -16.54
CA ASN G 42 7.99 -54.72 -17.20
C ASN G 42 8.32 -54.57 -18.70
N LEU G 43 9.48 -53.97 -18.95
CA LEU G 43 10.00 -53.87 -20.31
C LEU G 43 10.87 -55.06 -20.69
N VAL G 44 11.45 -55.76 -19.72
CA VAL G 44 12.18 -56.98 -19.98
C VAL G 44 11.25 -58.17 -19.80
N ASP G 54 17.05 -48.86 -34.18
CA ASP G 54 15.75 -49.33 -33.68
C ASP G 54 14.89 -48.13 -33.27
N ILE G 55 14.40 -47.40 -34.29
CA ILE G 55 13.55 -46.23 -34.02
C ILE G 55 12.27 -46.66 -33.30
N THR G 56 11.74 -47.85 -33.61
CA THR G 56 10.47 -48.28 -33.05
C THR G 56 10.61 -48.70 -31.59
N PHE G 57 11.83 -49.00 -31.15
CA PHE G 57 12.04 -49.42 -29.77
C PHE G 57 11.47 -48.38 -28.80
N ARG G 58 11.80 -47.11 -29.03
CA ARG G 58 11.33 -46.05 -28.15
C ARG G 58 10.04 -45.40 -28.64
N LYS G 59 10.01 -44.98 -29.91
CA LYS G 59 9.02 -44.00 -30.32
C LYS G 59 7.62 -44.53 -30.07
N LEU G 60 7.29 -45.67 -30.66
CA LEU G 60 5.95 -46.19 -30.49
C LEU G 60 5.82 -47.01 -29.21
N TYR G 61 6.79 -47.87 -28.92
CA TYR G 61 6.56 -48.82 -27.84
C TYR G 61 6.75 -48.16 -26.49
N LEU G 62 7.91 -47.55 -26.26
CA LEU G 62 8.13 -46.92 -24.96
C LEU G 62 7.06 -45.88 -24.67
N LYS G 63 6.55 -45.21 -25.70
CA LYS G 63 5.52 -44.20 -25.47
C LYS G 63 4.21 -44.85 -25.02
N ARG G 64 3.80 -45.93 -25.68
CA ARG G 64 2.59 -46.62 -25.27
C ARG G 64 2.68 -47.09 -23.82
N LYS G 65 3.82 -47.70 -23.45
CA LYS G 65 3.99 -48.17 -22.08
C LYS G 65 3.85 -47.02 -21.09
N LEU G 66 4.39 -45.85 -21.44
CA LEU G 66 4.26 -44.67 -20.57
C LEU G 66 2.84 -44.14 -20.59
N ILE G 67 2.13 -44.28 -21.71
CA ILE G 67 0.74 -43.84 -21.75
C ILE G 67 -0.13 -44.74 -20.88
N TYR G 68 0.09 -46.06 -20.96
CA TYR G 68 -0.69 -46.99 -20.15
C TYR G 68 -0.48 -46.74 -18.67
N ASP G 69 0.73 -46.37 -18.27
CA ASP G 69 0.94 -46.08 -16.86
C ASP G 69 0.39 -44.71 -16.49
N ALA G 70 0.57 -43.71 -17.36
CA ALA G 70 0.11 -42.36 -17.05
C ALA G 70 -1.41 -42.29 -16.97
N ALA G 71 -2.09 -43.00 -17.88
CA ALA G 71 -3.54 -43.01 -17.86
C ALA G 71 -4.07 -43.57 -16.55
N VAL G 72 -3.42 -44.62 -16.02
CA VAL G 72 -3.83 -45.18 -14.75
C VAL G 72 -3.63 -44.17 -13.63
N GLU G 73 -2.44 -43.55 -13.57
CA GLU G 73 -2.18 -42.55 -12.54
C GLU G 73 -3.24 -41.45 -12.56
N GLY G 74 -3.54 -40.94 -13.76
CA GLY G 74 -4.57 -39.93 -13.87
C GLY G 74 -5.95 -40.42 -13.45
N ASP G 75 -6.16 -41.74 -13.48
CA ASP G 75 -7.44 -42.28 -13.07
C ASP G 75 -7.51 -42.44 -11.55
N LEU G 76 -6.47 -43.02 -10.95
CA LEU G 76 -6.46 -43.19 -9.49
C LEU G 76 -6.37 -41.85 -8.79
N LEU G 77 -5.75 -40.85 -9.41
CA LEU G 77 -5.70 -39.52 -8.82
C LEU G 77 -7.08 -38.89 -8.79
N LEU G 78 -7.89 -39.13 -9.83
CA LEU G 78 -9.26 -38.66 -9.79
C LEU G 78 -10.03 -39.35 -8.67
N LYS G 79 -9.79 -40.65 -8.47
CA LYS G 79 -10.46 -41.35 -7.38
C LYS G 79 -9.97 -40.85 -6.03
N LEU G 80 -8.67 -40.56 -5.91
CA LEU G 80 -8.16 -40.04 -4.66
C LEU G 80 -8.89 -38.77 -4.27
N ASN G 81 -9.21 -37.95 -5.25
CA ASN G 81 -9.89 -36.68 -5.03
C ASN G 81 -11.40 -36.83 -5.03
N ASN G 82 -11.91 -38.03 -4.75
CA ASN G 82 -13.35 -38.30 -4.63
C ASN G 82 -14.10 -37.84 -5.88
N TYR G 83 -13.49 -38.10 -7.02
CA TYR G 83 -14.07 -37.76 -8.32
C TYR G 83 -14.44 -36.29 -8.45
N ARG G 84 -13.81 -35.43 -7.66
CA ARG G 84 -14.03 -34.00 -7.82
C ARG G 84 -13.13 -33.52 -8.94
N TYR G 85 -13.70 -32.85 -9.94
CA TYR G 85 -12.94 -32.30 -11.06
C TYR G 85 -12.69 -30.82 -10.73
N ASN G 86 -11.72 -30.58 -9.86
CA ASN G 86 -11.43 -29.24 -9.38
C ASN G 86 -9.94 -28.94 -9.47
N LYS G 87 -9.52 -27.81 -8.90
CA LYS G 87 -8.12 -27.41 -9.00
C LYS G 87 -7.21 -28.32 -8.20
N ASP G 88 -7.67 -28.75 -7.02
CA ASP G 88 -6.88 -29.67 -6.22
C ASP G 88 -6.52 -30.91 -7.02
N PHE G 89 -7.41 -31.36 -7.90
CA PHE G 89 -7.12 -32.53 -8.72
C PHE G 89 -6.11 -32.21 -9.82
N CYS G 90 -6.28 -31.06 -10.49
CA CYS G 90 -5.37 -30.71 -11.57
C CYS G 90 -3.91 -30.66 -11.09
N LYS G 91 -3.68 -30.13 -9.90
CA LYS G 91 -2.31 -30.01 -9.43
C LYS G 91 -1.68 -31.37 -9.14
N ASP G 92 -2.46 -32.34 -8.65
CA ASP G 92 -1.95 -33.70 -8.50
C ASP G 92 -1.52 -34.26 -9.85
N ILE G 93 -2.26 -33.92 -10.92
CA ILE G 93 -1.83 -34.33 -12.25
C ILE G 93 -0.50 -33.68 -12.60
N ARG G 94 -0.38 -32.38 -12.38
CA ARG G 94 0.86 -31.67 -12.72
C ARG G 94 2.05 -32.23 -11.95
N TRP G 95 1.90 -32.49 -10.65
CA TRP G 95 3.03 -32.97 -9.88
C TRP G 95 3.50 -34.32 -10.40
N SER G 96 2.55 -35.20 -10.77
CA SER G 96 2.88 -36.57 -11.22
C SER G 96 3.38 -36.57 -12.66
N LEU G 97 2.78 -35.78 -13.55
CA LEU G 97 3.34 -35.64 -14.89
C LEU G 97 4.79 -35.18 -14.83
N GLY G 98 5.10 -34.25 -13.93
CA GLY G 98 6.48 -33.81 -13.79
C GLY G 98 7.40 -34.93 -13.36
N ASP G 99 6.96 -35.73 -12.39
CA ASP G 99 7.76 -36.88 -11.95
C ASP G 99 7.98 -37.86 -13.08
N PHE G 100 6.94 -38.12 -13.89
CA PHE G 100 7.12 -38.96 -15.08
C PHE G 100 8.25 -38.42 -15.95
N GLY G 101 8.34 -37.09 -16.07
CA GLY G 101 9.36 -36.49 -16.92
C GLY G 101 10.76 -36.61 -16.34
N ASP G 102 10.92 -36.27 -15.06
CA ASP G 102 12.23 -36.42 -14.42
C ASP G 102 12.70 -37.87 -14.44
N ILE G 103 11.77 -38.83 -14.44
CA ILE G 103 12.15 -40.24 -14.58
C ILE G 103 12.70 -40.50 -15.98
N ILE G 104 12.01 -39.98 -17.00
CA ILE G 104 12.46 -40.14 -18.39
C ILE G 104 13.73 -39.36 -18.63
N MET G 105 13.85 -38.17 -18.04
CA MET G 105 14.97 -37.28 -18.30
C MET G 105 16.16 -37.57 -17.41
N GLY G 106 16.11 -38.61 -16.58
CA GLY G 106 17.25 -38.92 -15.75
C GLY G 106 17.47 -37.96 -14.60
N THR G 107 16.46 -37.17 -14.24
CA THR G 107 16.57 -36.28 -13.10
C THR G 107 15.69 -36.71 -11.93
N ASP G 108 15.27 -37.96 -11.88
CA ASP G 108 14.41 -38.39 -10.79
C ASP G 108 15.23 -38.39 -9.51
N MET G 109 14.90 -37.47 -8.60
CA MET G 109 15.71 -37.27 -7.42
C MET G 109 15.60 -38.45 -6.47
N GLU G 110 14.63 -39.33 -6.73
CA GLU G 110 14.47 -40.52 -5.90
C GLU G 110 15.38 -41.66 -6.37
N GLY G 111 15.14 -42.17 -7.57
CA GLY G 111 15.89 -43.28 -8.13
C GLY G 111 16.08 -44.44 -7.15
N ILE G 112 14.96 -44.94 -6.59
CA ILE G 112 15.01 -45.92 -5.52
C ILE G 112 14.12 -47.11 -5.93
N GLY G 113 14.60 -48.32 -5.65
CA GLY G 113 13.77 -49.51 -5.83
C GLY G 113 13.40 -49.72 -7.29
N TYR G 114 12.10 -49.89 -7.54
CA TYR G 114 11.64 -50.16 -8.91
C TYR G 114 12.05 -49.08 -9.89
N SER G 115 12.30 -47.86 -9.40
CA SER G 115 12.74 -46.78 -10.28
C SER G 115 14.14 -47.04 -10.84
N LYS G 116 14.99 -47.74 -10.09
CA LYS G 116 16.30 -48.09 -10.62
C LYS G 116 16.18 -49.05 -11.80
N VAL G 117 15.17 -49.93 -11.78
CA VAL G 117 14.94 -50.84 -12.89
C VAL G 117 14.53 -50.07 -14.13
N VAL G 118 13.61 -49.11 -13.96
CA VAL G 118 13.17 -48.30 -15.09
C VAL G 118 14.35 -47.55 -15.68
N GLU G 119 15.19 -46.98 -14.82
CA GLU G 119 16.36 -46.25 -15.32
C GLU G 119 17.23 -47.17 -16.18
N ASN G 120 17.55 -48.35 -15.68
CA ASN G 120 18.35 -49.28 -16.47
C ASN G 120 17.63 -49.66 -17.76
N ASN G 121 16.30 -49.76 -17.73
CA ASN G 121 15.55 -50.05 -18.95
C ASN G 121 15.72 -48.94 -19.97
N LEU G 122 15.62 -47.68 -19.53
CA LEU G 122 15.74 -46.55 -20.44
C LEU G 122 17.17 -46.40 -20.97
N ARG G 123 18.16 -46.67 -20.13
CA ARG G 123 19.55 -46.56 -20.56
C ARG G 123 19.85 -47.55 -21.67
N SER G 124 19.28 -48.74 -21.58
CA SER G 124 19.49 -49.73 -22.63
C SER G 124 18.77 -49.38 -23.92
N ILE G 125 18.04 -48.27 -23.94
CA ILE G 125 17.30 -47.84 -25.11
C ILE G 125 17.98 -46.64 -25.77
N PHE G 126 18.27 -45.60 -25.00
CA PHE G 126 18.79 -44.35 -25.53
C PHE G 126 20.31 -44.30 -25.52
N GLY G 127 20.92 -44.70 -24.42
CA GLY G 127 22.35 -44.70 -24.28
C GLY G 127 22.72 -44.50 -22.82
N THR G 128 23.99 -44.20 -22.61
CA THR G 128 24.52 -44.04 -21.26
C THR G 128 25.34 -42.79 -21.07
N ASP G 129 25.67 -42.05 -22.13
CA ASP G 129 26.53 -40.88 -22.00
C ASP G 129 25.67 -39.63 -21.78
N GLU G 130 26.34 -38.49 -21.61
CA GLU G 130 25.63 -37.22 -21.45
C GLU G 130 24.71 -36.97 -22.63
N LYS G 131 25.19 -37.29 -23.85
CA LYS G 131 24.40 -37.07 -25.06
C LYS G 131 23.16 -37.96 -25.13
N ALA G 132 23.02 -38.92 -24.22
CA ALA G 132 21.79 -39.69 -24.14
C ALA G 132 20.71 -38.93 -23.38
N GLN G 133 21.11 -38.22 -22.31
CA GLN G 133 20.17 -37.37 -21.59
C GLN G 133 19.57 -36.34 -22.53
N GLN G 134 20.37 -35.79 -23.43
CA GLN G 134 19.85 -34.83 -24.39
C GLN G 134 18.76 -35.48 -25.25
N ARG G 135 19.08 -36.63 -25.85
CA ARG G 135 18.06 -37.34 -26.62
C ARG G 135 16.87 -37.70 -25.75
N ARG G 136 17.09 -37.98 -24.47
CA ARG G 136 15.98 -38.31 -23.58
C ARG G 136 15.18 -37.08 -23.22
N LYS G 137 15.85 -35.96 -22.97
CA LYS G 137 15.11 -34.73 -22.76
C LYS G 137 14.33 -34.35 -24.02
N GLN G 138 14.93 -34.59 -25.19
CA GLN G 138 14.26 -34.30 -26.45
C GLN G 138 13.02 -35.15 -26.61
N TRP G 139 13.14 -36.47 -26.38
CA TRP G 139 11.99 -37.35 -26.51
C TRP G 139 10.89 -36.97 -25.54
N TRP G 140 11.26 -36.45 -24.36
CA TRP G 140 10.24 -36.05 -23.40
C TRP G 140 9.50 -34.80 -23.84
N ASN G 141 10.22 -33.83 -24.42
CA ASN G 141 9.57 -32.61 -24.88
C ASN G 141 8.56 -32.90 -25.99
N GLU G 142 8.96 -33.71 -26.97
CA GLU G 142 8.09 -34.04 -28.09
C GLU G 142 7.07 -35.12 -27.74
N SER G 143 6.99 -35.51 -26.47
CA SER G 143 6.00 -36.48 -26.02
C SER G 143 5.26 -36.07 -24.76
N LYS G 144 5.74 -35.07 -24.01
CA LYS G 144 5.11 -34.73 -22.73
C LYS G 144 3.66 -34.32 -22.91
N ALA G 145 3.33 -33.69 -24.04
CA ALA G 145 1.95 -33.28 -24.27
C ALA G 145 1.04 -34.50 -24.35
N GLN G 146 1.43 -35.51 -25.13
CA GLN G 146 0.59 -36.70 -25.26
C GLN G 146 0.43 -37.43 -23.93
N ILE G 147 1.43 -37.36 -23.05
CA ILE G 147 1.34 -38.04 -21.76
C ILE G 147 0.32 -37.34 -20.88
N TRP G 148 0.16 -36.03 -21.05
CA TRP G 148 -0.85 -35.29 -20.30
C TRP G 148 -2.24 -35.63 -20.77
N THR G 149 -2.43 -35.77 -22.09
CA THR G 149 -3.72 -36.21 -22.61
C THR G 149 -4.07 -37.61 -22.11
N ALA G 150 -3.06 -38.42 -21.81
CA ALA G 150 -3.33 -39.77 -21.31
C ALA G 150 -3.82 -39.74 -19.86
N MET G 151 -3.18 -38.90 -19.03
CA MET G 151 -3.62 -38.75 -17.65
C MET G 151 -5.02 -38.15 -17.57
N MET G 152 -5.39 -37.35 -18.56
CA MET G 152 -6.74 -36.80 -18.64
C MET G 152 -7.72 -37.77 -19.27
N TYR G 153 -7.33 -39.02 -19.50
CA TYR G 153 -8.21 -39.97 -20.16
C TYR G 153 -9.47 -40.23 -19.33
N SER G 154 -9.29 -40.80 -18.13
CA SER G 154 -10.43 -41.20 -17.32
C SER G 154 -11.33 -40.01 -17.02
N VAL G 155 -10.76 -38.85 -16.71
CA VAL G 155 -11.60 -37.72 -16.39
C VAL G 155 -12.41 -37.27 -17.58
N LYS G 156 -11.96 -37.62 -18.79
CA LYS G 156 -12.63 -37.22 -20.03
C LYS G 156 -13.58 -38.28 -20.58
N LYS G 157 -13.26 -39.57 -20.43
CA LYS G 157 -14.24 -40.60 -20.75
C LYS G 157 -15.47 -40.42 -19.88
N ARG G 158 -15.27 -40.35 -18.57
CA ARG G 158 -16.27 -39.75 -17.69
C ARG G 158 -16.55 -38.33 -18.19
N LEU G 159 -17.78 -37.86 -18.03
CA LEU G 159 -18.18 -36.56 -18.57
C LEU G 159 -17.93 -36.48 -20.08
N LYS G 160 -18.66 -37.29 -20.83
CA LYS G 160 -18.62 -37.21 -22.29
C LYS G 160 -19.07 -35.80 -22.63
N GLY G 161 -20.32 -35.48 -22.34
CA GLY G 161 -20.76 -34.10 -22.38
C GLY G 161 -20.23 -33.39 -21.17
N ASN G 162 -20.59 -32.12 -21.06
CA ASN G 162 -20.29 -31.33 -19.89
C ASN G 162 -18.81 -31.32 -19.55
N PHE G 163 -17.96 -31.67 -20.51
CA PHE G 163 -16.53 -31.71 -20.26
C PHE G 163 -15.91 -30.33 -20.45
N ILE G 164 -14.94 -30.02 -19.60
CA ILE G 164 -14.29 -28.72 -19.56
C ILE G 164 -12.80 -28.98 -19.33
N TRP G 165 -11.95 -28.16 -19.94
CA TRP G 165 -10.51 -28.23 -19.71
C TRP G 165 -10.17 -27.43 -18.44
N ILE G 166 -10.56 -27.99 -17.29
CA ILE G 166 -10.21 -27.39 -16.00
C ILE G 166 -8.71 -27.32 -15.83
N CYS G 167 -8.03 -28.44 -16.10
CA CYS G 167 -6.57 -28.45 -16.07
C CYS G 167 -6.04 -27.99 -17.42
N LYS G 168 -5.01 -27.16 -17.39
CA LYS G 168 -4.45 -26.61 -18.61
C LYS G 168 -3.14 -27.32 -18.96
N LEU G 169 -2.90 -27.47 -20.26
CA LEU G 169 -1.81 -28.31 -20.74
C LEU G 169 -0.45 -27.66 -20.53
N ASN G 170 -0.24 -26.49 -21.15
CA ASN G 170 1.07 -25.85 -21.12
C ASN G 170 1.51 -25.55 -19.71
N VAL G 171 0.54 -25.39 -18.80
CA VAL G 171 0.87 -25.09 -17.43
C VAL G 171 1.46 -26.33 -16.78
N ALA G 172 1.10 -27.52 -17.27
CA ALA G 172 1.58 -28.77 -16.69
C ALA G 172 2.87 -29.25 -17.33
N VAL G 173 3.07 -28.98 -18.62
CA VAL G 173 4.25 -29.46 -19.33
C VAL G 173 5.36 -28.42 -19.36
N ASN G 174 5.23 -27.34 -18.60
CA ASN G 174 6.32 -26.38 -18.47
C ASN G 174 7.41 -27.00 -17.61
N ILE G 175 8.59 -27.21 -18.19
CA ILE G 175 9.66 -27.88 -17.46
C ILE G 175 10.12 -27.00 -16.31
N GLU G 176 10.30 -27.63 -15.14
CA GLU G 176 10.68 -26.99 -13.89
C GLU G 176 11.39 -28.05 -13.07
N PRO G 177 12.49 -27.71 -12.39
CA PRO G 177 13.22 -28.71 -11.58
C PRO G 177 12.27 -29.40 -10.59
N GLN G 178 12.47 -30.70 -10.42
CA GLN G 178 11.54 -31.46 -9.58
C GLN G 178 11.40 -30.82 -8.20
N ILE G 179 12.52 -30.41 -7.60
CA ILE G 179 12.47 -29.87 -6.25
C ILE G 179 11.57 -28.65 -6.17
N TYR G 180 11.44 -27.88 -7.26
CA TYR G 180 10.53 -26.74 -7.25
C TYR G 180 9.09 -27.20 -7.11
N ARG G 181 8.68 -28.13 -7.98
CA ARG G 181 7.30 -28.60 -7.96
C ARG G 181 6.95 -29.30 -6.66
N TRP G 182 7.93 -29.83 -5.93
CA TRP G 182 7.66 -30.46 -4.65
C TRP G 182 7.48 -29.42 -3.56
N ILE G 183 8.17 -28.28 -3.67
CA ILE G 183 7.92 -27.17 -2.75
C ILE G 183 6.51 -26.63 -2.97
N ARG G 184 6.09 -26.54 -4.23
CA ARG G 184 4.73 -26.14 -4.53
C ARG G 184 3.72 -27.07 -3.86
N GLU G 185 3.90 -28.38 -4.05
CA GLU G 185 3.02 -29.36 -3.44
C GLU G 185 3.08 -29.32 -1.92
N TRP G 186 4.28 -29.11 -1.37
CA TRP G 186 4.42 -29.05 0.09
C TRP G 186 3.62 -27.88 0.66
N GLY G 187 3.82 -26.68 0.11
CA GLY G 187 3.09 -25.52 0.60
C GLY G 187 1.59 -25.68 0.50
N ARG G 188 1.10 -26.37 -0.54
CA ARG G 188 -0.33 -26.65 -0.64
C ARG G 188 -0.80 -27.57 0.48
N ASP G 189 0.02 -28.56 0.87
CA ASP G 189 -0.36 -29.43 1.97
C ASP G 189 -0.35 -28.67 3.30
N TYR G 190 0.61 -27.76 3.48
CA TYR G 190 0.73 -27.04 4.74
C TYR G 190 -0.47 -26.14 4.99
N VAL G 191 -0.86 -25.33 4.00
CA VAL G 191 -1.97 -24.40 4.18
C VAL G 191 -3.30 -25.12 4.35
N SER G 192 -3.42 -26.38 3.88
CA SER G 192 -4.63 -27.16 4.12
C SER G 192 -4.61 -27.79 5.51
N GLU G 193 -3.43 -28.17 5.99
CA GLU G 193 -3.31 -28.83 7.27
C GLU G 193 -3.32 -27.85 8.44
N LEU G 194 -2.92 -26.59 8.22
CA LEU G 194 -2.77 -25.69 9.35
C LEU G 194 -4.10 -25.34 10.00
N PRO G 195 -5.12 -24.90 9.26
CA PRO G 195 -6.39 -24.54 9.93
C PRO G 195 -6.97 -25.69 10.73
N THR G 196 -6.84 -26.91 10.23
CA THR G 196 -7.36 -28.07 10.95
C THR G 196 -6.65 -28.26 12.27
N GLU G 197 -5.31 -28.31 12.25
CA GLU G 197 -4.54 -28.51 13.47
C GLU G 197 -4.72 -27.38 14.46
N VAL G 198 -5.19 -26.22 14.01
CA VAL G 198 -5.51 -25.12 14.92
C VAL G 198 -6.91 -25.28 15.51
N GLN G 199 -7.87 -25.70 14.68
CA GLN G 199 -9.23 -25.92 15.18
C GLN G 199 -9.22 -26.98 16.27
N LYS G 200 -8.40 -28.01 16.12
CA LYS G 200 -8.22 -28.98 17.20
C LYS G 200 -7.75 -28.28 18.45
N LEU G 201 -6.78 -27.37 18.32
CA LEU G 201 -6.29 -26.63 19.47
C LEU G 201 -7.37 -25.71 20.04
N LYS G 202 -8.13 -25.05 19.17
CA LYS G 202 -9.17 -24.13 19.64
C LYS G 202 -10.18 -24.86 20.52
N GLU G 203 -10.69 -26.00 20.05
CA GLU G 203 -11.75 -26.68 20.79
C GLU G 203 -11.32 -27.00 22.22
N LYS G 204 -10.08 -27.46 22.39
CA LYS G 204 -9.64 -27.92 23.71
C LYS G 204 -9.03 -26.81 24.54
N CYS G 205 -8.70 -25.66 23.94
CA CYS G 205 -8.00 -24.60 24.65
C CYS G 205 -8.70 -23.24 24.62
N ASP G 206 -9.70 -23.04 23.77
CA ASP G 206 -10.38 -21.76 23.78
C ASP G 206 -10.96 -21.47 25.16
N GLY G 207 -11.28 -20.21 25.38
CA GLY G 207 -11.86 -19.76 26.63
C GLY G 207 -10.82 -19.71 27.72
N LYS G 208 -11.12 -19.01 28.80
CA LYS G 208 -10.23 -18.86 29.93
C LYS G 208 -10.75 -19.69 31.09
N ILE G 209 -9.84 -20.28 31.86
CA ILE G 209 -10.23 -21.29 32.83
C ILE G 209 -10.93 -20.65 34.03
N ASN G 210 -10.22 -19.83 34.80
CA ASN G 210 -10.85 -19.23 35.98
C ASN G 210 -11.37 -17.83 35.70
N TYR G 211 -10.47 -16.87 35.50
CA TYR G 211 -10.89 -15.58 34.97
C TYR G 211 -9.92 -14.97 33.97
N THR G 212 -8.63 -15.24 34.09
CA THR G 212 -7.63 -14.64 33.20
C THR G 212 -6.55 -15.62 32.79
N ASP G 213 -6.55 -16.84 33.33
CA ASP G 213 -5.51 -17.80 33.02
C ASP G 213 -5.88 -18.60 31.78
N LYS G 214 -4.87 -19.21 31.17
CA LYS G 214 -5.05 -20.02 29.97
C LYS G 214 -5.34 -21.45 30.36
N LYS G 215 -6.13 -22.14 29.53
CA LYS G 215 -6.48 -23.51 29.84
C LYS G 215 -5.24 -24.40 29.85
N VAL G 216 -4.24 -24.08 29.03
CA VAL G 216 -3.06 -24.94 28.94
C VAL G 216 -2.27 -24.96 30.25
N CYS G 217 -2.47 -23.98 31.12
CA CYS G 217 -1.72 -23.93 32.37
C CYS G 217 -2.04 -25.12 33.26
N LYS G 218 -3.32 -25.56 33.27
CA LYS G 218 -3.81 -26.60 34.17
C LYS G 218 -4.55 -27.72 33.46
N VAL G 219 -5.31 -27.41 32.41
CA VAL G 219 -6.16 -28.38 31.72
C VAL G 219 -5.29 -29.37 30.95
N PRO G 220 -5.33 -30.67 31.29
CA PRO G 220 -4.53 -31.66 30.56
C PRO G 220 -4.99 -31.83 29.12
N PRO G 221 -6.31 -31.93 28.88
CA PRO G 221 -6.77 -32.04 27.48
C PRO G 221 -6.17 -31.00 26.54
N CYS G 222 -6.08 -29.74 26.97
CA CYS G 222 -5.44 -28.73 26.14
C CYS G 222 -3.94 -28.96 26.05
N GLN G 223 -3.31 -29.27 27.19
CA GLN G 223 -1.87 -29.47 27.19
C GLN G 223 -1.45 -30.58 26.23
N ASN G 224 -2.35 -31.53 25.96
CA ASN G 224 -2.01 -32.60 25.04
C ASN G 224 -2.17 -32.16 23.59
N ALA G 225 -3.29 -31.49 23.27
CA ALA G 225 -3.46 -30.96 21.92
C ALA G 225 -2.31 -30.03 21.54
N CYS G 226 -1.70 -29.37 22.52
CA CYS G 226 -0.55 -28.53 22.25
C CYS G 226 0.66 -29.36 21.84
N LYS G 227 0.92 -30.46 22.56
CA LYS G 227 2.00 -31.34 22.14
C LYS G 227 1.70 -32.02 20.81
N SER G 228 0.43 -32.12 20.44
CA SER G 228 0.08 -32.63 19.12
C SER G 228 0.49 -31.64 18.05
N TYR G 229 0.14 -30.36 18.24
CA TYR G 229 0.58 -29.34 17.30
C TYR G 229 2.10 -29.20 17.32
N ASP G 230 2.70 -29.26 18.52
CA ASP G 230 4.15 -29.18 18.61
C ASP G 230 4.82 -30.30 17.82
N GLN G 231 4.24 -31.49 17.85
CA GLN G 231 4.79 -32.59 17.06
C GLN G 231 4.60 -32.34 15.57
N TRP G 232 3.44 -31.79 15.18
CA TRP G 232 3.14 -31.56 13.77
C TRP G 232 4.01 -30.45 13.20
N ILE G 233 4.05 -29.31 13.88
CA ILE G 233 4.78 -28.15 13.36
C ILE G 233 6.26 -28.45 13.28
N THR G 234 6.77 -29.37 14.11
CA THR G 234 8.18 -29.71 14.04
C THR G 234 8.49 -30.52 12.79
N ARG G 235 7.57 -31.40 12.38
CA ARG G 235 7.77 -32.08 11.12
C ARG G 235 7.71 -31.12 9.94
N LYS G 236 6.86 -30.08 10.04
CA LYS G 236 6.78 -29.10 8.97
C LYS G 236 8.05 -28.24 8.91
N LYS G 237 8.49 -27.71 10.06
CA LYS G 237 9.74 -26.95 10.13
C LYS G 237 10.90 -27.78 9.59
N ASN G 238 11.02 -29.03 10.03
CA ASN G 238 12.12 -29.85 9.57
C ASN G 238 12.00 -30.14 8.07
N GLN G 239 10.78 -30.44 7.61
CA GLN G 239 10.56 -30.67 6.19
C GLN G 239 10.91 -29.43 5.37
N TRP G 240 10.51 -28.25 5.84
CA TRP G 240 10.85 -27.04 5.11
C TRP G 240 12.36 -26.84 5.08
N ASP G 241 13.04 -27.13 6.20
CA ASP G 241 14.49 -26.96 6.23
C ASP G 241 15.16 -27.84 5.21
N VAL G 242 14.77 -29.11 5.15
CA VAL G 242 15.37 -30.01 4.19
C VAL G 242 15.02 -29.58 2.77
N LEU G 243 13.73 -29.35 2.50
CA LEU G 243 13.30 -29.07 1.14
C LEU G 243 13.94 -27.79 0.60
N SER G 244 14.12 -26.78 1.47
CA SER G 244 14.73 -25.52 1.04
C SER G 244 16.23 -25.63 0.89
N ASN G 245 16.88 -26.50 1.67
CA ASN G 245 18.30 -26.73 1.44
C ASN G 245 18.54 -27.43 0.12
N LYS G 246 17.76 -28.47 -0.18
CA LYS G 246 17.88 -29.12 -1.48
C LYS G 246 17.61 -28.16 -2.62
N PHE G 247 16.71 -27.19 -2.41
CA PHE G 247 16.46 -26.18 -3.43
C PHE G 247 17.70 -25.35 -3.67
N ILE G 248 18.38 -24.94 -2.60
CA ILE G 248 19.57 -24.10 -2.76
C ILE G 248 20.67 -24.87 -3.49
N SER G 249 20.77 -26.17 -3.22
CA SER G 249 21.82 -26.96 -3.86
C SER G 249 21.60 -27.04 -5.37
N VAL G 250 20.35 -27.20 -5.79
CA VAL G 250 20.07 -27.32 -7.22
C VAL G 250 20.22 -25.97 -7.90
N LYS G 251 19.58 -24.94 -7.35
CA LYS G 251 19.68 -23.61 -7.93
C LYS G 251 21.13 -23.22 -8.11
N ASN G 252 22.00 -23.63 -7.19
CA ASN G 252 23.41 -23.31 -7.32
C ASN G 252 24.08 -24.12 -8.42
N ALA G 253 23.53 -25.26 -8.79
CA ALA G 253 24.20 -26.16 -9.72
C ALA G 253 23.66 -26.10 -11.13
N GLU G 254 22.61 -25.33 -11.38
CA GLU G 254 22.05 -25.20 -12.71
C GLU G 254 22.48 -23.88 -13.33
N LYS G 255 22.51 -23.86 -14.67
CA LYS G 255 23.02 -22.71 -15.39
C LYS G 255 21.94 -21.79 -15.92
N VAL G 256 20.66 -22.09 -15.69
CA VAL G 256 19.57 -21.30 -16.27
C VAL G 256 18.66 -20.84 -15.15
N GLN G 257 18.19 -19.60 -15.26
CA GLN G 257 17.42 -18.94 -14.21
C GLN G 257 15.93 -19.02 -14.53
N THR G 258 15.16 -19.57 -13.58
CA THR G 258 13.70 -19.57 -13.65
C THR G 258 13.20 -18.22 -13.14
N ALA G 259 12.95 -17.30 -14.09
CA ALA G 259 12.45 -15.96 -13.80
C ALA G 259 11.54 -15.91 -12.59
N GLY G 260 11.93 -15.13 -11.59
CA GLY G 260 11.11 -14.88 -10.43
C GLY G 260 11.28 -15.88 -9.31
N ILE G 261 12.29 -16.73 -9.38
CA ILE G 261 12.61 -17.68 -8.33
C ILE G 261 14.05 -17.45 -7.90
N VAL G 262 14.23 -16.98 -6.67
CA VAL G 262 15.56 -16.77 -6.11
C VAL G 262 15.68 -17.63 -4.87
N THR G 263 14.80 -17.36 -3.89
CA THR G 263 14.70 -18.10 -2.65
C THR G 263 13.56 -19.09 -2.74
N PRO G 264 13.55 -20.12 -1.90
CA PRO G 264 12.42 -21.06 -1.88
C PRO G 264 11.11 -20.42 -1.45
N TYR G 265 11.16 -19.24 -0.80
CA TYR G 265 9.94 -18.55 -0.43
C TYR G 265 9.23 -17.93 -1.65
N ASP G 266 9.97 -17.63 -2.72
CA ASP G 266 9.32 -17.14 -3.93
C ASP G 266 8.39 -18.18 -4.52
N ILE G 267 8.76 -19.45 -4.42
CA ILE G 267 7.90 -20.51 -4.94
C ILE G 267 6.58 -20.55 -4.19
N LEU G 268 6.63 -20.29 -2.88
CA LEU G 268 5.39 -20.28 -2.11
C LEU G 268 4.54 -19.06 -2.48
N LYS G 269 5.17 -17.90 -2.66
CA LYS G 269 4.41 -16.73 -3.10
C LYS G 269 3.70 -17.00 -4.41
N GLN G 270 4.35 -17.72 -5.33
CA GLN G 270 3.73 -18.01 -6.61
C GLN G 270 2.54 -18.95 -6.46
N GLU G 271 2.70 -19.98 -5.65
CA GLU G 271 1.74 -21.07 -5.61
C GLU G 271 0.60 -20.83 -4.65
N LEU G 272 0.84 -20.10 -3.57
CA LEU G 272 -0.15 -19.93 -2.52
C LEU G 272 -0.77 -18.54 -2.59
N ASP G 273 -2.07 -18.47 -2.33
CA ASP G 273 -2.81 -17.22 -2.39
C ASP G 273 -2.67 -16.49 -1.06
N GLU G 274 -2.37 -15.19 -1.13
CA GLU G 274 -2.21 -14.35 0.05
C GLU G 274 -1.17 -14.91 1.00
N PHE G 275 -0.07 -15.43 0.44
CA PHE G 275 1.00 -15.99 1.25
C PHE G 275 1.76 -14.85 1.93
N ASN G 276 1.64 -14.77 3.25
CA ASN G 276 2.36 -13.78 4.04
C ASN G 276 3.50 -14.51 4.74
N GLU G 277 4.66 -14.56 4.07
CA GLU G 277 5.78 -15.32 4.60
C GLU G 277 6.23 -14.84 5.98
N VAL G 278 5.86 -13.63 6.37
CA VAL G 278 6.16 -13.16 7.72
C VAL G 278 5.50 -14.08 8.74
N ALA G 279 4.21 -14.38 8.55
CA ALA G 279 3.53 -15.27 9.48
C ALA G 279 4.01 -16.71 9.32
N PHE G 280 4.26 -17.14 8.09
CA PHE G 280 4.75 -18.50 7.86
C PHE G 280 6.00 -18.77 8.69
N GLU G 281 6.96 -17.85 8.67
CA GLU G 281 8.15 -18.02 9.48
C GLU G 281 7.79 -18.14 10.95
N ASN G 282 6.80 -17.36 11.40
CA ASN G 282 6.39 -17.43 12.79
C ASN G 282 5.67 -18.75 13.08
N GLU G 283 4.86 -19.22 12.14
CA GLU G 283 4.10 -20.45 12.37
C GLU G 283 5.04 -21.62 12.56
N ILE G 284 6.00 -21.78 11.64
CA ILE G 284 6.90 -22.93 11.70
C ILE G 284 7.93 -22.81 12.82
N ASN G 285 8.03 -21.64 13.44
CA ASN G 285 8.93 -21.41 14.56
C ASN G 285 8.19 -21.32 15.89
N LYS G 286 6.93 -21.71 15.93
CA LYS G 286 6.14 -21.78 17.16
C LYS G 286 6.14 -20.45 17.91
N ARG G 287 6.21 -19.34 17.17
CA ARG G 287 6.14 -18.01 17.77
C ARG G 287 5.01 -17.18 17.16
N ASP G 288 4.04 -17.82 16.53
CA ASP G 288 2.91 -17.09 15.97
C ASP G 288 2.01 -16.62 17.11
N GLY G 289 0.93 -15.95 16.74
CA GLY G 289 0.02 -15.37 17.71
C GLY G 289 -0.91 -16.37 18.34
N ALA G 290 -1.59 -17.17 17.52
CA ALA G 290 -2.58 -18.10 18.02
C ALA G 290 -1.94 -19.15 18.92
N TYR G 291 -0.75 -19.63 18.56
CA TYR G 291 -0.11 -20.69 19.33
C TYR G 291 0.24 -20.21 20.73
N ILE G 292 0.71 -18.97 20.85
CA ILE G 292 1.04 -18.41 22.15
C ILE G 292 -0.23 -18.19 22.97
N GLU G 293 -1.30 -17.74 22.33
CA GLU G 293 -2.55 -17.45 23.04
C GLU G 293 -3.20 -18.72 23.59
N LEU G 294 -2.81 -19.88 23.07
CA LEU G 294 -3.45 -21.15 23.40
C LEU G 294 -2.54 -22.13 24.13
N CYS G 295 -1.23 -22.11 23.88
CA CYS G 295 -0.35 -23.14 24.40
C CYS G 295 0.83 -22.64 25.22
N VAL G 296 0.93 -21.35 25.49
CA VAL G 296 2.01 -20.80 26.31
C VAL G 296 1.37 -20.15 27.53
N CYS G 297 1.70 -20.67 28.71
CA CYS G 297 1.09 -20.16 29.93
C CYS G 297 1.79 -18.87 30.39
N SER G 298 3.10 -18.93 30.58
CA SER G 298 3.86 -17.75 31.04
C SER G 298 5.34 -17.91 30.73
N HIS H 3 -26.13 -32.43 -19.35
CA HIS H 3 -26.62 -33.37 -20.34
C HIS H 3 -25.47 -33.99 -21.14
N SER H 4 -25.18 -35.26 -20.87
CA SER H 4 -24.16 -36.00 -21.61
C SER H 4 -24.72 -36.39 -22.98
N GLN H 5 -24.83 -35.38 -23.84
CA GLN H 5 -25.40 -35.56 -25.18
C GLN H 5 -24.31 -35.32 -26.21
N VAL H 6 -23.87 -36.41 -26.83
CA VAL H 6 -22.85 -36.40 -27.87
C VAL H 6 -23.27 -37.45 -28.89
N GLN H 7 -23.71 -37.02 -30.05
CA GLN H 7 -24.33 -37.90 -31.03
C GLN H 7 -23.36 -38.19 -32.17
N LEU H 8 -23.57 -39.35 -32.80
CA LEU H 8 -22.91 -39.69 -34.05
C LEU H 8 -24.00 -40.09 -35.03
N VAL H 9 -24.08 -39.39 -36.16
CA VAL H 9 -25.14 -39.61 -37.14
C VAL H 9 -24.49 -39.92 -38.49
N GLN H 10 -24.88 -41.03 -39.08
CA GLN H 10 -24.32 -41.49 -40.35
C GLN H 10 -25.31 -41.25 -41.49
N SER H 11 -24.86 -41.48 -42.72
CA SER H 11 -25.70 -41.23 -43.88
C SER H 11 -26.68 -42.38 -44.09
N GLY H 12 -27.57 -42.19 -45.06
CA GLY H 12 -28.58 -43.17 -45.35
C GLY H 12 -28.01 -44.42 -46.00
N ALA H 13 -28.88 -45.42 -46.18
CA ALA H 13 -28.47 -46.66 -46.79
C ALA H 13 -28.15 -46.43 -48.27
N GLU H 14 -27.14 -47.14 -48.77
CA GLU H 14 -26.73 -47.01 -50.17
C GLU H 14 -26.58 -48.39 -50.79
N VAL H 15 -26.80 -48.45 -52.10
CA VAL H 15 -26.66 -49.68 -52.87
C VAL H 15 -25.73 -49.38 -54.03
N LYS H 16 -24.71 -50.24 -54.23
CA LYS H 16 -23.68 -50.02 -55.22
C LYS H 16 -23.45 -51.28 -56.04
N LYS H 17 -22.76 -51.11 -57.19
CA LYS H 17 -22.37 -52.15 -58.13
C LYS H 17 -20.98 -52.68 -57.82
N PRO H 18 -20.76 -53.99 -57.94
CA PRO H 18 -19.42 -54.55 -57.65
C PRO H 18 -18.32 -53.82 -58.38
N GLY H 19 -17.35 -53.26 -57.64
CA GLY H 19 -16.23 -52.54 -58.21
C GLY H 19 -16.32 -51.04 -58.06
N ALA H 20 -17.48 -50.51 -57.72
CA ALA H 20 -17.66 -49.07 -57.60
C ALA H 20 -17.14 -48.59 -56.24
N SER H 21 -17.45 -47.34 -55.89
CA SER H 21 -17.02 -46.75 -54.63
C SER H 21 -18.22 -46.28 -53.83
N VAL H 22 -18.00 -46.06 -52.54
CA VAL H 22 -19.04 -45.62 -51.63
C VAL H 22 -18.40 -44.71 -50.59
N LYS H 23 -19.11 -43.64 -50.24
CA LYS H 23 -18.64 -42.67 -49.24
C LYS H 23 -19.71 -42.57 -48.15
N VAL H 24 -19.29 -42.80 -46.91
CA VAL H 24 -20.18 -42.77 -45.76
C VAL H 24 -19.85 -41.54 -44.91
N SER H 25 -20.87 -40.84 -44.48
CA SER H 25 -20.70 -39.65 -43.64
C SER H 25 -20.89 -40.02 -42.18
N CYS H 26 -20.41 -39.14 -41.30
CA CYS H 26 -20.54 -39.34 -39.85
C CYS H 26 -20.41 -37.99 -39.18
N LYS H 27 -21.51 -37.45 -38.66
CA LYS H 27 -21.53 -36.11 -38.07
C LYS H 27 -21.60 -36.18 -36.56
N VAL H 28 -20.83 -35.34 -35.87
CA VAL H 28 -20.79 -35.28 -34.39
C VAL H 28 -21.70 -34.14 -33.96
N SER H 29 -22.41 -34.31 -32.85
CA SER H 29 -23.40 -33.37 -32.37
C SER H 29 -23.28 -33.31 -30.85
N GLY H 30 -22.55 -32.32 -30.35
CA GLY H 30 -22.47 -32.13 -28.92
C GLY H 30 -21.06 -32.07 -28.37
N TYR H 31 -20.06 -32.02 -29.26
CA TYR H 31 -18.67 -31.88 -28.85
C TYR H 31 -17.84 -31.62 -30.11
N THR H 32 -16.82 -30.77 -29.97
CA THR H 32 -16.02 -30.35 -31.13
C THR H 32 -15.28 -31.53 -31.73
N LEU H 33 -15.51 -31.79 -33.01
CA LEU H 33 -14.81 -32.88 -33.67
C LEU H 33 -13.31 -32.76 -33.54
N THR H 34 -12.82 -31.53 -33.37
CA THR H 34 -11.38 -31.28 -33.45
C THR H 34 -10.58 -32.03 -32.39
N GLU H 35 -11.24 -32.72 -31.47
CA GLU H 35 -10.54 -33.44 -30.40
C GLU H 35 -10.70 -34.95 -30.48
N LEU H 36 -11.62 -35.46 -31.29
CA LEU H 36 -11.94 -36.88 -31.35
C LEU H 36 -11.12 -37.57 -32.43
N SER H 37 -11.10 -38.90 -32.39
CA SER H 37 -10.35 -39.73 -33.32
C SER H 37 -11.22 -40.38 -34.40
N MET H 38 -12.43 -40.81 -34.08
CA MET H 38 -13.39 -41.21 -35.11
C MET H 38 -12.87 -42.35 -35.99
N HIS H 39 -12.77 -43.52 -35.36
CA HIS H 39 -12.48 -44.77 -36.08
C HIS H 39 -13.73 -45.27 -36.82
N TRP H 40 -13.58 -46.39 -37.55
CA TRP H 40 -14.66 -47.00 -38.31
C TRP H 40 -14.59 -48.51 -38.18
N VAL H 41 -15.75 -49.16 -38.01
CA VAL H 41 -15.82 -50.62 -37.95
C VAL H 41 -16.99 -51.10 -38.80
N ARG H 42 -16.89 -52.32 -39.28
CA ARG H 42 -17.89 -52.94 -40.13
C ARG H 42 -18.34 -54.26 -39.51
N GLN H 43 -19.48 -54.76 -40.00
CA GLN H 43 -19.97 -56.06 -39.55
C GLN H 43 -20.74 -56.74 -40.68
N ALA H 44 -20.21 -57.86 -41.18
CA ALA H 44 -20.93 -58.66 -42.16
C ALA H 44 -22.12 -59.35 -41.51
N PRO H 45 -23.12 -59.75 -42.30
CA PRO H 45 -24.32 -60.39 -41.71
C PRO H 45 -23.99 -61.61 -40.86
N GLY H 46 -23.17 -62.53 -41.36
CA GLY H 46 -22.88 -63.75 -40.63
C GLY H 46 -21.73 -63.63 -39.65
N LYS H 47 -20.70 -62.89 -40.04
CA LYS H 47 -19.53 -62.75 -39.19
C LYS H 47 -19.78 -61.65 -38.16
N GLY H 48 -18.74 -61.34 -37.38
CA GLY H 48 -18.84 -60.39 -36.31
C GLY H 48 -18.26 -59.03 -36.66
N LEU H 49 -17.95 -58.27 -35.62
CA LEU H 49 -17.41 -56.94 -35.81
C LEU H 49 -15.98 -57.02 -36.31
N GLU H 50 -15.63 -56.12 -37.24
CA GLU H 50 -14.27 -56.03 -37.75
C GLU H 50 -13.85 -54.57 -37.84
N TRP H 51 -12.62 -54.30 -37.47
CA TRP H 51 -12.09 -52.95 -37.47
C TRP H 51 -11.37 -52.67 -38.79
N MET H 52 -11.70 -51.53 -39.40
CA MET H 52 -11.14 -51.14 -40.69
C MET H 52 -10.00 -50.14 -40.54
N GLY H 53 -10.24 -49.02 -39.87
CA GLY H 53 -9.22 -48.01 -39.69
C GLY H 53 -9.70 -46.91 -38.79
N GLY H 54 -8.91 -45.84 -38.72
CA GLY H 54 -9.26 -44.71 -37.89
C GLY H 54 -8.24 -43.61 -38.05
N PHE H 55 -8.55 -42.45 -37.49
CA PHE H 55 -7.71 -41.26 -37.53
C PHE H 55 -7.17 -41.01 -36.13
N ASP H 56 -5.88 -41.28 -35.92
CA ASP H 56 -5.21 -41.10 -34.62
C ASP H 56 -4.85 -39.63 -34.46
N ARG H 57 -5.76 -38.87 -33.84
CA ARG H 57 -5.63 -37.41 -33.83
C ARG H 57 -4.38 -36.97 -33.10
N GLU H 58 -4.01 -37.69 -32.04
CA GLU H 58 -2.82 -37.30 -31.29
C GLU H 58 -1.60 -37.25 -32.20
N ASP H 59 -1.58 -38.05 -33.26
CA ASP H 59 -0.44 -38.12 -34.16
C ASP H 59 -0.79 -37.85 -35.61
N GLY H 60 -2.05 -37.60 -35.92
CA GLY H 60 -2.44 -37.65 -37.32
C GLY H 60 -2.19 -39.04 -37.87
N GLU H 61 -1.97 -39.10 -39.18
CA GLU H 61 -1.46 -40.31 -39.83
C GLU H 61 -2.37 -41.52 -39.58
N SER H 62 -3.55 -41.44 -40.17
CA SER H 62 -4.53 -42.52 -40.02
C SER H 62 -3.87 -43.87 -40.30
N ILE H 63 -4.38 -44.90 -39.63
CA ILE H 63 -3.86 -46.26 -39.76
C ILE H 63 -5.01 -47.15 -40.23
N TYR H 64 -4.70 -48.21 -40.98
CA TYR H 64 -5.69 -49.14 -41.50
C TYR H 64 -5.28 -50.57 -41.17
N ALA H 65 -6.25 -51.47 -41.31
CA ALA H 65 -6.00 -52.88 -41.17
C ALA H 65 -5.10 -53.35 -42.32
N GLN H 66 -4.89 -54.59 -42.35
CA GLN H 66 -3.88 -54.98 -43.27
C GLN H 66 -4.40 -55.12 -44.71
N LYS H 67 -5.37 -56.00 -44.90
CA LYS H 67 -5.90 -56.20 -46.24
C LYS H 67 -7.05 -55.23 -46.50
N PHE H 68 -6.81 -53.96 -46.15
CA PHE H 68 -7.71 -52.87 -46.47
C PHE H 68 -6.96 -51.62 -46.93
N GLN H 69 -5.63 -51.66 -46.99
CA GLN H 69 -4.84 -50.45 -47.17
C GLN H 69 -4.88 -49.87 -48.56
N GLY H 70 -5.54 -50.56 -49.44
CA GLY H 70 -5.59 -49.99 -50.78
C GLY H 70 -7.00 -49.71 -51.24
N ARG H 71 -7.90 -49.67 -50.28
CA ARG H 71 -9.32 -49.47 -50.54
C ARG H 71 -9.99 -48.43 -49.67
N VAL H 72 -9.42 -48.02 -48.53
CA VAL H 72 -10.11 -47.12 -47.63
C VAL H 72 -9.33 -45.81 -47.54
N THR H 73 -10.07 -44.69 -47.48
CA THR H 73 -9.48 -43.37 -47.34
C THR H 73 -10.40 -42.52 -46.47
N LEU H 74 -9.87 -42.05 -45.34
CA LEU H 74 -10.63 -41.29 -44.37
C LEU H 74 -10.36 -39.80 -44.57
N THR H 75 -11.42 -39.02 -44.71
CA THR H 75 -11.32 -37.57 -44.86
C THR H 75 -12.16 -36.88 -43.79
N GLU H 76 -12.07 -35.55 -43.76
CA GLU H 76 -12.78 -34.75 -42.76
C GLU H 76 -13.21 -33.41 -43.36
N ASP H 77 -14.18 -32.78 -42.71
CA ASP H 77 -14.65 -31.44 -43.10
C ASP H 77 -15.11 -30.73 -41.84
N THR H 78 -14.30 -29.78 -41.34
CA THR H 78 -14.57 -29.11 -40.09
C THR H 78 -15.82 -28.23 -40.17
N SER H 79 -16.18 -27.77 -41.35
CA SER H 79 -17.37 -26.93 -41.49
C SER H 79 -18.63 -27.73 -41.16
N THR H 80 -18.77 -28.91 -41.75
CA THR H 80 -19.94 -29.73 -41.49
C THR H 80 -19.83 -30.55 -40.21
N ASP H 81 -18.69 -30.49 -39.51
CA ASP H 81 -18.52 -31.24 -38.28
C ASP H 81 -18.77 -32.73 -38.52
N SER H 82 -18.11 -33.29 -39.52
CA SER H 82 -18.36 -34.68 -39.88
C SER H 82 -17.10 -35.30 -40.48
N VAL H 83 -17.12 -36.63 -40.55
CA VAL H 83 -16.02 -37.42 -41.07
C VAL H 83 -16.55 -38.26 -42.22
N TYR H 84 -15.66 -38.61 -43.15
CA TYR H 84 -16.02 -39.41 -44.32
C TYR H 84 -15.06 -40.58 -44.46
N MET H 85 -15.62 -41.73 -44.84
CA MET H 85 -14.85 -42.94 -45.11
C MET H 85 -15.30 -43.49 -46.46
N GLU H 86 -14.36 -43.65 -47.38
CA GLU H 86 -14.64 -44.08 -48.75
C GLU H 86 -14.05 -45.46 -48.99
N LEU H 87 -14.83 -46.34 -49.62
CA LEU H 87 -14.41 -47.69 -49.96
C LEU H 87 -14.48 -47.86 -51.48
N SER H 88 -13.35 -48.22 -52.08
CA SER H 88 -13.26 -48.38 -53.52
C SER H 88 -13.09 -49.86 -53.88
N ASN H 89 -13.33 -50.16 -55.15
CA ASN H 89 -13.24 -51.53 -55.67
C ASN H 89 -14.10 -52.46 -54.81
N LEU H 90 -15.40 -52.13 -54.76
CA LEU H 90 -16.34 -52.85 -53.92
C LEU H 90 -16.50 -54.29 -54.39
N ARG H 91 -16.11 -55.24 -53.54
CA ARG H 91 -16.32 -56.64 -53.85
C ARG H 91 -17.71 -57.07 -53.36
N SER H 92 -18.13 -58.26 -53.77
CA SER H 92 -19.46 -58.73 -53.41
C SER H 92 -19.57 -58.99 -51.90
N ASP H 93 -18.50 -59.46 -51.28
CA ASP H 93 -18.52 -59.77 -49.85
C ASP H 93 -18.35 -58.54 -48.96
N ASP H 94 -18.21 -57.35 -49.54
CA ASP H 94 -18.15 -56.11 -48.77
C ASP H 94 -19.52 -55.61 -48.33
N THR H 95 -20.58 -56.37 -48.60
CA THR H 95 -21.91 -56.02 -48.11
C THR H 95 -21.97 -56.18 -46.60
N ALA H 96 -22.20 -55.07 -45.88
CA ALA H 96 -22.22 -55.10 -44.43
C ALA H 96 -22.76 -53.78 -43.91
N VAL H 97 -22.75 -53.63 -42.59
CA VAL H 97 -23.17 -52.42 -41.90
C VAL H 97 -21.93 -51.71 -41.37
N TYR H 98 -21.82 -50.41 -41.67
CA TYR H 98 -20.63 -49.63 -41.34
C TYR H 98 -20.94 -48.65 -40.22
N PHE H 99 -20.09 -48.66 -39.18
CA PHE H 99 -20.22 -47.78 -38.03
C PHE H 99 -19.00 -46.86 -37.92
N CYS H 100 -19.24 -45.67 -37.36
CA CYS H 100 -18.19 -44.76 -36.94
C CYS H 100 -18.28 -44.63 -35.42
N ALA H 101 -17.15 -44.79 -34.73
CA ALA H 101 -17.16 -44.74 -33.27
C ALA H 101 -15.83 -44.18 -32.82
N THR H 102 -15.83 -43.54 -31.64
CA THR H 102 -14.63 -42.97 -31.04
C THR H 102 -14.57 -43.39 -29.58
N ASP H 103 -13.35 -43.34 -29.03
CA ASP H 103 -13.18 -43.64 -27.61
C ASP H 103 -13.60 -42.47 -26.73
N PHE H 104 -13.30 -41.24 -27.15
CA PHE H 104 -13.67 -40.03 -26.45
C PHE H 104 -12.86 -39.87 -25.17
N GLY H 105 -12.16 -40.92 -24.78
CA GLY H 105 -11.41 -40.87 -23.55
C GLY H 105 -10.08 -40.21 -23.81
N GLY H 106 -9.38 -40.73 -24.81
CA GLY H 106 -8.06 -40.25 -25.15
C GLY H 106 -7.74 -40.60 -26.58
N SER H 107 -6.50 -40.95 -26.85
CA SER H 107 -6.09 -41.25 -28.22
C SER H 107 -5.53 -42.66 -28.39
N TYR H 108 -4.57 -43.05 -27.56
CA TYR H 108 -3.93 -44.35 -27.71
C TYR H 108 -4.79 -45.48 -27.17
N PHE H 109 -6.00 -45.20 -26.73
CA PHE H 109 -6.94 -46.21 -26.28
C PHE H 109 -8.07 -46.37 -27.28
N TYR H 110 -8.71 -47.53 -27.25
CA TYR H 110 -9.72 -47.88 -28.25
C TYR H 110 -10.93 -48.51 -27.58
N ALA H 111 -11.29 -48.01 -26.40
CA ALA H 111 -12.53 -48.43 -25.73
C ALA H 111 -13.69 -47.57 -26.23
N PHE H 112 -14.13 -47.88 -27.45
CA PHE H 112 -15.10 -47.04 -28.12
C PHE H 112 -16.27 -46.74 -27.21
N ASP H 113 -16.56 -45.46 -27.04
CA ASP H 113 -17.58 -44.94 -26.13
C ASP H 113 -18.83 -44.50 -26.87
N ILE H 114 -18.67 -43.79 -27.98
CA ILE H 114 -19.76 -43.21 -28.74
C ILE H 114 -19.82 -43.89 -30.11
N TRP H 115 -20.98 -44.42 -30.45
CA TRP H 115 -21.20 -45.11 -31.71
C TRP H 115 -22.28 -44.41 -32.52
N GLY H 116 -22.24 -44.61 -33.83
CA GLY H 116 -23.30 -44.17 -34.71
C GLY H 116 -24.36 -45.24 -34.88
N GLN H 117 -25.38 -44.90 -35.66
CA GLN H 117 -26.48 -45.84 -35.86
C GLN H 117 -26.18 -46.85 -36.96
N GLY H 118 -25.14 -46.64 -37.76
CA GLY H 118 -24.77 -47.57 -38.80
C GLY H 118 -25.31 -47.18 -40.16
N THR H 119 -24.72 -47.79 -41.19
CA THR H 119 -25.14 -47.58 -42.57
C THR H 119 -25.05 -48.90 -43.33
N MET H 120 -26.20 -49.37 -43.83
CA MET H 120 -26.23 -50.61 -44.61
C MET H 120 -25.78 -50.31 -46.03
N VAL H 121 -24.77 -51.03 -46.50
CA VAL H 121 -24.27 -50.93 -47.87
C VAL H 121 -24.38 -52.30 -48.51
N THR H 122 -25.06 -52.39 -49.64
CA THR H 122 -25.23 -53.64 -50.36
C THR H 122 -24.57 -53.51 -51.73
N VAL H 123 -23.85 -54.56 -52.12
CA VAL H 123 -23.12 -54.55 -53.38
C VAL H 123 -23.85 -55.41 -54.43
N GLN H 141 -9.70 -65.76 -39.96
CA GLN H 141 -10.52 -65.13 -38.94
C GLN H 141 -9.72 -64.05 -38.21
N SER H 142 -9.73 -64.08 -36.88
CA SER H 142 -9.12 -63.03 -36.08
C SER H 142 -8.07 -63.60 -35.12
N VAL H 143 -7.21 -62.71 -34.64
CA VAL H 143 -6.14 -63.11 -33.72
C VAL H 143 -6.72 -63.53 -32.38
N LEU H 144 -7.71 -62.79 -31.90
CA LEU H 144 -8.41 -63.16 -30.67
C LEU H 144 -9.49 -64.19 -30.98
N THR H 145 -9.58 -65.22 -30.14
CA THR H 145 -10.49 -66.34 -30.33
C THR H 145 -11.43 -66.45 -29.14
N GLN H 146 -12.73 -66.37 -29.40
CA GLN H 146 -13.75 -66.46 -28.35
C GLN H 146 -14.50 -67.78 -28.46
N SER H 147 -15.17 -68.14 -27.37
CA SER H 147 -16.01 -69.33 -27.36
C SER H 147 -17.12 -69.18 -28.41
N PRO H 148 -17.49 -70.27 -29.10
CA PRO H 148 -18.48 -70.13 -30.18
C PRO H 148 -19.84 -69.62 -29.71
N SER H 149 -20.24 -69.95 -28.48
CA SER H 149 -21.54 -69.54 -27.98
C SER H 149 -21.61 -69.88 -26.50
N ALA H 150 -22.54 -69.22 -25.81
CA ALA H 150 -22.83 -69.49 -24.41
C ALA H 150 -24.34 -69.44 -24.21
N SER H 151 -24.78 -69.93 -23.05
CA SER H 151 -26.20 -69.97 -22.73
C SER H 151 -26.34 -70.06 -21.22
N GLY H 152 -27.29 -69.31 -20.67
CA GLY H 152 -27.55 -69.35 -19.24
C GLY H 152 -29.00 -69.09 -18.95
N THR H 153 -29.37 -69.29 -17.68
CA THR H 153 -30.73 -69.12 -17.19
C THR H 153 -30.77 -68.04 -16.11
N PRO H 154 -31.91 -67.35 -15.97
CA PRO H 154 -31.97 -66.24 -15.00
C PRO H 154 -31.41 -66.56 -13.62
N GLY H 155 -30.37 -65.83 -13.23
CA GLY H 155 -29.85 -65.88 -11.87
C GLY H 155 -28.53 -66.61 -11.67
N GLN H 156 -27.84 -67.00 -12.73
CA GLN H 156 -26.59 -67.74 -12.62
C GLN H 156 -25.44 -66.91 -13.18
N ARG H 157 -24.24 -67.33 -12.85
CA ARG H 157 -23.02 -66.71 -13.34
C ARG H 157 -22.58 -67.42 -14.63
N VAL H 158 -22.25 -66.62 -15.64
CA VAL H 158 -21.66 -67.10 -16.88
C VAL H 158 -20.36 -66.35 -17.11
N THR H 159 -19.43 -67.00 -17.81
CA THR H 159 -18.09 -66.42 -18.02
C THR H 159 -17.66 -66.67 -19.46
N ILE H 160 -17.69 -65.62 -20.28
CA ILE H 160 -17.17 -65.66 -21.64
C ILE H 160 -15.70 -65.30 -21.60
N SER H 161 -14.89 -66.05 -22.33
CA SER H 161 -13.45 -65.90 -22.30
C SER H 161 -12.90 -65.44 -23.65
N CYS H 162 -11.80 -64.69 -23.61
CA CYS H 162 -11.10 -64.17 -24.78
C CYS H 162 -9.65 -64.62 -24.69
N SER H 163 -9.11 -65.15 -25.79
CA SER H 163 -7.76 -65.70 -25.77
C SER H 163 -7.02 -65.31 -27.03
N GLY H 164 -5.82 -64.75 -26.86
CA GLY H 164 -4.99 -64.32 -27.97
C GLY H 164 -3.53 -64.37 -27.60
N SER H 165 -2.68 -63.96 -28.54
CA SER H 165 -1.24 -63.99 -28.33
C SER H 165 -0.83 -62.91 -27.32
N SER H 166 0.44 -62.96 -26.90
CA SER H 166 0.94 -62.00 -25.93
C SER H 166 1.21 -60.62 -26.53
N SER H 167 1.12 -60.49 -27.85
CA SER H 167 1.36 -59.22 -28.51
C SER H 167 0.11 -58.36 -28.63
N ASN H 168 -1.07 -58.90 -28.32
CA ASN H 168 -2.30 -58.13 -28.36
C ASN H 168 -2.95 -58.04 -26.99
N ILE H 169 -3.19 -59.16 -26.32
CA ILE H 169 -3.78 -59.11 -24.99
C ILE H 169 -2.70 -59.10 -23.93
N GLY H 170 -1.53 -59.63 -24.24
CA GLY H 170 -0.49 -59.74 -23.24
C GLY H 170 0.02 -58.38 -22.79
N ARG H 171 0.24 -57.48 -23.73
CA ARG H 171 0.91 -56.21 -23.45
C ARG H 171 0.00 -55.02 -23.66
N ASN H 172 -1.31 -55.21 -23.78
CA ASN H 172 -2.24 -54.12 -23.99
C ASN H 172 -3.53 -54.40 -23.25
N PRO H 173 -4.34 -53.38 -22.96
CA PRO H 173 -5.61 -53.58 -22.27
C PRO H 173 -6.67 -54.14 -23.22
N VAL H 174 -7.70 -54.73 -22.62
CA VAL H 174 -8.77 -55.39 -23.36
C VAL H 174 -10.08 -54.69 -23.04
N ASN H 175 -10.99 -54.70 -24.01
CA ASN H 175 -12.30 -54.09 -23.87
C ASN H 175 -13.37 -55.12 -24.19
N TRP H 176 -14.62 -54.78 -23.85
CA TRP H 176 -15.75 -55.67 -24.09
C TRP H 176 -16.94 -54.86 -24.61
N PHE H 177 -17.76 -55.53 -25.41
CA PHE H 177 -18.86 -54.87 -26.09
C PHE H 177 -20.12 -55.72 -26.02
N GLN H 178 -21.25 -55.07 -25.85
CA GLN H 178 -22.56 -55.71 -25.85
C GLN H 178 -23.29 -55.21 -27.10
N HIS H 179 -23.25 -55.99 -28.17
CA HIS H 179 -23.84 -55.60 -29.44
C HIS H 179 -25.18 -56.32 -29.63
N LEU H 180 -26.25 -55.55 -29.73
CA LEU H 180 -27.57 -56.09 -30.02
C LEU H 180 -27.84 -55.88 -31.51
N PRO H 181 -27.85 -56.94 -32.32
CA PRO H 181 -28.09 -56.76 -33.76
C PRO H 181 -29.34 -55.91 -34.01
N GLY H 182 -29.19 -54.92 -34.90
CA GLY H 182 -30.25 -53.97 -35.15
C GLY H 182 -29.86 -52.59 -34.62
N THR H 183 -29.22 -52.59 -33.45
CA THR H 183 -28.72 -51.37 -32.83
C THR H 183 -27.20 -51.40 -32.81
N ALA H 184 -26.60 -50.29 -32.39
CA ALA H 184 -25.15 -50.19 -32.36
C ALA H 184 -24.58 -50.79 -31.08
N PRO H 185 -23.35 -51.30 -31.13
CA PRO H 185 -22.71 -51.83 -29.91
C PRO H 185 -22.58 -50.76 -28.85
N GLN H 186 -22.34 -51.21 -27.63
CA GLN H 186 -22.12 -50.32 -26.49
C GLN H 186 -20.94 -50.82 -25.69
N LEU H 187 -20.16 -49.87 -25.15
CA LEU H 187 -19.02 -50.19 -24.32
C LEU H 187 -19.47 -50.81 -23.01
N LEU H 188 -18.91 -51.97 -22.68
CA LEU H 188 -19.29 -52.72 -21.50
C LEU H 188 -18.17 -52.74 -20.47
N ILE H 189 -16.94 -53.00 -20.90
CA ILE H 189 -15.77 -53.03 -20.02
C ILE H 189 -14.57 -52.49 -20.78
N TYR H 190 -13.74 -51.71 -20.09
CA TYR H 190 -12.52 -51.15 -20.65
C TYR H 190 -11.40 -51.23 -19.60
N SER H 191 -10.16 -51.22 -20.09
CA SER H 191 -8.95 -51.31 -19.25
C SER H 191 -8.93 -52.60 -18.42
N ASN H 192 -9.64 -53.60 -18.89
CA ASN H 192 -9.65 -54.95 -18.36
C ASN H 192 -10.37 -55.06 -17.02
N ASP H 193 -10.67 -53.94 -16.37
CA ASP H 193 -11.28 -53.99 -15.05
C ASP H 193 -12.37 -52.97 -14.82
N GLN H 194 -12.41 -51.85 -15.55
CA GLN H 194 -13.27 -50.73 -15.22
C GLN H 194 -14.56 -50.80 -16.04
N ARG H 195 -15.70 -50.47 -15.39
CA ARG H 195 -16.99 -50.46 -16.08
C ARG H 195 -17.53 -49.03 -16.15
N PRO H 196 -18.24 -48.65 -17.22
CA PRO H 196 -18.81 -47.30 -17.28
C PRO H 196 -19.92 -47.06 -16.28
N SER H 197 -20.56 -45.89 -16.35
CA SER H 197 -21.58 -45.52 -15.39
C SER H 197 -22.85 -46.33 -15.59
N GLY H 198 -23.40 -46.30 -16.79
CA GLY H 198 -24.69 -46.91 -17.06
C GLY H 198 -24.66 -48.43 -17.13
N VAL H 199 -23.49 -49.03 -17.22
CA VAL H 199 -23.40 -50.50 -17.27
C VAL H 199 -23.86 -51.07 -15.93
N PRO H 200 -24.67 -52.14 -15.93
CA PRO H 200 -25.10 -52.72 -14.64
C PRO H 200 -23.93 -53.21 -13.80
N ASP H 201 -24.16 -53.29 -12.49
CA ASP H 201 -23.12 -53.71 -11.55
C ASP H 201 -22.75 -55.18 -11.71
N ARG H 202 -23.64 -55.99 -12.29
CA ARG H 202 -23.40 -57.43 -12.41
C ARG H 202 -22.32 -57.76 -13.42
N PHE H 203 -21.95 -56.83 -14.30
CA PHE H 203 -20.87 -57.04 -15.23
C PHE H 203 -19.53 -56.67 -14.59
N SER H 204 -18.48 -57.38 -14.98
CA SER H 204 -17.16 -57.16 -14.45
C SER H 204 -16.16 -57.93 -15.30
N GLY H 205 -14.95 -57.39 -15.39
CA GLY H 205 -13.92 -58.00 -16.23
C GLY H 205 -12.63 -58.29 -15.48
N SER H 206 -11.82 -59.16 -16.07
CA SER H 206 -10.54 -59.55 -15.49
C SER H 206 -9.62 -59.97 -16.62
N LYS H 207 -8.31 -59.88 -16.38
CA LYS H 207 -7.32 -60.26 -17.38
C LYS H 207 -6.11 -60.83 -16.67
N SER H 208 -5.49 -61.84 -17.28
CA SER H 208 -4.31 -62.47 -16.72
C SER H 208 -3.54 -63.17 -17.81
N GLY H 209 -2.25 -62.86 -17.93
CA GLY H 209 -1.41 -63.47 -18.95
C GLY H 209 -1.83 -63.17 -20.37
N THR H 210 -2.35 -64.18 -21.07
CA THR H 210 -2.71 -64.06 -22.48
C THR H 210 -4.19 -64.37 -22.72
N SER H 211 -5.03 -64.12 -21.73
CA SER H 211 -6.45 -64.41 -21.86
C SER H 211 -7.24 -63.49 -20.95
N ALA H 212 -8.32 -62.94 -21.49
CA ALA H 212 -9.25 -62.13 -20.72
C ALA H 212 -10.55 -62.90 -20.54
N SER H 213 -11.40 -62.41 -19.65
CA SER H 213 -12.65 -63.10 -19.35
C SER H 213 -13.66 -62.12 -18.80
N LEU H 214 -14.85 -62.10 -19.37
CA LEU H 214 -15.97 -61.33 -18.87
C LEU H 214 -16.82 -62.18 -17.94
N ALA H 215 -17.42 -61.53 -16.93
CA ALA H 215 -18.19 -62.23 -15.91
C ALA H 215 -19.51 -61.52 -15.70
N ILE H 216 -20.60 -62.27 -15.77
CA ILE H 216 -21.95 -61.76 -15.55
C ILE H 216 -22.52 -62.51 -14.36
N SER H 217 -22.63 -61.83 -13.21
CA SER H 217 -23.08 -62.54 -12.02
C SER H 217 -24.59 -62.71 -11.96
N GLY H 218 -25.31 -62.17 -12.93
CA GLY H 218 -26.74 -62.36 -13.02
C GLY H 218 -27.16 -62.22 -14.47
N LEU H 219 -27.81 -63.23 -15.03
CA LEU H 219 -28.17 -63.21 -16.44
C LEU H 219 -29.66 -62.90 -16.50
N GLN H 220 -29.99 -61.67 -16.87
CA GLN H 220 -31.37 -61.27 -16.94
C GLN H 220 -31.84 -61.45 -18.38
N SER H 221 -33.15 -61.39 -18.60
CA SER H 221 -33.68 -61.64 -19.93
C SER H 221 -33.14 -60.66 -20.96
N GLU H 222 -32.62 -59.53 -20.52
CA GLU H 222 -32.22 -58.45 -21.41
C GLU H 222 -30.80 -58.60 -21.98
N ASP H 223 -29.92 -59.40 -21.37
CA ASP H 223 -28.57 -59.59 -21.85
C ASP H 223 -28.43 -60.50 -23.00
N GLU H 224 -29.49 -60.78 -23.74
CA GLU H 224 -29.38 -61.72 -24.85
C GLU H 224 -28.74 -60.98 -26.02
N ALA H 225 -27.40 -60.90 -26.02
CA ALA H 225 -26.71 -60.17 -27.06
C ALA H 225 -25.38 -60.83 -27.37
N ASP H 226 -24.79 -60.45 -28.51
CA ASP H 226 -23.49 -60.99 -28.91
C ASP H 226 -22.41 -60.12 -28.30
N TYR H 227 -21.42 -60.76 -27.66
CA TYR H 227 -20.34 -60.09 -26.95
C TYR H 227 -19.03 -60.26 -27.67
N TYR H 228 -18.24 -59.18 -27.76
CA TYR H 228 -16.95 -59.20 -28.42
C TYR H 228 -15.88 -58.68 -27.47
N CYS H 229 -14.65 -59.15 -27.67
CA CYS H 229 -13.48 -58.59 -27.00
C CYS H 229 -12.61 -57.87 -28.02
N GLU H 230 -11.98 -56.78 -27.58
CA GLU H 230 -11.16 -55.95 -28.45
C GLU H 230 -9.88 -55.56 -27.71
N ALA H 231 -8.78 -55.50 -28.46
CA ALA H 231 -7.50 -55.08 -27.91
C ALA H 231 -6.64 -54.55 -29.04
N TRP H 232 -5.52 -53.94 -28.68
CA TRP H 232 -4.56 -53.41 -29.63
C TRP H 232 -3.43 -54.41 -29.81
N ASP H 233 -3.13 -54.75 -31.06
CA ASP H 233 -2.10 -55.73 -31.38
C ASP H 233 -0.79 -55.02 -31.71
N ASP H 234 0.27 -55.29 -30.94
CA ASP H 234 1.56 -54.64 -31.15
C ASP H 234 2.20 -55.07 -32.45
N SER H 235 2.05 -56.36 -32.82
CA SER H 235 2.66 -56.88 -34.03
C SER H 235 1.93 -56.39 -35.28
N LEU H 236 0.63 -56.16 -35.18
CA LEU H 236 -0.17 -55.70 -36.31
C LEU H 236 -0.27 -54.18 -36.38
N ASN H 237 -0.01 -53.48 -35.28
CA ASN H 237 -0.18 -52.03 -35.20
C ASN H 237 -1.58 -51.64 -35.67
N GLY H 238 -2.56 -52.24 -35.03
CA GLY H 238 -3.96 -51.99 -35.35
C GLY H 238 -4.85 -52.63 -34.30
N VAL H 239 -6.12 -52.25 -34.37
CA VAL H 239 -7.13 -52.77 -33.45
C VAL H 239 -7.67 -54.09 -34.01
N VAL H 240 -7.74 -55.10 -33.15
CA VAL H 240 -8.23 -56.42 -33.53
C VAL H 240 -9.44 -56.75 -32.68
N PHE H 241 -10.41 -57.42 -33.28
CA PHE H 241 -11.62 -57.86 -32.59
C PHE H 241 -11.60 -59.38 -32.44
N GLY H 242 -12.42 -59.87 -31.51
CA GLY H 242 -12.61 -61.29 -31.34
C GLY H 242 -13.68 -61.84 -32.24
N GLY H 243 -13.74 -63.17 -32.31
CA GLY H 243 -14.73 -63.83 -33.14
C GLY H 243 -16.15 -63.43 -32.77
N GLY H 244 -16.54 -63.70 -31.53
CA GLY H 244 -17.87 -63.38 -31.06
C GLY H 244 -18.38 -64.42 -30.08
N THR H 245 -19.44 -64.04 -29.36
CA THR H 245 -20.08 -64.91 -28.38
C THR H 245 -21.50 -64.41 -28.20
N LYS H 246 -22.47 -65.31 -28.34
CA LYS H 246 -23.88 -64.96 -28.28
C LYS H 246 -24.56 -65.74 -27.15
N LEU H 247 -25.26 -65.03 -26.28
CA LEU H 247 -25.93 -65.63 -25.14
C LEU H 247 -27.41 -65.83 -25.43
N THR H 248 -28.03 -66.71 -24.65
CA THR H 248 -29.45 -67.03 -24.81
C THR H 248 -30.06 -67.47 -23.48
N ASN I 6 -17.49 -1.16 -48.54
CA ASN I 6 -17.30 -0.22 -47.45
C ASN I 6 -15.83 0.14 -47.22
N CYS I 7 -14.96 -0.24 -48.15
CA CYS I 7 -13.55 0.14 -48.08
C CYS I 7 -13.42 1.56 -48.62
N ASN I 8 -14.27 2.45 -48.14
CA ASN I 8 -14.27 3.85 -48.56
C ASN I 8 -13.99 4.79 -47.40
N TYR I 9 -14.76 4.68 -46.32
CA TYR I 9 -14.56 5.51 -45.14
C TYR I 9 -15.15 4.76 -43.97
N LYS I 10 -14.89 5.25 -42.77
CA LYS I 10 -15.27 4.56 -41.55
C LYS I 10 -16.32 5.37 -40.80
N ARG I 11 -17.39 4.71 -40.38
CA ARG I 11 -18.38 5.36 -39.52
C ARG I 11 -17.70 5.91 -38.27
N LYS I 12 -18.18 7.06 -37.81
CA LYS I 12 -17.56 7.72 -36.68
C LYS I 12 -17.63 6.83 -35.46
N ARG I 13 -16.70 7.03 -34.52
CA ARG I 13 -16.65 6.18 -33.34
C ARG I 13 -17.94 6.32 -32.53
N ARG I 14 -18.45 5.17 -32.07
CA ARG I 14 -19.62 5.08 -31.20
C ARG I 14 -20.90 5.47 -31.91
N GLU I 15 -20.88 5.61 -33.24
CA GLU I 15 -22.12 5.81 -33.98
C GLU I 15 -22.99 4.58 -33.87
N ARG I 16 -22.38 3.40 -33.88
CA ARG I 16 -23.08 2.16 -33.65
C ARG I 16 -22.36 1.42 -32.52
N ASP I 17 -23.12 0.86 -31.60
CA ASP I 17 -22.53 0.22 -30.44
C ASP I 17 -22.25 -1.26 -30.76
N TRP I 18 -21.95 -2.04 -29.71
CA TRP I 18 -21.70 -3.46 -29.90
C TRP I 18 -23.03 -4.18 -30.18
N ASP I 19 -23.05 -4.99 -31.24
CA ASP I 19 -24.27 -5.65 -31.69
C ASP I 19 -24.33 -7.02 -31.05
N CYS I 20 -25.19 -7.16 -30.04
CA CYS I 20 -25.35 -8.42 -29.35
C CYS I 20 -26.57 -9.20 -29.83
N ASN I 21 -27.26 -8.73 -30.87
CA ASN I 21 -28.48 -9.36 -31.33
C ASN I 21 -28.31 -10.15 -32.62
N THR I 22 -27.45 -9.69 -33.53
CA THR I 22 -27.24 -10.40 -34.78
C THR I 22 -26.85 -11.86 -34.51
N LYS I 23 -25.71 -12.06 -33.84
CA LYS I 23 -25.31 -13.36 -33.31
C LYS I 23 -25.55 -13.31 -31.81
N LYS I 24 -26.42 -14.20 -31.31
CA LYS I 24 -26.88 -14.06 -29.93
C LYS I 24 -25.79 -14.37 -28.92
N ASP I 25 -24.80 -15.19 -29.30
CA ASP I 25 -23.80 -15.64 -28.35
C ASP I 25 -22.65 -14.67 -28.14
N VAL I 26 -22.63 -13.52 -28.84
CA VAL I 26 -21.51 -12.61 -28.74
C VAL I 26 -21.94 -11.23 -29.22
N CYS I 27 -21.31 -10.20 -28.67
CA CYS I 27 -21.47 -8.83 -29.13
C CYS I 27 -20.35 -8.52 -30.12
N ILE I 28 -20.70 -7.91 -31.24
CA ILE I 28 -19.80 -7.65 -32.35
C ILE I 28 -19.56 -6.15 -32.46
N PRO I 29 -18.33 -5.68 -32.55
CA PRO I 29 -18.08 -4.23 -32.63
C PRO I 29 -18.27 -3.70 -34.04
N ASP I 30 -18.58 -2.41 -34.12
CA ASP I 30 -18.84 -1.77 -35.40
C ASP I 30 -17.62 -1.83 -36.32
N ARG I 31 -16.42 -1.75 -35.74
CA ARG I 31 -15.21 -1.83 -36.56
C ARG I 31 -15.07 -3.19 -37.23
N ARG I 32 -15.50 -4.26 -36.54
CA ARG I 32 -15.38 -5.60 -37.11
C ARG I 32 -16.16 -5.70 -38.42
N TYR I 33 -17.37 -5.14 -38.47
CA TYR I 33 -18.15 -5.16 -39.70
C TYR I 33 -17.44 -4.38 -40.80
N GLN I 34 -16.92 -3.20 -40.46
CA GLN I 34 -16.30 -2.31 -41.42
C GLN I 34 -14.91 -2.76 -41.89
N LEU I 35 -14.37 -3.84 -41.33
CA LEU I 35 -13.07 -4.33 -41.75
C LEU I 35 -13.01 -4.51 -43.26
N CYS I 36 -11.98 -3.93 -43.88
CA CYS I 36 -11.87 -3.92 -45.34
C CYS I 36 -11.41 -5.30 -45.82
N MET I 37 -12.26 -5.96 -46.62
CA MET I 37 -11.96 -7.28 -47.20
C MET I 37 -12.20 -7.29 -48.71
N LYS I 38 -11.98 -6.17 -49.39
CA LYS I 38 -12.26 -6.07 -50.81
C LYS I 38 -11.52 -7.15 -51.59
N GLU I 39 -10.18 -7.09 -51.59
CA GLU I 39 -9.42 -8.01 -52.41
C GLU I 39 -9.50 -9.44 -51.88
N LEU I 40 -9.61 -9.60 -50.56
CA LEU I 40 -9.70 -10.93 -49.97
C LEU I 40 -11.01 -11.61 -50.36
N THR I 41 -12.00 -10.84 -50.76
CA THR I 41 -13.26 -11.40 -51.21
C THR I 41 -13.25 -11.70 -52.71
N ASN I 42 -12.62 -10.85 -53.52
CA ASN I 42 -12.63 -11.04 -54.97
C ASN I 42 -11.46 -11.94 -55.31
N LEU I 43 -11.35 -13.09 -54.63
CA LEU I 43 -10.37 -14.13 -54.89
C LEU I 43 -10.87 -15.18 -55.88
N VAL I 44 -12.17 -15.16 -56.21
CA VAL I 44 -12.74 -16.11 -57.15
C VAL I 44 -12.65 -15.52 -58.56
N ASN I 45 -12.50 -16.40 -59.55
CA ASN I 45 -12.20 -16.01 -60.93
C ASN I 45 -10.77 -15.53 -61.07
N ASN I 46 -9.84 -16.06 -60.26
CA ASN I 46 -8.44 -15.66 -60.30
C ASN I 46 -7.63 -16.45 -61.32
N THR I 47 -7.76 -17.77 -61.30
CA THR I 47 -7.03 -18.63 -62.23
C THR I 47 -7.57 -18.48 -63.66
N ASP I 54 -1.06 -25.39 -56.28
CA ASP I 54 -0.16 -24.33 -56.73
C ASP I 54 0.50 -23.62 -55.56
N ILE I 55 1.83 -23.58 -55.57
CA ILE I 55 2.56 -22.90 -54.50
C ILE I 55 2.22 -21.42 -54.50
N THR I 56 2.02 -20.83 -55.69
CA THR I 56 1.76 -19.40 -55.81
C THR I 56 0.32 -19.07 -55.43
N PHE I 57 -0.57 -20.08 -55.44
CA PHE I 57 -1.97 -19.84 -55.09
C PHE I 57 -2.06 -19.15 -53.74
N ARG I 58 -1.37 -19.70 -52.74
CA ARG I 58 -1.36 -19.08 -51.42
C ARG I 58 -0.18 -18.14 -51.22
N LYS I 59 1.03 -18.60 -51.57
CA LYS I 59 2.24 -17.96 -51.09
C LYS I 59 2.34 -16.55 -51.65
N LEU I 60 2.25 -16.42 -52.97
CA LEU I 60 2.41 -15.10 -53.54
C LEU I 60 1.09 -14.36 -53.66
N TYR I 61 0.05 -15.01 -54.14
CA TYR I 61 -1.15 -14.27 -54.51
C TYR I 61 -1.98 -13.89 -53.29
N LEU I 62 -2.32 -14.87 -52.46
CA LEU I 62 -3.13 -14.56 -51.29
C LEU I 62 -2.45 -13.54 -50.39
N LYS I 63 -1.12 -13.53 -50.33
CA LYS I 63 -0.42 -12.54 -49.50
C LYS I 63 -0.61 -11.14 -50.07
N ARG I 64 -0.46 -10.98 -51.38
CA ARG I 64 -0.65 -9.67 -52.00
C ARG I 64 -2.06 -9.15 -51.73
N LYS I 65 -3.08 -9.99 -51.94
CA LYS I 65 -4.46 -9.56 -51.73
C LYS I 65 -4.69 -9.09 -50.29
N LEU I 66 -4.14 -9.81 -49.31
CA LEU I 66 -4.37 -9.42 -47.93
C LEU I 66 -3.65 -8.13 -47.59
N ILE I 67 -2.51 -7.89 -48.22
CA ILE I 67 -1.80 -6.64 -47.99
C ILE I 67 -2.61 -5.47 -48.53
N TYR I 68 -3.19 -5.61 -49.72
CA TYR I 68 -3.96 -4.52 -50.31
C TYR I 68 -5.15 -4.16 -49.42
N ASP I 69 -5.76 -5.16 -48.77
CA ASP I 69 -6.87 -4.89 -47.85
C ASP I 69 -6.37 -4.29 -46.55
N ALA I 70 -5.27 -4.82 -46.02
CA ALA I 70 -4.72 -4.30 -44.77
C ALA I 70 -4.22 -2.87 -44.95
N ALA I 71 -3.61 -2.58 -46.10
CA ALA I 71 -3.11 -1.24 -46.34
C ALA I 71 -4.24 -0.21 -46.29
N VAL I 72 -5.41 -0.55 -46.84
CA VAL I 72 -6.56 0.34 -46.76
C VAL I 72 -7.06 0.46 -45.33
N GLU I 73 -7.26 -0.68 -44.66
CA GLU I 73 -7.72 -0.65 -43.27
C GLU I 73 -6.81 0.22 -42.43
N GLY I 74 -5.50 0.05 -42.58
CA GLY I 74 -4.56 0.88 -41.86
C GLY I 74 -4.60 2.33 -42.24
N ASP I 75 -5.11 2.65 -43.44
CA ASP I 75 -5.20 4.04 -43.86
C ASP I 75 -6.49 4.69 -43.35
N LEU I 76 -7.62 4.00 -43.51
CA LEU I 76 -8.90 4.55 -43.07
C LEU I 76 -8.96 4.70 -41.56
N LEU I 77 -8.25 3.83 -40.82
CA LEU I 77 -8.21 3.96 -39.38
C LEU I 77 -7.44 5.22 -38.97
N LEU I 78 -6.39 5.55 -39.72
CA LEU I 78 -5.67 6.79 -39.45
C LEU I 78 -6.58 8.00 -39.66
N LYS I 79 -7.41 7.96 -40.70
CA LYS I 79 -8.37 9.04 -40.94
C LYS I 79 -9.47 9.03 -39.88
N LEU I 80 -9.90 7.83 -39.47
CA LEU I 80 -10.90 7.73 -38.42
C LEU I 80 -10.42 8.42 -37.15
N ASN I 81 -9.14 8.29 -36.86
CA ASN I 81 -8.54 8.88 -35.68
C ASN I 81 -8.02 10.28 -35.95
N ASN I 82 -8.60 10.98 -36.94
CA ASN I 82 -8.23 12.35 -37.26
C ASN I 82 -6.74 12.48 -37.57
N TYR I 83 -6.21 11.51 -38.32
CA TYR I 83 -4.83 11.52 -38.77
C TYR I 83 -3.85 11.68 -37.61
N ARG I 84 -4.26 11.31 -36.41
CA ARG I 84 -3.36 11.35 -35.26
C ARG I 84 -2.58 10.05 -35.17
N TYR I 85 -1.25 10.18 -35.05
CA TYR I 85 -0.34 9.04 -34.91
C TYR I 85 -0.08 8.82 -33.42
N ASN I 86 -1.06 8.19 -32.77
CA ASN I 86 -1.01 8.00 -31.33
C ASN I 86 -1.31 6.56 -30.92
N LYS I 87 -1.44 6.31 -29.62
CA LYS I 87 -1.66 4.95 -29.16
C LYS I 87 -3.06 4.48 -29.51
N ASP I 88 -4.05 5.37 -29.40
CA ASP I 88 -5.41 4.99 -29.76
C ASP I 88 -5.45 4.42 -31.17
N PHE I 89 -4.63 4.96 -32.07
CA PHE I 89 -4.55 4.43 -33.43
C PHE I 89 -3.82 3.10 -33.45
N CYS I 90 -2.73 2.99 -32.68
CA CYS I 90 -1.97 1.75 -32.63
C CYS I 90 -2.84 0.59 -32.19
N LYS I 91 -3.74 0.81 -31.23
CA LYS I 91 -4.62 -0.26 -30.78
C LYS I 91 -5.65 -0.60 -31.84
N ASP I 92 -6.14 0.38 -32.60
CA ASP I 92 -7.03 0.08 -33.71
C ASP I 92 -6.34 -0.80 -34.73
N ILE I 93 -5.04 -0.59 -34.94
CA ILE I 93 -4.28 -1.49 -35.78
C ILE I 93 -4.27 -2.89 -35.17
N ARG I 94 -3.94 -2.98 -33.88
CA ARG I 94 -3.83 -4.28 -33.23
C ARG I 94 -5.14 -5.04 -33.31
N TRP I 95 -6.28 -4.36 -33.08
CA TRP I 95 -7.56 -5.05 -33.10
C TRP I 95 -7.86 -5.60 -34.50
N SER I 96 -7.59 -4.82 -35.54
CA SER I 96 -7.90 -5.24 -36.90
C SER I 96 -6.90 -6.25 -37.44
N LEU I 97 -5.61 -6.08 -37.13
CA LEU I 97 -4.62 -7.09 -37.49
C LEU I 97 -5.00 -8.44 -36.89
N GLY I 98 -5.49 -8.44 -35.66
CA GLY I 98 -5.94 -9.69 -35.04
C GLY I 98 -7.13 -10.28 -35.77
N ASP I 99 -8.13 -9.45 -36.11
CA ASP I 99 -9.27 -9.95 -36.86
C ASP I 99 -8.82 -10.53 -38.20
N PHE I 100 -7.90 -9.85 -38.88
CA PHE I 100 -7.35 -10.43 -40.10
C PHE I 100 -6.79 -11.82 -39.81
N GLY I 101 -6.18 -11.99 -38.64
CA GLY I 101 -5.56 -13.28 -38.32
C GLY I 101 -6.59 -14.37 -38.05
N ASP I 102 -7.57 -14.09 -37.20
CA ASP I 102 -8.62 -15.06 -36.92
C ASP I 102 -9.42 -15.40 -38.17
N ILE I 103 -9.51 -14.47 -39.13
CA ILE I 103 -10.15 -14.78 -40.39
C ILE I 103 -9.35 -15.82 -41.18
N ILE I 104 -8.03 -15.64 -41.24
CA ILE I 104 -7.18 -16.57 -41.96
C ILE I 104 -7.17 -17.94 -41.28
N MET I 105 -7.17 -17.95 -39.96
CA MET I 105 -7.02 -19.19 -39.19
C MET I 105 -8.32 -19.92 -38.96
N GLY I 106 -9.43 -19.41 -39.48
CA GLY I 106 -10.69 -20.10 -39.31
C GLY I 106 -11.23 -20.03 -37.90
N THR I 107 -10.73 -19.11 -37.08
CA THR I 107 -11.22 -18.94 -35.73
C THR I 107 -12.01 -17.65 -35.57
N ASP I 108 -12.52 -17.10 -36.65
CA ASP I 108 -13.27 -15.86 -36.58
C ASP I 108 -14.60 -16.10 -35.86
N MET I 109 -15.24 -15.02 -35.43
CA MET I 109 -16.45 -15.08 -34.64
C MET I 109 -17.65 -14.39 -35.29
N GLU I 110 -17.42 -13.58 -36.33
CA GLU I 110 -18.54 -12.99 -37.07
C GLU I 110 -19.06 -13.93 -38.13
N GLY I 111 -18.21 -14.27 -39.11
CA GLY I 111 -18.57 -15.16 -40.21
C GLY I 111 -19.91 -14.84 -40.84
N ILE I 112 -20.08 -13.58 -41.25
CA ILE I 112 -21.35 -13.10 -41.76
C ILE I 112 -21.10 -12.43 -43.09
N GLY I 113 -21.99 -12.66 -44.06
CA GLY I 113 -21.92 -11.92 -45.31
C GLY I 113 -20.60 -12.18 -46.04
N TYR I 114 -19.91 -11.09 -46.38
CA TYR I 114 -18.68 -11.20 -47.15
C TYR I 114 -17.65 -12.09 -46.46
N SER I 115 -17.72 -12.22 -45.12
CA SER I 115 -16.79 -13.08 -44.41
C SER I 115 -17.00 -14.55 -44.77
N LYS I 116 -18.26 -14.92 -45.10
CA LYS I 116 -18.55 -16.27 -45.55
C LYS I 116 -17.88 -16.59 -46.88
N VAL I 117 -17.77 -15.59 -47.77
CA VAL I 117 -17.10 -15.81 -49.05
C VAL I 117 -15.61 -16.03 -48.85
N VAL I 118 -14.98 -15.18 -48.02
CA VAL I 118 -13.55 -15.32 -47.78
C VAL I 118 -13.25 -16.68 -47.15
N GLU I 119 -14.07 -17.10 -46.20
CA GLU I 119 -13.86 -18.40 -45.59
C GLU I 119 -13.88 -19.51 -46.63
N ASN I 120 -14.91 -19.50 -47.49
CA ASN I 120 -14.96 -20.48 -48.56
C ASN I 120 -13.76 -20.34 -49.50
N ASN I 121 -13.30 -19.11 -49.72
CA ASN I 121 -12.13 -18.90 -50.55
C ASN I 121 -10.90 -19.56 -49.93
N LEU I 122 -10.71 -19.40 -48.61
CA LEU I 122 -9.56 -19.99 -47.94
C LEU I 122 -9.64 -21.50 -47.94
N ARG I 123 -10.84 -22.05 -47.77
CA ARG I 123 -11.00 -23.51 -47.78
C ARG I 123 -10.64 -24.08 -49.15
N SER I 124 -10.97 -23.35 -50.22
CA SER I 124 -10.64 -23.82 -51.55
C SER I 124 -9.16 -23.70 -51.87
N ILE I 125 -8.34 -23.17 -50.97
CA ILE I 125 -6.91 -23.04 -51.17
C ILE I 125 -6.15 -24.06 -50.34
N PHE I 126 -6.42 -24.12 -49.04
CA PHE I 126 -5.67 -24.98 -48.13
C PHE I 126 -6.31 -26.35 -47.96
N GLY I 127 -7.62 -26.39 -47.72
CA GLY I 127 -8.33 -27.63 -47.52
C GLY I 127 -9.51 -27.43 -46.58
N THR I 128 -10.01 -28.55 -46.08
CA THR I 128 -11.18 -28.54 -45.22
C THR I 128 -11.03 -29.36 -43.94
N ASP I 129 -9.96 -30.14 -43.79
CA ASP I 129 -9.81 -31.00 -42.63
C ASP I 129 -9.05 -30.25 -41.53
N GLU I 130 -8.86 -30.93 -40.39
CA GLU I 130 -8.15 -30.31 -39.27
C GLU I 130 -6.77 -29.80 -39.68
N LYS I 131 -6.02 -30.61 -40.42
CA LYS I 131 -4.67 -30.22 -40.81
C LYS I 131 -4.65 -29.02 -41.76
N ALA I 132 -5.80 -28.60 -42.28
CA ALA I 132 -5.85 -27.40 -43.09
C ALA I 132 -5.85 -26.15 -42.22
N GLN I 133 -6.58 -26.19 -41.10
CA GLN I 133 -6.52 -25.09 -40.16
C GLN I 133 -5.10 -24.88 -39.68
N GLN I 134 -4.37 -25.98 -39.46
CA GLN I 134 -2.98 -25.86 -39.03
C GLN I 134 -2.16 -25.13 -40.09
N ARG I 135 -2.28 -25.56 -41.35
CA ARG I 135 -1.58 -24.87 -42.42
C ARG I 135 -2.00 -23.40 -42.48
N ARG I 136 -3.24 -23.09 -42.12
CA ARG I 136 -3.67 -21.70 -42.11
C ARG I 136 -3.07 -20.96 -40.93
N LYS I 137 -3.03 -21.60 -39.76
CA LYS I 137 -2.33 -21.01 -38.61
C LYS I 137 -0.84 -20.87 -38.90
N GLN I 138 -0.25 -21.89 -39.54
CA GLN I 138 1.17 -21.83 -39.87
C GLN I 138 1.43 -20.70 -40.85
N TRP I 139 0.64 -20.62 -41.92
CA TRP I 139 0.81 -19.56 -42.90
C TRP I 139 0.60 -18.19 -42.28
N TRP I 140 -0.27 -18.10 -41.27
CA TRP I 140 -0.50 -16.81 -40.64
C TRP I 140 0.69 -16.37 -39.81
N ASN I 141 1.34 -17.30 -39.11
CA ASN I 141 2.51 -16.94 -38.31
C ASN I 141 3.63 -16.42 -39.20
N GLU I 142 3.91 -17.11 -40.30
CA GLU I 142 4.98 -16.73 -41.20
C GLU I 142 4.60 -15.58 -42.13
N SER I 143 3.42 -14.99 -41.97
CA SER I 143 2.98 -13.86 -42.78
C SER I 143 2.40 -12.69 -42.00
N LYS I 144 2.05 -12.87 -40.73
CA LYS I 144 1.39 -11.82 -39.96
C LYS I 144 2.25 -10.57 -39.83
N ALA I 145 3.56 -10.75 -39.78
CA ALA I 145 4.45 -9.60 -39.66
C ALA I 145 4.33 -8.69 -40.87
N GLN I 146 4.40 -9.26 -42.07
CA GLN I 146 4.30 -8.46 -43.28
C GLN I 146 2.93 -7.77 -43.39
N ILE I 147 1.89 -8.37 -42.80
CA ILE I 147 0.57 -7.75 -42.81
C ILE I 147 0.55 -6.51 -41.91
N TRP I 148 1.34 -6.50 -40.85
CA TRP I 148 1.42 -5.32 -40.00
C TRP I 148 2.17 -4.19 -40.68
N THR I 149 3.26 -4.51 -41.37
CA THR I 149 3.97 -3.49 -42.12
C THR I 149 3.07 -2.86 -43.17
N ALA I 150 2.07 -3.59 -43.65
CA ALA I 150 1.15 -3.04 -44.65
C ALA I 150 0.17 -2.05 -44.02
N MET I 151 -0.36 -2.36 -42.84
CA MET I 151 -1.26 -1.44 -42.16
C MET I 151 -0.55 -0.15 -41.76
N MET I 152 0.76 -0.24 -41.49
CA MET I 152 1.57 0.94 -41.19
C MET I 152 2.02 1.67 -42.45
N TYR I 153 1.51 1.28 -43.63
CA TYR I 153 1.94 1.89 -44.88
C TYR I 153 1.60 3.37 -44.92
N SER I 154 0.31 3.71 -44.85
CA SER I 154 -0.09 5.09 -45.03
C SER I 154 0.59 6.01 -44.01
N VAL I 155 0.66 5.58 -42.75
CA VAL I 155 1.25 6.45 -41.75
C VAL I 155 2.73 6.70 -42.04
N LYS I 156 3.38 5.82 -42.80
CA LYS I 156 4.80 5.93 -43.08
C LYS I 156 5.08 6.66 -44.40
N LYS I 157 4.24 6.47 -45.42
CA LYS I 157 4.34 7.32 -46.59
C LYS I 157 4.07 8.76 -46.18
N ARG I 158 2.95 8.98 -45.49
CA ARG I 158 2.84 10.21 -44.72
C ARG I 158 3.99 10.21 -43.73
N LEU I 159 4.36 11.39 -43.25
CA LEU I 159 5.54 11.52 -42.42
C LEU I 159 6.73 10.72 -42.99
N LYS I 160 7.20 11.18 -44.15
CA LYS I 160 8.40 10.60 -44.74
C LYS I 160 9.57 10.75 -43.77
N GLY I 161 10.10 11.95 -43.63
CA GLY I 161 11.04 12.20 -42.56
C GLY I 161 10.36 12.04 -41.22
N ASN I 162 11.08 12.26 -40.13
CA ASN I 162 10.46 12.40 -38.80
C ASN I 162 9.57 11.22 -38.45
N PHE I 163 9.77 10.06 -39.09
CA PHE I 163 8.93 8.91 -38.79
C PHE I 163 9.44 8.17 -37.56
N ILE I 164 8.49 7.66 -36.77
CA ILE I 164 8.77 7.01 -35.50
C ILE I 164 7.90 5.76 -35.41
N TRP I 165 8.45 4.68 -34.86
CA TRP I 165 7.67 3.47 -34.64
C TRP I 165 6.89 3.61 -33.33
N ILE I 166 5.88 4.48 -33.37
CA ILE I 166 5.01 4.64 -32.21
C ILE I 166 4.33 3.32 -31.87
N CYS I 167 3.78 2.66 -32.89
CA CYS I 167 3.21 1.34 -32.73
C CYS I 167 4.30 0.29 -32.88
N LYS I 168 4.30 -0.70 -31.98
CA LYS I 168 5.32 -1.75 -31.97
C LYS I 168 4.76 -3.05 -32.53
N LEU I 169 5.65 -3.82 -33.17
CA LEU I 169 5.23 -4.96 -33.96
C LEU I 169 4.83 -6.16 -33.12
N ASN I 170 5.75 -6.66 -32.29
CA ASN I 170 5.47 -7.89 -31.56
C ASN I 170 4.23 -7.77 -30.68
N VAL I 171 3.85 -6.55 -30.28
CA VAL I 171 2.68 -6.40 -29.43
C VAL I 171 1.42 -6.66 -30.24
N ALA I 172 1.47 -6.42 -31.55
CA ALA I 172 0.31 -6.58 -32.44
C ALA I 172 0.21 -7.98 -33.03
N VAL I 173 1.34 -8.66 -33.23
CA VAL I 173 1.34 -10.00 -33.83
C VAL I 173 1.36 -11.11 -32.78
N ASN I 174 1.17 -10.77 -31.51
CA ASN I 174 1.04 -11.78 -30.47
C ASN I 174 -0.34 -12.43 -30.57
N ILE I 175 -0.37 -13.73 -30.88
CA ILE I 175 -1.65 -14.42 -31.07
C ILE I 175 -2.39 -14.50 -29.74
N GLU I 176 -3.70 -14.22 -29.77
CA GLU I 176 -4.57 -14.23 -28.62
C GLU I 176 -5.98 -14.49 -29.15
N PRO I 177 -6.78 -15.30 -28.46
CA PRO I 177 -8.13 -15.58 -28.95
C PRO I 177 -8.90 -14.29 -29.20
N GLN I 178 -9.69 -14.27 -30.29
CA GLN I 178 -10.38 -13.04 -30.68
C GLN I 178 -11.22 -12.49 -29.53
N ILE I 179 -11.91 -13.37 -28.79
CA ILE I 179 -12.79 -12.93 -27.73
C ILE I 179 -12.02 -12.12 -26.68
N TYR I 180 -10.74 -12.41 -26.49
CA TYR I 180 -9.94 -11.61 -25.57
C TYR I 180 -9.80 -10.18 -26.09
N ARG I 181 -9.37 -10.04 -27.35
CA ARG I 181 -9.11 -8.72 -27.92
C ARG I 181 -10.38 -7.87 -28.00
N TRP I 182 -11.56 -8.49 -28.04
CA TRP I 182 -12.79 -7.71 -28.06
C TRP I 182 -13.15 -7.18 -26.69
N ILE I 183 -12.83 -7.93 -25.63
CA ILE I 183 -12.99 -7.37 -24.29
C ILE I 183 -12.01 -6.23 -24.09
N ARG I 184 -10.79 -6.39 -24.59
CA ARG I 184 -9.81 -5.31 -24.52
C ARG I 184 -10.36 -4.06 -25.21
N GLU I 185 -10.81 -4.20 -26.46
CA GLU I 185 -11.39 -3.08 -27.17
C GLU I 185 -12.65 -2.60 -26.47
N TRP I 186 -13.45 -3.53 -25.95
CA TRP I 186 -14.68 -3.16 -25.26
C TRP I 186 -14.39 -2.28 -24.05
N GLY I 187 -13.50 -2.75 -23.17
CA GLY I 187 -13.16 -1.96 -22.01
C GLY I 187 -12.58 -0.60 -22.37
N ARG I 188 -11.78 -0.55 -23.45
CA ARG I 188 -11.25 0.73 -23.91
C ARG I 188 -12.36 1.64 -24.39
N ASP I 189 -13.36 1.09 -25.09
CA ASP I 189 -14.51 1.89 -25.47
C ASP I 189 -15.35 2.26 -24.25
N TYR I 190 -15.44 1.37 -23.26
CA TYR I 190 -16.25 1.63 -22.06
C TYR I 190 -15.69 2.80 -21.27
N VAL I 191 -14.38 2.80 -21.03
CA VAL I 191 -13.76 3.85 -20.24
C VAL I 191 -13.81 5.20 -20.94
N SER I 192 -13.96 5.20 -22.27
CA SER I 192 -14.14 6.46 -22.99
C SER I 192 -15.58 6.95 -22.91
N GLU I 193 -16.53 6.02 -22.89
CA GLU I 193 -17.95 6.39 -22.87
C GLU I 193 -18.43 6.76 -21.47
N LEU I 194 -17.78 6.25 -20.41
CA LEU I 194 -18.30 6.47 -19.06
C LEU I 194 -18.14 7.93 -18.61
N PRO I 195 -16.97 8.55 -18.72
CA PRO I 195 -16.87 9.95 -18.27
C PRO I 195 -17.88 10.85 -18.96
N THR I 196 -18.13 10.61 -20.25
CA THR I 196 -19.08 11.42 -20.99
C THR I 196 -20.48 11.28 -20.41
N GLU I 197 -20.95 10.03 -20.23
CA GLU I 197 -22.28 9.81 -19.67
C GLU I 197 -22.40 10.32 -18.24
N VAL I 198 -21.29 10.52 -17.55
CA VAL I 198 -21.35 11.12 -16.22
C VAL I 198 -21.43 12.64 -16.31
N GLN I 199 -20.68 13.25 -17.22
CA GLN I 199 -20.77 14.68 -17.40
C GLN I 199 -22.18 15.08 -17.83
N LYS I 200 -22.81 14.28 -18.70
CA LYS I 200 -24.21 14.52 -19.05
C LYS I 200 -25.10 14.44 -17.82
N LEU I 201 -24.88 13.44 -16.96
CA LEU I 201 -25.69 13.33 -15.76
C LEU I 201 -25.47 14.51 -14.83
N LYS I 202 -24.21 14.95 -14.72
CA LYS I 202 -23.90 16.07 -13.82
C LYS I 202 -24.64 17.33 -14.25
N GLU I 203 -24.59 17.67 -15.53
CA GLU I 203 -25.14 18.94 -15.98
C GLU I 203 -26.61 19.07 -15.59
N LYS I 204 -27.41 18.02 -15.79
CA LYS I 204 -28.84 18.11 -15.52
C LYS I 204 -29.19 17.80 -14.09
N CYS I 205 -28.27 17.21 -13.32
CA CYS I 205 -28.57 16.79 -11.96
C CYS I 205 -27.66 17.38 -10.89
N ASP I 206 -26.51 17.96 -11.26
CA ASP I 206 -25.66 18.61 -10.25
C ASP I 206 -26.43 19.72 -9.53
N GLY I 207 -25.87 20.13 -8.41
CA GLY I 207 -26.49 21.16 -7.60
C GLY I 207 -27.68 20.65 -6.83
N LYS I 208 -28.08 21.48 -5.88
CA LYS I 208 -29.21 21.16 -5.02
C LYS I 208 -30.39 22.01 -5.44
N ILE I 209 -31.59 21.44 -5.34
CA ILE I 209 -32.78 22.06 -5.92
C ILE I 209 -33.22 23.27 -5.10
N ASN I 210 -33.66 23.05 -3.87
CA ASN I 210 -34.10 24.17 -3.04
C ASN I 210 -32.99 24.63 -2.11
N TYR I 211 -32.62 23.81 -1.12
CA TYR I 211 -31.40 24.04 -0.34
C TYR I 211 -30.63 22.77 -0.01
N THR I 212 -31.27 21.61 0.12
CA THR I 212 -30.59 20.37 0.48
C THR I 212 -31.10 19.14 -0.26
N ASP I 213 -32.15 19.26 -1.07
CA ASP I 213 -32.72 18.10 -1.76
C ASP I 213 -32.03 17.89 -3.11
N LYS I 214 -32.24 16.70 -3.66
CA LYS I 214 -31.65 16.31 -4.94
C LYS I 214 -32.57 16.70 -6.09
N LYS I 215 -31.96 17.06 -7.23
CA LYS I 215 -32.74 17.50 -8.38
C LYS I 215 -33.56 16.36 -8.98
N VAL I 216 -33.04 15.13 -8.96
CA VAL I 216 -33.72 14.03 -9.64
C VAL I 216 -35.07 13.70 -9.02
N CYS I 217 -35.32 14.11 -7.78
CA CYS I 217 -36.59 13.79 -7.15
C CYS I 217 -37.75 14.45 -7.87
N LYS I 218 -37.55 15.68 -8.38
CA LYS I 218 -38.64 16.47 -8.97
C LYS I 218 -38.33 16.98 -10.36
N VAL I 219 -37.09 17.35 -10.64
CA VAL I 219 -36.74 17.95 -11.93
C VAL I 219 -36.84 16.90 -13.02
N PRO I 220 -37.73 17.06 -14.00
CA PRO I 220 -37.84 16.08 -15.09
C PRO I 220 -36.58 16.03 -15.94
N PRO I 221 -36.02 17.19 -16.32
CA PRO I 221 -34.76 17.14 -17.10
C PRO I 221 -33.73 16.19 -16.51
N CYS I 222 -33.55 16.19 -15.18
CA CYS I 222 -32.64 15.23 -14.56
C CYS I 222 -33.23 13.82 -14.61
N GLN I 223 -34.52 13.68 -14.32
CA GLN I 223 -35.13 12.36 -14.35
C GLN I 223 -34.97 11.72 -15.72
N ASN I 224 -34.84 12.53 -16.77
CA ASN I 224 -34.65 12.00 -18.11
C ASN I 224 -33.20 11.61 -18.35
N ALA I 225 -32.27 12.49 -17.97
CA ALA I 225 -30.87 12.16 -18.11
C ALA I 225 -30.54 10.88 -17.34
N CYS I 226 -31.25 10.60 -16.25
CA CYS I 226 -31.02 9.35 -15.53
C CYS I 226 -31.47 8.15 -16.36
N LYS I 227 -32.63 8.27 -17.01
CA LYS I 227 -33.05 7.20 -17.91
C LYS I 227 -32.15 7.10 -19.13
N SER I 228 -31.48 8.18 -19.52
CA SER I 228 -30.50 8.09 -20.60
C SER I 228 -29.27 7.31 -20.15
N TYR I 229 -28.75 7.65 -18.96
CA TYR I 229 -27.66 6.88 -18.37
C TYR I 229 -28.11 5.46 -18.00
N ASP I 230 -29.31 5.34 -17.43
CA ASP I 230 -29.82 4.02 -17.08
C ASP I 230 -29.89 3.14 -18.32
N GLN I 231 -30.31 3.69 -19.46
CA GLN I 231 -30.36 2.93 -20.70
C GLN I 231 -28.96 2.61 -21.19
N TRP I 232 -28.03 3.55 -21.10
CA TRP I 232 -26.69 3.32 -21.60
C TRP I 232 -25.96 2.27 -20.77
N ILE I 233 -25.97 2.42 -19.44
CA ILE I 233 -25.27 1.48 -18.57
C ILE I 233 -25.89 0.10 -18.65
N THR I 234 -27.16 0.01 -19.04
CA THR I 234 -27.82 -1.28 -19.20
C THR I 234 -27.33 -1.98 -20.45
N ARG I 235 -27.07 -1.23 -21.53
CA ARG I 235 -26.47 -1.85 -22.70
C ARG I 235 -25.07 -2.35 -22.37
N LYS I 236 -24.34 -1.60 -21.56
CA LYS I 236 -23.00 -2.00 -21.14
C LYS I 236 -23.05 -3.19 -20.18
N LYS I 237 -23.93 -3.13 -19.18
CA LYS I 237 -24.11 -4.28 -18.31
C LYS I 237 -24.41 -5.54 -19.11
N ASN I 238 -25.33 -5.45 -20.08
CA ASN I 238 -25.68 -6.61 -20.88
C ASN I 238 -24.53 -7.02 -21.80
N GLN I 239 -23.85 -6.05 -22.42
CA GLN I 239 -22.72 -6.38 -23.29
C GLN I 239 -21.64 -7.13 -22.52
N TRP I 240 -21.33 -6.69 -21.31
CA TRP I 240 -20.30 -7.35 -20.50
C TRP I 240 -20.71 -8.77 -20.16
N ASP I 241 -21.99 -8.99 -19.84
CA ASP I 241 -22.45 -10.33 -19.51
C ASP I 241 -22.26 -11.28 -20.68
N VAL I 242 -22.65 -10.84 -21.88
CA VAL I 242 -22.56 -11.67 -23.08
C VAL I 242 -21.10 -11.96 -23.40
N LEU I 243 -20.28 -10.92 -23.46
CA LEU I 243 -18.88 -11.10 -23.82
C LEU I 243 -18.18 -12.01 -22.83
N SER I 244 -18.54 -11.92 -21.55
CA SER I 244 -17.89 -12.76 -20.56
C SER I 244 -18.35 -14.19 -20.67
N ASN I 245 -19.60 -14.42 -21.08
CA ASN I 245 -20.08 -15.78 -21.28
C ASN I 245 -19.37 -16.43 -22.45
N LYS I 246 -19.25 -15.72 -23.57
CA LYS I 246 -18.46 -16.23 -24.67
C LYS I 246 -17.02 -16.45 -24.27
N PHE I 247 -16.49 -15.59 -23.38
CA PHE I 247 -15.12 -15.79 -22.90
C PHE I 247 -15.02 -17.07 -22.07
N ILE I 248 -16.01 -17.32 -21.21
CA ILE I 248 -15.96 -18.53 -20.38
C ILE I 248 -16.10 -19.78 -21.25
N SER I 249 -16.90 -19.72 -22.31
CA SER I 249 -17.08 -20.90 -23.14
C SER I 249 -15.78 -21.25 -23.87
N VAL I 250 -15.01 -20.25 -24.29
CA VAL I 250 -13.77 -20.52 -25.00
C VAL I 250 -12.70 -21.03 -24.04
N LYS I 251 -12.47 -20.30 -22.95
CA LYS I 251 -11.47 -20.69 -21.97
C LYS I 251 -11.71 -22.12 -21.48
N ASN I 252 -12.99 -22.51 -21.36
CA ASN I 252 -13.31 -23.86 -20.92
C ASN I 252 -13.02 -24.89 -21.99
N ALA I 253 -12.96 -24.48 -23.26
CA ALA I 253 -12.83 -25.42 -24.36
C ALA I 253 -11.43 -25.42 -24.98
N GLU I 254 -10.54 -24.56 -24.53
CA GLU I 254 -9.19 -24.49 -25.07
C GLU I 254 -8.21 -25.17 -24.11
N LYS I 255 -7.17 -25.78 -24.68
CA LYS I 255 -6.25 -26.56 -23.88
C LYS I 255 -4.96 -25.83 -23.52
N VAL I 256 -4.77 -24.59 -23.94
CA VAL I 256 -3.52 -23.87 -23.71
C VAL I 256 -3.88 -22.59 -22.97
N GLN I 257 -3.04 -22.23 -21.99
CA GLN I 257 -3.32 -21.10 -21.12
C GLN I 257 -2.56 -19.86 -21.53
N THR I 258 -3.25 -18.72 -21.48
CA THR I 258 -2.63 -17.40 -21.67
C THR I 258 -2.26 -16.87 -20.29
N ALA I 259 -1.02 -17.13 -19.89
CA ALA I 259 -0.49 -16.69 -18.60
C ALA I 259 -1.09 -15.38 -18.12
N GLY I 260 -1.68 -15.40 -16.94
CA GLY I 260 -2.18 -14.21 -16.29
C GLY I 260 -3.60 -13.86 -16.63
N ILE I 261 -4.33 -14.78 -17.27
CA ILE I 261 -5.74 -14.60 -17.61
C ILE I 261 -6.50 -15.76 -16.98
N VAL I 262 -7.36 -15.44 -16.01
CA VAL I 262 -8.19 -16.46 -15.38
C VAL I 262 -9.64 -16.06 -15.57
N THR I 263 -10.00 -14.91 -15.04
CA THR I 263 -11.33 -14.37 -15.14
C THR I 263 -11.40 -13.31 -16.23
N PRO I 264 -12.60 -13.00 -16.74
CA PRO I 264 -12.70 -11.92 -17.74
C PRO I 264 -12.34 -10.56 -17.17
N TYR I 265 -12.39 -10.37 -15.85
CA TYR I 265 -11.96 -9.10 -15.26
C TYR I 265 -10.45 -8.94 -15.31
N ASP I 266 -9.69 -10.04 -15.38
CA ASP I 266 -8.25 -9.96 -15.52
C ASP I 266 -7.83 -9.30 -16.83
N ILE I 267 -8.60 -9.54 -17.90
CA ILE I 267 -8.26 -8.94 -19.19
C ILE I 267 -8.34 -7.42 -19.12
N LEU I 268 -9.33 -6.90 -18.40
CA LEU I 268 -9.47 -5.45 -18.27
C LEU I 268 -8.35 -4.87 -17.42
N LYS I 269 -7.97 -5.55 -16.34
CA LYS I 269 -6.83 -5.08 -15.54
C LYS I 269 -5.59 -4.94 -16.41
N GLN I 270 -5.38 -5.87 -17.34
CA GLN I 270 -4.20 -5.83 -18.19
C GLN I 270 -4.25 -4.66 -19.16
N GLU I 271 -5.42 -4.43 -19.75
CA GLU I 271 -5.53 -3.48 -20.86
C GLU I 271 -5.79 -2.05 -20.40
N LEU I 272 -6.45 -1.86 -19.27
CA LEU I 272 -6.84 -0.54 -18.82
C LEU I 272 -5.95 -0.08 -17.67
N ASP I 273 -5.60 1.19 -17.67
CA ASP I 273 -4.74 1.73 -16.62
C ASP I 273 -5.58 2.09 -15.39
N GLU I 274 -5.09 1.70 -14.22
CA GLU I 274 -5.75 1.98 -12.95
C GLU I 274 -7.17 1.42 -12.93
N PHE I 275 -7.33 0.22 -13.49
CA PHE I 275 -8.64 -0.42 -13.51
C PHE I 275 -9.00 -0.87 -12.11
N ASN I 276 -10.04 -0.27 -11.55
CA ASN I 276 -10.54 -0.63 -10.22
C ASN I 276 -11.81 -1.46 -10.41
N GLU I 277 -11.63 -2.78 -10.54
CA GLU I 277 -12.76 -3.65 -10.83
C GLU I 277 -13.82 -3.59 -9.74
N VAL I 278 -13.46 -3.16 -8.54
CA VAL I 278 -14.47 -3.00 -7.49
C VAL I 278 -15.51 -2.01 -7.93
N ALA I 279 -15.07 -0.85 -8.44
CA ALA I 279 -16.02 0.13 -8.94
C ALA I 279 -16.69 -0.34 -10.22
N PHE I 280 -15.92 -0.98 -11.11
CA PHE I 280 -16.48 -1.44 -12.39
C PHE I 280 -17.71 -2.31 -12.16
N GLU I 281 -17.62 -3.29 -11.24
CA GLU I 281 -18.78 -4.11 -10.94
C GLU I 281 -19.93 -3.25 -10.42
N ASN I 282 -19.62 -2.24 -9.62
CA ASN I 282 -20.66 -1.35 -9.10
C ASN I 282 -21.23 -0.46 -10.18
N GLU I 283 -20.38 0.02 -11.09
CA GLU I 283 -20.84 0.94 -12.13
C GLU I 283 -21.90 0.27 -12.99
N ILE I 284 -21.59 -0.93 -13.50
CA ILE I 284 -22.50 -1.60 -14.42
C ILE I 284 -23.74 -2.16 -13.72
N ASN I 285 -23.76 -2.15 -12.40
CA ASN I 285 -24.92 -2.57 -11.63
C ASN I 285 -25.67 -1.40 -11.02
N LYS I 286 -25.35 -0.17 -11.45
CA LYS I 286 -26.06 1.01 -11.02
C LYS I 286 -26.07 1.16 -9.51
N ARG I 287 -24.99 0.72 -8.86
CA ARG I 287 -24.83 0.90 -7.41
C ARG I 287 -23.57 1.69 -7.08
N ASP I 288 -23.01 2.41 -8.04
CA ASP I 288 -21.83 3.22 -7.76
C ASP I 288 -22.23 4.44 -6.95
N GLY I 289 -21.24 5.29 -6.64
CA GLY I 289 -21.46 6.42 -5.78
C GLY I 289 -22.17 7.56 -6.46
N ALA I 290 -21.67 7.97 -7.61
CA ALA I 290 -22.25 9.11 -8.31
C ALA I 290 -23.69 8.83 -8.73
N TYR I 291 -23.97 7.59 -9.16
CA TYR I 291 -25.32 7.28 -9.60
C TYR I 291 -26.31 7.35 -8.44
N ILE I 292 -25.90 6.89 -7.25
CA ILE I 292 -26.80 6.93 -6.12
C ILE I 292 -27.05 8.36 -5.68
N GLU I 293 -25.99 9.18 -5.66
CA GLU I 293 -26.15 10.56 -5.22
C GLU I 293 -26.92 11.41 -6.23
N LEU I 294 -27.03 10.94 -7.48
CA LEU I 294 -27.61 11.77 -8.54
C LEU I 294 -28.92 11.26 -9.07
N CYS I 295 -29.14 9.93 -9.09
CA CYS I 295 -30.32 9.37 -9.73
C CYS I 295 -31.16 8.52 -8.79
N VAL I 296 -30.84 8.48 -7.51
CA VAL I 296 -31.63 7.77 -6.51
C VAL I 296 -32.13 8.79 -5.51
N CYS I 297 -33.45 8.95 -5.44
CA CYS I 297 -34.02 9.94 -4.53
C CYS I 297 -34.12 9.38 -3.10
N SER I 298 -34.80 8.26 -2.94
CA SER I 298 -34.97 7.65 -1.62
C SER I 298 -35.36 6.18 -1.74
N GLN J 5 13.25 15.64 -44.04
CA GLN J 5 13.75 15.44 -45.40
C GLN J 5 14.43 14.09 -45.54
N VAL J 6 14.33 13.50 -46.73
CA VAL J 6 14.93 12.20 -47.03
C VAL J 6 15.48 12.29 -48.43
N GLN J 7 16.80 12.30 -48.57
CA GLN J 7 17.45 12.57 -49.83
C GLN J 7 17.99 11.28 -50.43
N LEU J 8 18.06 11.25 -51.76
CA LEU J 8 18.72 10.17 -52.49
C LEU J 8 19.73 10.79 -53.43
N VAL J 9 21.00 10.42 -53.31
CA VAL J 9 22.07 11.01 -54.12
C VAL J 9 22.81 9.88 -54.84
N GLN J 10 22.90 10.00 -56.17
CA GLN J 10 23.51 8.99 -57.00
C GLN J 10 24.88 9.44 -57.48
N SER J 11 25.60 8.51 -58.11
CA SER J 11 26.94 8.77 -58.57
C SER J 11 26.94 9.56 -59.89
N GLY J 12 28.14 9.97 -60.30
CA GLY J 12 28.29 10.79 -61.47
C GLY J 12 28.08 10.03 -62.76
N ALA J 13 28.07 10.79 -63.85
CA ALA J 13 27.92 10.21 -65.18
C ALA J 13 29.17 9.42 -65.54
N GLU J 14 28.97 8.30 -66.23
CA GLU J 14 30.06 7.41 -66.63
C GLU J 14 29.98 7.11 -68.12
N VAL J 15 31.12 6.86 -68.72
CA VAL J 15 31.21 6.51 -70.14
C VAL J 15 31.99 5.20 -70.27
N LYS J 16 31.40 4.25 -70.98
CA LYS J 16 31.95 2.92 -71.12
C LYS J 16 31.89 2.48 -72.58
N LYS J 17 32.66 1.43 -72.89
CA LYS J 17 32.76 0.81 -74.22
C LYS J 17 31.78 -0.35 -74.31
N PRO J 18 31.11 -0.55 -75.47
CA PRO J 18 30.12 -1.63 -75.57
C PRO J 18 30.64 -2.95 -75.07
N GLY J 19 29.94 -3.53 -74.09
CA GLY J 19 30.33 -4.79 -73.50
C GLY J 19 30.93 -4.67 -72.12
N ALA J 20 31.33 -3.49 -71.69
CA ALA J 20 31.96 -3.28 -70.40
C ALA J 20 30.88 -3.23 -69.32
N SER J 21 31.24 -2.82 -68.11
CA SER J 21 30.31 -2.73 -67.01
C SER J 21 30.28 -1.32 -66.44
N VAL J 22 29.21 -1.03 -65.70
CA VAL J 22 29.00 0.27 -65.06
C VAL J 22 28.25 0.05 -63.76
N LYS J 23 28.66 0.74 -62.70
CA LYS J 23 28.03 0.62 -61.39
C LYS J 23 27.62 2.00 -60.90
N VAL J 24 26.34 2.14 -60.53
CA VAL J 24 25.78 3.40 -60.07
C VAL J 24 25.49 3.27 -58.57
N SER J 25 25.84 4.30 -57.81
CA SER J 25 25.59 4.32 -56.38
C SER J 25 24.32 5.10 -56.09
N CYS J 26 23.81 4.94 -54.87
CA CYS J 26 22.61 5.65 -54.46
C CYS J 26 22.62 5.68 -52.93
N LYS J 27 22.85 6.86 -52.34
CA LYS J 27 22.97 6.99 -50.90
C LYS J 27 21.72 7.61 -50.31
N VAL J 28 21.27 7.05 -49.20
CA VAL J 28 20.06 7.54 -48.49
C VAL J 28 20.52 8.53 -47.42
N SER J 29 19.70 9.53 -47.14
CA SER J 29 20.06 10.61 -46.23
C SER J 29 18.82 11.01 -45.45
N GLY J 30 18.67 10.46 -44.25
CA GLY J 30 17.60 10.90 -43.36
C GLY J 30 16.72 9.78 -42.88
N TYR J 31 17.09 8.55 -43.21
CA TYR J 31 16.34 7.40 -42.72
C TYR J 31 17.15 6.14 -43.01
N THR J 32 17.04 5.17 -42.11
CA THR J 32 17.86 3.97 -42.23
C THR J 32 17.49 3.25 -43.51
N LEU J 33 18.50 2.99 -44.35
CA LEU J 33 18.26 2.20 -45.55
C LEU J 33 17.64 0.85 -45.20
N THR J 34 17.88 0.34 -44.00
CA THR J 34 17.47 -1.01 -43.66
C THR J 34 15.97 -1.23 -43.76
N GLU J 35 15.18 -0.19 -44.03
CA GLU J 35 13.73 -0.31 -44.11
C GLU J 35 13.16 -0.05 -45.50
N LEU J 36 13.95 0.47 -46.43
CA LEU J 36 13.51 0.83 -47.78
C LEU J 36 13.74 -0.31 -48.75
N SER J 37 13.11 -0.21 -49.92
CA SER J 37 13.22 -1.21 -50.97
C SER J 37 14.16 -0.80 -52.10
N MET J 38 14.23 0.50 -52.42
CA MET J 38 15.22 1.06 -53.38
C MET J 38 15.29 0.37 -54.76
N HIS J 39 14.18 0.35 -55.50
CA HIS J 39 14.06 -0.10 -56.89
C HIS J 39 14.90 0.80 -57.81
N TRP J 40 14.92 0.45 -59.10
CA TRP J 40 15.65 1.18 -60.12
C TRP J 40 14.81 1.30 -61.38
N VAL J 41 14.78 2.49 -61.97
CA VAL J 41 14.10 2.72 -63.24
C VAL J 41 15.00 3.55 -64.15
N ARG J 42 14.84 3.38 -65.45
CA ARG J 42 15.66 4.03 -66.45
C ARG J 42 14.77 4.79 -67.43
N GLN J 43 15.39 5.69 -68.19
CA GLN J 43 14.68 6.42 -69.24
C GLN J 43 15.67 6.76 -70.34
N ALA J 44 15.49 6.17 -71.52
CA ALA J 44 16.29 6.53 -72.67
C ALA J 44 15.93 7.94 -73.14
N PRO J 45 16.82 8.61 -73.88
CA PRO J 45 16.53 9.99 -74.30
C PRO J 45 15.20 10.13 -75.03
N GLY J 46 14.94 9.27 -76.01
CA GLY J 46 13.71 9.37 -76.78
C GLY J 46 12.55 8.63 -76.15
N LYS J 47 12.84 7.49 -75.54
CA LYS J 47 11.80 6.63 -75.00
C LYS J 47 11.34 7.14 -73.63
N GLY J 48 10.45 6.38 -73.00
CA GLY J 48 9.84 6.76 -71.75
C GLY J 48 10.48 6.05 -70.57
N LEU J 49 9.74 6.02 -69.46
CA LEU J 49 10.23 5.38 -68.24
C LEU J 49 10.16 3.86 -68.37
N GLU J 50 11.18 3.19 -67.86
CA GLU J 50 11.25 1.73 -67.88
C GLU J 50 11.78 1.25 -66.54
N TRP J 51 11.17 0.18 -66.03
CA TRP J 51 11.52 -0.39 -64.74
C TRP J 51 12.53 -1.50 -64.95
N MET J 52 13.62 -1.46 -64.18
CA MET J 52 14.70 -2.45 -64.33
C MET J 52 14.62 -3.54 -63.26
N GLY J 53 14.61 -3.17 -61.99
CA GLY J 53 14.55 -4.17 -60.93
C GLY J 53 14.41 -3.49 -59.59
N GLY J 54 14.56 -4.27 -58.54
CA GLY J 54 14.45 -3.72 -57.19
C GLY J 54 14.74 -4.79 -56.16
N PHE J 55 14.87 -4.34 -54.91
CA PHE J 55 15.17 -5.19 -53.76
C PHE J 55 13.92 -5.29 -52.90
N ASP J 56 13.25 -6.44 -52.93
CA ASP J 56 12.05 -6.64 -52.12
C ASP J 56 12.46 -6.88 -50.67
N ARG J 57 12.55 -5.80 -49.87
CA ARG J 57 13.13 -5.93 -48.53
C ARG J 57 12.26 -6.79 -47.61
N GLU J 58 10.95 -6.73 -47.78
CA GLU J 58 10.10 -7.51 -46.89
C GLU J 58 10.45 -8.98 -46.93
N ASP J 59 10.88 -9.49 -48.09
CA ASP J 59 11.31 -10.87 -48.25
C ASP J 59 12.74 -10.99 -48.76
N GLY J 60 13.45 -9.87 -48.92
CA GLY J 60 14.74 -9.94 -49.59
C GLY J 60 14.59 -10.45 -51.02
N GLU J 61 15.66 -11.05 -51.53
CA GLU J 61 15.58 -11.78 -52.80
C GLU J 61 15.09 -10.85 -53.93
N SER J 62 15.97 -9.92 -54.28
CA SER J 62 15.68 -8.91 -55.30
C SER J 62 15.04 -9.52 -56.55
N ILE J 63 14.25 -8.71 -57.24
CA ILE J 63 13.56 -9.10 -58.47
C ILE J 63 14.03 -8.19 -59.60
N TYR J 64 14.05 -8.74 -60.80
CA TYR J 64 14.52 -8.01 -61.98
C TYR J 64 13.47 -8.10 -63.08
N ALA J 65 13.62 -7.23 -64.08
CA ALA J 65 12.71 -7.25 -65.22
C ALA J 65 12.98 -8.50 -66.05
N GLN J 66 12.26 -8.63 -67.17
CA GLN J 66 12.29 -9.93 -67.84
C GLN J 66 13.53 -10.06 -68.68
N LYS J 67 13.69 -9.17 -69.66
CA LYS J 67 14.87 -9.22 -70.50
C LYS J 67 15.99 -8.34 -69.93
N PHE J 68 16.22 -8.51 -68.62
CA PHE J 68 17.29 -7.86 -67.88
C PHE J 68 17.94 -8.80 -66.88
N GLN J 69 17.48 -10.06 -66.78
CA GLN J 69 17.89 -10.93 -65.68
C GLN J 69 19.34 -11.39 -65.79
N GLY J 70 20.07 -11.00 -66.84
CA GLY J 70 21.43 -11.49 -66.99
C GLY J 70 22.40 -10.34 -67.13
N ARG J 71 21.96 -9.14 -66.77
CA ARG J 71 22.78 -7.95 -66.91
C ARG J 71 22.84 -7.08 -65.67
N VAL J 72 21.92 -7.23 -64.73
CA VAL J 72 21.84 -6.37 -63.57
C VAL J 72 22.08 -7.19 -62.31
N THR J 73 22.80 -6.60 -61.36
CA THR J 73 23.07 -7.23 -60.08
C THR J 73 23.02 -6.13 -59.02
N LEU J 74 22.14 -6.29 -58.05
CA LEU J 74 21.93 -5.29 -57.02
C LEU J 74 22.69 -5.69 -55.77
N THR J 75 23.51 -4.78 -55.26
CA THR J 75 24.29 -5.01 -54.05
C THR J 75 23.95 -3.93 -53.03
N GLU J 76 24.71 -3.89 -51.94
CA GLU J 76 24.43 -2.94 -50.87
C GLU J 76 25.58 -2.88 -49.89
N ASP J 77 25.64 -1.79 -49.15
CA ASP J 77 26.67 -1.59 -48.13
C ASP J 77 26.08 -0.72 -47.03
N THR J 78 25.69 -1.34 -45.91
CA THR J 78 25.03 -0.59 -44.84
C THR J 78 25.94 0.45 -44.22
N SER J 79 27.25 0.26 -44.29
CA SER J 79 28.17 1.23 -43.69
C SER J 79 28.06 2.57 -44.39
N THR J 80 28.10 2.57 -45.71
CA THR J 80 27.99 3.80 -46.51
C THR J 80 26.54 4.24 -46.70
N ASP J 81 25.57 3.48 -46.19
CA ASP J 81 24.16 3.83 -46.29
C ASP J 81 23.75 4.06 -47.74
N SER J 82 24.10 3.11 -48.61
CA SER J 82 23.84 3.28 -50.02
C SER J 82 23.62 1.95 -50.71
N VAL J 83 23.09 2.03 -51.94
CA VAL J 83 22.78 0.88 -52.77
C VAL J 83 23.57 1.01 -54.06
N TYR J 84 23.87 -0.13 -54.68
CA TYR J 84 24.64 -0.17 -55.91
C TYR J 84 23.95 -1.05 -56.94
N MET J 85 23.99 -0.60 -58.20
CA MET J 85 23.42 -1.33 -59.33
C MET J 85 24.43 -1.40 -60.46
N GLU J 86 24.75 -2.62 -60.88
CA GLU J 86 25.76 -2.86 -61.89
C GLU J 86 25.11 -3.41 -63.14
N LEU J 87 25.52 -2.89 -64.28
CA LEU J 87 25.01 -3.34 -65.57
C LEU J 87 26.18 -3.89 -66.37
N SER J 88 26.06 -5.13 -66.83
CA SER J 88 27.09 -5.80 -67.60
C SER J 88 26.65 -5.92 -69.06
N ASN J 89 27.62 -6.16 -69.93
CA ASN J 89 27.36 -6.28 -71.37
C ASN J 89 26.61 -5.04 -71.88
N LEU J 90 27.24 -3.88 -71.68
CA LEU J 90 26.60 -2.61 -72.02
C LEU J 90 26.35 -2.53 -73.51
N ARG J 91 25.08 -2.51 -73.89
CA ARG J 91 24.66 -2.34 -75.27
C ARG J 91 24.52 -0.86 -75.63
N SER J 92 24.42 -0.59 -76.93
CA SER J 92 24.32 0.79 -77.39
C SER J 92 22.99 1.41 -76.97
N ASP J 93 21.92 0.63 -76.95
CA ASP J 93 20.60 1.15 -76.60
C ASP J 93 20.40 1.26 -75.10
N ASP J 94 21.37 0.85 -74.29
CA ASP J 94 21.31 1.05 -72.85
C ASP J 94 21.75 2.47 -72.43
N THR J 95 22.04 3.34 -73.40
CA THR J 95 22.36 4.72 -73.10
C THR J 95 21.10 5.43 -72.61
N ALA J 96 21.11 5.87 -71.36
CA ALA J 96 19.95 6.50 -70.75
C ALA J 96 20.36 7.08 -69.42
N VAL J 97 19.38 7.58 -68.68
CA VAL J 97 19.56 8.11 -67.34
C VAL J 97 18.98 7.11 -66.36
N TYR J 98 19.75 6.76 -65.33
CA TYR J 98 19.37 5.72 -64.38
C TYR J 98 18.99 6.36 -63.05
N PHE J 99 17.82 5.97 -62.52
CA PHE J 99 17.29 6.49 -61.28
C PHE J 99 17.17 5.38 -60.24
N CYS J 100 17.31 5.77 -58.98
CA CYS J 100 16.97 4.95 -57.82
C CYS J 100 15.83 5.65 -57.09
N ALA J 101 14.79 4.90 -56.75
CA ALA J 101 13.64 5.49 -56.10
C ALA J 101 13.08 4.47 -55.12
N THR J 102 12.42 4.97 -54.08
CA THR J 102 11.80 4.14 -53.05
C THR J 102 10.39 4.62 -52.78
N ASP J 103 9.54 3.72 -52.28
CA ASP J 103 8.20 4.10 -51.81
C ASP J 103 8.23 4.69 -50.41
N PHE J 104 9.18 4.27 -49.58
CA PHE J 104 9.37 4.78 -48.23
C PHE J 104 8.30 4.25 -47.29
N GLY J 105 7.29 3.58 -47.82
CA GLY J 105 6.35 2.92 -46.95
C GLY J 105 6.07 1.53 -47.47
N GLY J 106 6.76 1.16 -48.56
CA GLY J 106 6.38 0.03 -49.38
C GLY J 106 6.47 -1.33 -48.70
N SER J 107 5.32 -1.93 -48.38
CA SER J 107 5.32 -3.35 -48.05
C SER J 107 5.50 -4.11 -49.36
N TYR J 108 4.49 -4.08 -50.21
CA TYR J 108 4.58 -4.62 -51.56
C TYR J 108 4.20 -3.56 -52.57
N PHE J 109 4.18 -2.30 -52.16
CA PHE J 109 3.74 -1.19 -53.00
C PHE J 109 4.93 -0.56 -53.73
N TYR J 110 4.61 0.10 -54.85
CA TYR J 110 5.63 0.69 -55.73
C TYR J 110 5.25 2.11 -56.14
N ALA J 111 4.57 2.83 -55.26
CA ALA J 111 4.31 4.27 -55.48
C ALA J 111 5.58 5.04 -55.11
N PHE J 112 6.57 4.97 -55.98
CA PHE J 112 7.88 5.52 -55.68
C PHE J 112 7.79 6.98 -55.21
N ASP J 113 8.35 7.24 -54.02
CA ASP J 113 8.25 8.52 -53.34
C ASP J 113 9.50 9.36 -53.41
N ILE J 114 10.67 8.74 -53.20
CA ILE J 114 11.93 9.44 -53.13
C ILE J 114 12.79 9.03 -54.31
N TRP J 115 13.26 10.02 -55.06
CA TRP J 115 14.06 9.81 -56.25
C TRP J 115 15.43 10.47 -56.11
N GLY J 116 16.39 9.94 -56.87
CA GLY J 116 17.69 10.57 -57.00
C GLY J 116 17.71 11.54 -58.17
N GLN J 117 18.88 12.14 -58.37
CA GLN J 117 19.01 13.10 -59.45
C GLN J 117 19.29 12.43 -60.80
N GLY J 118 19.58 11.13 -60.81
CA GLY J 118 19.83 10.40 -62.03
C GLY J 118 21.32 10.30 -62.33
N THR J 119 21.64 9.37 -63.22
CA THR J 119 23.02 9.16 -63.67
C THR J 119 23.00 8.87 -65.16
N MET J 120 23.61 9.75 -65.96
CA MET J 120 23.68 9.54 -67.40
C MET J 120 24.83 8.60 -67.72
N VAL J 121 24.51 7.51 -68.43
CA VAL J 121 25.52 6.55 -68.88
C VAL J 121 25.48 6.53 -70.41
N THR J 122 26.62 6.81 -71.03
CA THR J 122 26.73 6.85 -72.48
C THR J 122 27.71 5.79 -72.96
N VAL J 123 27.33 5.10 -74.04
CA VAL J 123 28.13 4.03 -74.62
C VAL J 123 28.74 4.56 -75.92
N SER J 124 30.07 4.53 -76.01
CA SER J 124 30.77 5.01 -77.19
C SER J 124 31.72 3.96 -77.75
N GLN J 141 8.16 -2.04 -76.38
CA GLN J 141 6.87 -1.41 -76.09
C GLN J 141 6.44 -1.76 -74.67
N SER J 142 5.23 -1.33 -74.28
CA SER J 142 4.77 -1.49 -72.92
C SER J 142 3.40 -2.17 -72.86
N VAL J 143 3.12 -2.74 -71.68
CA VAL J 143 1.85 -3.42 -71.44
C VAL J 143 0.73 -2.41 -71.29
N LEU J 144 0.97 -1.34 -70.54
CA LEU J 144 0.00 -0.27 -70.37
C LEU J 144 0.14 0.71 -71.52
N THR J 145 -1.01 1.12 -72.08
CA THR J 145 -1.04 1.96 -73.27
C THR J 145 -1.80 3.25 -72.96
N GLN J 146 -1.10 4.37 -73.09
CA GLN J 146 -1.67 5.69 -72.88
C GLN J 146 -1.76 6.40 -74.22
N SER J 147 -2.56 7.46 -74.26
CA SER J 147 -2.65 8.27 -75.47
C SER J 147 -1.27 8.83 -75.82
N PRO J 148 -0.94 8.91 -77.12
CA PRO J 148 0.41 9.38 -77.48
C PRO J 148 0.71 10.79 -77.01
N SER J 149 -0.32 11.62 -76.87
CA SER J 149 -0.15 13.00 -76.45
C SER J 149 -1.52 13.60 -76.14
N ALA J 150 -1.51 14.68 -75.38
CA ALA J 150 -2.71 15.44 -75.05
C ALA J 150 -2.37 16.93 -75.13
N SER J 151 -3.41 17.76 -75.10
CA SER J 151 -3.21 19.20 -75.17
C SER J 151 -4.41 19.91 -74.56
N GLY J 152 -4.13 20.96 -73.79
CA GLY J 152 -5.18 21.75 -73.17
C GLY J 152 -4.70 23.18 -73.03
N THR J 153 -5.63 24.05 -72.64
CA THR J 153 -5.36 25.47 -72.48
C THR J 153 -5.61 25.92 -71.05
N PRO J 154 -4.88 26.94 -70.56
CA PRO J 154 -5.04 27.36 -69.16
C PRO J 154 -6.49 27.55 -68.72
N GLY J 155 -6.92 26.75 -67.73
CA GLY J 155 -8.20 26.92 -67.09
C GLY J 155 -9.26 25.90 -67.44
N GLN J 156 -8.91 24.83 -68.16
CA GLN J 156 -9.87 23.80 -68.55
C GLN J 156 -9.45 22.48 -67.92
N ARG J 157 -10.38 21.52 -67.94
CA ARG J 157 -10.13 20.17 -67.46
C ARG J 157 -9.60 19.29 -68.59
N VAL J 158 -8.53 18.56 -68.32
CA VAL J 158 -7.99 17.55 -69.23
C VAL J 158 -7.91 16.24 -68.46
N THR J 159 -8.00 15.13 -69.18
CA THR J 159 -8.06 13.80 -68.58
C THR J 159 -7.20 12.84 -69.40
N ILE J 160 -6.03 12.50 -68.86
CA ILE J 160 -5.16 11.49 -69.45
C ILE J 160 -5.60 10.12 -68.96
N SER J 161 -5.68 9.15 -69.88
CA SER J 161 -6.18 7.83 -69.56
C SER J 161 -5.10 6.77 -69.75
N CYS J 162 -5.21 5.71 -68.94
CA CYS J 162 -4.28 4.59 -68.92
C CYS J 162 -5.07 3.31 -69.12
N SER J 163 -4.60 2.44 -69.99
CA SER J 163 -5.33 1.22 -70.31
C SER J 163 -4.38 0.04 -70.38
N GLY J 164 -4.71 -1.03 -69.64
CA GLY J 164 -3.90 -2.23 -69.60
C GLY J 164 -4.79 -3.41 -69.27
N SER J 165 -4.16 -4.59 -69.16
CA SER J 165 -4.90 -5.80 -68.87
C SER J 165 -5.35 -5.82 -67.41
N SER J 166 -6.20 -6.79 -67.08
CA SER J 166 -6.74 -6.91 -65.73
C SER J 166 -5.76 -7.53 -64.73
N SER J 167 -4.62 -8.05 -65.20
CA SER J 167 -3.67 -8.67 -64.29
C SER J 167 -2.68 -7.67 -63.73
N ASN J 168 -2.68 -6.43 -64.22
CA ASN J 168 -1.83 -5.36 -63.70
C ASN J 168 -2.63 -4.20 -63.12
N ILE J 169 -3.59 -3.67 -63.87
CA ILE J 169 -4.42 -2.57 -63.37
C ILE J 169 -5.72 -3.05 -62.74
N GLY J 170 -6.20 -4.23 -63.11
CA GLY J 170 -7.52 -4.64 -62.65
C GLY J 170 -7.58 -4.85 -61.15
N ARG J 171 -6.59 -5.57 -60.60
CA ARG J 171 -6.64 -5.99 -59.19
C ARG J 171 -5.49 -5.42 -58.37
N ASN J 172 -4.82 -4.39 -58.85
CA ASN J 172 -3.69 -3.80 -58.16
C ASN J 172 -3.80 -2.30 -58.21
N PRO J 173 -3.12 -1.59 -57.32
CA PRO J 173 -3.20 -0.13 -57.31
C PRO J 173 -2.39 0.48 -58.45
N VAL J 174 -2.76 1.72 -58.79
CA VAL J 174 -2.18 2.46 -59.91
C VAL J 174 -1.54 3.73 -59.37
N ASN J 175 -0.50 4.17 -60.05
CA ASN J 175 0.21 5.39 -59.66
C ASN J 175 0.34 6.33 -60.86
N TRP J 176 0.68 7.57 -60.57
CA TRP J 176 0.87 8.59 -61.59
C TRP J 176 2.10 9.41 -61.26
N PHE J 177 2.77 9.89 -62.31
CA PHE J 177 4.01 10.65 -62.17
C PHE J 177 4.02 11.84 -63.11
N GLN J 178 4.60 12.94 -62.65
CA GLN J 178 4.78 14.14 -63.47
C GLN J 178 6.28 14.31 -63.69
N HIS J 179 6.76 13.82 -64.81
CA HIS J 179 8.19 13.84 -65.11
C HIS J 179 8.51 14.92 -66.12
N LEU J 180 9.30 15.89 -65.70
CA LEU J 180 9.76 16.92 -66.61
C LEU J 180 11.17 16.55 -67.06
N PRO J 181 11.40 16.19 -68.32
CA PRO J 181 12.75 15.79 -68.73
C PRO J 181 13.80 16.81 -68.31
N GLY J 182 14.88 16.31 -67.71
CA GLY J 182 15.90 17.15 -67.10
C GLY J 182 15.92 16.97 -65.59
N THR J 183 14.74 16.84 -64.98
CA THR J 183 14.60 16.61 -63.56
C THR J 183 14.05 15.21 -63.31
N ALA J 184 14.01 14.84 -62.04
CA ALA J 184 13.56 13.51 -61.68
C ALA J 184 12.04 13.47 -61.60
N PRO J 185 11.43 12.31 -61.87
CA PRO J 185 9.97 12.20 -61.72
C PRO J 185 9.53 12.45 -60.29
N GLN J 186 8.23 12.69 -60.14
CA GLN J 186 7.64 12.89 -58.82
C GLN J 186 6.34 12.13 -58.72
N LEU J 187 6.08 11.55 -57.54
CA LEU J 187 4.84 10.84 -57.30
C LEU J 187 3.68 11.82 -57.29
N LEU J 188 2.64 11.53 -58.07
CA LEU J 188 1.48 12.39 -58.25
C LEU J 188 0.21 11.80 -57.64
N ILE J 189 -0.05 10.52 -57.86
CA ILE J 189 -1.22 9.85 -57.31
C ILE J 189 -0.82 8.41 -56.97
N TYR J 190 -1.33 7.89 -55.86
CA TYR J 190 -1.08 6.52 -55.44
C TYR J 190 -2.36 5.90 -54.95
N SER J 191 -2.44 4.57 -55.04
CA SER J 191 -3.62 3.80 -54.62
C SER J 191 -4.87 4.19 -55.40
N ASN J 192 -4.67 4.73 -56.60
CA ASN J 192 -5.69 5.04 -57.58
C ASN J 192 -6.55 6.25 -57.19
N ASP J 193 -6.48 6.71 -55.95
CA ASP J 193 -7.38 7.79 -55.54
C ASP J 193 -6.75 8.86 -54.66
N GLN J 194 -5.68 8.58 -53.94
CA GLN J 194 -5.15 9.49 -52.93
C GLN J 194 -4.02 10.32 -53.52
N ARG J 195 -3.98 11.61 -53.12
CA ARG J 195 -2.96 12.51 -53.63
C ARG J 195 -1.98 12.85 -52.50
N PRO J 196 -0.72 13.03 -52.81
CA PRO J 196 0.26 13.33 -51.75
C PRO J 196 0.05 14.68 -51.11
N SER J 197 0.96 15.05 -50.21
CA SER J 197 0.83 16.30 -49.47
C SER J 197 1.06 17.50 -50.38
N GLY J 198 2.22 17.56 -51.02
CA GLY J 198 2.58 18.72 -51.80
C GLY J 198 1.87 18.85 -53.12
N VAL J 199 1.22 17.80 -53.58
CA VAL J 199 0.54 17.83 -54.87
C VAL J 199 -0.62 18.84 -54.80
N PRO J 200 -0.82 19.64 -55.85
CA PRO J 200 -1.94 20.60 -55.81
C PRO J 200 -3.28 19.89 -55.66
N ASP J 201 -4.25 20.65 -55.17
CA ASP J 201 -5.58 20.10 -54.92
C ASP J 201 -6.32 19.77 -56.21
N ARG J 202 -5.93 20.36 -57.34
CA ARG J 202 -6.64 20.13 -58.58
C ARG J 202 -6.40 18.74 -59.16
N PHE J 203 -5.38 18.02 -58.69
CA PHE J 203 -5.13 16.67 -59.18
C PHE J 203 -5.98 15.64 -58.44
N SER J 204 -6.34 14.59 -59.16
CA SER J 204 -7.18 13.52 -58.64
C SER J 204 -7.14 12.37 -59.63
N GLY J 205 -7.26 11.16 -59.11
CA GLY J 205 -7.18 9.97 -59.95
C GLY J 205 -8.40 9.11 -59.82
N SER J 206 -8.58 8.19 -60.77
CA SER J 206 -9.72 7.29 -60.75
C SER J 206 -9.36 6.01 -61.48
N LYS J 207 -10.06 4.93 -61.13
CA LYS J 207 -9.81 3.62 -61.74
C LYS J 207 -11.13 2.87 -61.81
N SER J 208 -11.30 2.10 -62.89
CA SER J 208 -12.51 1.30 -63.08
C SER J 208 -12.16 0.18 -64.04
N GLY J 209 -12.46 -1.05 -63.65
CA GLY J 209 -12.19 -2.20 -64.49
C GLY J 209 -10.71 -2.37 -64.79
N THR J 210 -10.33 -2.17 -66.05
CA THR J 210 -8.95 -2.39 -66.50
C THR J 210 -8.33 -1.12 -67.07
N SER J 211 -8.76 0.04 -66.58
CA SER J 211 -8.24 1.31 -67.07
C SER J 211 -8.36 2.37 -65.97
N ALA J 212 -7.27 3.12 -65.79
CA ALA J 212 -7.22 4.25 -64.87
C ALA J 212 -7.19 5.55 -65.66
N SER J 213 -7.40 6.65 -64.96
CA SER J 213 -7.44 7.95 -65.63
C SER J 213 -7.06 9.04 -64.65
N LEU J 214 -6.13 9.91 -65.06
CA LEU J 214 -5.73 11.07 -64.28
C LEU J 214 -6.56 12.27 -64.71
N ALA J 215 -6.80 13.17 -63.75
CA ALA J 215 -7.66 14.32 -63.98
C ALA J 215 -7.00 15.58 -63.44
N ILE J 216 -6.93 16.59 -64.28
CA ILE J 216 -6.38 17.89 -63.92
C ILE J 216 -7.52 18.88 -64.08
N SER J 217 -8.12 19.32 -62.98
CA SER J 217 -9.28 20.19 -63.05
C SER J 217 -8.93 21.66 -63.29
N GLY J 218 -7.64 21.99 -63.37
CA GLY J 218 -7.20 23.33 -63.68
C GLY J 218 -5.84 23.30 -64.34
N LEU J 219 -5.72 23.87 -65.52
CA LEU J 219 -4.48 23.82 -66.28
C LEU J 219 -3.71 25.10 -65.98
N GLN J 220 -2.58 24.98 -65.28
CA GLN J 220 -1.79 26.15 -64.91
C GLN J 220 -0.60 26.39 -65.83
N SER J 221 -0.45 25.58 -66.87
CA SER J 221 0.71 25.63 -67.76
C SER J 221 1.93 25.05 -67.05
N GLU J 222 1.82 24.86 -65.74
CA GLU J 222 2.88 24.20 -65.00
C GLU J 222 2.79 22.70 -65.12
N ASP J 223 2.03 22.25 -66.12
CA ASP J 223 1.75 20.84 -66.36
C ASP J 223 2.43 20.33 -67.62
N GLU J 224 3.46 21.03 -68.08
CA GLU J 224 4.14 20.70 -69.33
C GLU J 224 5.22 19.65 -69.10
N ALA J 225 4.78 18.41 -68.94
CA ALA J 225 5.69 17.31 -68.66
C ALA J 225 5.12 16.03 -69.24
N ASP J 226 5.97 15.00 -69.31
CA ASP J 226 5.50 13.69 -69.72
C ASP J 226 4.87 12.99 -68.52
N TYR J 227 3.65 12.48 -68.70
CA TYR J 227 2.90 11.84 -67.63
C TYR J 227 2.81 10.34 -67.86
N TYR J 228 3.03 9.57 -66.79
CA TYR J 228 3.04 8.12 -66.87
C TYR J 228 2.10 7.51 -65.85
N CYS J 229 1.59 6.33 -66.17
CA CYS J 229 0.88 5.49 -65.21
C CYS J 229 1.71 4.24 -64.92
N GLU J 230 1.63 3.77 -63.68
CA GLU J 230 2.40 2.61 -63.23
C GLU J 230 1.54 1.68 -62.40
N ALA J 231 1.78 0.39 -62.55
CA ALA J 231 1.09 -0.61 -61.75
C ALA J 231 1.95 -1.86 -61.67
N TRP J 232 1.54 -2.78 -60.81
CA TRP J 232 2.22 -4.05 -60.63
C TRP J 232 1.49 -5.12 -61.42
N ASP J 233 2.21 -5.85 -62.26
CA ASP J 233 1.62 -6.87 -63.11
C ASP J 233 1.78 -8.24 -62.45
N ASP J 234 0.65 -8.91 -62.21
CA ASP J 234 0.70 -10.21 -61.54
C ASP J 234 1.33 -11.26 -62.43
N SER J 235 1.07 -11.20 -63.73
CA SER J 235 1.61 -12.23 -64.63
C SER J 235 3.10 -12.04 -64.84
N LEU J 236 3.59 -10.81 -64.81
CA LEU J 236 4.99 -10.52 -65.05
C LEU J 236 5.83 -10.50 -63.78
N ASN J 237 5.21 -10.35 -62.61
CA ASN J 237 5.93 -10.21 -61.36
C ASN J 237 6.97 -9.10 -61.47
N GLY J 238 6.49 -7.92 -61.81
CA GLY J 238 7.34 -6.75 -61.93
C GLY J 238 6.52 -5.50 -62.08
N VAL J 239 7.20 -4.37 -61.92
CA VAL J 239 6.58 -3.06 -62.07
C VAL J 239 6.65 -2.66 -63.53
N VAL J 240 5.52 -2.22 -64.08
CA VAL J 240 5.41 -1.83 -65.48
C VAL J 240 4.98 -0.38 -65.53
N PHE J 241 5.50 0.35 -66.52
CA PHE J 241 5.15 1.74 -66.75
C PHE J 241 4.33 1.84 -68.04
N GLY J 242 3.62 2.97 -68.17
CA GLY J 242 2.85 3.24 -69.35
C GLY J 242 3.68 3.88 -70.44
N GLY J 243 3.10 3.95 -71.64
CA GLY J 243 3.79 4.53 -72.76
C GLY J 243 4.26 5.94 -72.47
N GLY J 244 3.34 6.84 -72.18
CA GLY J 244 3.65 8.22 -71.88
C GLY J 244 2.58 9.16 -72.41
N THR J 245 2.62 10.39 -71.91
CA THR J 245 1.65 11.41 -72.31
C THR J 245 2.25 12.77 -72.01
N LYS J 246 2.26 13.64 -73.01
CA LYS J 246 2.84 14.96 -72.90
C LYS J 246 1.76 16.00 -73.19
N LEU J 247 1.59 16.93 -72.28
CA LEU J 247 0.59 17.98 -72.40
C LEU J 247 1.24 19.22 -72.96
N THR J 248 0.41 20.15 -73.45
CA THR J 248 0.85 21.44 -74.01
C THR J 248 -0.24 22.50 -73.86
N LYS K 5 46.02 -3.31 -26.93
CA LYS K 5 47.18 -3.55 -26.09
C LYS K 5 46.79 -3.62 -24.61
N ASN K 6 45.64 -3.06 -24.25
CA ASN K 6 45.22 -2.90 -22.86
C ASN K 6 44.69 -4.19 -22.24
N CYS K 7 44.92 -5.34 -22.87
CA CYS K 7 44.48 -6.61 -22.31
C CYS K 7 45.45 -7.05 -21.25
N ASN K 8 45.74 -6.15 -20.30
CA ASN K 8 46.65 -6.45 -19.21
C ASN K 8 45.96 -6.35 -17.85
N TYR K 9 45.33 -5.20 -17.57
CA TYR K 9 44.60 -5.01 -16.33
C TYR K 9 43.57 -3.93 -16.56
N LYS K 10 42.69 -3.76 -15.58
CA LYS K 10 41.56 -2.85 -15.67
C LYS K 10 41.73 -1.73 -14.66
N ARG K 11 41.52 -0.50 -15.10
CA ARG K 11 41.50 0.64 -14.20
C ARG K 11 40.47 0.42 -13.11
N LYS K 12 40.79 0.82 -11.89
CA LYS K 12 39.89 0.62 -10.77
C LYS K 12 38.61 1.41 -10.95
N ARG K 13 37.57 0.95 -10.27
CA ARG K 13 36.25 1.56 -10.41
C ARG K 13 36.32 3.04 -10.05
N ARG K 14 35.63 3.85 -10.84
CA ARG K 14 35.53 5.30 -10.63
C ARG K 14 36.83 6.04 -10.92
N GLU K 15 37.84 5.38 -11.47
CA GLU K 15 39.04 6.13 -11.85
C GLU K 15 38.74 7.07 -13.02
N ARG K 16 37.93 6.60 -13.97
CA ARG K 16 37.43 7.43 -15.06
C ARG K 16 35.91 7.30 -15.09
N ASP K 17 35.22 8.42 -15.29
CA ASP K 17 33.76 8.42 -15.26
C ASP K 17 33.23 8.15 -16.67
N TRP K 18 31.92 8.34 -16.86
CA TRP K 18 31.33 8.13 -18.16
C TRP K 18 31.74 9.25 -19.11
N ASP K 19 32.17 8.86 -20.30
CA ASP K 19 32.67 9.80 -21.30
C ASP K 19 31.52 10.21 -22.21
N CYS K 20 31.01 11.42 -22.02
CA CYS K 20 29.95 11.94 -22.86
C CYS K 20 30.46 12.91 -23.91
N ASN K 21 31.77 13.05 -24.05
CA ASN K 21 32.37 14.06 -24.91
C ASN K 21 32.92 13.51 -26.22
N THR K 22 33.49 12.30 -26.19
CA THR K 22 34.02 11.73 -27.42
C THR K 22 32.92 11.63 -28.47
N LYS K 23 31.88 10.83 -28.20
CA LYS K 23 30.68 10.81 -29.03
C LYS K 23 29.60 11.59 -28.33
N LYS K 24 29.11 12.64 -28.99
CA LYS K 24 28.20 13.59 -28.34
C LYS K 24 26.82 13.00 -28.07
N ASP K 25 26.41 11.99 -28.85
CA ASP K 25 25.07 11.44 -28.73
C ASP K 25 24.93 10.40 -27.63
N VAL K 26 26.00 10.06 -26.91
CA VAL K 26 25.94 8.99 -25.92
C VAL K 26 27.12 9.15 -24.96
N CYS K 27 26.92 8.70 -23.73
CA CYS K 27 27.98 8.57 -22.75
C CYS K 27 28.48 7.14 -22.79
N ILE K 28 29.81 6.98 -22.80
CA ILE K 28 30.45 5.68 -22.94
C ILE K 28 31.12 5.34 -21.61
N PRO K 29 30.91 4.13 -21.07
CA PRO K 29 31.52 3.79 -19.79
C PRO K 29 32.98 3.35 -19.94
N ASP K 30 33.73 3.56 -18.86
CA ASP K 30 35.16 3.24 -18.89
C ASP K 30 35.36 1.77 -19.18
N ARG K 31 34.43 0.92 -18.72
CA ARG K 31 34.57 -0.52 -18.97
C ARG K 31 34.54 -0.82 -20.46
N ARG K 32 33.73 -0.08 -21.20
CA ARG K 32 33.64 -0.33 -22.63
C ARG K 32 34.96 -0.09 -23.33
N TYR K 33 35.68 0.99 -22.97
CA TYR K 33 36.95 1.25 -23.63
C TYR K 33 37.96 0.13 -23.34
N GLN K 34 38.04 -0.31 -22.10
CA GLN K 34 39.01 -1.32 -21.72
C GLN K 34 38.67 -2.73 -22.19
N LEU K 35 37.50 -2.95 -22.78
CA LEU K 35 37.12 -4.27 -23.26
C LEU K 35 38.21 -4.87 -24.12
N CYS K 36 38.61 -6.10 -23.81
CA CYS K 36 39.76 -6.73 -24.45
C CYS K 36 39.38 -7.23 -25.84
N MET K 37 40.05 -6.71 -26.87
CA MET K 37 39.79 -7.12 -28.25
C MET K 37 41.10 -7.47 -28.95
N LYS K 38 42.09 -7.98 -28.22
CA LYS K 38 43.40 -8.24 -28.81
C LYS K 38 43.29 -9.15 -30.03
N GLU K 39 42.85 -10.40 -29.82
CA GLU K 39 42.78 -11.35 -30.91
C GLU K 39 41.70 -10.97 -31.91
N LEU K 40 40.64 -10.30 -31.46
CA LEU K 40 39.57 -9.88 -32.35
C LEU K 40 40.05 -8.84 -33.35
N THR K 41 41.13 -8.15 -33.05
CA THR K 41 41.68 -7.16 -33.97
C THR K 41 42.67 -7.75 -34.95
N ASN K 42 43.49 -8.70 -34.49
CA ASN K 42 44.54 -9.26 -35.33
C ASN K 42 44.02 -10.42 -36.19
N LEU K 43 43.00 -10.12 -37.00
CA LEU K 43 42.53 -11.11 -37.98
C LEU K 43 43.21 -10.97 -39.33
N VAL K 44 43.69 -9.78 -39.69
CA VAL K 44 44.52 -9.63 -40.90
C VAL K 44 46.00 -9.65 -40.50
N ASP K 54 33.80 -20.20 -47.57
CA ASP K 54 34.75 -20.35 -46.47
C ASP K 54 33.99 -20.44 -45.13
N ILE K 55 33.33 -21.58 -44.92
CA ILE K 55 32.58 -21.81 -43.69
C ILE K 55 33.50 -21.82 -42.47
N THR K 56 34.73 -22.34 -42.62
CA THR K 56 35.65 -22.46 -41.50
C THR K 56 36.28 -21.14 -41.12
N PHE K 57 36.25 -20.14 -42.01
CA PHE K 57 36.82 -18.83 -41.70
C PHE K 57 36.22 -18.27 -40.43
N ARG K 58 34.89 -18.28 -40.33
CA ARG K 58 34.19 -17.75 -39.17
C ARG K 58 33.96 -18.82 -38.11
N LYS K 59 33.43 -19.98 -38.49
CA LYS K 59 32.86 -20.88 -37.51
C LYS K 59 33.93 -21.29 -36.51
N LEU K 60 35.04 -21.83 -36.99
CA LEU K 60 36.06 -22.26 -36.05
C LEU K 60 37.02 -21.14 -35.68
N TYR K 61 37.48 -20.37 -36.66
CA TYR K 61 38.59 -19.48 -36.37
C TYR K 61 38.13 -18.24 -35.64
N LEU K 62 37.13 -17.55 -36.19
CA LEU K 62 36.64 -16.34 -35.54
C LEU K 62 36.16 -16.61 -34.12
N LYS K 63 35.62 -17.80 -33.86
CA LYS K 63 35.17 -18.11 -32.51
C LYS K 63 36.34 -18.24 -31.56
N ARG K 64 37.40 -18.95 -31.95
CA ARG K 64 38.54 -19.12 -31.08
C ARG K 64 39.12 -17.77 -30.68
N LYS K 65 39.32 -16.88 -31.66
CA LYS K 65 39.87 -15.57 -31.37
C LYS K 65 38.99 -14.82 -30.39
N LEU K 66 37.66 -14.90 -30.57
CA LEU K 66 36.76 -14.20 -29.67
C LEU K 66 36.73 -14.84 -28.29
N ILE K 67 36.92 -16.16 -28.22
CA ILE K 67 36.96 -16.79 -26.91
C ILE K 67 38.22 -16.38 -26.16
N TYR K 68 39.36 -16.32 -26.86
CA TYR K 68 40.60 -15.92 -26.19
C TYR K 68 40.47 -14.53 -25.59
N ASP K 69 39.75 -13.62 -26.24
CA ASP K 69 39.55 -12.28 -25.69
C ASP K 69 38.51 -12.27 -24.58
N ALA K 70 37.42 -13.03 -24.76
CA ALA K 70 36.36 -13.07 -23.75
C ALA K 70 36.86 -13.69 -22.46
N ALA K 71 37.67 -14.74 -22.55
CA ALA K 71 38.23 -15.34 -21.34
C ALA K 71 39.07 -14.33 -20.57
N VAL K 72 39.81 -13.48 -21.28
CA VAL K 72 40.59 -12.46 -20.61
C VAL K 72 39.66 -11.47 -19.91
N GLU K 73 38.65 -10.98 -20.62
CA GLU K 73 37.72 -10.03 -20.03
C GLU K 73 37.14 -10.60 -18.74
N GLY K 74 36.67 -11.84 -18.78
CA GLY K 74 36.12 -12.45 -17.59
C GLY K 74 37.14 -12.63 -16.48
N ASP K 75 38.43 -12.65 -16.83
CA ASP K 75 39.49 -12.80 -15.83
C ASP K 75 39.86 -11.48 -15.19
N LEU K 76 40.08 -10.44 -16.00
CA LEU K 76 40.42 -9.14 -15.46
C LEU K 76 39.26 -8.52 -14.71
N LEU K 77 38.03 -8.87 -15.08
CA LEU K 77 36.87 -8.39 -14.33
C LEU K 77 36.82 -9.03 -12.95
N LEU K 78 37.21 -10.28 -12.84
CA LEU K 78 37.28 -10.89 -11.52
C LEU K 78 38.32 -10.20 -10.65
N LYS K 79 39.46 -9.82 -11.24
CA LYS K 79 40.48 -9.12 -10.47
C LYS K 79 39.99 -7.73 -10.07
N LEU K 80 39.25 -7.07 -10.96
CA LEU K 80 38.69 -5.76 -10.64
C LEU K 80 37.77 -5.84 -9.43
N ASN K 81 37.02 -6.93 -9.31
CA ASN K 81 36.11 -7.13 -8.20
C ASN K 81 36.79 -7.79 -7.01
N ASN K 82 38.12 -7.64 -6.89
CA ASN K 82 38.87 -8.21 -5.75
C ASN K 82 38.63 -9.71 -5.62
N TYR K 83 38.58 -10.40 -6.76
CA TYR K 83 38.43 -11.86 -6.81
C TYR K 83 37.22 -12.34 -6.01
N ARG K 84 36.24 -11.45 -5.78
CA ARG K 84 35.00 -11.79 -5.10
C ARG K 84 33.98 -12.29 -6.12
N TYR K 85 33.41 -13.47 -5.85
CA TYR K 85 32.43 -14.11 -6.72
C TYR K 85 31.04 -13.74 -6.22
N ASN K 86 30.62 -12.54 -6.57
CA ASN K 86 29.34 -12.01 -6.10
C ASN K 86 28.49 -11.45 -7.23
N LYS K 87 27.38 -10.81 -6.86
CA LYS K 87 26.44 -10.32 -7.86
C LYS K 87 27.04 -9.17 -8.64
N ASP K 88 27.79 -8.30 -7.97
CA ASP K 88 28.45 -7.20 -8.66
C ASP K 88 29.33 -7.73 -9.78
N PHE K 89 29.95 -8.89 -9.58
CA PHE K 89 30.81 -9.47 -10.61
C PHE K 89 30.01 -10.02 -11.76
N CYS K 90 28.91 -10.71 -11.48
CA CYS K 90 28.12 -11.29 -12.58
C CYS K 90 27.66 -10.19 -13.53
N LYS K 91 27.27 -9.03 -13.01
CA LYS K 91 26.75 -7.97 -13.86
C LYS K 91 27.85 -7.36 -14.73
N ASP K 92 29.08 -7.24 -14.21
CA ASP K 92 30.19 -6.81 -15.05
C ASP K 92 30.39 -7.78 -16.21
N ILE K 93 30.19 -9.08 -15.94
CA ILE K 93 30.26 -10.08 -17.01
C ILE K 93 29.15 -9.85 -18.02
N ARG K 94 27.92 -9.70 -17.53
CA ARG K 94 26.77 -9.48 -18.40
C ARG K 94 26.97 -8.25 -19.28
N TRP K 95 27.48 -7.15 -18.70
CA TRP K 95 27.66 -5.92 -19.47
C TRP K 95 28.69 -6.11 -20.58
N SER K 96 29.79 -6.82 -20.29
CA SER K 96 30.85 -6.99 -21.28
C SER K 96 30.48 -8.01 -22.35
N LEU K 97 29.81 -9.10 -21.95
CA LEU K 97 29.29 -10.04 -22.95
C LEU K 97 28.37 -9.32 -23.93
N GLY K 98 27.56 -8.40 -23.42
CA GLY K 98 26.68 -7.65 -24.29
C GLY K 98 27.44 -6.81 -25.29
N ASP K 99 28.49 -6.13 -24.82
CA ASP K 99 29.33 -5.33 -25.71
C ASP K 99 30.00 -6.22 -26.74
N PHE K 100 30.47 -7.40 -26.34
CA PHE K 100 30.99 -8.35 -27.32
C PHE K 100 29.94 -8.65 -28.38
N GLY K 101 28.67 -8.78 -27.96
CA GLY K 101 27.63 -9.12 -28.90
C GLY K 101 27.32 -7.99 -29.86
N ASP K 102 27.12 -6.79 -29.34
CA ASP K 102 26.88 -5.65 -30.21
C ASP K 102 28.05 -5.45 -31.17
N ILE K 103 29.27 -5.82 -30.76
CA ILE K 103 30.40 -5.71 -31.68
C ILE K 103 30.25 -6.69 -32.84
N ILE K 104 29.86 -7.93 -32.56
CA ILE K 104 29.70 -8.91 -33.62
C ILE K 104 28.56 -8.51 -34.55
N MET K 105 27.48 -7.95 -34.00
CA MET K 105 26.28 -7.64 -34.75
C MET K 105 26.37 -6.28 -35.44
N GLY K 106 27.50 -5.60 -35.37
CA GLY K 106 27.57 -4.31 -36.01
C GLY K 106 26.82 -3.19 -35.33
N THR K 107 26.30 -3.43 -34.13
CA THR K 107 25.49 -2.44 -33.41
C THR K 107 26.27 -1.75 -32.32
N ASP K 108 27.56 -1.90 -32.32
CA ASP K 108 28.29 -1.26 -31.26
C ASP K 108 28.21 0.25 -31.42
N MET K 109 27.78 0.94 -30.37
CA MET K 109 27.43 2.37 -30.53
C MET K 109 28.66 3.24 -30.60
N GLU K 110 29.78 2.78 -30.00
CA GLU K 110 31.04 3.57 -29.88
C GLU K 110 31.71 3.83 -31.23
N GLY K 111 31.91 2.80 -32.06
CA GLY K 111 32.51 2.92 -33.40
C GLY K 111 33.77 3.79 -33.40
N ILE K 112 34.75 3.54 -32.53
CA ILE K 112 35.97 4.43 -32.50
C ILE K 112 37.27 3.61 -32.42
N GLY K 113 38.33 4.13 -33.05
CA GLY K 113 39.69 3.57 -33.06
C GLY K 113 39.69 2.09 -33.31
N TYR K 114 40.32 1.31 -32.44
CA TYR K 114 40.47 -0.12 -32.72
C TYR K 114 39.14 -0.79 -33.05
N SER K 115 38.02 -0.22 -32.59
CA SER K 115 36.73 -0.82 -32.85
C SER K 115 36.39 -0.78 -34.34
N LYS K 116 36.86 0.24 -35.08
CA LYS K 116 36.65 0.29 -36.52
C LYS K 116 37.38 -0.84 -37.24
N VAL K 117 38.56 -1.22 -36.73
CA VAL K 117 39.30 -2.30 -37.37
C VAL K 117 38.54 -3.61 -37.23
N VAL K 118 38.05 -3.90 -36.02
CA VAL K 118 37.32 -5.14 -35.80
C VAL K 118 36.09 -5.21 -36.68
N GLU K 119 35.38 -4.08 -36.81
CA GLU K 119 34.19 -4.03 -37.64
C GLU K 119 34.54 -4.41 -39.08
N ASN K 120 35.58 -3.80 -39.64
CA ASN K 120 35.99 -4.15 -41.00
C ASN K 120 36.42 -5.60 -41.08
N ASN K 121 37.04 -6.13 -40.03
CA ASN K 121 37.40 -7.55 -40.04
C ASN K 121 36.15 -8.42 -40.15
N LEU K 122 35.12 -8.08 -39.38
CA LEU K 122 33.89 -8.86 -39.46
C LEU K 122 33.22 -8.70 -40.80
N ARG K 123 33.25 -7.49 -41.37
CA ARG K 123 32.63 -7.24 -42.67
C ARG K 123 33.32 -8.02 -43.78
N SER K 124 34.64 -8.18 -43.70
CA SER K 124 35.35 -8.99 -44.69
C SER K 124 35.09 -10.47 -44.52
N ILE K 125 34.35 -10.88 -43.50
CA ILE K 125 34.02 -12.27 -43.27
C ILE K 125 32.57 -12.58 -43.64
N PHE K 126 31.63 -11.77 -43.15
CA PHE K 126 30.21 -12.01 -43.34
C PHE K 126 29.64 -11.30 -44.56
N GLY K 127 29.94 -10.02 -44.72
CA GLY K 127 29.44 -9.28 -45.85
C GLY K 127 29.23 -7.82 -45.49
N THR K 128 28.47 -7.13 -46.34
CA THR K 128 28.21 -5.72 -46.14
C THR K 128 26.76 -5.31 -46.27
N ASP K 129 25.87 -6.18 -46.75
CA ASP K 129 24.48 -5.81 -46.96
C ASP K 129 23.61 -6.15 -45.75
N GLU K 130 22.32 -5.85 -45.86
CA GLU K 130 21.37 -6.19 -44.80
C GLU K 130 21.44 -7.68 -44.47
N LYS K 131 21.52 -8.53 -45.48
CA LYS K 131 21.59 -9.97 -45.26
C LYS K 131 22.89 -10.39 -44.58
N ALA K 132 23.87 -9.49 -44.48
CA ALA K 132 25.09 -9.79 -43.74
C ALA K 132 24.90 -9.55 -42.24
N GLN K 133 24.20 -8.47 -41.87
CA GLN K 133 23.88 -8.26 -40.47
C GLN K 133 23.08 -9.43 -39.91
N GLN K 134 22.15 -9.96 -40.70
CA GLN K 134 21.37 -11.10 -40.25
C GLN K 134 22.27 -12.29 -39.96
N ARG K 135 23.17 -12.62 -40.88
CA ARG K 135 24.11 -13.71 -40.65
C ARG K 135 24.95 -13.49 -39.40
N ARG K 136 25.27 -12.23 -39.09
CA ARG K 136 26.04 -11.94 -37.89
C ARG K 136 25.21 -12.07 -36.62
N LYS K 137 23.96 -11.59 -36.65
CA LYS K 137 23.08 -11.81 -35.50
C LYS K 137 22.82 -13.30 -35.31
N GLN K 138 22.67 -14.03 -36.42
CA GLN K 138 22.49 -15.48 -36.33
C GLN K 138 23.74 -16.14 -35.76
N TRP K 139 24.91 -15.78 -36.26
CA TRP K 139 26.14 -16.34 -35.75
C TRP K 139 26.32 -16.03 -34.28
N TRP K 140 25.84 -14.87 -33.82
CA TRP K 140 25.98 -14.51 -32.41
C TRP K 140 25.07 -15.35 -31.53
N ASN K 141 23.85 -15.64 -31.96
CA ASN K 141 22.95 -16.42 -31.15
C ASN K 141 23.50 -17.82 -30.93
N GLU K 142 23.96 -18.46 -32.00
CA GLU K 142 24.47 -19.82 -31.92
C GLU K 142 25.89 -19.88 -31.37
N SER K 143 26.43 -18.76 -30.92
CA SER K 143 27.76 -18.73 -30.33
C SER K 143 27.84 -17.98 -29.00
N LYS K 144 26.83 -17.18 -28.65
CA LYS K 144 26.90 -16.38 -27.43
C LYS K 144 27.00 -17.24 -26.18
N ALA K 145 26.38 -18.43 -26.18
CA ALA K 145 26.46 -19.29 -25.01
C ALA K 145 27.90 -19.68 -24.74
N GLN K 146 28.62 -20.12 -25.77
CA GLN K 146 30.00 -20.55 -25.60
C GLN K 146 30.88 -19.39 -25.13
N ILE K 147 30.56 -18.17 -25.53
CA ILE K 147 31.33 -17.01 -25.10
C ILE K 147 31.10 -16.72 -23.63
N TRP K 148 29.89 -17.00 -23.12
CA TRP K 148 29.67 -16.77 -21.69
C TRP K 148 30.42 -17.80 -20.86
N THR K 149 30.41 -19.06 -21.29
CA THR K 149 31.21 -20.07 -20.59
C THR K 149 32.69 -19.70 -20.64
N ALA K 150 33.11 -18.96 -21.67
CA ALA K 150 34.51 -18.54 -21.75
C ALA K 150 34.79 -17.43 -20.75
N MET K 151 33.87 -16.47 -20.61
CA MET K 151 34.08 -15.43 -19.61
C MET K 151 34.05 -15.99 -18.19
N MET K 152 33.32 -17.07 -17.98
CA MET K 152 33.30 -17.72 -16.69
C MET K 152 34.49 -18.67 -16.49
N TYR K 153 35.48 -18.63 -17.40
CA TYR K 153 36.60 -19.56 -17.33
C TYR K 153 37.39 -19.41 -16.04
N SER K 154 37.98 -18.24 -15.82
CA SER K 154 38.86 -18.08 -14.67
C SER K 154 38.14 -18.37 -13.36
N VAL K 155 36.89 -17.92 -13.23
CA VAL K 155 36.17 -18.13 -11.99
C VAL K 155 35.91 -19.61 -11.72
N LYS K 156 35.95 -20.43 -12.76
CA LYS K 156 35.74 -21.86 -12.61
C LYS K 156 37.05 -22.64 -12.49
N LYS K 157 38.12 -22.22 -13.19
CA LYS K 157 39.43 -22.82 -12.96
C LYS K 157 39.86 -22.58 -11.51
N ARG K 158 39.83 -21.31 -11.10
CA ARG K 158 39.73 -20.98 -9.69
C ARG K 158 38.48 -21.67 -9.16
N LEU K 159 38.45 -21.97 -7.87
CA LEU K 159 37.35 -22.75 -7.30
C LEU K 159 37.09 -24.04 -8.10
N LYS K 160 38.06 -24.94 -8.09
CA LYS K 160 37.89 -26.25 -8.71
C LYS K 160 36.68 -26.90 -8.05
N GLY K 161 36.80 -27.23 -6.78
CA GLY K 161 35.65 -27.62 -6.01
C GLY K 161 34.88 -26.37 -5.65
N ASN K 162 33.83 -26.58 -4.85
CA ASN K 162 33.08 -25.48 -4.26
C ASN K 162 32.57 -24.50 -5.31
N PHE K 163 32.49 -24.92 -6.56
CA PHE K 163 32.04 -24.00 -7.60
C PHE K 163 30.53 -23.95 -7.66
N ILE K 164 30.01 -22.75 -7.87
CA ILE K 164 28.58 -22.49 -7.86
C ILE K 164 28.28 -21.56 -9.02
N TRP K 165 27.14 -21.80 -9.67
CA TRP K 165 26.68 -20.95 -10.76
C TRP K 165 25.94 -19.74 -10.16
N ILE K 166 26.72 -18.86 -9.54
CA ILE K 166 26.17 -17.60 -9.06
C ILE K 166 25.63 -16.79 -10.23
N CYS K 167 26.42 -16.67 -11.30
CA CYS K 167 25.98 -16.03 -12.52
C CYS K 167 25.25 -17.07 -13.37
N LYS K 168 24.12 -16.68 -13.93
CA LYS K 168 23.30 -17.57 -14.73
C LYS K 168 23.47 -17.27 -16.21
N LEU K 169 23.31 -18.32 -17.03
CA LEU K 169 23.62 -18.21 -18.45
C LEU K 169 22.54 -17.45 -19.20
N ASN K 170 21.30 -17.95 -19.15
CA ASN K 170 20.23 -17.34 -19.93
C ASN K 170 20.01 -15.88 -19.57
N VAL K 171 20.35 -15.49 -18.33
CA VAL K 171 20.14 -14.11 -17.93
C VAL K 171 21.14 -13.20 -18.63
N ALA K 172 22.31 -13.75 -19.02
CA ALA K 172 23.38 -13.00 -19.64
C ALA K 172 23.30 -12.95 -21.16
N VAL K 173 22.79 -14.00 -21.80
CA VAL K 173 22.67 -14.06 -23.25
C VAL K 173 21.31 -13.58 -23.76
N ASN K 174 20.49 -12.96 -22.91
CA ASN K 174 19.25 -12.33 -23.38
C ASN K 174 19.57 -11.05 -24.14
N ILE K 175 19.26 -11.02 -25.44
CA ILE K 175 19.57 -9.85 -26.25
C ILE K 175 18.74 -8.68 -25.77
N GLU K 176 19.38 -7.51 -25.67
CA GLU K 176 18.76 -6.27 -25.23
C GLU K 176 19.53 -5.14 -25.86
N PRO K 177 18.86 -4.08 -26.35
CA PRO K 177 19.61 -2.99 -27.00
C PRO K 177 20.69 -2.42 -26.09
N GLN K 178 21.86 -2.11 -26.69
CA GLN K 178 22.99 -1.64 -25.91
C GLN K 178 22.63 -0.47 -25.01
N ILE K 179 21.87 0.49 -25.52
CA ILE K 179 21.51 1.66 -24.71
C ILE K 179 20.80 1.24 -23.43
N TYR K 180 20.05 0.12 -23.47
CA TYR K 180 19.38 -0.36 -22.27
C TYR K 180 20.40 -0.82 -21.23
N ARG K 181 21.32 -1.69 -21.63
CA ARG K 181 22.27 -2.26 -20.68
C ARG K 181 23.19 -1.21 -20.07
N TRP K 182 23.38 -0.08 -20.75
CA TRP K 182 24.18 0.99 -20.17
C TRP K 182 23.40 1.81 -19.16
N ILE K 183 22.09 1.98 -19.38
CA ILE K 183 21.28 2.62 -18.35
C ILE K 183 21.26 1.75 -17.11
N ARG K 184 21.15 0.43 -17.31
CA ARG K 184 21.22 -0.47 -16.16
C ARG K 184 22.53 -0.28 -15.41
N GLU K 185 23.65 -0.36 -16.13
CA GLU K 185 24.96 -0.17 -15.53
C GLU K 185 25.14 1.24 -14.97
N TRP K 186 24.62 2.25 -15.69
CA TRP K 186 24.76 3.62 -15.21
C TRP K 186 24.06 3.78 -13.86
N GLY K 187 22.77 3.45 -13.82
CA GLY K 187 22.03 3.51 -12.58
C GLY K 187 22.63 2.61 -11.51
N ARG K 188 23.19 1.48 -11.92
CA ARG K 188 23.85 0.59 -10.98
C ARG K 188 25.05 1.28 -10.35
N ASP K 189 25.80 2.04 -11.17
CA ASP K 189 26.91 2.83 -10.64
C ASP K 189 26.43 4.03 -9.84
N TYR K 190 25.32 4.64 -10.25
CA TYR K 190 24.86 5.85 -9.59
C TYR K 190 24.52 5.60 -8.14
N VAL K 191 23.75 4.54 -7.86
CA VAL K 191 23.31 4.26 -6.50
C VAL K 191 24.46 3.88 -5.57
N SER K 192 25.58 3.41 -6.12
CA SER K 192 26.76 3.15 -5.30
C SER K 192 27.54 4.42 -5.00
N GLU K 193 27.55 5.38 -5.94
CA GLU K 193 28.31 6.61 -5.75
C GLU K 193 27.58 7.60 -4.85
N LEU K 194 26.26 7.52 -4.77
CA LEU K 194 25.52 8.56 -4.02
C LEU K 194 25.81 8.45 -2.55
N PRO K 195 25.73 7.30 -1.89
CA PRO K 195 26.00 7.26 -0.44
C PRO K 195 27.37 7.82 -0.09
N THR K 196 28.37 7.57 -0.95
CA THR K 196 29.72 8.06 -0.68
C THR K 196 29.75 9.58 -0.68
N GLU K 197 29.28 10.19 -1.77
CA GLU K 197 29.30 11.64 -1.89
C GLU K 197 28.41 12.32 -0.87
N VAL K 198 27.46 11.59 -0.27
CA VAL K 198 26.65 12.17 0.78
C VAL K 198 27.38 12.11 2.12
N GLN K 199 28.03 10.98 2.42
CA GLN K 199 28.76 10.87 3.68
C GLN K 199 29.90 11.88 3.73
N LYS K 200 30.58 12.10 2.60
CA LYS K 200 31.60 13.14 2.54
C LYS K 200 30.99 14.50 2.86
N LEU K 201 29.81 14.79 2.33
CA LEU K 201 29.14 16.06 2.62
C LEU K 201 28.76 16.17 4.09
N LYS K 202 28.27 15.07 4.67
CA LYS K 202 27.87 15.08 6.07
C LYS K 202 29.05 15.42 6.96
N GLU K 203 30.20 14.77 6.74
CA GLU K 203 31.34 14.98 7.62
C GLU K 203 31.72 16.45 7.73
N LYS K 204 31.75 17.16 6.60
CA LYS K 204 32.18 18.56 6.62
C LYS K 204 31.03 19.53 6.86
N CYS K 205 29.76 19.08 6.74
CA CYS K 205 28.62 19.97 6.83
C CYS K 205 27.57 19.59 7.88
N ASP K 206 27.61 18.39 8.44
CA ASP K 206 26.68 18.04 9.52
C ASP K 206 26.82 19.03 10.66
N GLY K 207 25.80 19.04 11.51
CA GLY K 207 25.78 19.93 12.65
C GLY K 207 25.50 21.37 12.29
N LYS K 208 25.19 22.12 13.34
CA LYS K 208 24.87 23.52 13.21
C LYS K 208 26.05 24.33 13.73
N ILE K 209 26.30 25.48 13.09
CA ILE K 209 27.53 26.19 13.37
C ILE K 209 27.46 26.86 14.75
N ASN K 210 26.55 27.82 14.92
CA ASN K 210 26.49 28.51 16.20
C ASN K 210 25.41 27.90 17.09
N TYR K 211 24.14 28.07 16.73
CA TYR K 211 23.06 27.31 17.36
C TYR K 211 21.97 26.87 16.40
N THR K 212 21.72 27.59 15.33
CA THR K 212 20.66 27.25 14.40
C THR K 212 21.04 27.45 12.94
N ASP K 213 22.21 28.00 12.63
CA ASP K 213 22.60 28.27 11.26
C ASP K 213 23.28 27.05 10.66
N LYS K 214 23.36 27.05 9.34
CA LYS K 214 24.00 25.96 8.61
C LYS K 214 25.48 26.25 8.42
N LYS K 215 26.28 25.17 8.41
CA LYS K 215 27.72 25.35 8.24
C LYS K 215 28.06 25.92 6.88
N VAL K 216 27.30 25.56 5.84
CA VAL K 216 27.63 26.02 4.50
C VAL K 216 27.50 27.53 4.39
N CYS K 217 26.75 28.15 5.31
CA CYS K 217 26.58 29.60 5.24
C CYS K 217 27.89 30.33 5.49
N LYS K 218 28.72 29.78 6.37
CA LYS K 218 29.95 30.44 6.80
C LYS K 218 31.18 29.56 6.69
N VAL K 219 31.05 28.26 6.93
CA VAL K 219 32.19 27.35 6.95
C VAL K 219 32.74 27.13 5.55
N PRO K 220 34.00 27.50 5.28
CA PRO K 220 34.57 27.26 3.94
C PRO K 220 34.75 25.77 3.66
N PRO K 221 35.27 24.99 4.61
CA PRO K 221 35.40 23.54 4.36
C PRO K 221 34.13 22.88 3.85
N CYS K 222 32.97 23.23 4.42
CA CYS K 222 31.71 22.70 3.92
C CYS K 222 31.36 23.31 2.57
N GLN K 223 31.56 24.62 2.42
CA GLN K 223 31.27 25.28 1.15
C GLN K 223 32.10 24.70 0.02
N ASN K 224 33.25 24.11 0.35
CA ASN K 224 34.10 23.52 -0.67
C ASN K 224 33.64 22.10 -1.00
N ALA K 225 33.34 21.30 0.03
CA ALA K 225 32.80 19.95 -0.18
C ALA K 225 31.49 20.00 -0.95
N CYS K 226 30.73 21.09 -0.81
CA CYS K 226 29.51 21.23 -1.58
C CYS K 226 29.81 21.39 -3.06
N LYS K 227 30.82 22.19 -3.40
CA LYS K 227 31.21 22.34 -4.80
C LYS K 227 31.74 21.02 -5.36
N SER K 228 32.22 20.12 -4.52
CA SER K 228 32.58 18.79 -4.98
C SER K 228 31.34 17.97 -5.30
N TYR K 229 30.36 17.97 -4.38
CA TYR K 229 29.10 17.30 -4.67
C TYR K 229 28.38 17.98 -5.82
N ASP K 230 28.38 19.31 -5.82
CA ASP K 230 27.75 20.03 -6.91
C ASP K 230 28.33 19.62 -8.25
N GLN K 231 29.65 19.39 -8.30
CA GLN K 231 30.27 18.95 -9.55
C GLN K 231 29.84 17.53 -9.92
N TRP K 232 29.75 16.64 -8.93
CA TRP K 232 29.42 15.26 -9.22
C TRP K 232 27.97 15.12 -9.67
N ILE K 233 27.04 15.69 -8.91
CA ILE K 233 25.63 15.52 -9.27
C ILE K 233 25.35 16.14 -10.61
N THR K 234 26.13 17.15 -11.00
CA THR K 234 25.94 17.74 -12.31
C THR K 234 26.46 16.81 -13.39
N ARG K 235 27.56 16.10 -13.13
CA ARG K 235 28.01 15.12 -14.10
C ARG K 235 27.00 13.97 -14.22
N LYS K 236 26.34 13.60 -13.12
CA LYS K 236 25.33 12.56 -13.22
C LYS K 236 24.09 13.04 -13.96
N LYS K 237 23.59 14.23 -13.61
CA LYS K 237 22.44 14.81 -14.30
C LYS K 237 22.67 14.86 -15.80
N ASN K 238 23.84 15.35 -16.21
CA ASN K 238 24.15 15.46 -17.64
C ASN K 238 24.27 14.07 -18.25
N GLN K 239 24.88 13.13 -17.54
CA GLN K 239 24.96 11.76 -18.04
C GLN K 239 23.57 11.14 -18.23
N TRP K 240 22.67 11.35 -17.26
CA TRP K 240 21.33 10.80 -17.39
C TRP K 240 20.62 11.39 -18.59
N ASP K 241 20.78 12.69 -18.81
CA ASP K 241 20.11 13.35 -19.93
C ASP K 241 20.53 12.75 -21.25
N VAL K 242 21.83 12.58 -21.45
CA VAL K 242 22.31 12.02 -22.71
C VAL K 242 21.81 10.59 -22.88
N LEU K 243 22.00 9.77 -21.86
CA LEU K 243 21.62 8.36 -21.98
C LEU K 243 20.12 8.24 -22.19
N SER K 244 19.33 9.10 -21.54
CA SER K 244 17.89 8.98 -21.67
C SER K 244 17.39 9.48 -23.01
N ASN K 245 18.04 10.49 -23.59
CA ASN K 245 17.68 10.90 -24.95
C ASN K 245 18.08 9.83 -25.96
N LYS K 246 19.28 9.25 -25.80
CA LYS K 246 19.69 8.17 -26.67
C LYS K 246 18.76 6.98 -26.56
N PHE K 247 18.20 6.74 -25.37
CA PHE K 247 17.20 5.68 -25.23
C PHE K 247 15.95 6.01 -26.04
N ILE K 248 15.50 7.26 -25.99
CA ILE K 248 14.31 7.64 -26.73
C ILE K 248 14.54 7.53 -28.23
N SER K 249 15.75 7.85 -28.69
CA SER K 249 16.06 7.76 -30.11
C SER K 249 15.98 6.33 -30.61
N VAL K 250 16.46 5.37 -29.81
CA VAL K 250 16.46 3.97 -30.22
C VAL K 250 15.05 3.40 -30.13
N LYS K 251 14.40 3.58 -28.98
CA LYS K 251 13.04 3.07 -28.81
C LYS K 251 12.13 3.56 -29.91
N ASN K 252 12.35 4.79 -30.40
CA ASN K 252 11.54 5.32 -31.50
C ASN K 252 11.88 4.66 -32.84
N ALA K 253 13.05 4.07 -32.98
CA ALA K 253 13.49 3.55 -34.27
C ALA K 253 13.45 2.03 -34.35
N GLU K 254 13.13 1.36 -33.26
CA GLU K 254 13.07 -0.10 -33.26
C GLU K 254 11.62 -0.55 -33.29
N LYS K 255 11.39 -1.65 -33.99
CA LYS K 255 10.04 -2.12 -34.24
C LYS K 255 9.53 -3.12 -33.21
N VAL K 256 10.32 -3.50 -32.21
CA VAL K 256 9.92 -4.53 -31.27
C VAL K 256 10.00 -3.94 -29.87
N GLN K 257 9.00 -4.26 -29.04
CA GLN K 257 8.85 -3.66 -27.72
C GLN K 257 9.31 -4.66 -26.66
N THR K 258 10.52 -4.47 -26.13
CA THR K 258 10.99 -5.19 -24.95
C THR K 258 9.96 -5.05 -23.82
N ALA K 259 9.16 -6.11 -23.59
CA ALA K 259 8.17 -6.21 -22.52
C ALA K 259 8.58 -5.46 -21.26
N GLY K 260 7.79 -4.45 -20.91
CA GLY K 260 7.92 -3.78 -19.64
C GLY K 260 8.87 -2.62 -19.61
N ILE K 261 9.28 -2.13 -20.78
CA ILE K 261 10.16 -0.98 -20.89
C ILE K 261 9.41 0.06 -21.71
N VAL K 262 9.11 1.19 -21.08
CA VAL K 262 8.42 2.28 -21.76
C VAL K 262 9.30 3.53 -21.68
N THR K 263 9.56 4.00 -20.48
CA THR K 263 10.44 5.14 -20.25
C THR K 263 11.81 4.66 -19.82
N PRO K 264 12.84 5.51 -19.94
CA PRO K 264 14.16 5.09 -19.47
C PRO K 264 14.19 4.86 -17.97
N TYR K 265 13.21 5.38 -17.23
CA TYR K 265 13.12 5.12 -15.80
C TYR K 265 12.62 3.70 -15.51
N ASP K 266 11.88 3.09 -16.43
CA ASP K 266 11.50 1.69 -16.24
C ASP K 266 12.74 0.80 -16.19
N ILE K 267 13.76 1.13 -16.98
CA ILE K 267 14.98 0.33 -16.96
C ILE K 267 15.63 0.42 -15.59
N LEU K 268 15.60 1.60 -14.98
CA LEU K 268 16.17 1.72 -13.64
C LEU K 268 15.30 0.98 -12.62
N LYS K 269 13.97 1.10 -12.72
CA LYS K 269 13.11 0.37 -11.81
C LYS K 269 13.41 -1.12 -11.86
N GLN K 270 13.67 -1.64 -13.06
CA GLN K 270 13.93 -3.07 -13.19
C GLN K 270 15.25 -3.46 -12.54
N GLU K 271 16.28 -2.65 -12.71
CA GLU K 271 17.63 -3.03 -12.31
C GLU K 271 17.93 -2.69 -10.87
N LEU K 272 17.33 -1.66 -10.32
CA LEU K 272 17.69 -1.19 -8.99
C LEU K 272 16.64 -1.61 -7.98
N ASP K 273 17.10 -1.97 -6.79
CA ASP K 273 16.20 -2.39 -5.72
C ASP K 273 15.69 -1.16 -4.97
N GLU K 274 14.38 -1.14 -4.73
CA GLU K 274 13.76 -0.05 -4.00
C GLU K 274 14.04 1.30 -4.67
N PHE K 275 13.99 1.32 -6.00
CA PHE K 275 14.23 2.55 -6.74
C PHE K 275 13.03 3.47 -6.57
N ASN K 276 13.24 4.60 -5.88
CA ASN K 276 12.20 5.59 -5.67
C ASN K 276 12.48 6.76 -6.62
N GLU K 277 11.93 6.68 -7.83
CA GLU K 277 12.24 7.67 -8.86
C GLU K 277 11.87 9.09 -8.43
N VAL K 278 11.01 9.22 -7.42
CA VAL K 278 10.67 10.55 -6.91
C VAL K 278 11.93 11.25 -6.42
N ALA K 279 12.72 10.54 -5.62
CA ALA K 279 13.97 11.11 -5.12
C ALA K 279 15.00 11.20 -6.24
N PHE K 280 15.07 10.19 -7.10
CA PHE K 280 16.03 10.22 -8.19
C PHE K 280 15.89 11.50 -8.99
N GLU K 281 14.66 11.87 -9.36
CA GLU K 281 14.46 13.13 -10.07
C GLU K 281 14.91 14.31 -9.25
N ASN K 282 14.64 14.29 -7.94
CA ASN K 282 15.04 15.41 -7.09
C ASN K 282 16.55 15.42 -6.88
N GLU K 283 17.15 14.25 -6.70
CA GLU K 283 18.57 14.19 -6.40
C GLU K 283 19.39 14.80 -7.52
N ILE K 284 19.14 14.39 -8.77
CA ILE K 284 19.96 14.89 -9.86
C ILE K 284 19.65 16.34 -10.20
N ASN K 285 18.56 16.88 -9.65
CA ASN K 285 18.18 18.27 -9.86
C ASN K 285 18.44 19.16 -8.65
N LYS K 286 19.21 18.64 -7.68
CA LYS K 286 19.63 19.41 -6.51
C LYS K 286 18.44 19.98 -5.76
N ARG K 287 17.32 19.28 -5.76
CA ARG K 287 16.15 19.70 -4.99
C ARG K 287 15.69 18.63 -4.01
N ASP K 288 16.53 17.65 -3.70
CA ASP K 288 16.19 16.65 -2.71
C ASP K 288 16.30 17.25 -1.30
N GLY K 289 16.01 16.44 -0.30
CA GLY K 289 16.00 16.90 1.06
C GLY K 289 17.37 17.10 1.70
N ALA K 290 18.23 16.08 1.62
CA ALA K 290 19.52 16.15 2.30
C ALA K 290 20.36 17.29 1.75
N TYR K 291 20.32 17.52 0.44
CA TYR K 291 21.16 18.54 -0.17
C TYR K 291 20.81 19.92 0.34
N ILE K 292 19.52 20.20 0.54
CA ILE K 292 19.14 21.52 1.02
C ILE K 292 19.62 21.71 2.45
N GLU K 293 19.51 20.67 3.28
CA GLU K 293 19.90 20.79 4.68
C GLU K 293 21.40 21.00 4.86
N LEU K 294 22.20 20.68 3.83
CA LEU K 294 23.66 20.69 3.98
C LEU K 294 24.37 21.74 3.14
N CYS K 295 23.87 22.07 1.95
CA CYS K 295 24.62 22.94 1.06
C CYS K 295 23.86 24.16 0.59
N VAL K 296 22.64 24.38 1.06
CA VAL K 296 21.85 25.52 0.65
C VAL K 296 21.60 26.38 1.89
N CYS K 297 22.11 27.60 1.87
CA CYS K 297 21.92 28.47 3.02
C CYS K 297 20.57 29.18 2.94
N SER K 298 20.30 29.86 1.83
CA SER K 298 19.04 30.57 1.65
C SER K 298 18.78 30.86 0.17
N GLN L 5 37.43 -30.30 -3.58
CA GLN L 5 37.80 -31.70 -3.70
C GLN L 5 37.24 -32.27 -5.00
N VAL L 6 38.12 -32.54 -5.97
CA VAL L 6 37.73 -33.10 -7.26
C VAL L 6 38.82 -34.09 -7.67
N GLN L 7 38.50 -35.38 -7.63
CA GLN L 7 39.47 -36.44 -7.85
C GLN L 7 39.22 -37.15 -9.17
N LEU L 8 40.28 -37.72 -9.74
CA LEU L 8 40.19 -38.58 -10.92
C LEU L 8 40.84 -39.91 -10.57
N VAL L 9 40.08 -40.99 -10.71
CA VAL L 9 40.54 -42.33 -10.33
C VAL L 9 40.47 -43.21 -11.57
N GLN L 10 41.59 -43.84 -11.91
CA GLN L 10 41.66 -44.71 -13.07
C GLN L 10 41.70 -46.17 -12.65
N SER L 11 41.59 -47.04 -13.65
CA SER L 11 41.60 -48.48 -13.42
C SER L 11 43.03 -48.98 -13.21
N GLY L 12 43.13 -50.27 -12.88
CA GLY L 12 44.42 -50.87 -12.60
C GLY L 12 45.27 -51.07 -13.84
N ALA L 13 46.51 -51.50 -13.60
CA ALA L 13 47.45 -51.74 -14.68
C ALA L 13 46.98 -52.94 -15.50
N GLU L 14 47.21 -52.87 -16.81
CA GLU L 14 46.80 -53.94 -17.72
C GLU L 14 47.97 -54.33 -18.61
N VAL L 15 48.00 -55.61 -18.99
CA VAL L 15 49.00 -56.17 -19.88
C VAL L 15 48.29 -56.87 -21.02
N LYS L 16 48.65 -56.54 -22.26
CA LYS L 16 47.97 -57.06 -23.43
C LYS L 16 48.99 -57.55 -24.46
N LYS L 17 48.50 -58.39 -25.39
CA LYS L 17 49.24 -59.00 -26.50
C LYS L 17 49.09 -58.17 -27.77
N PRO L 18 50.17 -57.99 -28.55
CA PRO L 18 50.10 -57.13 -29.74
C PRO L 18 48.91 -57.44 -30.63
N GLY L 19 48.10 -56.42 -30.89
CA GLY L 19 46.93 -56.52 -31.72
C GLY L 19 45.62 -56.51 -30.95
N ALA L 20 45.65 -56.71 -29.64
CA ALA L 20 44.44 -56.74 -28.85
C ALA L 20 43.98 -55.31 -28.56
N SER L 21 43.00 -55.16 -27.66
CA SER L 21 42.47 -53.85 -27.30
C SER L 21 42.56 -53.67 -25.78
N VAL L 22 42.43 -52.41 -25.37
CA VAL L 22 42.49 -52.05 -23.96
C VAL L 22 41.57 -50.86 -23.73
N LYS L 23 40.79 -50.93 -22.64
CA LYS L 23 39.89 -49.86 -22.24
C LYS L 23 40.20 -49.50 -20.80
N VAL L 24 40.49 -48.24 -20.55
CA VAL L 24 40.84 -47.74 -19.22
C VAL L 24 39.71 -46.85 -18.74
N SER L 25 39.36 -46.98 -17.46
CA SER L 25 38.30 -46.18 -16.87
C SER L 25 38.89 -44.96 -16.18
N CYS L 26 38.02 -43.99 -15.90
CA CYS L 26 38.43 -42.74 -15.24
C CYS L 26 37.19 -42.15 -14.58
N LYS L 27 37.11 -42.23 -13.26
CA LYS L 27 35.92 -41.82 -12.53
C LYS L 27 36.15 -40.47 -11.85
N VAL L 28 35.13 -39.59 -11.90
CA VAL L 28 35.18 -38.30 -11.23
C VAL L 28 34.54 -38.43 -9.86
N SER L 29 35.04 -37.65 -8.91
CA SER L 29 34.58 -37.72 -7.52
C SER L 29 34.61 -36.30 -6.95
N GLY L 30 33.47 -35.63 -6.98
CA GLY L 30 33.38 -34.32 -6.36
C GLY L 30 32.87 -33.23 -7.28
N TYR L 31 32.41 -33.60 -8.46
CA TYR L 31 31.82 -32.64 -9.39
C TYR L 31 31.17 -33.39 -10.54
N THR L 32 30.06 -32.83 -11.04
CA THR L 32 29.29 -33.50 -12.08
C THR L 32 30.12 -33.63 -13.34
N LEU L 33 30.30 -34.87 -13.81
CA LEU L 33 31.04 -35.08 -15.05
C LEU L 33 30.43 -34.29 -16.20
N THR L 34 29.15 -33.98 -16.11
CA THR L 34 28.43 -33.46 -17.26
C THR L 34 28.97 -32.13 -17.78
N GLU L 35 29.98 -31.55 -17.13
CA GLU L 35 30.51 -30.25 -17.55
C GLU L 35 31.95 -30.28 -18.05
N LEU L 36 32.67 -31.38 -17.84
CA LEU L 36 34.10 -31.45 -18.17
C LEU L 36 34.31 -32.01 -19.57
N SER L 37 35.53 -31.85 -20.08
CA SER L 37 35.94 -32.30 -21.40
C SER L 37 36.74 -33.61 -21.37
N MET L 38 37.65 -33.81 -20.39
CA MET L 38 38.27 -35.12 -20.17
C MET L 38 39.06 -35.60 -21.40
N HIS L 39 40.16 -34.90 -21.68
CA HIS L 39 41.13 -35.36 -22.68
C HIS L 39 41.97 -36.51 -22.13
N TRP L 40 42.86 -37.04 -22.98
CA TRP L 40 43.75 -38.15 -22.60
C TRP L 40 45.14 -37.91 -23.17
N VAL L 41 46.16 -38.14 -22.35
CA VAL L 41 47.55 -38.07 -22.78
C VAL L 41 48.30 -39.26 -22.22
N ARG L 42 49.34 -39.68 -22.92
CA ARG L 42 50.15 -40.81 -22.52
C ARG L 42 51.61 -40.37 -22.44
N GLN L 43 52.42 -41.21 -21.81
CA GLN L 43 53.86 -40.98 -21.75
C GLN L 43 54.58 -42.32 -21.65
N ALA L 44 55.38 -42.65 -22.66
CA ALA L 44 56.23 -43.83 -22.60
C ALA L 44 57.37 -43.61 -21.60
N PRO L 45 57.97 -44.69 -21.08
CA PRO L 45 59.04 -44.50 -20.10
C PRO L 45 60.15 -43.59 -20.61
N GLY L 46 60.62 -43.80 -21.84
CA GLY L 46 61.69 -43.01 -22.39
C GLY L 46 61.23 -41.73 -23.05
N LYS L 47 60.07 -41.78 -23.70
CA LYS L 47 59.59 -40.63 -24.45
C LYS L 47 58.93 -39.64 -23.48
N GLY L 48 58.39 -38.56 -24.05
CA GLY L 48 57.77 -37.51 -23.29
C GLY L 48 56.26 -37.58 -23.34
N LEU L 49 55.62 -36.46 -23.00
CA LEU L 49 54.16 -36.39 -23.02
C LEU L 49 53.65 -36.27 -24.44
N GLU L 50 52.57 -36.99 -24.75
CA GLU L 50 51.93 -36.96 -26.05
C GLU L 50 50.42 -36.92 -25.85
N TRP L 51 49.75 -36.10 -26.64
CA TRP L 51 48.31 -35.93 -26.56
C TRP L 51 47.63 -36.84 -27.57
N MET L 52 46.63 -37.61 -27.12
CA MET L 52 45.95 -38.57 -27.97
C MET L 52 44.61 -38.03 -28.48
N GLY L 53 43.73 -37.61 -27.57
CA GLY L 53 42.44 -37.09 -27.97
C GLY L 53 41.70 -36.52 -26.78
N GLY L 54 40.43 -36.19 -27.01
CA GLY L 54 39.60 -35.64 -25.96
C GLY L 54 38.19 -35.39 -26.45
N PHE L 55 37.31 -35.08 -25.48
CA PHE L 55 35.89 -34.82 -25.72
C PHE L 55 35.65 -33.31 -25.51
N ASP L 56 35.48 -32.58 -26.60
CA ASP L 56 35.24 -31.13 -26.52
C ASP L 56 33.77 -30.92 -26.20
N ARG L 57 33.45 -30.83 -24.90
CA ARG L 57 32.05 -30.88 -24.47
C ARG L 57 31.25 -29.70 -25.00
N GLU L 58 31.87 -28.53 -25.09
CA GLU L 58 31.13 -27.37 -25.59
C GLU L 58 30.54 -27.65 -26.97
N ASP L 59 31.16 -28.55 -27.72
CA ASP L 59 30.72 -28.86 -29.07
C ASP L 59 30.37 -30.33 -29.28
N GLY L 60 30.50 -31.17 -28.26
CA GLY L 60 30.47 -32.60 -28.52
C GLY L 60 31.58 -32.97 -29.48
N GLU L 61 31.39 -34.07 -30.20
CA GLU L 61 32.23 -34.41 -31.34
C GLU L 61 33.71 -34.48 -30.93
N SER L 62 34.02 -35.51 -30.15
CA SER L 62 35.38 -35.71 -29.67
C SER L 62 36.40 -35.56 -30.79
N ILE L 63 37.60 -35.12 -30.41
CA ILE L 63 38.70 -34.88 -31.34
C ILE L 63 39.88 -35.75 -30.96
N TYR L 64 40.65 -36.13 -31.97
CA TYR L 64 41.82 -36.97 -31.76
C TYR L 64 43.04 -36.37 -32.46
N ALA L 65 44.18 -36.87 -32.09
CA ALA L 65 45.40 -36.46 -32.78
C ALA L 65 45.46 -37.05 -34.21
N GLN L 66 46.58 -36.99 -34.92
CA GLN L 66 46.56 -37.43 -36.31
C GLN L 66 46.74 -38.95 -36.56
N LYS L 67 47.89 -39.49 -36.20
CA LYS L 67 48.13 -40.91 -36.40
C LYS L 67 47.64 -41.71 -35.21
N PHE L 68 46.42 -41.37 -34.78
CA PHE L 68 45.70 -42.12 -33.77
C PHE L 68 44.24 -42.32 -34.18
N GLN L 69 43.79 -41.83 -35.37
CA GLN L 69 42.34 -41.68 -35.61
C GLN L 69 41.70 -42.99 -35.86
N GLY L 70 42.53 -43.94 -35.86
CA GLY L 70 42.02 -45.20 -36.16
C GLY L 70 42.25 -46.25 -35.11
N ARG L 71 42.52 -45.74 -33.92
CA ARG L 71 42.86 -46.52 -32.78
C ARG L 71 42.15 -46.09 -31.53
N VAL L 72 41.61 -44.87 -31.43
CA VAL L 72 41.03 -44.40 -30.18
C VAL L 72 39.54 -44.13 -30.37
N THR L 73 38.74 -44.49 -29.37
CA THR L 73 37.30 -44.23 -29.34
C THR L 73 36.88 -43.95 -27.91
N LEU L 74 36.33 -42.76 -27.68
CA LEU L 74 35.96 -42.33 -26.33
C LEU L 74 34.48 -42.58 -26.08
N THR L 75 34.18 -43.25 -24.97
CA THR L 75 32.82 -43.52 -24.54
C THR L 75 32.60 -42.99 -23.14
N GLU L 76 31.35 -43.03 -22.68
CA GLU L 76 31.00 -42.47 -21.38
C GLU L 76 29.84 -43.25 -20.76
N ASP L 77 29.75 -43.18 -19.44
CA ASP L 77 28.67 -43.84 -18.70
C ASP L 77 28.33 -42.91 -17.53
N THR L 78 27.22 -42.18 -17.65
CA THR L 78 26.87 -41.19 -16.65
C THR L 78 26.52 -41.82 -15.31
N SER L 79 26.05 -43.07 -15.33
CA SER L 79 25.67 -43.73 -14.09
C SER L 79 26.89 -43.96 -13.20
N THR L 80 27.98 -44.50 -13.76
CA THR L 80 29.20 -44.76 -13.01
C THR L 80 30.07 -43.52 -12.85
N ASP L 81 29.68 -42.38 -13.43
CA ASP L 81 30.43 -41.14 -13.30
C ASP L 81 31.89 -41.32 -13.75
N SER L 82 32.08 -41.88 -14.94
CA SER L 82 33.42 -42.18 -15.42
C SER L 82 33.46 -42.10 -16.94
N VAL L 83 34.69 -42.05 -17.47
CA VAL L 83 34.95 -41.96 -18.90
C VAL L 83 35.80 -43.16 -19.30
N TYR L 84 35.71 -43.56 -20.56
CA TYR L 84 36.44 -44.71 -21.06
C TYR L 84 37.14 -44.35 -22.37
N MET L 85 38.35 -44.87 -22.55
CA MET L 85 39.12 -44.70 -23.76
C MET L 85 39.65 -46.06 -24.20
N GLU L 86 39.36 -46.44 -25.45
CA GLU L 86 39.72 -47.75 -25.99
C GLU L 86 40.79 -47.61 -27.06
N LEU L 87 41.80 -48.48 -27.01
CA LEU L 87 42.88 -48.48 -27.98
C LEU L 87 42.90 -49.82 -28.70
N SER L 88 42.82 -49.78 -30.03
CA SER L 88 42.82 -50.96 -30.88
C SER L 88 44.12 -51.04 -31.66
N ASN L 89 44.38 -52.23 -32.22
CA ASN L 89 45.60 -52.49 -32.97
C ASN L 89 46.82 -52.14 -32.12
N LEU L 90 46.91 -52.79 -30.96
CA LEU L 90 47.98 -52.50 -30.01
C LEU L 90 49.34 -52.87 -30.58
N ARG L 91 50.18 -51.89 -30.83
CA ARG L 91 51.55 -52.14 -31.25
C ARG L 91 52.47 -52.27 -30.04
N SER L 92 53.68 -52.76 -30.29
CA SER L 92 54.64 -52.95 -29.22
C SER L 92 55.09 -51.62 -28.63
N ASP L 93 55.19 -50.59 -29.46
CA ASP L 93 55.63 -49.29 -29.01
C ASP L 93 54.54 -48.48 -28.32
N ASP L 94 53.32 -49.03 -28.20
CA ASP L 94 52.25 -48.37 -27.46
C ASP L 94 52.39 -48.58 -25.95
N THR L 95 53.48 -49.21 -25.51
CA THR L 95 53.75 -49.39 -24.09
C THR L 95 54.06 -48.04 -23.45
N ALA L 96 53.20 -47.62 -22.54
CA ALA L 96 53.35 -46.33 -21.87
C ALA L 96 52.35 -46.24 -20.72
N VAL L 97 52.31 -45.06 -20.09
CA VAL L 97 51.36 -44.75 -19.03
C VAL L 97 50.35 -43.74 -19.57
N TYR L 98 49.07 -44.03 -19.37
CA TYR L 98 47.98 -43.26 -19.95
C TYR L 98 47.27 -42.49 -18.85
N PHE L 99 47.05 -41.19 -19.07
CA PHE L 99 46.41 -40.34 -18.09
C PHE L 99 45.08 -39.80 -18.60
N CYS L 100 44.16 -39.51 -17.68
CA CYS L 100 42.97 -38.72 -17.98
C CYS L 100 43.02 -37.42 -17.20
N ALA L 101 42.82 -36.30 -17.89
CA ALA L 101 42.89 -34.98 -17.29
C ALA L 101 41.92 -34.06 -18.01
N THR L 102 41.47 -33.04 -17.29
CA THR L 102 40.60 -32.00 -17.82
C THR L 102 41.13 -30.62 -17.43
N ASP L 103 40.72 -29.62 -18.22
CA ASP L 103 41.04 -28.22 -17.88
C ASP L 103 40.17 -27.70 -16.74
N PHE L 104 38.88 -28.01 -16.74
CA PHE L 104 37.96 -27.61 -15.68
C PHE L 104 37.65 -26.12 -15.78
N GLY L 105 38.41 -25.41 -16.59
CA GLY L 105 38.21 -23.99 -16.64
C GLY L 105 37.09 -23.67 -17.59
N GLY L 106 37.17 -24.26 -18.77
CA GLY L 106 36.22 -23.99 -19.83
C GLY L 106 36.35 -25.09 -20.84
N SER L 107 36.17 -24.76 -22.12
CA SER L 107 36.20 -25.80 -23.13
C SER L 107 37.30 -25.61 -24.16
N TYR L 108 37.36 -24.45 -24.78
CA TYR L 108 38.31 -24.23 -25.85
C TYR L 108 39.74 -24.02 -25.34
N PHE L 109 39.97 -24.22 -24.05
CA PHE L 109 41.30 -24.16 -23.45
C PHE L 109 41.71 -25.56 -23.00
N TYR L 110 43.02 -25.79 -23.02
CA TYR L 110 43.59 -27.08 -22.71
C TYR L 110 44.64 -26.98 -21.61
N ALA L 111 44.49 -25.99 -20.67
CA ALA L 111 45.38 -25.78 -19.49
C ALA L 111 44.93 -26.87 -18.50
N PHE L 112 45.26 -28.12 -18.82
CA PHE L 112 44.80 -29.25 -18.02
C PHE L 112 45.09 -29.03 -16.52
N ASP L 113 44.04 -29.10 -15.69
CA ASP L 113 44.08 -28.76 -14.27
C ASP L 113 44.04 -29.97 -13.36
N ILE L 114 43.18 -30.94 -13.66
CA ILE L 114 42.99 -32.11 -12.82
C ILE L 114 43.44 -33.34 -13.59
N TRP L 115 44.33 -34.13 -12.98
CA TRP L 115 44.88 -35.32 -13.60
C TRP L 115 44.51 -36.56 -12.78
N GLY L 116 44.51 -37.71 -13.45
CA GLY L 116 44.37 -38.98 -12.77
C GLY L 116 45.75 -39.53 -12.38
N GLN L 117 45.73 -40.70 -11.74
CA GLN L 117 46.98 -41.28 -11.29
C GLN L 117 47.69 -42.07 -12.37
N GLY L 118 47.04 -42.34 -13.49
CA GLY L 118 47.68 -43.03 -14.60
C GLY L 118 47.36 -44.51 -14.63
N THR L 119 47.62 -45.12 -15.78
CA THR L 119 47.42 -46.56 -15.98
C THR L 119 48.57 -47.07 -16.83
N MET L 120 49.37 -47.98 -16.29
CA MET L 120 50.48 -48.55 -17.03
C MET L 120 49.98 -49.68 -17.93
N VAL L 121 50.27 -49.58 -19.23
CA VAL L 121 49.91 -50.59 -20.20
C VAL L 121 51.21 -51.11 -20.83
N THR L 122 51.41 -52.41 -20.74
CA THR L 122 52.61 -53.06 -21.26
C THR L 122 52.21 -54.07 -22.32
N VAL L 123 52.97 -54.10 -23.41
CA VAL L 123 52.69 -55.00 -24.52
C VAL L 123 53.67 -56.17 -24.51
N GLN L 141 58.54 -36.77 -33.71
CA GLN L 141 58.44 -36.20 -32.36
C GLN L 141 57.30 -35.19 -32.35
N SER L 142 57.52 -33.99 -31.85
CA SER L 142 56.45 -33.03 -31.66
C SER L 142 56.76 -31.71 -32.38
N VAL L 143 55.70 -30.92 -32.59
CA VAL L 143 55.83 -29.63 -33.27
C VAL L 143 56.60 -28.64 -32.40
N LEU L 144 56.33 -28.63 -31.10
CA LEU L 144 57.05 -27.76 -30.18
C LEU L 144 58.36 -28.41 -29.78
N THR L 145 59.42 -27.60 -29.78
CA THR L 145 60.78 -28.08 -29.49
C THR L 145 61.31 -27.34 -28.28
N GLN L 146 61.70 -28.09 -27.25
CA GLN L 146 62.26 -27.52 -26.05
C GLN L 146 63.76 -27.82 -25.98
N SER L 147 64.46 -27.07 -25.14
CA SER L 147 65.88 -27.34 -24.92
C SER L 147 66.04 -28.76 -24.39
N PRO L 148 67.07 -29.50 -24.81
CA PRO L 148 67.19 -30.89 -24.35
C PRO L 148 67.30 -31.00 -22.83
N SER L 149 67.87 -29.99 -22.18
CA SER L 149 68.06 -29.99 -20.73
C SER L 149 68.52 -28.61 -20.29
N ALA L 150 68.37 -28.35 -19.00
CA ALA L 150 68.84 -27.11 -18.37
C ALA L 150 69.47 -27.47 -17.04
N SER L 151 70.17 -26.51 -16.44
CA SER L 151 70.84 -26.79 -15.18
C SER L 151 71.03 -25.49 -14.40
N GLY L 152 70.76 -25.57 -13.09
CA GLY L 152 70.94 -24.43 -12.21
C GLY L 152 71.29 -24.91 -10.81
N THR L 153 71.62 -23.94 -9.96
CA THR L 153 71.99 -24.21 -8.58
C THR L 153 70.99 -23.54 -7.64
N PRO L 154 70.77 -24.09 -6.44
CA PRO L 154 69.75 -23.53 -5.54
C PRO L 154 69.85 -22.02 -5.41
N GLY L 155 68.80 -21.33 -5.85
CA GLY L 155 68.67 -19.90 -5.67
C GLY L 155 68.91 -19.07 -6.91
N GLN L 156 69.01 -19.68 -8.08
CA GLN L 156 69.33 -18.94 -9.29
C GLN L 156 68.14 -18.95 -10.24
N ARG L 157 68.19 -18.07 -11.24
CA ARG L 157 67.18 -18.03 -12.27
C ARG L 157 67.57 -18.98 -13.40
N VAL L 158 66.63 -19.82 -13.80
CA VAL L 158 66.78 -20.67 -14.97
C VAL L 158 65.61 -20.37 -15.90
N THR L 159 65.82 -20.59 -17.19
CA THR L 159 64.81 -20.22 -18.20
C THR L 159 64.71 -21.35 -19.22
N ILE L 160 63.64 -22.13 -19.12
CA ILE L 160 63.33 -23.16 -20.11
C ILE L 160 62.55 -22.49 -21.23
N SER L 161 62.93 -22.77 -22.48
CA SER L 161 62.32 -22.10 -23.62
C SER L 161 61.57 -23.12 -24.47
N CYS L 162 60.51 -22.63 -25.12
CA CYS L 162 59.66 -23.42 -26.00
C CYS L 162 59.59 -22.71 -27.35
N SER L 163 59.77 -23.45 -28.43
CA SER L 163 59.79 -22.85 -29.76
C SER L 163 58.98 -23.71 -30.71
N GLY L 164 58.07 -23.07 -31.45
CA GLY L 164 57.22 -23.77 -32.40
C GLY L 164 56.81 -22.83 -33.51
N SER L 165 56.00 -23.37 -34.43
CA SER L 165 55.55 -22.58 -35.57
C SER L 165 54.55 -21.52 -35.10
N SER L 166 54.22 -20.60 -36.01
CA SER L 166 53.31 -19.51 -35.71
C SER L 166 51.86 -19.94 -35.66
N SER L 167 51.57 -21.19 -36.03
CA SER L 167 50.21 -21.70 -36.01
C SER L 167 49.84 -22.35 -34.68
N ASN L 168 50.80 -22.54 -33.77
CA ASN L 168 50.51 -23.11 -32.46
C ASN L 168 50.80 -22.15 -31.32
N ILE L 169 52.01 -21.58 -31.26
CA ILE L 169 52.32 -20.64 -30.18
C ILE L 169 52.05 -19.19 -30.58
N GLY L 170 52.10 -18.87 -31.88
CA GLY L 170 51.96 -17.48 -32.28
C GLY L 170 50.59 -16.92 -31.98
N ARG L 171 49.54 -17.68 -32.28
CA ARG L 171 48.16 -17.19 -32.20
C ARG L 171 47.33 -17.95 -31.18
N ASN L 172 47.95 -18.69 -30.28
CA ASN L 172 47.22 -19.43 -29.26
C ASN L 172 48.01 -19.34 -27.95
N PRO L 173 47.32 -19.55 -26.83
CA PRO L 173 48.02 -19.48 -25.54
C PRO L 173 48.84 -20.73 -25.26
N VAL L 174 49.79 -20.57 -24.34
CA VAL L 174 50.75 -21.61 -24.00
C VAL L 174 50.59 -21.98 -22.53
N ASN L 175 50.91 -23.22 -22.21
CA ASN L 175 50.84 -23.75 -20.85
C ASN L 175 52.18 -24.42 -20.51
N TRP L 176 52.36 -24.70 -19.22
CA TRP L 176 53.56 -25.37 -18.75
C TRP L 176 53.18 -26.43 -17.72
N PHE L 177 53.98 -27.50 -17.66
CA PHE L 177 53.69 -28.61 -16.76
C PHE L 177 54.96 -29.05 -16.07
N GLN L 178 54.83 -29.43 -14.79
CA GLN L 178 55.92 -29.99 -14.00
C GLN L 178 55.57 -31.45 -13.69
N HIS L 179 56.13 -32.37 -14.45
CA HIS L 179 55.84 -33.79 -14.31
C HIS L 179 56.99 -34.46 -13.56
N LEU L 180 56.69 -35.03 -12.39
CA LEU L 180 57.68 -35.81 -11.65
C LEU L 180 57.42 -37.29 -11.92
N PRO L 181 58.28 -37.99 -12.65
CA PRO L 181 58.00 -39.40 -12.98
C PRO L 181 57.65 -40.22 -11.74
N GLY L 182 56.56 -40.99 -11.85
CA GLY L 182 56.01 -41.72 -10.72
C GLY L 182 54.67 -41.18 -10.27
N THR L 183 54.54 -39.86 -10.29
CA THR L 183 53.31 -39.16 -9.96
C THR L 183 52.74 -38.48 -11.21
N ALA L 184 51.55 -37.91 -11.06
CA ALA L 184 50.88 -37.29 -12.19
C ALA L 184 51.37 -35.86 -12.40
N PRO L 185 51.34 -35.37 -13.63
CA PRO L 185 51.74 -33.97 -13.89
C PRO L 185 50.88 -33.00 -13.10
N GLN L 186 51.36 -31.77 -13.02
CA GLN L 186 50.63 -30.71 -12.35
C GLN L 186 50.65 -29.47 -13.23
N LEU L 187 49.54 -28.76 -13.28
CA LEU L 187 49.46 -27.53 -14.06
C LEU L 187 50.36 -26.49 -13.43
N LEU L 188 51.21 -25.87 -14.23
CA LEU L 188 52.17 -24.91 -13.72
C LEU L 188 51.90 -23.49 -14.19
N ILE L 189 51.60 -23.30 -15.48
CA ILE L 189 51.33 -21.97 -16.03
C ILE L 189 50.28 -22.11 -17.13
N TYR L 190 49.37 -21.13 -17.20
CA TYR L 190 48.36 -21.12 -18.26
C TYR L 190 48.18 -19.70 -18.78
N SER L 191 47.69 -19.60 -20.02
CA SER L 191 47.43 -18.34 -20.72
C SER L 191 48.72 -17.51 -20.88
N ASN L 192 49.85 -18.19 -20.83
CA ASN L 192 51.18 -17.66 -21.11
C ASN L 192 51.73 -16.77 -19.99
N ASP L 193 50.87 -16.36 -19.06
CA ASP L 193 51.28 -15.40 -18.04
C ASP L 193 50.78 -15.71 -16.64
N GLN L 194 49.69 -16.47 -16.51
CA GLN L 194 49.01 -16.63 -15.23
C GLN L 194 49.43 -17.94 -14.57
N ARG L 195 49.57 -17.90 -13.25
CA ARG L 195 49.97 -19.08 -12.50
C ARG L 195 48.79 -19.58 -11.67
N PRO L 196 48.69 -20.86 -11.44
CA PRO L 196 47.58 -21.38 -10.64
C PRO L 196 47.64 -20.95 -9.20
N SER L 197 46.73 -21.47 -8.37
CA SER L 197 46.68 -21.08 -6.97
C SER L 197 47.87 -21.63 -6.20
N GLY L 198 48.07 -22.93 -6.23
CA GLY L 198 49.09 -23.54 -5.40
C GLY L 198 50.50 -23.37 -5.88
N VAL L 199 50.70 -22.95 -7.11
CA VAL L 199 52.06 -22.83 -7.66
C VAL L 199 52.80 -21.72 -6.92
N PRO L 200 54.07 -21.92 -6.56
CA PRO L 200 54.82 -20.84 -5.90
C PRO L 200 54.97 -19.62 -6.79
N ASP L 201 55.23 -18.48 -6.14
CA ASP L 201 55.39 -17.22 -6.85
C ASP L 201 56.65 -17.20 -7.71
N ARG L 202 57.61 -18.09 -7.46
CA ARG L 202 58.86 -18.04 -8.21
C ARG L 202 58.69 -18.48 -9.66
N PHE L 203 57.60 -19.17 -9.98
CA PHE L 203 57.32 -19.54 -11.36
C PHE L 203 56.59 -18.41 -12.08
N SER L 204 56.89 -18.26 -13.37
CA SER L 204 56.30 -17.21 -14.18
C SER L 204 56.60 -17.53 -15.64
N GLY L 205 55.67 -17.14 -16.51
CA GLY L 205 55.78 -17.46 -17.92
C GLY L 205 55.72 -16.25 -18.81
N SER L 206 56.17 -16.40 -20.05
CA SER L 206 56.20 -15.30 -20.99
C SER L 206 56.09 -15.85 -22.40
N LYS L 207 55.63 -14.99 -23.31
CA LYS L 207 55.48 -15.34 -24.72
C LYS L 207 55.75 -14.13 -25.59
N SER L 208 56.37 -14.38 -26.74
CA SER L 208 56.69 -13.34 -27.68
C SER L 208 56.86 -13.98 -29.04
N GLY L 209 56.13 -13.48 -30.04
CA GLY L 209 56.23 -14.02 -31.38
C GLY L 209 55.83 -15.49 -31.45
N THR L 210 56.80 -16.36 -31.70
CA THR L 210 56.54 -17.78 -31.86
C THR L 210 57.30 -18.62 -30.85
N SER L 211 57.56 -18.06 -29.66
CA SER L 211 58.32 -18.79 -28.65
C SER L 211 57.91 -18.31 -27.27
N ALA L 212 57.68 -19.27 -26.36
CA ALA L 212 57.36 -19.00 -24.97
C ALA L 212 58.57 -19.37 -24.10
N SER L 213 58.51 -18.98 -22.84
CA SER L 213 59.63 -19.22 -21.94
C SER L 213 59.16 -19.30 -20.49
N LEU L 214 59.57 -20.35 -19.80
CA LEU L 214 59.31 -20.52 -18.38
C LEU L 214 60.50 -19.99 -17.59
N ALA L 215 60.21 -19.47 -16.40
CA ALA L 215 61.25 -18.86 -15.57
C ALA L 215 61.09 -19.34 -14.15
N ILE L 216 62.19 -19.85 -13.58
CA ILE L 216 62.22 -20.31 -12.19
C ILE L 216 63.28 -19.45 -11.51
N SER L 217 62.85 -18.48 -10.72
CA SER L 217 63.79 -17.53 -10.11
C SER L 217 64.41 -18.07 -8.82
N GLY L 218 63.59 -18.31 -7.80
CA GLY L 218 64.11 -18.84 -6.55
C GLY L 218 64.36 -20.34 -6.57
N LEU L 219 65.25 -20.78 -7.46
CA LEU L 219 65.48 -22.19 -7.67
C LEU L 219 65.71 -22.93 -6.36
N GLN L 220 64.93 -24.00 -6.16
CA GLN L 220 65.02 -24.77 -4.94
C GLN L 220 64.98 -26.25 -5.27
N SER L 221 65.54 -27.06 -4.35
CA SER L 221 65.76 -28.50 -4.53
C SER L 221 64.55 -29.25 -5.10
N GLU L 222 63.38 -28.66 -4.99
CA GLU L 222 62.16 -29.31 -5.43
C GLU L 222 61.89 -29.12 -6.92
N ASP L 223 62.93 -28.87 -7.73
CA ASP L 223 62.81 -28.63 -9.16
C ASP L 223 63.31 -29.81 -10.00
N GLU L 224 63.43 -30.98 -9.37
CA GLU L 224 63.91 -32.17 -10.10
C GLU L 224 62.73 -32.81 -10.84
N ALA L 225 62.28 -32.18 -11.93
CA ALA L 225 61.14 -32.71 -12.66
C ALA L 225 61.26 -32.38 -14.14
N ASP L 226 60.45 -33.08 -14.93
CA ASP L 226 60.35 -32.85 -16.36
C ASP L 226 59.38 -31.71 -16.63
N TYR L 227 59.81 -30.74 -17.42
CA TYR L 227 59.00 -29.57 -17.76
C TYR L 227 58.61 -29.63 -19.23
N TYR L 228 57.33 -29.40 -19.50
CA TYR L 228 56.80 -29.43 -20.85
C TYR L 228 56.03 -28.16 -21.13
N CYS L 229 55.97 -27.78 -22.40
CA CYS L 229 55.11 -26.71 -22.87
C CYS L 229 54.01 -27.30 -23.75
N GLU L 230 52.83 -26.69 -23.69
CA GLU L 230 51.66 -27.17 -24.43
C GLU L 230 50.97 -26.00 -25.09
N ALA L 231 50.44 -26.25 -26.29
CA ALA L 231 49.67 -25.23 -27.01
C ALA L 231 48.72 -25.92 -27.98
N TRP L 232 47.83 -25.12 -28.56
CA TRP L 232 46.89 -25.58 -29.57
C TRP L 232 47.40 -25.19 -30.95
N ASP L 233 47.50 -26.18 -31.85
CA ASP L 233 47.99 -25.95 -33.20
C ASP L 233 46.79 -25.79 -34.13
N ASP L 234 46.72 -24.64 -34.81
CA ASP L 234 45.58 -24.37 -35.70
C ASP L 234 45.61 -25.28 -36.94
N SER L 235 46.80 -25.59 -37.45
CA SER L 235 46.88 -26.41 -38.66
C SER L 235 46.54 -27.86 -38.37
N LEU L 236 46.85 -28.36 -37.17
CA LEU L 236 46.60 -29.74 -36.81
C LEU L 236 45.25 -29.97 -36.16
N ASN L 237 44.61 -28.93 -35.63
CA ASN L 237 43.36 -29.06 -34.89
C ASN L 237 43.53 -30.06 -33.74
N GLY L 238 44.52 -29.77 -32.89
CA GLY L 238 44.79 -30.64 -31.77
C GLY L 238 45.78 -30.00 -30.82
N VAL L 239 45.91 -30.63 -29.66
CA VAL L 239 46.82 -30.19 -28.62
C VAL L 239 48.19 -30.81 -28.89
N VAL L 240 49.24 -30.00 -28.79
CA VAL L 240 50.60 -30.45 -29.02
C VAL L 240 51.41 -30.22 -27.74
N PHE L 241 52.31 -31.16 -27.46
CA PHE L 241 53.20 -31.09 -26.31
C PHE L 241 54.62 -30.86 -26.77
N GLY L 242 55.46 -30.38 -25.83
CA GLY L 242 56.86 -30.17 -26.10
C GLY L 242 57.70 -31.41 -25.84
N GLY L 243 58.96 -31.34 -26.31
CA GLY L 243 59.89 -32.43 -26.15
C GLY L 243 60.12 -32.83 -24.71
N GLY L 244 60.61 -31.88 -23.92
CA GLY L 244 60.87 -32.12 -22.51
C GLY L 244 62.10 -31.36 -22.07
N THR L 245 62.25 -31.24 -20.74
CA THR L 245 63.37 -30.53 -20.15
C THR L 245 63.52 -30.99 -18.70
N LYS L 246 64.74 -31.36 -18.30
CA LYS L 246 64.98 -31.85 -16.94
C LYS L 246 65.96 -30.93 -16.24
N LEU L 247 65.57 -30.41 -15.09
CA LEU L 247 66.42 -29.54 -14.28
C LEU L 247 66.99 -30.31 -13.09
N THR L 248 68.08 -29.77 -12.53
CA THR L 248 68.76 -30.38 -11.39
C THR L 248 69.52 -29.31 -10.58
#